data_8S88
#
_entry.id   8S88
#
_cell.length_a   66.530
_cell.length_b   413.960
_cell.length_c   85.300
_cell.angle_alpha   90.000
_cell.angle_beta   109.570
_cell.angle_gamma   90.000
#
_symmetry.space_group_name_H-M   'P 1 21 1'
#
loop_
_entity.id
_entity.type
_entity.pdbx_description
1 polymer 'L-lactate dehydrogenase B chain'
2 non-polymer (3S)-N-methyl-3-phenyl-3-[4-(trifluoromethyl)phenoxy]propan-1-amine
3 non-polymer 'OXAMIC ACID'
4 non-polymer '1,4-DIHYDRONICOTINAMIDE ADENINE DINUCLEOTIDE'
5 non-polymer 2-[BIS-(2-HYDROXY-ETHYL)-AMINO]-2-HYDROXYMETHYL-PROPANE-1,3-DIOL
6 non-polymer 'SULFATE ION'
7 non-polymer GLYCEROL
8 non-polymer DI(HYDROXYETHYL)ETHER
9 water water
#
_entity_poly.entity_id   1
_entity_poly.type   'polypeptide(L)'
_entity_poly.pdbx_seq_one_letter_code
;MATLKEKLIAPVAEEEATVPNNKITVVGVGQVGMACAISILGKSLADELALVDVLEDKLKGEMMDLQHGSLFLQTPKIVA
DKDYSVTANSKIVVVTAGVRQQEGESRLNLVQRNVNVFKFIIPQIVKYSPDCIIIVVSNPVDILTYVTWKLSGLPKHRVI
GSGCNLDSARFRYLMAEKLGIHPSSCHGWILGEHGDSSVAVWSGVNVAGVSLQELNPEMGTDNDSENWKEVHKMVVESAY
EVIKLKGYTNWAIGLSVADLIESMLKNLSRIHPVSTMVKGMYGIENEVFLSLPCILNARGLTSVINQKLKDDEVAQLKKS
ADTLWDIQKDLKDLENLYFQGLEHHHHHH
;
_entity_poly.pdbx_strand_id   A,B,C,D,E,F,G,H,I,J,K,L
#
# COMPACT_ATOMS: atom_id res chain seq x y z
N ALA A 2 17.75 37.65 -39.12
CA ALA A 2 17.37 36.68 -40.10
C ALA A 2 18.41 35.55 -40.21
N THR A 3 19.39 35.55 -39.32
CA THR A 3 20.29 34.39 -39.26
C THR A 3 19.50 33.19 -38.75
N LEU A 4 19.95 31.99 -39.15
CA LEU A 4 19.27 30.78 -38.71
C LEU A 4 19.38 30.60 -37.20
N LYS A 5 20.51 30.97 -36.61
CA LYS A 5 20.61 30.97 -35.16
C LYS A 5 19.59 31.92 -34.54
N GLU A 6 19.36 33.08 -35.17
CA GLU A 6 18.37 34.02 -34.63
C GLU A 6 16.96 33.51 -34.85
N LYS A 7 16.68 32.94 -36.02
CA LYS A 7 15.39 32.31 -36.20
C LYS A 7 15.14 31.23 -35.16
N LEU A 8 16.16 30.41 -34.87
CA LEU A 8 15.96 29.17 -34.13
C LEU A 8 16.03 29.35 -32.62
N ILE A 9 16.90 30.22 -32.13
CA ILE A 9 17.12 30.38 -30.69
C ILE A 9 16.50 31.70 -30.26
N ALA A 10 15.55 31.62 -29.32
CA ALA A 10 15.03 32.80 -28.63
C ALA A 10 15.71 32.92 -27.28
N PRO A 11 16.49 33.97 -27.04
CA PRO A 11 17.24 34.05 -25.78
C PRO A 11 16.36 34.25 -24.57
N VAL A 12 16.76 33.63 -23.45
CA VAL A 12 16.10 33.80 -22.17
C VAL A 12 16.95 34.60 -21.19
N ALA A 13 18.25 34.32 -21.12
CA ALA A 13 19.19 35.19 -20.43
C ALA A 13 20.00 35.94 -21.48
N GLU A 14 20.48 37.12 -21.11
CA GLU A 14 21.50 37.76 -21.96
C GLU A 14 22.75 36.89 -22.04
N GLU A 15 23.35 36.87 -23.22
CA GLU A 15 24.66 36.27 -23.43
C GLU A 15 25.73 36.96 -22.58
N GLU A 16 26.43 36.15 -21.79
CA GLU A 16 27.47 36.60 -20.90
C GLU A 16 28.72 35.81 -21.23
N ALA A 17 29.83 36.26 -20.68
CA ALA A 17 31.12 35.63 -20.82
C ALA A 17 31.26 34.60 -19.71
N THR A 18 31.60 33.37 -20.11
CA THR A 18 31.73 32.26 -19.20
C THR A 18 33.20 32.08 -18.80
N VAL A 19 33.43 31.85 -17.52
CA VAL A 19 34.69 31.32 -17.02
C VAL A 19 34.47 29.86 -16.69
N PRO A 20 35.32 28.94 -17.15
CA PRO A 20 35.03 27.52 -16.94
C PRO A 20 35.27 27.14 -15.50
N ASN A 21 34.53 26.12 -15.06
CA ASN A 21 34.68 25.63 -13.68
C ASN A 21 35.89 24.70 -13.58
N ASN A 22 35.87 23.60 -14.33
CA ASN A 22 36.93 22.59 -14.28
C ASN A 22 37.75 22.63 -15.57
N LYS A 23 38.48 23.72 -15.74
CA LYS A 23 39.41 23.83 -16.86
C LYS A 23 40.70 23.09 -16.55
N ILE A 24 41.07 22.20 -17.47
CA ILE A 24 42.35 21.51 -17.43
C ILE A 24 43.13 21.91 -18.68
N THR A 25 44.43 22.12 -18.51
CA THR A 25 45.34 22.36 -19.62
C THR A 25 46.34 21.21 -19.67
N VAL A 26 46.55 20.63 -20.84
CA VAL A 26 47.64 19.68 -21.05
C VAL A 26 48.69 20.34 -21.93
N VAL A 27 49.93 20.38 -21.44
CA VAL A 27 51.04 21.05 -22.11
C VAL A 27 51.94 19.98 -22.71
N GLY A 28 52.15 20.07 -24.01
CA GLY A 28 52.77 18.98 -24.74
C GLY A 28 51.69 18.06 -25.27
N VAL A 29 51.60 17.90 -26.59
CA VAL A 29 50.56 17.04 -27.16
C VAL A 29 51.18 15.82 -27.82
N GLY A 30 52.22 15.25 -27.21
CA GLY A 30 52.85 14.06 -27.72
C GLY A 30 52.13 12.81 -27.26
N GLN A 31 52.86 11.69 -27.27
CA GLN A 31 52.27 10.43 -26.86
C GLN A 31 51.65 10.55 -25.47
N VAL A 32 52.40 11.09 -24.53
CA VAL A 32 51.92 11.16 -23.16
C VAL A 32 50.85 12.24 -23.04
N GLY A 33 51.06 13.39 -23.66
CA GLY A 33 50.08 14.45 -23.54
C GLY A 33 48.72 14.06 -24.08
N MET A 34 48.68 13.43 -25.25
CA MET A 34 47.38 13.03 -25.78
C MET A 34 46.81 11.84 -25.01
N ALA A 35 47.65 10.90 -24.58
CA ALA A 35 47.13 9.84 -23.69
C ALA A 35 46.44 10.47 -22.48
N CYS A 36 47.04 11.52 -21.91
CA CYS A 36 46.41 12.24 -20.81
C CYS A 36 45.11 12.90 -21.25
N ALA A 37 45.15 13.68 -22.33
CA ALA A 37 43.96 14.40 -22.78
C ALA A 37 42.80 13.44 -23.03
N ILE A 38 43.08 12.28 -23.60
CA ILE A 38 42.02 11.35 -23.96
C ILE A 38 41.48 10.64 -22.72
N SER A 39 42.35 10.32 -21.76
CA SER A 39 41.84 9.79 -20.49
C SER A 39 41.02 10.84 -19.76
N ILE A 40 41.43 12.11 -19.80
CA ILE A 40 40.68 13.18 -19.15
C ILE A 40 39.30 13.31 -19.77
N LEU A 41 39.23 13.37 -21.10
CA LEU A 41 37.93 13.50 -21.75
C LEU A 41 37.07 12.28 -21.50
N GLY A 42 37.67 11.08 -21.56
CA GLY A 42 36.89 9.87 -21.37
C GLY A 42 36.15 9.81 -20.05
N LYS A 43 36.67 10.47 -19.03
CA LYS A 43 36.04 10.48 -17.70
C LYS A 43 35.31 11.78 -17.41
N SER A 44 35.07 12.63 -18.43
CA SER A 44 34.31 13.87 -18.25
C SER A 44 34.86 14.70 -17.09
N LEU A 45 36.18 14.78 -16.98
CA LEU A 45 36.77 15.52 -15.88
C LEU A 45 36.87 17.02 -16.15
N ALA A 46 36.83 17.43 -17.42
CA ALA A 46 36.95 18.84 -17.78
C ALA A 46 35.72 19.34 -18.53
N ASP A 47 35.28 20.55 -18.16
CA ASP A 47 34.36 21.33 -18.99
C ASP A 47 35.09 22.18 -20.04
N GLU A 48 36.42 22.17 -20.01
CA GLU A 48 37.23 22.91 -20.96
C GLU A 48 38.63 22.31 -20.91
N LEU A 49 39.11 21.85 -22.07
CA LEU A 49 40.46 21.36 -22.23
C LEU A 49 41.20 22.33 -23.14
N ALA A 50 42.37 22.77 -22.70
CA ALA A 50 43.26 23.60 -23.52
C ALA A 50 44.51 22.80 -23.79
N LEU A 51 44.95 22.77 -25.05
CA LEU A 51 46.20 22.12 -25.40
C LEU A 51 47.24 23.20 -25.69
N VAL A 52 48.49 22.95 -25.29
CA VAL A 52 49.57 23.87 -25.56
C VAL A 52 50.79 23.08 -26.01
N ASP A 53 51.47 23.59 -27.03
CA ASP A 53 52.66 22.96 -27.56
C ASP A 53 53.38 24.00 -28.40
N VAL A 54 54.60 23.65 -28.82
CA VAL A 54 55.34 24.50 -29.73
C VAL A 54 55.15 24.12 -31.20
N LEU A 55 54.61 22.93 -31.47
CA LEU A 55 54.33 22.49 -32.83
C LEU A 55 52.92 22.94 -33.18
N GLU A 56 52.81 24.07 -33.90
CA GLU A 56 51.47 24.65 -34.11
C GLU A 56 50.59 23.75 -34.97
N ASP A 57 51.20 23.07 -35.94
CA ASP A 57 50.43 22.24 -36.85
C ASP A 57 49.87 21.02 -36.12
N LYS A 58 50.73 20.26 -35.47
CA LYS A 58 50.25 19.10 -34.74
C LYS A 58 49.25 19.53 -33.67
N LEU A 59 49.50 20.67 -33.03
CA LEU A 59 48.59 21.15 -32.00
C LEU A 59 47.17 21.34 -32.56
N LYS A 60 47.05 22.10 -33.65
CA LYS A 60 45.72 22.29 -34.22
C LYS A 60 45.13 20.99 -34.72
N GLY A 61 45.98 20.04 -35.15
CA GLY A 61 45.45 18.76 -35.63
C GLY A 61 44.86 17.92 -34.51
N GLU A 62 45.62 17.76 -33.42
CA GLU A 62 45.09 17.09 -32.23
C GLU A 62 43.80 17.75 -31.75
N MET A 63 43.81 19.09 -31.68
CA MET A 63 42.62 19.80 -31.24
C MET A 63 41.42 19.44 -32.10
N MET A 64 41.57 19.52 -33.43
CA MET A 64 40.46 19.25 -34.33
C MET A 64 39.97 17.80 -34.22
N ASP A 65 40.90 16.84 -34.09
CA ASP A 65 40.52 15.44 -33.96
C ASP A 65 39.66 15.21 -32.72
N LEU A 66 40.09 15.79 -31.59
CA LEU A 66 39.27 15.73 -30.37
C LEU A 66 37.89 16.39 -30.58
N GLN A 67 37.86 17.61 -31.15
CA GLN A 67 36.57 18.26 -31.37
C GLN A 67 35.67 17.40 -32.26
N HIS A 68 36.23 16.74 -33.28
CA HIS A 68 35.44 15.83 -34.08
C HIS A 68 34.86 14.72 -33.24
N GLY A 69 35.53 14.37 -32.15
CA GLY A 69 34.93 13.46 -31.19
C GLY A 69 33.91 14.01 -30.21
N SER A 70 33.76 15.33 -30.12
CA SER A 70 32.79 15.96 -29.20
C SER A 70 31.44 15.21 -29.02
N LEU A 71 30.85 14.68 -30.10
CA LEU A 71 29.53 14.03 -29.93
C LEU A 71 29.56 12.95 -28.86
N PHE A 72 30.70 12.30 -28.69
CA PHE A 72 30.81 11.16 -27.78
C PHE A 72 31.40 11.57 -26.44
N LEU A 73 31.57 12.87 -26.20
CA LEU A 73 32.22 13.41 -25.00
C LEU A 73 31.27 14.32 -24.23
N GLN A 74 31.78 14.88 -23.13
CA GLN A 74 31.03 15.80 -22.29
C GLN A 74 31.89 17.00 -21.95
N THR A 75 32.52 17.57 -22.97
CA THR A 75 33.44 18.69 -22.78
C THR A 75 33.17 19.73 -23.84
N PRO A 76 32.39 20.76 -23.52
CA PRO A 76 31.89 21.64 -24.59
C PRO A 76 32.96 22.46 -25.28
N LYS A 77 34.12 22.69 -24.66
CA LYS A 77 35.10 23.62 -25.21
C LYS A 77 36.49 22.97 -25.19
N ILE A 78 37.02 22.75 -26.39
CA ILE A 78 38.38 22.28 -26.58
C ILE A 78 39.09 23.32 -27.46
N VAL A 79 40.24 23.81 -26.97
CA VAL A 79 40.98 24.88 -27.60
C VAL A 79 42.45 24.56 -27.48
N ALA A 80 43.26 25.21 -28.32
CA ALA A 80 44.68 24.93 -28.42
C ALA A 80 45.40 26.17 -28.96
N ASP A 81 46.64 26.36 -28.50
CA ASP A 81 47.42 27.52 -28.93
C ASP A 81 48.84 27.40 -28.39
N LYS A 82 49.78 27.96 -29.14
CA LYS A 82 51.12 28.18 -28.63
C LYS A 82 51.14 29.22 -27.52
N ASP A 83 50.21 30.17 -27.56
CA ASP A 83 50.16 31.27 -26.61
C ASP A 83 49.49 30.78 -25.32
N TYR A 84 50.19 30.91 -24.18
CA TYR A 84 49.64 30.41 -22.92
C TYR A 84 48.40 31.16 -22.46
N SER A 85 48.02 32.23 -23.16
CA SER A 85 46.77 32.90 -22.81
C SER A 85 45.56 31.98 -22.96
N VAL A 86 45.65 30.95 -23.82
CA VAL A 86 44.51 30.06 -23.98
C VAL A 86 44.30 29.18 -22.76
N THR A 87 45.28 29.12 -21.87
CA THR A 87 45.21 28.27 -20.69
C THR A 87 44.64 28.99 -19.47
N ALA A 88 44.28 30.27 -19.61
CA ALA A 88 43.94 31.08 -18.44
C ALA A 88 42.81 30.46 -17.65
N ASN A 89 42.89 30.60 -16.32
CA ASN A 89 41.89 30.07 -15.40
C ASN A 89 41.82 28.55 -15.43
N SER A 90 42.95 27.88 -15.60
CA SER A 90 42.97 26.42 -15.52
C SER A 90 42.97 26.00 -14.06
N LYS A 91 42.00 25.16 -13.67
CA LYS A 91 42.06 24.55 -12.35
C LYS A 91 43.25 23.63 -12.23
N ILE A 92 43.54 22.88 -13.29
CA ILE A 92 44.68 21.97 -13.25
C ILE A 92 45.44 22.11 -14.57
N VAL A 93 46.77 22.15 -14.47
CA VAL A 93 47.67 22.19 -15.62
C VAL A 93 48.58 20.97 -15.52
N VAL A 94 48.53 20.10 -16.52
CA VAL A 94 49.44 18.96 -16.64
C VAL A 94 50.56 19.34 -17.58
N VAL A 95 51.81 19.12 -17.14
CA VAL A 95 52.97 19.45 -17.95
C VAL A 95 53.63 18.14 -18.40
N THR A 96 53.62 17.90 -19.72
CA THR A 96 54.22 16.72 -20.33
C THR A 96 55.27 17.10 -21.36
N ALA A 97 55.46 18.38 -21.61
CA ALA A 97 56.35 18.85 -22.67
C ALA A 97 57.79 18.59 -22.32
N GLY A 98 58.60 18.40 -23.35
CA GLY A 98 60.03 18.20 -23.20
C GLY A 98 60.48 16.90 -23.83
N VAL A 99 61.80 16.62 -23.64
CA VAL A 99 62.44 15.46 -24.21
C VAL A 99 62.19 14.25 -23.34
N ARG A 100 62.22 13.08 -23.96
CA ARG A 100 61.98 11.81 -23.31
C ARG A 100 63.23 10.95 -23.45
N GLN A 101 63.20 9.77 -22.81
CA GLN A 101 64.34 8.88 -22.87
C GLN A 101 64.46 8.20 -24.23
N GLN A 102 65.69 8.09 -24.72
CA GLN A 102 65.99 7.12 -25.75
C GLN A 102 66.08 5.73 -25.13
N GLU A 103 66.24 4.71 -25.96
CA GLU A 103 66.35 3.36 -25.45
C GLU A 103 67.55 3.24 -24.52
N GLY A 104 67.34 2.63 -23.36
CA GLY A 104 68.40 2.48 -22.36
C GLY A 104 68.80 3.73 -21.60
N GLU A 105 68.27 4.90 -21.94
CA GLU A 105 68.72 6.14 -21.32
C GLU A 105 68.01 6.39 -20.00
N SER A 106 68.78 6.75 -18.98
CA SER A 106 68.19 7.11 -17.70
C SER A 106 67.38 8.40 -17.82
N ARG A 107 66.36 8.52 -16.99
CA ARG A 107 65.55 9.73 -17.02
C ARG A 107 66.34 10.94 -16.53
N LEU A 108 67.37 10.73 -15.70
CA LEU A 108 68.18 11.83 -15.18
C LEU A 108 68.96 12.55 -16.28
N ASN A 109 69.42 11.83 -17.29
CA ASN A 109 70.06 12.40 -18.48
C ASN A 109 69.28 13.56 -19.09
N LEU A 110 67.99 13.68 -18.83
CA LEU A 110 67.16 14.70 -19.48
C LEU A 110 67.11 16.00 -18.70
N VAL A 111 67.70 16.03 -17.49
CA VAL A 111 67.50 17.15 -16.59
C VAL A 111 67.87 18.45 -17.28
N GLN A 112 69.10 18.52 -17.79
CA GLN A 112 69.57 19.75 -18.41
C GLN A 112 68.57 20.27 -19.43
N ARG A 113 68.07 19.39 -20.29
CA ARG A 113 67.23 19.89 -21.38
C ARG A 113 65.88 20.36 -20.84
N ASN A 114 65.26 19.56 -19.96
CA ASN A 114 63.90 19.89 -19.54
C ASN A 114 63.89 20.99 -18.49
N VAL A 115 64.97 21.17 -17.74
CA VAL A 115 65.09 22.41 -16.98
C VAL A 115 64.97 23.60 -17.93
N ASN A 116 65.77 23.60 -19.01
CA ASN A 116 65.65 24.70 -19.97
C ASN A 116 64.23 24.79 -20.50
N VAL A 117 63.56 23.64 -20.71
CA VAL A 117 62.16 23.70 -21.14
C VAL A 117 61.30 24.31 -20.04
N PHE A 118 61.41 23.80 -18.81
CA PHE A 118 60.52 24.24 -17.76
C PHE A 118 60.73 25.71 -17.43
N LYS A 119 61.99 26.18 -17.47
CA LYS A 119 62.25 27.58 -17.19
C LYS A 119 61.45 28.50 -18.10
N PHE A 120 61.08 28.03 -19.29
CA PHE A 120 60.24 28.88 -20.13
C PHE A 120 58.77 28.72 -19.79
N ILE A 121 58.28 27.49 -19.62
CA ILE A 121 56.83 27.30 -19.60
C ILE A 121 56.25 27.53 -18.20
N ILE A 122 56.94 27.09 -17.16
CA ILE A 122 56.37 27.24 -15.81
C ILE A 122 55.91 28.67 -15.56
N PRO A 123 56.75 29.69 -15.74
CA PRO A 123 56.23 31.07 -15.62
C PRO A 123 54.99 31.33 -16.45
N GLN A 124 55.01 30.97 -17.73
CA GLN A 124 53.83 31.22 -18.55
C GLN A 124 52.58 30.66 -17.89
N ILE A 125 52.66 29.40 -17.43
CA ILE A 125 51.52 28.77 -16.78
C ILE A 125 51.01 29.67 -15.66
N VAL A 126 51.88 29.99 -14.71
CA VAL A 126 51.41 30.72 -13.55
C VAL A 126 50.97 32.11 -13.96
N LYS A 127 51.56 32.66 -15.03
CA LYS A 127 51.17 34.00 -15.43
C LYS A 127 49.68 34.07 -15.72
N TYR A 128 49.10 32.98 -16.27
CA TYR A 128 47.70 33.03 -16.71
C TYR A 128 46.75 32.25 -15.81
N SER A 129 47.27 31.43 -14.91
CA SER A 129 46.44 30.67 -14.00
C SER A 129 47.17 30.64 -12.67
N PRO A 130 47.10 31.73 -11.91
CA PRO A 130 47.89 31.81 -10.66
C PRO A 130 47.36 30.90 -9.57
N ASP A 131 46.09 30.49 -9.63
CA ASP A 131 45.49 29.66 -8.61
C ASP A 131 45.42 28.18 -8.98
N CYS A 132 46.07 27.75 -10.07
CA CYS A 132 45.94 26.38 -10.50
C CYS A 132 46.76 25.43 -9.62
N ILE A 133 46.49 24.13 -9.80
CA ILE A 133 47.38 23.05 -9.40
C ILE A 133 48.15 22.62 -10.63
N ILE A 134 49.45 22.38 -10.46
CA ILE A 134 50.33 21.95 -11.53
C ILE A 134 50.73 20.51 -11.26
N ILE A 135 50.46 19.63 -12.23
CA ILE A 135 50.86 18.23 -12.15
C ILE A 135 52.00 18.04 -13.15
N VAL A 136 53.20 17.80 -12.63
CA VAL A 136 54.37 17.56 -13.47
C VAL A 136 54.42 16.10 -13.86
N VAL A 137 54.63 15.85 -15.15
CA VAL A 137 54.75 14.49 -15.69
C VAL A 137 56.11 14.28 -16.34
N SER A 138 56.67 15.31 -16.99
CA SER A 138 57.92 15.19 -17.74
C SER A 138 59.04 14.69 -16.84
N ASN A 139 60.07 14.02 -17.48
CA ASN A 139 61.11 13.37 -16.69
C ASN A 139 62.40 14.17 -16.68
N PRO A 140 63.22 14.02 -15.63
CA PRO A 140 62.86 13.24 -14.42
C PRO A 140 61.84 14.00 -13.60
N VAL A 141 60.70 13.37 -13.32
CA VAL A 141 59.53 14.09 -12.79
C VAL A 141 59.76 14.59 -11.36
N ASP A 142 60.58 13.91 -10.58
CA ASP A 142 60.83 14.39 -9.23
C ASP A 142 61.61 15.70 -9.24
N ILE A 143 62.72 15.72 -9.98
CA ILE A 143 63.54 16.92 -10.07
C ILE A 143 62.77 18.05 -10.73
N LEU A 144 61.93 17.70 -11.71
CA LEU A 144 61.18 18.74 -12.41
C LEU A 144 60.04 19.29 -11.56
N THR A 145 59.48 18.47 -10.66
CA THR A 145 58.51 19.01 -9.71
C THR A 145 59.19 19.99 -8.76
N TYR A 146 60.40 19.67 -8.33
CA TYR A 146 61.20 20.63 -7.57
C TYR A 146 61.40 21.92 -8.34
N VAL A 147 61.93 21.81 -9.58
CA VAL A 147 62.16 22.97 -10.43
C VAL A 147 60.88 23.80 -10.56
N THR A 148 59.75 23.11 -10.74
CA THR A 148 58.47 23.78 -10.90
C THR A 148 58.05 24.51 -9.63
N TRP A 149 58.15 23.83 -8.49
CA TRP A 149 57.91 24.49 -7.23
C TRP A 149 58.69 25.80 -7.15
N LYS A 150 59.98 25.73 -7.43
CA LYS A 150 60.84 26.89 -7.24
C LYS A 150 60.47 28.03 -8.21
N LEU A 151 60.42 27.74 -9.51
CA LEU A 151 60.14 28.80 -10.48
C LEU A 151 58.74 29.39 -10.31
N SER A 152 57.78 28.56 -9.88
CA SER A 152 56.39 29.01 -9.88
C SER A 152 56.06 29.91 -8.69
N GLY A 153 56.71 29.70 -7.56
CA GLY A 153 56.30 30.41 -6.35
C GLY A 153 54.98 29.97 -5.78
N LEU A 154 54.46 28.83 -6.22
CA LEU A 154 53.20 28.32 -5.70
C LEU A 154 53.42 27.56 -4.40
N PRO A 155 52.39 27.43 -3.58
CA PRO A 155 52.52 26.63 -2.35
C PRO A 155 52.69 25.16 -2.68
N LYS A 156 53.52 24.48 -1.89
CA LYS A 156 53.85 23.09 -2.21
C LYS A 156 52.64 22.19 -2.38
N HIS A 157 51.46 22.59 -1.89
CA HIS A 157 50.26 21.79 -2.07
C HIS A 157 49.59 22.01 -3.42
N ARG A 158 50.15 22.86 -4.27
CA ARG A 158 49.64 23.04 -5.62
C ARG A 158 50.66 22.64 -6.69
N VAL A 159 51.78 22.03 -6.31
CA VAL A 159 52.78 21.56 -7.26
C VAL A 159 52.97 20.06 -6.98
N ILE A 160 52.55 19.22 -7.92
CA ILE A 160 52.47 17.77 -7.69
C ILE A 160 53.21 17.04 -8.80
N GLY A 161 53.95 16.01 -8.42
CA GLY A 161 54.66 15.23 -9.42
C GLY A 161 54.02 13.87 -9.54
N SER A 162 53.66 13.46 -10.77
CA SER A 162 52.92 12.21 -10.90
C SER A 162 53.67 11.06 -10.26
N GLY A 163 54.99 11.14 -10.19
CA GLY A 163 55.74 10.35 -9.23
C GLY A 163 55.59 8.87 -9.45
N CYS A 164 55.32 8.14 -8.37
CA CYS A 164 55.23 6.68 -8.38
C CYS A 164 53.80 6.16 -8.44
N ASN A 165 52.81 7.04 -8.64
CA ASN A 165 51.48 6.51 -8.92
C ASN A 165 51.57 5.38 -9.93
N LEU A 166 52.34 5.58 -11.00
CA LEU A 166 52.45 4.59 -12.07
C LEU A 166 53.32 3.41 -11.65
N ASP A 167 54.47 3.66 -11.01
CA ASP A 167 55.26 2.54 -10.49
C ASP A 167 54.40 1.65 -9.63
N SER A 168 53.58 2.25 -8.76
CA SER A 168 52.76 1.44 -7.88
C SER A 168 51.66 0.72 -8.66
N ALA A 169 51.08 1.38 -9.68
CA ALA A 169 50.14 0.66 -10.54
C ALA A 169 50.78 -0.58 -11.13
N ARG A 170 52.02 -0.44 -11.60
CA ARG A 170 52.75 -1.57 -12.20
C ARG A 170 53.00 -2.66 -11.16
N PHE A 171 53.46 -2.25 -9.99
CA PHE A 171 53.68 -3.20 -8.90
C PHE A 171 52.40 -3.98 -8.61
N ARG A 172 51.30 -3.26 -8.45
CA ARG A 172 50.02 -3.88 -8.13
C ARG A 172 49.54 -4.81 -9.25
N TYR A 173 49.80 -4.45 -10.50
CA TYR A 173 49.50 -5.36 -11.60
C TYR A 173 50.31 -6.66 -11.50
N LEU A 174 51.62 -6.55 -11.26
CA LEU A 174 52.43 -7.76 -11.20
C LEU A 174 51.99 -8.62 -10.02
N MET A 175 51.65 -7.97 -8.91
CA MET A 175 51.13 -8.67 -7.74
C MET A 175 49.87 -9.46 -8.09
N ALA A 176 48.89 -8.78 -8.71
CA ALA A 176 47.65 -9.44 -9.06
C ALA A 176 47.88 -10.56 -10.07
N GLU A 177 48.87 -10.41 -10.96
CA GLU A 177 49.24 -11.50 -11.85
C GLU A 177 49.74 -12.70 -11.04
N LYS A 178 50.57 -12.44 -10.03
CA LYS A 178 51.02 -13.53 -9.16
C LYS A 178 49.83 -14.22 -8.53
N LEU A 179 48.84 -13.45 -8.08
CA LEU A 179 47.85 -13.98 -7.14
C LEU A 179 46.50 -14.28 -7.77
N GLY A 180 46.23 -13.84 -8.99
CA GLY A 180 44.93 -14.09 -9.58
C GLY A 180 43.84 -13.25 -8.96
N ILE A 181 44.12 -11.99 -8.65
CA ILE A 181 43.19 -11.07 -8.04
C ILE A 181 43.23 -9.78 -8.85
N HIS A 182 42.24 -8.94 -8.65
CA HIS A 182 42.28 -7.66 -9.34
C HIS A 182 43.36 -6.77 -8.72
N PRO A 183 44.05 -5.97 -9.54
CA PRO A 183 45.06 -5.06 -8.98
C PRO A 183 44.55 -4.20 -7.85
N SER A 184 43.28 -3.80 -7.87
CA SER A 184 42.81 -2.93 -6.80
C SER A 184 42.61 -3.66 -5.48
N SER A 185 42.64 -5.00 -5.48
CA SER A 185 42.56 -5.77 -4.26
C SER A 185 43.94 -6.16 -3.75
N CYS A 186 44.99 -5.89 -4.53
CA CYS A 186 46.37 -5.99 -4.09
C CYS A 186 46.81 -4.60 -3.64
N HIS A 187 47.56 -4.55 -2.53
CA HIS A 187 48.00 -3.29 -1.97
C HIS A 187 49.50 -3.37 -1.73
N GLY A 188 50.19 -2.30 -2.08
CA GLY A 188 51.63 -2.25 -2.03
C GLY A 188 52.08 -0.97 -2.66
N TRP A 189 53.12 -0.36 -2.08
CA TRP A 189 53.54 0.97 -2.46
C TRP A 189 54.99 0.95 -2.90
N ILE A 190 55.23 1.43 -4.11
CA ILE A 190 56.55 1.82 -4.56
C ILE A 190 56.69 3.31 -4.28
N LEU A 191 57.82 3.70 -3.70
CA LEU A 191 58.04 5.06 -3.25
C LEU A 191 59.43 5.51 -3.68
N GLY A 192 59.75 6.76 -3.39
CA GLY A 192 61.03 7.30 -3.80
C GLY A 192 61.04 7.78 -5.24
N GLU A 193 62.20 7.66 -5.89
CA GLU A 193 62.35 8.20 -7.23
C GLU A 193 61.46 7.47 -8.22
N HIS A 194 60.90 8.20 -9.18
CA HIS A 194 60.26 7.53 -10.32
C HIS A 194 61.38 7.16 -11.26
N GLY A 195 62.01 6.03 -10.96
CA GLY A 195 63.23 5.66 -11.68
C GLY A 195 63.95 4.52 -10.98
N ASP A 196 65.26 4.46 -11.23
CA ASP A 196 66.02 3.29 -10.82
C ASP A 196 66.22 3.19 -9.31
N SER A 197 65.99 4.25 -8.54
CA SER A 197 66.22 4.23 -7.10
C SER A 197 64.93 4.04 -6.30
N SER A 198 63.82 3.74 -6.97
CA SER A 198 62.54 3.54 -6.30
C SER A 198 62.63 2.47 -5.22
N VAL A 199 61.76 2.60 -4.22
CA VAL A 199 61.75 1.74 -3.04
C VAL A 199 60.44 0.96 -2.98
N ALA A 200 60.54 -0.35 -2.91
CA ALA A 200 59.40 -1.23 -2.60
C ALA A 200 59.19 -1.29 -1.09
N VAL A 201 58.02 -0.85 -0.62
CA VAL A 201 57.71 -0.87 0.82
C VAL A 201 57.09 -2.23 1.11
N TRP A 202 57.97 -3.24 1.26
CA TRP A 202 57.49 -4.61 1.52
C TRP A 202 56.61 -4.70 2.76
N SER A 203 56.91 -3.93 3.80
CA SER A 203 56.13 -4.02 5.04
C SER A 203 54.68 -3.59 4.86
N GLY A 204 54.36 -2.88 3.78
CA GLY A 204 52.99 -2.46 3.57
C GLY A 204 52.20 -3.35 2.62
N VAL A 205 52.90 -4.29 1.97
CA VAL A 205 52.28 -5.11 0.93
C VAL A 205 51.31 -6.08 1.60
N ASN A 206 50.05 -6.05 1.17
CA ASN A 206 49.02 -6.83 1.84
C ASN A 206 47.85 -7.09 0.90
N VAL A 207 47.19 -8.22 1.11
CA VAL A 207 45.92 -8.55 0.50
C VAL A 207 44.89 -8.68 1.62
N ALA A 208 43.86 -7.84 1.59
CA ALA A 208 42.79 -7.82 2.60
C ALA A 208 43.36 -7.72 4.02
N GLY A 209 44.33 -6.83 4.21
CA GLY A 209 44.91 -6.59 5.53
C GLY A 209 45.85 -7.68 6.01
N VAL A 210 46.08 -8.71 5.21
CA VAL A 210 47.06 -9.75 5.48
C VAL A 210 48.41 -9.26 4.98
N SER A 211 49.36 -9.05 5.91
CA SER A 211 50.71 -8.65 5.51
C SER A 211 51.40 -9.84 4.83
N LEU A 212 51.83 -9.66 3.58
CA LEU A 212 52.54 -10.73 2.89
C LEU A 212 53.96 -10.90 3.39
N GLN A 213 54.57 -9.85 3.94
CA GLN A 213 55.87 -10.00 4.58
C GLN A 213 55.76 -10.76 5.90
N GLU A 214 54.57 -10.77 6.52
CA GLU A 214 54.37 -11.58 7.72
C GLU A 214 54.37 -13.06 7.37
N LEU A 215 53.77 -13.42 6.24
CA LEU A 215 53.84 -14.80 5.76
C LEU A 215 55.15 -15.10 5.00
N ASN A 216 56.15 -14.26 5.19
CA ASN A 216 57.43 -14.36 4.52
C ASN A 216 58.29 -13.23 5.04
N PRO A 217 59.03 -13.48 6.13
CA PRO A 217 59.95 -12.44 6.62
C PRO A 217 61.10 -12.12 5.67
N GLU A 218 61.36 -12.99 4.68
CA GLU A 218 62.41 -12.76 3.70
C GLU A 218 61.89 -12.17 2.40
N MET A 219 60.70 -11.59 2.42
CA MET A 219 60.17 -10.88 1.27
C MET A 219 61.07 -9.71 0.93
N GLY A 220 61.63 -9.74 -0.27
CA GLY A 220 62.46 -8.65 -0.75
C GLY A 220 63.95 -8.83 -0.55
N THR A 221 64.39 -9.97 -0.04
CA THR A 221 65.80 -10.22 0.21
C THR A 221 66.33 -11.24 -0.79
N ASP A 222 67.65 -11.46 -0.74
CA ASP A 222 68.27 -12.41 -1.65
C ASP A 222 67.81 -13.84 -1.39
N ASN A 223 67.50 -14.18 -0.15
CA ASN A 223 67.02 -15.53 0.19
C ASN A 223 65.50 -15.49 0.40
N ASP A 224 64.78 -15.33 -0.71
CA ASP A 224 63.33 -15.20 -0.74
C ASP A 224 62.77 -16.24 -1.70
N SER A 225 62.00 -17.19 -1.18
CA SER A 225 61.44 -18.24 -2.01
C SER A 225 60.40 -17.70 -3.00
N GLU A 226 59.70 -16.63 -2.64
CA GLU A 226 58.73 -16.02 -3.54
C GLU A 226 59.36 -15.03 -4.51
N ASN A 227 60.61 -14.60 -4.26
CA ASN A 227 61.37 -13.81 -5.22
C ASN A 227 60.69 -12.49 -5.55
N TRP A 228 60.30 -11.76 -4.50
CA TRP A 228 59.65 -10.46 -4.70
C TRP A 228 60.63 -9.42 -5.25
N LYS A 229 61.92 -9.58 -4.95
CA LYS A 229 62.91 -8.65 -5.47
C LYS A 229 62.81 -8.54 -6.98
N GLU A 230 62.65 -9.68 -7.67
CA GLU A 230 62.54 -9.64 -9.12
C GLU A 230 61.29 -8.88 -9.56
N VAL A 231 60.24 -8.88 -8.73
CA VAL A 231 59.07 -8.06 -9.06
C VAL A 231 59.44 -6.57 -9.00
N HIS A 232 60.18 -6.16 -7.98
CA HIS A 232 60.65 -4.77 -7.93
C HIS A 232 61.58 -4.45 -9.10
N LYS A 233 62.41 -5.41 -9.50
CA LYS A 233 63.26 -5.20 -10.66
C LYS A 233 62.41 -5.05 -11.93
N MET A 234 61.31 -5.80 -12.03
CA MET A 234 60.43 -5.65 -13.18
C MET A 234 59.79 -4.27 -13.21
N VAL A 235 59.32 -3.81 -12.04
CA VAL A 235 58.81 -2.45 -11.95
C VAL A 235 59.86 -1.44 -12.41
N VAL A 236 61.12 -1.61 -11.98
CA VAL A 236 62.17 -0.66 -12.35
C VAL A 236 62.46 -0.72 -13.85
N GLU A 237 62.55 -1.92 -14.42
CA GLU A 237 62.91 -2.11 -15.82
C GLU A 237 61.74 -1.89 -16.79
N SER A 238 60.52 -1.71 -16.27
CA SER A 238 59.32 -1.74 -17.09
C SER A 238 59.33 -0.65 -18.16
N ALA A 239 59.61 0.59 -17.76
CA ALA A 239 59.67 1.67 -18.73
C ALA A 239 60.65 1.36 -19.83
N TYR A 240 61.89 0.94 -19.47
CA TYR A 240 62.89 0.64 -20.48
C TYR A 240 62.42 -0.47 -21.42
N GLU A 241 61.77 -1.52 -20.88
CA GLU A 241 61.32 -2.61 -21.73
C GLU A 241 60.26 -2.13 -22.71
N VAL A 242 59.29 -1.34 -22.21
CA VAL A 242 58.26 -0.81 -23.09
C VAL A 242 58.85 0.14 -24.11
N ILE A 243 59.89 0.90 -23.72
CA ILE A 243 60.51 1.85 -24.62
C ILE A 243 61.24 1.11 -25.72
N LYS A 244 61.86 -0.01 -25.39
CA LYS A 244 62.52 -0.81 -26.41
C LYS A 244 61.51 -1.40 -27.38
N LEU A 245 60.37 -1.87 -26.86
CA LEU A 245 59.42 -2.58 -27.73
C LEU A 245 58.63 -1.63 -28.62
N LYS A 246 58.22 -0.48 -28.08
CA LYS A 246 57.34 0.43 -28.80
C LYS A 246 57.84 1.87 -28.77
N GLY A 247 59.03 2.13 -28.20
CA GLY A 247 59.71 3.39 -28.35
C GLY A 247 59.44 4.43 -27.28
N TYR A 248 58.39 4.25 -26.49
CA TYR A 248 57.93 5.23 -25.51
C TYR A 248 56.86 4.51 -24.71
N THR A 249 56.39 5.15 -23.64
CA THR A 249 55.20 4.70 -22.92
C THR A 249 54.22 5.86 -22.85
N ASN A 250 52.92 5.54 -22.81
CA ASN A 250 51.97 6.64 -22.70
C ASN A 250 50.64 6.22 -22.09
N TRP A 251 50.17 5.01 -22.36
CA TRP A 251 48.81 4.67 -21.96
C TRP A 251 48.67 4.64 -20.44
N ALA A 252 49.53 3.86 -19.77
CA ALA A 252 49.42 3.74 -18.32
C ALA A 252 49.59 5.08 -17.63
N ILE A 253 50.53 5.91 -18.11
CA ILE A 253 50.75 7.18 -17.42
C ILE A 253 49.56 8.11 -17.62
N GLY A 254 48.93 8.07 -18.79
CA GLY A 254 47.74 8.87 -19.01
C GLY A 254 46.59 8.46 -18.12
N LEU A 255 46.43 7.14 -17.93
CA LEU A 255 45.46 6.65 -16.96
C LEU A 255 45.83 7.08 -15.53
N SER A 256 47.12 7.04 -15.19
CA SER A 256 47.56 7.47 -13.85
C SER A 256 47.19 8.93 -13.61
N VAL A 257 47.52 9.79 -14.56
CA VAL A 257 47.30 11.22 -14.39
C VAL A 257 45.80 11.51 -14.29
N ALA A 258 44.98 10.80 -15.09
CA ALA A 258 43.53 10.94 -14.93
C ALA A 258 43.07 10.50 -13.54
N ASP A 259 43.64 9.41 -13.00
CA ASP A 259 43.28 9.00 -11.63
C ASP A 259 43.51 10.15 -10.65
N LEU A 260 44.70 10.77 -10.72
CA LEU A 260 45.02 11.90 -9.84
C LEU A 260 44.03 13.03 -10.01
N ILE A 261 43.78 13.42 -11.26
CA ILE A 261 42.88 14.54 -11.51
C ILE A 261 41.51 14.23 -10.93
N GLU A 262 41.04 12.99 -11.09
CA GLU A 262 39.73 12.64 -10.56
C GLU A 262 39.67 12.82 -9.04
N SER A 263 40.72 12.37 -8.35
CA SER A 263 40.73 12.56 -6.90
C SER A 263 40.72 14.04 -6.54
N MET A 264 41.30 14.88 -7.38
CA MET A 264 41.35 16.28 -6.97
C MET A 264 40.09 17.05 -7.36
N LEU A 265 39.51 16.77 -8.52
CA LEU A 265 38.34 17.49 -8.98
C LEU A 265 37.07 17.05 -8.25
N LYS A 266 36.96 15.77 -7.93
CA LYS A 266 35.88 15.27 -7.09
C LYS A 266 36.17 15.38 -5.59
N ASN A 267 37.32 15.93 -5.20
CA ASN A 267 37.59 16.34 -3.82
C ASN A 267 37.47 15.17 -2.84
N LEU A 268 37.99 14.02 -3.22
CA LEU A 268 37.77 12.79 -2.47
C LEU A 268 38.75 12.60 -1.32
N SER A 269 39.83 13.35 -1.29
CA SER A 269 40.93 13.11 -0.35
C SER A 269 41.32 11.64 -0.36
N ARG A 270 41.70 11.19 -1.55
CA ARG A 270 42.21 9.84 -1.68
C ARG A 270 43.73 9.90 -1.63
N ILE A 271 44.35 8.75 -1.35
CA ILE A 271 45.78 8.71 -1.09
C ILE A 271 46.49 8.03 -2.25
N HIS A 272 47.45 8.75 -2.83
CA HIS A 272 48.21 8.37 -4.02
C HIS A 272 49.69 8.55 -3.71
N PRO A 273 50.55 7.66 -4.20
CA PRO A 273 52.00 7.89 -4.07
C PRO A 273 52.50 8.90 -5.09
N VAL A 274 52.60 10.16 -4.69
CA VAL A 274 52.96 11.21 -5.62
C VAL A 274 54.16 11.97 -5.08
N SER A 275 54.78 12.74 -5.98
CA SER A 275 56.07 13.38 -5.72
C SER A 275 55.85 14.73 -5.03
N THR A 276 56.42 14.87 -3.84
CA THR A 276 56.30 16.06 -3.01
C THR A 276 57.60 16.30 -2.26
N MET A 277 57.67 17.45 -1.60
CA MET A 277 58.87 17.92 -0.92
C MET A 277 58.91 17.24 0.45
N VAL A 278 59.91 16.40 0.66
CA VAL A 278 59.94 15.50 1.80
C VAL A 278 61.01 15.92 2.81
N LYS A 279 61.33 17.20 2.85
CA LYS A 279 62.32 17.69 3.80
C LYS A 279 61.80 17.55 5.23
N GLY A 280 62.60 16.96 6.11
CA GLY A 280 62.16 16.69 7.46
C GLY A 280 61.49 15.35 7.68
N MET A 281 61.43 14.49 6.67
CA MET A 281 60.86 13.16 6.81
C MET A 281 61.95 12.11 6.66
N TYR A 282 61.89 11.08 7.51
CA TYR A 282 62.79 9.92 7.46
C TYR A 282 64.26 10.34 7.45
N GLY A 283 64.57 11.50 8.03
CA GLY A 283 65.95 11.92 8.14
C GLY A 283 66.50 12.61 6.91
N ILE A 284 65.65 12.95 5.96
CA ILE A 284 66.10 13.70 4.78
C ILE A 284 66.18 15.17 5.16
N GLU A 285 67.34 15.79 4.89
CA GLU A 285 67.67 17.10 5.42
C GLU A 285 67.50 18.24 4.41
N ASN A 286 67.31 17.96 3.13
CA ASN A 286 67.15 18.99 2.12
C ASN A 286 65.78 18.92 1.48
N GLU A 287 65.50 19.89 0.59
CA GLU A 287 64.21 19.96 -0.10
C GLU A 287 64.21 19.01 -1.30
N VAL A 288 64.41 17.73 -1.01
CA VAL A 288 64.26 16.71 -2.03
C VAL A 288 62.80 16.54 -2.37
N PHE A 289 62.51 16.28 -3.64
CA PHE A 289 61.18 15.87 -4.06
C PHE A 289 61.24 14.39 -4.41
N LEU A 290 60.36 13.62 -3.81
CA LEU A 290 60.17 12.23 -4.23
C LEU A 290 58.77 11.83 -3.81
N SER A 291 58.38 10.60 -4.16
CA SER A 291 57.00 10.20 -3.93
C SER A 291 56.81 9.58 -2.56
N LEU A 292 55.79 10.04 -1.87
CA LEU A 292 55.25 9.40 -0.68
C LEU A 292 53.75 9.27 -0.87
N PRO A 293 53.07 8.58 0.04
CA PRO A 293 51.60 8.59 0.01
C PRO A 293 51.09 9.94 0.46
N CYS A 294 50.19 10.52 -0.35
CA CYS A 294 49.68 11.85 -0.06
C CYS A 294 48.16 11.87 -0.23
N ILE A 295 47.53 12.79 0.49
CA ILE A 295 46.10 13.02 0.39
C ILE A 295 45.84 14.07 -0.68
N LEU A 296 45.02 13.72 -1.67
CA LEU A 296 44.73 14.58 -2.80
C LEU A 296 43.23 14.90 -2.80
N ASN A 297 42.93 16.18 -3.06
CA ASN A 297 41.59 16.73 -3.09
C ASN A 297 41.63 18.05 -3.85
N ALA A 298 40.57 18.85 -3.72
CA ALA A 298 40.40 20.06 -4.53
C ALA A 298 41.41 21.15 -4.21
N ARG A 299 42.03 21.12 -3.03
CA ARG A 299 43.14 22.04 -2.79
C ARG A 299 44.44 21.51 -3.35
N GLY A 300 44.49 20.22 -3.68
CA GLY A 300 45.69 19.62 -4.21
C GLY A 300 46.27 18.55 -3.29
N LEU A 301 47.56 18.67 -2.99
CA LEU A 301 48.30 17.76 -2.12
C LEU A 301 48.42 18.41 -0.75
N THR A 302 47.53 18.00 0.17
CA THR A 302 47.34 18.70 1.44
C THR A 302 47.93 18.00 2.64
N SER A 303 48.30 16.72 2.53
CA SER A 303 48.91 16.00 3.63
C SER A 303 49.78 14.87 3.10
N VAL A 304 50.79 14.50 3.89
CA VAL A 304 51.56 13.28 3.68
C VAL A 304 51.22 12.30 4.80
N ILE A 305 51.26 11.01 4.48
CA ILE A 305 51.06 9.94 5.46
C ILE A 305 52.42 9.55 6.03
N ASN A 306 52.51 9.55 7.36
CA ASN A 306 53.68 9.02 8.04
C ASN A 306 53.58 7.51 8.12
N GLN A 307 54.64 6.82 7.72
CA GLN A 307 54.67 5.37 7.73
C GLN A 307 55.81 4.90 8.61
N LYS A 308 55.60 3.74 9.24
CA LYS A 308 56.63 3.08 10.04
C LYS A 308 57.44 2.18 9.10
N LEU A 309 58.30 2.81 8.31
CA LEU A 309 59.17 2.07 7.42
C LEU A 309 60.16 1.23 8.22
N LYS A 310 60.54 0.10 7.65
CA LYS A 310 61.61 -0.70 8.22
C LYS A 310 62.94 0.00 7.94
N ASP A 311 64.00 -0.46 8.61
CA ASP A 311 65.28 0.21 8.44
C ASP A 311 65.75 0.16 6.98
N ASP A 312 65.66 -1.02 6.38
CA ASP A 312 66.16 -1.15 5.01
C ASP A 312 65.33 -0.30 4.05
N GLU A 313 64.03 -0.18 4.29
CA GLU A 313 63.20 0.67 3.45
C GLU A 313 63.62 2.12 3.60
N VAL A 314 63.84 2.56 4.85
CA VAL A 314 64.32 3.90 5.12
C VAL A 314 65.67 4.12 4.44
N ALA A 315 66.51 3.10 4.40
CA ALA A 315 67.83 3.24 3.81
C ALA A 315 67.76 3.38 2.30
N GLN A 316 66.92 2.56 1.64
CA GLN A 316 66.72 2.74 0.20
C GLN A 316 66.16 4.13 -0.09
N LEU A 317 65.20 4.58 0.73
CA LEU A 317 64.62 5.91 0.56
C LEU A 317 65.67 7.01 0.67
N LYS A 318 66.55 6.92 1.68
CA LYS A 318 67.59 7.93 1.83
C LYS A 318 68.54 7.90 0.63
N LYS A 319 68.94 6.72 0.19
CA LYS A 319 69.78 6.63 -0.99
C LYS A 319 69.11 7.28 -2.20
N SER A 320 67.79 7.07 -2.36
CA SER A 320 67.07 7.69 -3.47
C SER A 320 67.10 9.20 -3.34
N ALA A 321 66.89 9.70 -2.13
CA ALA A 321 66.96 11.13 -1.88
C ALA A 321 68.35 11.69 -2.20
N ASP A 322 69.40 10.93 -1.92
CA ASP A 322 70.75 11.41 -2.19
C ASP A 322 71.00 11.46 -3.70
N THR A 323 70.62 10.40 -4.41
CA THR A 323 70.63 10.43 -5.87
C THR A 323 70.01 11.74 -6.37
N LEU A 324 68.77 12.00 -5.98
CA LEU A 324 68.08 13.18 -6.52
C LEU A 324 68.74 14.48 -6.08
N TRP A 325 69.09 14.61 -4.79
CA TRP A 325 69.64 15.87 -4.31
C TRP A 325 70.99 16.18 -4.94
N ASP A 326 71.79 15.15 -5.26
CA ASP A 326 73.05 15.40 -5.96
C ASP A 326 72.82 16.19 -7.25
N ILE A 327 71.74 15.90 -7.98
CA ILE A 327 71.37 16.68 -9.16
C ILE A 327 70.77 18.03 -8.76
N GLN A 328 69.80 18.02 -7.83
CA GLN A 328 69.10 19.26 -7.50
C GLN A 328 70.06 20.36 -7.05
N LYS A 329 71.00 20.05 -6.16
CA LYS A 329 71.81 21.08 -5.51
C LYS A 329 72.60 21.95 -6.49
N ASP A 330 72.81 21.48 -7.71
CA ASP A 330 73.61 22.22 -8.69
C ASP A 330 72.78 23.00 -9.72
N LEU A 331 71.44 22.89 -9.68
CA LEU A 331 70.59 23.68 -10.56
C LEU A 331 70.63 25.15 -10.17
N LYS A 332 70.71 26.04 -11.18
CA LYS A 332 70.90 27.47 -10.95
C LYS A 332 69.80 28.30 -11.60
N ASP A 333 69.57 29.48 -11.01
CA ASP A 333 68.62 30.46 -11.51
C ASP A 333 67.18 30.02 -11.38
N LEU A 334 66.90 29.08 -10.49
CA LEU A 334 65.52 28.65 -10.21
C LEU A 334 64.84 29.66 -9.31
N ALA B 2 52.43 -24.50 -0.25
CA ALA B 2 53.55 -23.84 0.40
C ALA B 2 53.99 -22.59 -0.36
N THR B 3 53.42 -22.36 -1.55
CA THR B 3 53.66 -21.10 -2.22
C THR B 3 52.80 -20.01 -1.59
N LEU B 4 53.14 -18.77 -1.90
CA LEU B 4 52.37 -17.64 -1.38
C LEU B 4 50.90 -17.77 -1.77
N LYS B 5 50.64 -17.97 -3.06
CA LYS B 5 49.26 -18.16 -3.52
C LYS B 5 48.58 -19.28 -2.73
N GLU B 6 49.26 -20.42 -2.62
CA GLU B 6 48.67 -21.58 -1.96
C GLU B 6 48.36 -21.29 -0.49
N LYS B 7 49.21 -20.51 0.17
CA LYS B 7 48.97 -20.22 1.57
C LYS B 7 47.92 -19.14 1.77
N LEU B 8 47.82 -18.20 0.83
CA LEU B 8 46.93 -17.07 0.99
C LEU B 8 45.51 -17.36 0.53
N ILE B 9 45.32 -18.30 -0.40
CA ILE B 9 44.02 -18.51 -1.04
C ILE B 9 43.57 -19.93 -0.83
N ALA B 10 42.38 -20.09 -0.24
CA ALA B 10 41.72 -21.39 -0.19
C ALA B 10 40.70 -21.47 -1.32
N PRO B 11 40.81 -22.44 -2.21
CA PRO B 11 39.80 -22.57 -3.29
C PRO B 11 38.43 -22.92 -2.75
N VAL B 12 37.41 -22.26 -3.30
CA VAL B 12 36.02 -22.58 -3.00
C VAL B 12 35.37 -23.30 -4.17
N ALA B 13 35.74 -22.93 -5.39
CA ALA B 13 35.39 -23.65 -6.61
C ALA B 13 36.63 -24.33 -7.16
N GLU B 14 36.42 -25.44 -7.86
CA GLU B 14 37.51 -26.14 -8.50
C GLU B 14 37.91 -25.43 -9.77
N GLU B 15 39.20 -25.49 -10.08
CA GLU B 15 39.74 -24.79 -11.24
C GLU B 15 39.08 -25.28 -12.52
N GLU B 16 38.53 -24.35 -13.28
CA GLU B 16 37.94 -24.60 -14.59
C GLU B 16 38.41 -23.50 -15.53
N ALA B 17 38.47 -23.82 -16.82
CA ALA B 17 38.75 -22.82 -17.85
C ALA B 17 37.41 -22.28 -18.33
N THR B 18 37.14 -21.02 -18.04
CA THR B 18 35.90 -20.37 -18.41
C THR B 18 36.12 -19.51 -19.64
N VAL B 19 35.03 -19.18 -20.31
CA VAL B 19 35.14 -18.45 -21.57
C VAL B 19 34.77 -17.00 -21.30
N PRO B 20 35.49 -16.03 -21.85
CA PRO B 20 35.10 -14.63 -21.64
C PRO B 20 33.73 -14.34 -22.22
N ASN B 21 33.03 -13.43 -21.56
CA ASN B 21 31.71 -13.06 -22.01
C ASN B 21 31.71 -11.92 -23.01
N ASN B 22 32.71 -11.03 -22.95
CA ASN B 22 32.75 -9.83 -23.80
C ASN B 22 34.11 -9.65 -24.42
N LYS B 23 34.61 -10.68 -25.09
CA LYS B 23 35.91 -10.54 -25.73
C LYS B 23 35.83 -9.65 -26.98
N ILE B 24 36.73 -8.67 -27.02
CA ILE B 24 36.95 -7.81 -28.16
C ILE B 24 38.39 -7.97 -28.60
N THR B 25 38.57 -8.09 -29.90
CA THR B 25 39.88 -8.09 -30.54
C THR B 25 40.00 -6.82 -31.38
N VAL B 26 41.18 -6.21 -31.34
CA VAL B 26 41.57 -5.17 -32.29
C VAL B 26 42.73 -5.68 -33.11
N VAL B 27 42.60 -5.59 -34.44
CA VAL B 27 43.62 -5.99 -35.40
C VAL B 27 44.28 -4.71 -35.90
N GLY B 28 45.59 -4.61 -35.69
CA GLY B 28 46.30 -3.39 -35.96
C GLY B 28 46.40 -2.52 -34.72
N VAL B 29 47.61 -2.29 -34.23
CA VAL B 29 47.76 -1.48 -33.03
C VAL B 29 48.42 -0.16 -33.40
N GLY B 30 48.03 0.40 -34.57
CA GLY B 30 48.51 1.68 -34.99
C GLY B 30 47.82 2.81 -34.25
N GLN B 31 47.94 4.02 -34.80
CA GLN B 31 47.23 5.15 -34.23
C GLN B 31 45.77 4.78 -33.97
N VAL B 32 45.11 4.24 -35.00
CA VAL B 32 43.68 3.99 -34.89
C VAL B 32 43.38 2.80 -33.98
N GLY B 33 44.10 1.70 -34.13
CA GLY B 33 43.82 0.55 -33.30
C GLY B 33 43.96 0.85 -31.83
N MET B 34 44.94 1.68 -31.47
CA MET B 34 45.13 2.00 -30.05
C MET B 34 44.15 3.07 -29.58
N ALA B 35 43.80 4.03 -30.43
CA ALA B 35 42.70 4.91 -30.04
C ALA B 35 41.45 4.09 -29.75
N CYS B 36 41.15 3.11 -30.62
CA CYS B 36 40.03 2.19 -30.37
C CYS B 36 40.22 1.44 -29.04
N ALA B 37 41.41 0.89 -28.81
CA ALA B 37 41.61 0.08 -27.61
C ALA B 37 41.37 0.90 -26.36
N ILE B 38 42.00 2.07 -26.27
CA ILE B 38 41.85 2.90 -25.09
C ILE B 38 40.40 3.34 -24.93
N SER B 39 39.71 3.64 -26.04
CA SER B 39 38.28 3.96 -25.93
C SER B 39 37.48 2.79 -25.38
N ILE B 40 37.76 1.57 -25.86
CA ILE B 40 37.02 0.40 -25.39
C ILE B 40 37.34 0.14 -23.91
N LEU B 41 38.60 0.29 -23.53
CA LEU B 41 39.03 0.02 -22.16
C LEU B 41 38.44 1.03 -21.19
N GLY B 42 38.47 2.31 -21.56
CA GLY B 42 37.96 3.35 -20.71
C GLY B 42 36.47 3.30 -20.49
N LYS B 43 35.74 2.60 -21.36
CA LYS B 43 34.32 2.37 -21.18
C LYS B 43 34.02 1.00 -20.59
N SER B 44 35.04 0.21 -20.26
CA SER B 44 34.85 -1.12 -19.67
C SER B 44 33.95 -1.98 -20.55
N LEU B 45 34.16 -1.93 -21.86
CA LEU B 45 33.34 -2.67 -22.80
C LEU B 45 33.80 -4.10 -23.01
N ALA B 46 35.01 -4.44 -22.57
CA ALA B 46 35.56 -5.76 -22.79
C ALA B 46 35.97 -6.39 -21.47
N ASP B 47 35.63 -7.66 -21.28
CA ASP B 47 36.24 -8.42 -20.19
C ASP B 47 37.56 -9.08 -20.60
N GLU B 48 37.86 -9.13 -21.89
CA GLU B 48 39.16 -9.57 -22.38
C GLU B 48 39.45 -8.82 -23.67
N LEU B 49 40.63 -8.22 -23.78
CA LEU B 49 41.03 -7.48 -24.99
C LEU B 49 42.23 -8.16 -25.63
N ALA B 50 42.13 -8.38 -26.94
CA ALA B 50 43.18 -9.05 -27.70
C ALA B 50 43.67 -8.14 -28.81
N LEU B 51 44.99 -8.01 -28.90
CA LEU B 51 45.64 -7.13 -29.86
C LEU B 51 46.42 -7.98 -30.85
N VAL B 52 46.31 -7.65 -32.13
CA VAL B 52 46.98 -8.39 -33.19
C VAL B 52 47.66 -7.40 -34.11
N ASP B 53 48.87 -7.72 -34.51
CA ASP B 53 49.60 -6.91 -35.48
C ASP B 53 50.67 -7.77 -36.10
N VAL B 54 51.27 -7.25 -37.18
CA VAL B 54 52.39 -7.93 -37.80
C VAL B 54 53.72 -7.51 -37.17
N LEU B 55 53.78 -6.36 -36.48
CA LEU B 55 54.98 -5.87 -35.83
C LEU B 55 54.99 -6.40 -34.39
N GLU B 56 55.68 -7.53 -34.19
CA GLU B 56 55.61 -8.25 -32.91
C GLU B 56 56.07 -7.38 -31.74
N ASP B 57 57.12 -6.59 -31.91
CA ASP B 57 57.66 -5.81 -30.81
C ASP B 57 56.70 -4.68 -30.42
N LYS B 58 56.32 -3.86 -31.40
CA LYS B 58 55.27 -2.88 -31.17
C LYS B 58 54.11 -3.51 -30.42
N LEU B 59 53.69 -4.70 -30.88
CA LEU B 59 52.50 -5.33 -30.32
C LEU B 59 52.69 -5.63 -28.84
N LYS B 60 53.79 -6.30 -28.51
CA LYS B 60 54.10 -6.58 -27.11
C LYS B 60 54.18 -5.31 -26.28
N GLY B 61 54.84 -4.28 -26.80
CA GLY B 61 54.93 -3.02 -26.09
C GLY B 61 53.57 -2.42 -25.79
N GLU B 62 52.70 -2.36 -26.81
CA GLU B 62 51.37 -1.83 -26.60
C GLU B 62 50.65 -2.64 -25.51
N MET B 63 50.76 -3.98 -25.60
CA MET B 63 50.03 -4.82 -24.65
C MET B 63 50.52 -4.57 -23.23
N MET B 64 51.85 -4.43 -23.07
CA MET B 64 52.45 -4.19 -21.75
C MET B 64 52.01 -2.84 -21.19
N ASP B 65 51.97 -1.80 -22.03
CA ASP B 65 51.51 -0.50 -21.56
C ASP B 65 50.08 -0.58 -21.02
N LEU B 66 49.19 -1.20 -21.79
CA LEU B 66 47.81 -1.33 -21.33
C LEU B 66 47.74 -2.11 -20.01
N GLN B 67 48.43 -3.27 -19.94
CA GLN B 67 48.41 -4.03 -18.70
C GLN B 67 48.91 -3.19 -17.54
N HIS B 68 49.90 -2.32 -17.77
CA HIS B 68 50.39 -1.50 -16.67
C HIS B 68 49.36 -0.49 -16.23
N GLY B 69 48.41 -0.18 -17.10
CA GLY B 69 47.26 0.61 -16.69
C GLY B 69 46.15 -0.17 -15.99
N SER B 70 46.22 -1.50 -15.98
CA SER B 70 45.11 -2.30 -15.43
C SER B 70 44.52 -1.77 -14.11
N LEU B 71 45.31 -1.21 -13.18
CA LEU B 71 44.72 -0.80 -11.88
C LEU B 71 43.56 0.16 -12.06
N PHE B 72 43.58 0.96 -13.13
CA PHE B 72 42.60 2.00 -13.38
C PHE B 72 41.47 1.52 -14.29
N LEU B 73 41.45 0.23 -14.64
CA LEU B 73 40.58 -0.32 -15.67
C LEU B 73 39.74 -1.45 -15.09
N GLN B 74 38.89 -2.02 -15.94
CA GLN B 74 38.01 -3.11 -15.56
C GLN B 74 38.06 -4.21 -16.61
N THR B 75 39.27 -4.54 -17.06
CA THR B 75 39.48 -5.61 -18.04
C THR B 75 40.56 -6.56 -17.54
N PRO B 76 40.19 -7.70 -16.95
CA PRO B 76 41.18 -8.55 -16.26
C PRO B 76 42.16 -9.25 -17.18
N LYS B 77 41.89 -9.32 -18.49
CA LYS B 77 42.74 -10.08 -19.42
C LYS B 77 43.06 -9.21 -20.63
N ILE B 78 44.34 -8.85 -20.79
CA ILE B 78 44.84 -8.14 -21.96
C ILE B 78 45.94 -8.98 -22.60
N VAL B 79 45.69 -9.46 -23.83
CA VAL B 79 46.53 -10.44 -24.49
C VAL B 79 46.88 -9.98 -25.91
N ALA B 80 48.07 -10.35 -26.37
CA ALA B 80 48.56 -9.87 -27.66
C ALA B 80 49.47 -10.90 -28.32
N ASP B 81 49.27 -11.10 -29.62
CA ASP B 81 49.96 -12.14 -30.37
C ASP B 81 49.80 -11.88 -31.87
N LYS B 82 50.84 -12.22 -32.65
CA LYS B 82 50.71 -12.18 -34.10
C LYS B 82 49.92 -13.36 -34.65
N ASP B 83 49.68 -14.37 -33.81
CA ASP B 83 48.89 -15.54 -34.17
C ASP B 83 47.44 -15.28 -33.81
N TYR B 84 46.52 -15.67 -34.70
CA TYR B 84 45.12 -15.37 -34.40
C TYR B 84 44.50 -16.32 -33.38
N SER B 85 45.20 -17.37 -32.94
CA SER B 85 44.67 -18.16 -31.84
C SER B 85 44.37 -17.31 -30.61
N VAL B 86 45.03 -16.15 -30.46
CA VAL B 86 44.83 -15.28 -29.32
C VAL B 86 43.51 -14.54 -29.40
N THR B 87 42.92 -14.46 -30.59
CA THR B 87 41.66 -13.79 -30.81
C THR B 87 40.46 -14.72 -30.63
N ALA B 88 40.68 -15.98 -30.28
CA ALA B 88 39.60 -16.95 -30.26
C ALA B 88 38.44 -16.50 -29.36
N ASN B 89 37.22 -16.81 -29.81
CA ASN B 89 35.97 -16.57 -29.08
C ASN B 89 35.70 -15.08 -28.78
N SER B 90 36.09 -14.19 -29.68
CA SER B 90 35.77 -12.78 -29.53
C SER B 90 34.31 -12.53 -29.92
N LYS B 91 33.62 -11.69 -29.14
CA LYS B 91 32.31 -11.22 -29.60
C LYS B 91 32.47 -10.21 -30.73
N ILE B 92 33.46 -9.33 -30.63
CA ILE B 92 33.62 -8.31 -31.66
C ILE B 92 35.09 -8.22 -32.07
N VAL B 93 35.34 -8.15 -33.38
CA VAL B 93 36.69 -7.98 -33.93
C VAL B 93 36.72 -6.72 -34.79
N VAL B 94 37.59 -5.79 -34.40
CA VAL B 94 37.74 -4.49 -35.04
C VAL B 94 38.98 -4.50 -35.90
N VAL B 95 38.83 -4.29 -37.20
CA VAL B 95 39.95 -4.34 -38.13
C VAL B 95 40.39 -2.91 -38.46
N THR B 96 41.60 -2.58 -38.05
CA THR B 96 42.21 -1.28 -38.32
C THR B 96 43.56 -1.40 -39.02
N ALA B 97 43.90 -2.60 -39.50
CA ALA B 97 45.20 -2.86 -40.09
C ALA B 97 45.22 -2.45 -41.55
N GLY B 98 46.41 -2.01 -42.02
CA GLY B 98 46.69 -1.72 -43.41
C GLY B 98 47.22 -0.32 -43.59
N VAL B 99 47.39 0.07 -44.86
CA VAL B 99 47.93 1.39 -45.18
C VAL B 99 46.85 2.44 -44.95
N ARG B 100 47.28 3.67 -44.76
CA ARG B 100 46.43 4.82 -44.57
C ARG B 100 46.81 5.91 -45.56
N GLN B 101 46.04 6.99 -45.58
CA GLN B 101 46.21 8.01 -46.61
C GLN B 101 47.46 8.84 -46.37
N GLN B 102 48.19 9.12 -47.44
CA GLN B 102 49.18 10.17 -47.37
C GLN B 102 48.47 11.51 -47.45
N GLU B 103 49.22 12.59 -47.26
CA GLU B 103 48.66 13.92 -47.42
C GLU B 103 47.96 14.04 -48.77
N GLY B 104 46.69 14.40 -48.74
CA GLY B 104 45.92 14.65 -49.95
C GLY B 104 45.50 13.43 -50.73
N GLU B 105 45.73 12.22 -50.23
CA GLU B 105 45.43 11.00 -50.97
C GLU B 105 43.99 10.56 -50.73
N SER B 106 43.32 10.15 -51.81
CA SER B 106 41.98 9.59 -51.66
C SER B 106 42.03 8.23 -50.96
N ARG B 107 40.99 7.94 -50.18
CA ARG B 107 40.91 6.62 -49.57
C ARG B 107 40.76 5.52 -50.61
N LEU B 108 40.07 5.80 -51.73
CA LEU B 108 39.92 4.78 -52.77
C LEU B 108 41.24 4.41 -53.43
N ASN B 109 42.27 5.23 -53.30
CA ASN B 109 43.60 4.84 -53.79
C ASN B 109 44.28 3.80 -52.91
N LEU B 110 43.66 3.43 -51.79
CA LEU B 110 44.21 2.46 -50.85
C LEU B 110 43.68 1.06 -51.09
N VAL B 111 42.87 0.88 -52.13
CA VAL B 111 42.12 -0.35 -52.35
C VAL B 111 43.04 -1.55 -52.49
N GLN B 112 43.77 -1.66 -53.61
CA GLN B 112 44.47 -2.92 -53.86
C GLN B 112 45.34 -3.29 -52.66
N ARG B 113 46.23 -2.38 -52.24
CA ARG B 113 47.06 -2.68 -51.07
C ARG B 113 46.23 -3.26 -49.94
N ASN B 114 45.20 -2.54 -49.51
CA ASN B 114 44.49 -3.01 -48.34
C ASN B 114 43.65 -4.24 -48.66
N VAL B 115 43.16 -4.38 -49.90
CA VAL B 115 42.46 -5.61 -50.22
C VAL B 115 43.39 -6.80 -50.00
N ASN B 116 44.65 -6.69 -50.43
CA ASN B 116 45.55 -7.82 -50.20
C ASN B 116 45.68 -8.10 -48.70
N VAL B 117 45.85 -7.05 -47.89
CA VAL B 117 45.96 -7.24 -46.45
C VAL B 117 44.76 -8.01 -45.95
N PHE B 118 43.56 -7.58 -46.38
CA PHE B 118 42.36 -8.18 -45.84
C PHE B 118 42.28 -9.66 -46.22
N LYS B 119 42.74 -9.99 -47.44
CA LYS B 119 42.64 -11.38 -47.87
C LYS B 119 43.37 -12.30 -46.91
N PHE B 120 44.39 -11.79 -46.22
CA PHE B 120 45.02 -12.67 -45.24
C PHE B 120 44.36 -12.55 -43.86
N ILE B 121 43.98 -11.34 -43.46
CA ILE B 121 43.47 -11.13 -42.11
C ILE B 121 42.13 -11.82 -41.93
N ILE B 122 41.17 -11.51 -42.81
CA ILE B 122 39.78 -11.88 -42.56
C ILE B 122 39.60 -13.38 -42.33
N PRO B 123 40.10 -14.27 -43.19
CA PRO B 123 39.90 -15.71 -42.93
C PRO B 123 40.38 -16.09 -41.54
N GLN B 124 41.53 -15.56 -41.12
CA GLN B 124 42.05 -15.89 -39.79
C GLN B 124 41.03 -15.55 -38.71
N ILE B 125 40.50 -14.33 -38.76
CA ILE B 125 39.44 -13.93 -37.82
C ILE B 125 38.37 -15.00 -37.78
N VAL B 126 37.86 -15.37 -38.96
CA VAL B 126 36.69 -16.22 -39.00
C VAL B 126 37.03 -17.61 -38.50
N LYS B 127 38.30 -18.02 -38.66
CA LYS B 127 38.68 -19.33 -38.17
C LYS B 127 38.50 -19.42 -36.64
N TYR B 128 38.85 -18.36 -35.91
CA TYR B 128 38.91 -18.49 -34.46
C TYR B 128 37.71 -17.90 -33.74
N SER B 129 36.88 -17.12 -34.42
CA SER B 129 35.65 -16.58 -33.85
C SER B 129 34.52 -16.70 -34.87
N PRO B 130 34.09 -17.93 -35.16
CA PRO B 130 33.07 -18.15 -36.19
C PRO B 130 31.84 -17.29 -35.98
N ASP B 131 31.61 -16.88 -34.73
CA ASP B 131 30.36 -16.25 -34.34
C ASP B 131 30.48 -14.75 -34.14
N CYS B 132 31.65 -14.17 -34.35
CA CYS B 132 31.87 -12.77 -34.00
C CYS B 132 31.15 -11.82 -34.97
N ILE B 133 31.04 -10.57 -34.55
CA ILE B 133 30.73 -9.43 -35.42
C ILE B 133 32.04 -8.76 -35.76
N ILE B 134 32.27 -8.46 -37.04
CA ILE B 134 33.45 -7.72 -37.48
C ILE B 134 33.06 -6.27 -37.72
N ILE B 135 33.79 -5.35 -37.10
CA ILE B 135 33.71 -3.94 -37.43
C ILE B 135 34.94 -3.58 -38.25
N VAL B 136 34.72 -3.26 -39.53
CA VAL B 136 35.77 -2.82 -40.43
C VAL B 136 35.97 -1.32 -40.24
N VAL B 137 37.23 -0.91 -40.07
CA VAL B 137 37.59 0.51 -39.95
C VAL B 137 38.53 0.93 -41.06
N SER B 138 39.45 0.06 -41.47
CA SER B 138 40.46 0.44 -42.44
C SER B 138 39.81 0.96 -43.71
N ASN B 139 40.56 1.79 -44.43
CA ASN B 139 40.07 2.50 -45.61
C ASN B 139 40.51 1.84 -46.91
N PRO B 140 39.66 1.87 -47.95
CA PRO B 140 38.29 2.43 -47.89
C PRO B 140 37.29 1.51 -47.18
N VAL B 141 36.69 2.04 -46.11
CA VAL B 141 35.89 1.20 -45.21
C VAL B 141 34.70 0.58 -45.95
N ASP B 142 34.09 1.31 -46.87
CA ASP B 142 32.93 0.72 -47.56
C ASP B 142 33.33 -0.47 -48.42
N ILE B 143 34.32 -0.27 -49.29
CA ILE B 143 34.79 -1.35 -50.16
C ILE B 143 35.35 -2.50 -49.35
N LEU B 144 36.07 -2.20 -48.26
CA LEU B 144 36.63 -3.28 -47.46
C LEU B 144 35.56 -3.98 -46.62
N THR B 145 34.45 -3.31 -46.27
CA THR B 145 33.36 -4.04 -45.61
C THR B 145 32.73 -5.04 -46.59
N TYR B 146 32.53 -4.61 -47.84
CA TYR B 146 32.12 -5.56 -48.87
C TYR B 146 33.09 -6.72 -48.98
N VAL B 147 34.39 -6.42 -49.08
CA VAL B 147 35.41 -7.46 -49.17
C VAL B 147 35.31 -8.41 -47.99
N THR B 148 35.12 -7.88 -46.78
CA THR B 148 35.09 -8.73 -45.58
C THR B 148 33.85 -9.62 -45.58
N TRP B 149 32.70 -9.06 -45.92
CA TRP B 149 31.51 -9.87 -46.15
C TRP B 149 31.83 -11.05 -47.07
N LYS B 150 32.43 -10.77 -48.23
CA LYS B 150 32.65 -11.82 -49.22
C LYS B 150 33.67 -12.85 -48.71
N LEU B 151 34.81 -12.38 -48.17
CA LEU B 151 35.86 -13.30 -47.71
C LEU B 151 35.37 -14.16 -46.56
N SER B 152 34.58 -13.60 -45.66
CA SER B 152 34.26 -14.29 -44.42
C SER B 152 33.18 -15.35 -44.59
N GLY B 153 32.17 -15.09 -45.41
CA GLY B 153 31.02 -15.96 -45.42
C GLY B 153 30.06 -15.73 -44.28
N LEU B 154 30.26 -14.68 -43.50
CA LEU B 154 29.34 -14.34 -42.44
C LEU B 154 28.07 -13.71 -43.03
N PRO B 155 26.96 -13.78 -42.29
CA PRO B 155 25.76 -13.04 -42.73
C PRO B 155 26.00 -11.54 -42.74
N LYS B 156 25.17 -10.86 -43.51
CA LYS B 156 25.23 -9.40 -43.61
C LYS B 156 25.18 -8.73 -42.24
N HIS B 157 24.39 -9.29 -41.31
CA HIS B 157 24.20 -8.54 -40.08
C HIS B 157 25.41 -8.59 -39.14
N ARG B 158 26.48 -9.27 -39.54
CA ARG B 158 27.65 -9.44 -38.69
C ARG B 158 28.91 -8.85 -39.30
N VAL B 159 28.80 -8.16 -40.44
CA VAL B 159 29.91 -7.44 -41.05
C VAL B 159 29.46 -5.99 -41.19
N ILE B 160 30.06 -5.10 -40.40
CA ILE B 160 29.63 -3.71 -40.23
C ILE B 160 30.81 -2.81 -40.54
N GLY B 161 30.60 -1.85 -41.45
CA GLY B 161 31.60 -0.83 -41.71
C GLY B 161 31.39 0.35 -40.80
N SER B 162 32.47 0.78 -40.13
CA SER B 162 32.38 1.98 -39.29
C SER B 162 31.76 3.15 -40.06
N GLY B 163 32.09 3.27 -41.35
CA GLY B 163 31.24 4.06 -42.23
C GLY B 163 31.22 5.53 -41.87
N CYS B 164 30.02 6.11 -41.93
CA CYS B 164 29.80 7.54 -41.70
C CYS B 164 29.41 7.91 -40.26
N ASN B 165 29.46 6.98 -39.31
CA ASN B 165 29.26 7.40 -37.93
C ASN B 165 30.14 8.61 -37.62
N LEU B 166 31.42 8.49 -37.93
CA LEU B 166 32.36 9.60 -37.78
C LEU B 166 31.93 10.82 -38.60
N ASP B 167 31.60 10.61 -39.89
CA ASP B 167 31.25 11.78 -40.69
C ASP B 167 30.10 12.50 -40.02
N SER B 168 29.12 11.75 -39.53
CA SER B 168 27.98 12.46 -38.94
C SER B 168 28.41 13.15 -37.66
N ALA B 169 29.26 12.47 -36.86
CA ALA B 169 29.81 13.09 -35.68
C ALA B 169 30.37 14.46 -36.02
N ARG B 170 31.19 14.51 -37.08
CA ARG B 170 31.80 15.78 -37.46
C ARG B 170 30.71 16.77 -37.88
N PHE B 171 29.80 16.31 -38.74
CA PHE B 171 28.68 17.15 -39.14
C PHE B 171 28.02 17.75 -37.92
N ARG B 172 27.69 16.87 -36.94
CA ARG B 172 26.98 17.37 -35.77
C ARG B 172 27.84 18.31 -34.95
N TYR B 173 29.16 18.11 -34.94
CA TYR B 173 30.01 19.07 -34.26
C TYR B 173 29.96 20.42 -34.96
N LEU B 174 30.17 20.45 -36.29
CA LEU B 174 30.17 21.75 -36.96
C LEU B 174 28.85 22.47 -36.70
N MET B 175 27.73 21.79 -36.96
CA MET B 175 26.41 22.29 -36.57
C MET B 175 26.41 22.84 -35.16
N ALA B 176 26.84 22.05 -34.18
CA ALA B 176 26.79 22.54 -32.81
C ALA B 176 27.58 23.84 -32.66
N GLU B 177 28.78 23.92 -33.23
CA GLU B 177 29.52 25.17 -33.16
C GLU B 177 28.67 26.33 -33.73
N LYS B 178 28.00 26.12 -34.85
CA LYS B 178 27.21 27.19 -35.43
C LYS B 178 26.02 27.59 -34.54
N LEU B 179 25.44 26.66 -33.79
CA LEU B 179 24.24 27.02 -33.05
C LEU B 179 24.47 27.21 -31.56
N GLY B 180 25.63 26.77 -31.04
CA GLY B 180 25.91 26.94 -29.65
C GLY B 180 25.18 25.97 -28.75
N ILE B 181 25.00 24.73 -29.20
CA ILE B 181 24.42 23.67 -28.39
C ILE B 181 25.31 22.44 -28.48
N HIS B 182 25.05 21.48 -27.62
CA HIS B 182 25.82 20.25 -27.64
C HIS B 182 25.56 19.49 -28.93
N PRO B 183 26.57 18.84 -29.49
CA PRO B 183 26.32 17.99 -30.68
C PRO B 183 25.15 17.02 -30.50
N SER B 184 24.92 16.49 -29.28
CA SER B 184 23.85 15.49 -29.13
C SER B 184 22.46 16.09 -29.35
N SER B 185 22.30 17.39 -29.14
CA SER B 185 21.02 18.04 -29.36
C SER B 185 20.89 18.59 -30.80
N CYS B 186 21.88 18.33 -31.66
CA CYS B 186 21.80 18.59 -33.09
C CYS B 186 21.65 17.26 -33.82
N HIS B 187 20.74 17.20 -34.79
CA HIS B 187 20.48 15.94 -35.48
C HIS B 187 20.63 16.13 -36.98
N GLY B 188 21.42 15.26 -37.61
CA GLY B 188 21.72 15.38 -39.03
C GLY B 188 22.54 14.20 -39.51
N TRP B 189 22.32 13.76 -40.74
CA TRP B 189 22.82 12.47 -41.19
C TRP B 189 23.68 12.62 -42.44
N ILE B 190 24.92 12.15 -42.33
CA ILE B 190 25.82 12.02 -43.46
C ILE B 190 25.83 10.56 -43.87
N LEU B 191 25.55 10.29 -45.14
CA LEU B 191 25.34 8.92 -45.57
C LEU B 191 26.21 8.63 -46.78
N GLY B 192 26.07 7.40 -47.30
CA GLY B 192 26.85 6.98 -48.44
C GLY B 192 28.29 6.63 -48.09
N GLU B 193 29.21 7.01 -48.96
CA GLU B 193 30.61 6.64 -48.80
C GLU B 193 31.26 7.44 -47.70
N HIS B 194 32.09 6.79 -46.91
CA HIS B 194 32.92 7.52 -45.95
C HIS B 194 34.07 8.11 -46.74
N GLY B 195 33.84 9.25 -47.37
CA GLY B 195 34.76 9.78 -48.37
C GLY B 195 34.14 10.94 -49.15
N ASP B 196 34.76 11.24 -50.29
CA ASP B 196 34.46 12.48 -51.00
C ASP B 196 33.02 12.53 -51.52
N SER B 197 32.39 11.39 -51.74
CA SER B 197 31.06 11.36 -52.37
C SER B 197 29.94 11.20 -51.34
N SER B 198 30.21 11.43 -50.06
CA SER B 198 29.20 11.32 -49.03
C SER B 198 28.08 12.35 -49.22
N VAL B 199 26.90 12.04 -48.68
CA VAL B 199 25.66 12.76 -48.94
C VAL B 199 25.15 13.40 -47.65
N ALA B 200 25.09 14.73 -47.62
CA ALA B 200 24.43 15.42 -46.52
C ALA B 200 22.92 15.31 -46.68
N VAL B 201 22.23 14.70 -45.70
CA VAL B 201 20.78 14.48 -45.81
C VAL B 201 20.10 15.72 -45.24
N TRP B 202 20.08 16.79 -46.04
CA TRP B 202 19.61 18.09 -45.58
C TRP B 202 18.21 18.02 -45.00
N SER B 203 17.33 17.24 -45.63
CA SER B 203 15.93 17.15 -45.22
C SER B 203 15.75 16.51 -43.85
N GLY B 204 16.79 15.91 -43.28
CA GLY B 204 16.68 15.35 -41.95
C GLY B 204 17.30 16.24 -40.88
N VAL B 205 18.04 17.26 -41.29
CA VAL B 205 18.75 18.12 -40.34
C VAL B 205 17.74 18.87 -39.49
N ASN B 206 17.91 18.78 -38.16
CA ASN B 206 16.88 19.30 -37.27
C ASN B 206 17.42 19.47 -35.86
N VAL B 207 16.96 20.53 -35.21
CA VAL B 207 17.16 20.76 -33.78
C VAL B 207 15.80 20.65 -33.09
N ALA B 208 15.73 19.75 -32.11
CA ALA B 208 14.52 19.55 -31.31
C ALA B 208 13.31 19.27 -32.21
N GLY B 209 13.56 18.54 -33.30
CA GLY B 209 12.52 18.21 -34.25
C GLY B 209 12.12 19.33 -35.18
N VAL B 210 12.85 20.46 -35.15
CA VAL B 210 12.61 21.57 -36.06
C VAL B 210 13.44 21.35 -37.31
N SER B 211 12.76 21.15 -38.44
CA SER B 211 13.46 20.95 -39.71
C SER B 211 14.17 22.24 -40.11
N LEU B 212 15.50 22.17 -40.18
CA LEU B 212 16.29 23.36 -40.47
C LEU B 212 16.14 23.78 -41.93
N GLN B 213 15.89 22.82 -42.81
CA GLN B 213 15.56 23.10 -44.19
C GLN B 213 14.16 23.66 -44.36
N GLU B 214 13.35 23.67 -43.30
CA GLU B 214 12.09 24.39 -43.35
C GLU B 214 12.32 25.88 -43.08
N LEU B 215 13.06 26.19 -42.02
CA LEU B 215 13.43 27.58 -41.74
C LEU B 215 14.35 28.15 -42.81
N ASN B 216 14.87 27.32 -43.72
CA ASN B 216 15.83 27.77 -44.72
C ASN B 216 15.81 26.83 -45.92
N PRO B 217 14.80 26.93 -46.79
CA PRO B 217 14.66 25.97 -47.89
C PRO B 217 15.80 26.00 -48.89
N GLU B 218 16.65 27.01 -48.87
CA GLU B 218 17.83 27.07 -49.73
C GLU B 218 19.00 26.32 -49.14
N MET B 219 18.79 25.63 -48.02
CA MET B 219 19.86 24.88 -47.36
C MET B 219 20.41 23.81 -48.30
N GLY B 220 21.73 23.81 -48.46
CA GLY B 220 22.38 22.86 -49.33
C GLY B 220 22.56 23.32 -50.76
N THR B 221 21.88 24.39 -51.16
CA THR B 221 22.06 24.96 -52.49
C THR B 221 23.14 26.04 -52.45
N ASP B 222 23.36 26.68 -53.59
CA ASP B 222 24.30 27.78 -53.68
C ASP B 222 23.64 29.13 -53.47
N ASN B 223 22.32 29.18 -53.39
CA ASN B 223 21.59 30.40 -53.07
C ASN B 223 21.39 30.59 -51.58
N ASP B 224 22.28 30.04 -50.77
CA ASP B 224 22.09 29.90 -49.32
C ASP B 224 22.74 31.06 -48.58
N SER B 225 21.93 31.80 -47.81
CA SER B 225 22.50 32.85 -46.96
C SER B 225 23.39 32.28 -45.88
N GLU B 226 22.93 31.25 -45.17
CA GLU B 226 23.83 30.42 -44.40
C GLU B 226 24.79 29.74 -45.39
N ASN B 227 25.76 28.99 -44.89
CA ASN B 227 26.72 28.32 -45.78
C ASN B 227 26.73 26.82 -45.49
N TRP B 228 25.55 26.21 -45.63
CA TRP B 228 25.40 24.82 -45.21
C TRP B 228 26.21 23.89 -46.08
N LYS B 229 26.17 24.13 -47.38
CA LYS B 229 27.04 23.38 -48.28
C LYS B 229 28.49 23.49 -47.85
N GLU B 230 28.88 24.64 -47.31
CA GLU B 230 30.22 24.77 -46.77
C GLU B 230 30.42 23.86 -45.57
N VAL B 231 29.38 23.66 -44.74
CA VAL B 231 29.49 22.70 -43.65
C VAL B 231 29.75 21.29 -44.19
N HIS B 232 28.99 20.90 -45.21
CA HIS B 232 29.21 19.56 -45.76
C HIS B 232 30.61 19.44 -46.34
N LYS B 233 31.09 20.50 -47.00
CA LYS B 233 32.44 20.52 -47.56
C LYS B 233 33.49 20.36 -46.47
N MET B 234 33.32 21.08 -45.35
CA MET B 234 34.21 20.90 -44.22
C MET B 234 34.20 19.46 -43.73
N VAL B 235 33.02 18.83 -43.71
CA VAL B 235 32.95 17.43 -43.34
C VAL B 235 33.80 16.59 -44.29
N VAL B 236 33.65 16.83 -45.61
CA VAL B 236 34.37 16.04 -46.60
C VAL B 236 35.88 16.23 -46.47
N GLU B 237 36.31 17.46 -46.19
CA GLU B 237 37.74 17.77 -46.19
C GLU B 237 38.40 17.50 -44.84
N SER B 238 37.62 17.31 -43.79
CA SER B 238 38.15 17.20 -42.43
C SER B 238 39.35 16.25 -42.36
N ALA B 239 39.17 15.04 -42.89
CA ALA B 239 40.23 14.05 -42.75
C ALA B 239 41.52 14.52 -43.41
N TYR B 240 41.41 15.15 -44.59
CA TYR B 240 42.60 15.68 -45.24
C TYR B 240 43.25 16.77 -44.38
N GLU B 241 42.44 17.70 -43.85
CA GLU B 241 43.01 18.77 -43.05
C GLU B 241 43.74 18.21 -41.81
N VAL B 242 43.15 17.21 -41.16
CA VAL B 242 43.75 16.66 -39.94
C VAL B 242 44.99 15.85 -40.29
N ILE B 243 44.93 15.05 -41.37
CA ILE B 243 46.09 14.36 -41.89
C ILE B 243 47.22 15.34 -42.20
N LYS B 244 46.86 16.56 -42.62
CA LYS B 244 47.91 17.51 -42.96
C LYS B 244 48.53 18.11 -41.71
N LEU B 245 47.71 18.36 -40.68
CA LEU B 245 48.25 18.95 -39.44
C LEU B 245 49.03 17.94 -38.62
N LYS B 246 48.52 16.71 -38.45
CA LYS B 246 49.16 15.73 -37.57
C LYS B 246 49.48 14.40 -38.23
N GLY B 247 49.22 14.24 -39.53
CA GLY B 247 49.65 13.07 -40.24
C GLY B 247 48.64 11.94 -40.30
N TYR B 248 47.58 11.99 -39.52
CA TYR B 248 46.61 10.92 -39.44
C TYR B 248 45.49 11.40 -38.54
N THR B 249 44.40 10.63 -38.48
CA THR B 249 43.34 10.85 -37.51
C THR B 249 43.19 9.59 -36.66
N ASN B 250 42.81 9.76 -35.39
CA ASN B 250 42.63 8.56 -34.59
C ASN B 250 41.67 8.73 -33.42
N TRP B 251 41.69 9.87 -32.72
CA TRP B 251 40.90 9.98 -31.49
C TRP B 251 39.40 9.92 -31.80
N ALA B 252 38.97 10.65 -32.83
CA ALA B 252 37.53 10.68 -33.12
C ALA B 252 37.04 9.32 -33.59
N ILE B 253 37.78 8.67 -34.49
CA ILE B 253 37.33 7.37 -34.93
C ILE B 253 37.39 6.37 -33.79
N GLY B 254 38.35 6.53 -32.87
CA GLY B 254 38.39 5.63 -31.72
C GLY B 254 37.12 5.72 -30.90
N LEU B 255 36.70 6.96 -30.61
CA LEU B 255 35.43 7.16 -29.90
C LEU B 255 34.22 6.70 -30.71
N SER B 256 34.25 6.83 -32.03
CA SER B 256 33.14 6.31 -32.84
C SER B 256 33.06 4.80 -32.78
N VAL B 257 34.20 4.11 -32.91
CA VAL B 257 34.15 2.65 -32.84
C VAL B 257 33.61 2.22 -31.49
N ALA B 258 34.04 2.88 -30.40
CA ALA B 258 33.55 2.50 -29.07
C ALA B 258 32.04 2.78 -28.93
N ASP B 259 31.57 3.90 -29.46
CA ASP B 259 30.13 4.19 -29.46
C ASP B 259 29.33 3.06 -30.11
N LEU B 260 29.79 2.59 -31.26
CA LEU B 260 29.15 1.44 -31.93
C LEU B 260 29.23 0.17 -31.07
N ILE B 261 30.41 -0.12 -30.54
CA ILE B 261 30.56 -1.32 -29.73
C ILE B 261 29.60 -1.27 -28.55
N GLU B 262 29.42 -0.09 -27.96
CA GLU B 262 28.55 0.05 -26.79
C GLU B 262 27.10 -0.24 -27.14
N SER B 263 26.61 0.37 -28.23
CA SER B 263 25.29 -0.01 -28.71
C SER B 263 25.17 -1.51 -28.88
N MET B 264 26.19 -2.16 -29.46
CA MET B 264 26.08 -3.60 -29.72
C MET B 264 26.11 -4.42 -28.42
N LEU B 265 27.17 -4.26 -27.62
CA LEU B 265 27.36 -5.12 -26.45
C LEU B 265 26.28 -4.95 -25.39
N LYS B 266 25.72 -3.75 -25.25
CA LYS B 266 24.59 -3.55 -24.37
C LYS B 266 23.23 -3.76 -25.07
N ASN B 267 23.23 -4.28 -26.30
CA ASN B 267 22.00 -4.71 -26.96
C ASN B 267 20.95 -3.59 -27.06
N LEU B 268 21.38 -2.35 -27.21
CA LEU B 268 20.45 -1.23 -27.09
C LEU B 268 19.57 -1.01 -28.33
N SER B 269 19.94 -1.55 -29.49
CA SER B 269 19.21 -1.26 -30.73
C SER B 269 19.15 0.25 -30.96
N ARG B 270 20.32 0.87 -30.99
CA ARG B 270 20.36 2.28 -31.31
C ARG B 270 20.71 2.43 -32.78
N ILE B 271 20.44 3.60 -33.32
CA ILE B 271 20.55 3.83 -34.75
C ILE B 271 21.78 4.66 -35.03
N HIS B 272 22.69 4.09 -35.80
CA HIS B 272 23.94 4.70 -36.23
C HIS B 272 24.05 4.66 -37.74
N PRO B 273 24.62 5.71 -38.38
CA PRO B 273 24.92 5.61 -39.82
C PRO B 273 26.17 4.79 -40.10
N VAL B 274 25.99 3.54 -40.51
CA VAL B 274 27.13 2.66 -40.71
C VAL B 274 27.00 1.94 -42.05
N SER B 275 28.10 1.35 -42.48
CA SER B 275 28.18 0.78 -43.81
C SER B 275 27.55 -0.62 -43.83
N THR B 276 26.55 -0.81 -44.71
CA THR B 276 25.94 -2.11 -44.91
C THR B 276 25.62 -2.28 -46.40
N MET B 277 25.15 -3.48 -46.75
CA MET B 277 24.90 -3.88 -48.13
C MET B 277 23.55 -3.30 -48.55
N VAL B 278 23.55 -2.35 -49.50
CA VAL B 278 22.33 -1.58 -49.75
C VAL B 278 21.72 -1.91 -51.12
N LYS B 279 21.98 -3.11 -51.63
CA LYS B 279 21.44 -3.48 -52.92
C LYS B 279 19.92 -3.57 -52.84
N GLY B 280 19.25 -2.86 -53.75
CA GLY B 280 17.81 -2.90 -53.81
C GLY B 280 17.12 -1.72 -53.18
N MET B 281 17.86 -0.80 -52.58
CA MET B 281 17.25 0.39 -52.00
C MET B 281 17.69 1.62 -52.75
N TYR B 282 16.78 2.57 -52.91
CA TYR B 282 17.08 3.85 -53.56
C TYR B 282 17.50 3.67 -55.01
N GLY B 283 17.07 2.59 -55.66
CA GLY B 283 17.47 2.30 -57.03
C GLY B 283 18.86 1.77 -57.20
N ILE B 284 19.52 1.35 -56.12
CA ILE B 284 20.86 0.80 -56.24
C ILE B 284 20.77 -0.65 -56.68
N GLU B 285 21.54 -1.01 -57.69
CA GLU B 285 21.31 -2.26 -58.40
C GLU B 285 22.30 -3.37 -58.08
N ASN B 286 23.47 -3.07 -57.50
CA ASN B 286 24.40 -4.14 -57.15
C ASN B 286 24.64 -4.12 -55.64
N GLU B 287 25.50 -5.04 -55.19
CA GLU B 287 25.75 -5.25 -53.77
C GLU B 287 26.74 -4.19 -53.28
N VAL B 288 26.27 -2.95 -53.28
CA VAL B 288 27.10 -1.85 -52.82
C VAL B 288 27.07 -1.84 -51.29
N PHE B 289 28.23 -1.59 -50.66
CA PHE B 289 28.24 -1.24 -49.26
C PHE B 289 28.40 0.27 -49.13
N LEU B 290 27.49 0.89 -48.38
CA LEU B 290 27.63 2.31 -48.03
C LEU B 290 26.84 2.52 -46.76
N SER B 291 26.96 3.71 -46.17
CA SER B 291 26.34 3.94 -44.87
C SER B 291 24.89 4.39 -45.02
N LEU B 292 24.02 3.74 -44.26
CA LEU B 292 22.66 4.18 -44.00
C LEU B 292 22.45 4.16 -42.50
N PRO B 293 21.30 4.65 -42.03
CA PRO B 293 21.01 4.57 -40.59
C PRO B 293 20.50 3.18 -40.24
N CYS B 294 21.22 2.48 -39.36
CA CYS B 294 21.02 1.08 -39.06
C CYS B 294 20.85 0.86 -37.56
N ILE B 295 20.00 -0.13 -37.23
CA ILE B 295 19.75 -0.52 -35.84
C ILE B 295 20.83 -1.51 -35.43
N LEU B 296 21.59 -1.15 -34.40
CA LEU B 296 22.66 -1.96 -33.88
C LEU B 296 22.26 -2.47 -32.48
N ASN B 297 22.72 -3.69 -32.16
CA ASN B 297 22.41 -4.42 -30.91
C ASN B 297 23.31 -5.65 -30.88
N ALA B 298 22.97 -6.60 -30.01
CA ALA B 298 23.86 -7.72 -29.72
C ALA B 298 23.97 -8.70 -30.88
N ARG B 299 22.95 -8.77 -31.73
CA ARG B 299 23.12 -9.56 -32.94
C ARG B 299 23.90 -8.83 -34.00
N GLY B 300 24.19 -7.56 -33.82
CA GLY B 300 24.93 -6.83 -34.83
C GLY B 300 24.05 -5.83 -35.55
N LEU B 301 24.09 -5.84 -36.88
CA LEU B 301 23.37 -4.85 -37.68
C LEU B 301 22.13 -5.56 -38.23
N THR B 302 20.98 -5.32 -37.60
CA THR B 302 19.78 -6.12 -37.86
C THR B 302 18.71 -5.40 -38.65
N SER B 303 18.81 -4.08 -38.84
CA SER B 303 17.83 -3.36 -39.65
C SER B 303 18.47 -2.12 -40.29
N VAL B 304 17.93 -1.73 -41.45
CA VAL B 304 18.18 -0.42 -42.05
C VAL B 304 16.90 0.42 -41.89
N ILE B 305 17.08 1.73 -41.80
CA ILE B 305 15.95 2.65 -41.71
C ILE B 305 15.61 3.15 -43.11
N ASN B 306 14.35 3.01 -43.51
CA ASN B 306 13.91 3.55 -44.80
C ASN B 306 13.63 5.03 -44.64
N GLN B 307 14.20 5.86 -45.49
CA GLN B 307 14.06 7.31 -45.40
C GLN B 307 13.39 7.87 -46.66
N LYS B 308 12.72 9.00 -46.47
CA LYS B 308 12.13 9.75 -47.58
C LYS B 308 13.14 10.80 -48.07
N LEU B 309 14.14 10.30 -48.77
CA LEU B 309 15.16 11.20 -49.32
C LEU B 309 14.53 12.08 -50.39
N LYS B 310 14.96 13.35 -50.44
CA LYS B 310 14.56 14.19 -51.54
C LYS B 310 15.31 13.78 -52.81
N ASP B 311 14.79 14.21 -53.95
CA ASP B 311 15.34 13.72 -55.23
C ASP B 311 16.83 14.01 -55.32
N ASP B 312 17.25 15.21 -54.96
CA ASP B 312 18.68 15.53 -55.00
C ASP B 312 19.48 14.62 -54.09
N GLU B 313 18.89 14.25 -52.94
CA GLU B 313 19.58 13.38 -52.00
C GLU B 313 19.74 11.99 -52.57
N VAL B 314 18.66 11.43 -53.12
CA VAL B 314 18.73 10.14 -53.79
C VAL B 314 19.75 10.19 -54.91
N ALA B 315 19.86 11.34 -55.58
CA ALA B 315 20.78 11.44 -56.71
C ALA B 315 22.23 11.42 -56.24
N GLN B 316 22.54 12.20 -55.20
CA GLN B 316 23.87 12.14 -54.61
C GLN B 316 24.18 10.73 -54.14
N LEU B 317 23.20 10.06 -53.54
CA LEU B 317 23.43 8.71 -53.04
C LEU B 317 23.72 7.75 -54.18
N LYS B 318 23.00 7.89 -55.31
CA LYS B 318 23.30 7.04 -56.46
C LYS B 318 24.69 7.31 -57.00
N LYS B 319 25.09 8.59 -57.03
CA LYS B 319 26.44 8.94 -57.43
C LYS B 319 27.50 8.31 -56.51
N SER B 320 27.25 8.32 -55.20
CA SER B 320 28.14 7.63 -54.25
C SER B 320 28.22 6.14 -54.57
N ALA B 321 27.06 5.49 -54.65
CA ALA B 321 27.04 4.05 -54.90
C ALA B 321 27.69 3.70 -56.23
N ASP B 322 27.61 4.60 -57.21
CA ASP B 322 28.26 4.30 -58.47
C ASP B 322 29.78 4.44 -58.36
N THR B 323 30.25 5.51 -57.72
CA THR B 323 31.68 5.58 -57.43
C THR B 323 32.17 4.29 -56.79
N LEU B 324 31.41 3.78 -55.80
CA LEU B 324 31.89 2.62 -55.04
C LEU B 324 31.79 1.34 -55.85
N TRP B 325 30.65 1.14 -56.53
CA TRP B 325 30.49 -0.06 -57.32
C TRP B 325 31.50 -0.15 -58.46
N ASP B 326 31.89 0.99 -59.03
CA ASP B 326 32.93 0.96 -60.08
C ASP B 326 34.18 0.25 -59.59
N ILE B 327 34.53 0.47 -58.32
CA ILE B 327 35.67 -0.22 -57.73
C ILE B 327 35.32 -1.67 -57.45
N GLN B 328 34.15 -1.90 -56.85
CA GLN B 328 33.77 -3.25 -56.41
C GLN B 328 33.77 -4.24 -57.56
N LYS B 329 33.14 -3.87 -58.69
CA LYS B 329 32.87 -4.81 -59.77
C LYS B 329 34.15 -5.49 -60.27
N ASP B 330 35.27 -4.80 -60.18
CA ASP B 330 36.53 -5.34 -60.67
C ASP B 330 37.34 -6.09 -59.61
N LEU B 331 36.70 -6.50 -58.50
CA LEU B 331 37.41 -7.17 -57.42
C LEU B 331 37.33 -8.69 -57.60
N LYS B 332 38.48 -9.35 -57.60
CA LYS B 332 38.60 -10.77 -57.89
C LYS B 332 39.06 -11.55 -56.66
N ASP B 333 39.01 -12.88 -56.78
CA ASP B 333 39.51 -13.81 -55.76
C ASP B 333 38.84 -13.55 -54.40
N LEU B 334 37.56 -13.25 -54.43
CA LEU B 334 36.81 -12.98 -53.21
C LEU B 334 35.91 -14.18 -52.91
N ALA C 2 2.24 3.56 41.95
CA ALA C 2 1.56 3.57 40.65
C ALA C 2 1.29 4.99 40.18
N THR C 3 0.81 5.11 38.94
CA THR C 3 0.42 6.41 38.42
C THR C 3 -0.72 6.99 39.24
N LEU C 4 -0.83 8.33 39.23
CA LEU C 4 -1.88 8.98 40.00
C LEU C 4 -3.26 8.52 39.55
N LYS C 5 -3.44 8.27 38.25
CA LYS C 5 -4.73 7.83 37.75
C LYS C 5 -5.12 6.48 38.35
N GLU C 6 -4.18 5.52 38.36
CA GLU C 6 -4.50 4.21 38.95
C GLU C 6 -4.73 4.30 40.44
N LYS C 7 -4.00 5.18 41.13
CA LYS C 7 -4.23 5.37 42.57
C LYS C 7 -5.63 5.92 42.82
N LEU C 8 -6.02 6.94 42.07
CA LEU C 8 -7.21 7.75 42.35
C LEU C 8 -8.50 7.14 41.81
N ILE C 9 -8.46 6.55 40.61
CA ILE C 9 -9.67 6.12 39.90
C ILE C 9 -9.73 4.60 39.88
N ALA C 10 -10.77 4.04 40.49
CA ALA C 10 -11.02 2.61 40.31
C ALA C 10 -12.01 2.42 39.17
N PRO C 11 -11.71 1.56 38.19
CA PRO C 11 -12.63 1.38 37.05
C PRO C 11 -13.82 0.52 37.41
N VAL C 12 -15.01 1.02 37.09
CA VAL C 12 -16.22 0.20 37.22
C VAL C 12 -16.59 -0.46 35.90
N ALA C 13 -16.18 0.10 34.75
CA ALA C 13 -16.41 -0.52 33.45
C ALA C 13 -15.09 -0.64 32.71
N GLU C 14 -14.98 -1.68 31.88
CA GLU C 14 -13.81 -1.83 31.00
C GLU C 14 -13.66 -0.58 30.15
N GLU C 15 -12.41 -0.26 29.78
CA GLU C 15 -12.12 1.00 29.12
C GLU C 15 -13.06 1.27 27.96
N GLU C 16 -13.14 0.33 27.02
CA GLU C 16 -13.91 0.53 25.79
C GLU C 16 -13.43 1.85 25.16
N ALA C 17 -14.35 2.73 24.76
CA ALA C 17 -14.02 4.01 24.18
C ALA C 17 -15.24 4.90 24.37
N THR C 18 -15.53 5.73 23.38
CA THR C 18 -16.73 6.55 23.38
C THR C 18 -17.17 6.67 21.94
N VAL C 19 -18.43 6.35 21.64
CA VAL C 19 -18.96 6.57 20.30
C VAL C 19 -19.55 7.97 20.27
N PRO C 20 -18.91 8.95 19.63
CA PRO C 20 -19.43 10.33 19.68
C PRO C 20 -20.90 10.36 19.27
N ASN C 21 -21.70 11.05 20.08
CA ASN C 21 -23.12 11.19 19.82
C ASN C 21 -23.41 12.37 18.91
N ASN C 22 -22.95 13.55 19.32
CA ASN C 22 -23.22 14.79 18.60
C ASN C 22 -21.94 15.51 18.25
N LYS C 23 -21.08 14.82 17.50
CA LYS C 23 -19.86 15.41 16.97
C LYS C 23 -20.18 16.39 15.84
N ILE C 24 -19.52 17.55 15.88
CA ILE C 24 -19.63 18.58 14.85
C ILE C 24 -18.23 18.89 14.37
N THR C 25 -18.08 19.09 13.07
CA THR C 25 -16.80 19.51 12.50
C THR C 25 -16.99 20.91 11.91
N VAL C 26 -16.02 21.80 12.13
CA VAL C 26 -16.01 23.08 11.44
C VAL C 26 -14.75 23.15 10.57
N VAL C 27 -14.94 23.29 9.24
CA VAL C 27 -13.85 23.38 8.27
C VAL C 27 -13.58 24.85 7.96
N GLY C 28 -12.35 25.28 8.25
CA GLY C 28 -11.99 26.69 8.23
C GLY C 28 -12.13 27.34 9.59
N VAL C 29 -11.00 27.71 10.21
CA VAL C 29 -11.03 28.29 11.55
C VAL C 29 -10.77 29.80 11.44
N GLY C 30 -11.27 30.42 10.36
CA GLY C 30 -11.16 31.85 10.17
C GLY C 30 -12.17 32.63 10.99
N GLN C 31 -12.38 33.89 10.59
CA GLN C 31 -13.40 34.70 11.27
C GLN C 31 -14.73 33.96 11.40
N VAL C 32 -15.30 33.51 10.28
CA VAL C 32 -16.61 32.86 10.32
C VAL C 32 -16.53 31.51 11.00
N GLY C 33 -15.46 30.75 10.74
CA GLY C 33 -15.35 29.43 11.33
C GLY C 33 -15.34 29.48 12.84
N MET C 34 -14.52 30.38 13.40
CA MET C 34 -14.45 30.49 14.86
C MET C 34 -15.71 31.14 15.43
N ALA C 35 -16.33 32.10 14.73
CA ALA C 35 -17.62 32.59 15.23
C ALA C 35 -18.60 31.43 15.34
N CYS C 36 -18.65 30.57 14.32
CA CYS C 36 -19.46 29.36 14.41
C CYS C 36 -19.05 28.51 15.63
N ALA C 37 -17.76 28.19 15.74
CA ALA C 37 -17.27 27.34 16.83
C ALA C 37 -17.77 27.84 18.17
N ILE C 38 -17.56 29.14 18.46
CA ILE C 38 -17.86 29.67 19.79
C ILE C 38 -19.37 29.72 20.00
N SER C 39 -20.14 29.97 18.94
CA SER C 39 -21.59 29.93 19.10
C SER C 39 -22.08 28.51 19.37
N ILE C 40 -21.53 27.53 18.65
CA ILE C 40 -21.88 26.14 18.87
C ILE C 40 -21.52 25.73 20.30
N LEU C 41 -20.34 26.14 20.76
CA LEU C 41 -19.86 25.76 22.09
C LEU C 41 -20.65 26.44 23.20
N GLY C 42 -21.03 27.71 22.98
CA GLY C 42 -21.80 28.45 23.96
C GLY C 42 -23.19 27.88 24.20
N LYS C 43 -23.74 27.19 23.22
CA LYS C 43 -25.02 26.51 23.38
C LYS C 43 -24.88 25.03 23.71
N SER C 44 -23.67 24.53 23.96
CA SER C 44 -23.49 23.12 24.34
C SER C 44 -24.10 22.20 23.27
N LEU C 45 -23.89 22.54 22.01
CA LEU C 45 -24.51 21.77 20.95
C LEU C 45 -23.72 20.51 20.63
N ALA C 46 -22.42 20.49 20.89
CA ALA C 46 -21.56 19.40 20.50
C ALA C 46 -20.93 18.74 21.72
N ASP C 47 -20.91 17.40 21.73
CA ASP C 47 -20.10 16.65 22.69
C ASP C 47 -18.66 16.51 22.23
N GLU C 48 -18.40 16.76 20.96
CA GLU C 48 -17.07 16.67 20.38
C GLU C 48 -17.00 17.66 19.22
N LEU C 49 -16.00 18.53 19.23
CA LEU C 49 -15.81 19.50 18.15
C LEU C 49 -14.48 19.24 17.48
N ALA C 50 -14.51 19.06 16.15
CA ALA C 50 -13.32 18.87 15.35
C ALA C 50 -13.15 20.05 14.40
N LEU C 51 -11.92 20.55 14.32
CA LEU C 51 -11.59 21.71 13.51
C LEU C 51 -10.62 21.29 12.41
N VAL C 52 -10.86 21.77 11.19
CA VAL C 52 -9.96 21.51 10.07
C VAL C 52 -9.63 22.82 9.39
N ASP C 53 -8.38 22.96 8.95
CA ASP C 53 -7.94 24.08 8.13
C ASP C 53 -6.76 23.61 7.30
N VAL C 54 -6.30 24.45 6.35
CA VAL C 54 -5.06 24.14 5.66
C VAL C 54 -3.85 24.78 6.32
N LEU C 55 -4.04 25.80 7.16
CA LEU C 55 -2.93 26.41 7.92
C LEU C 55 -2.81 25.69 9.26
N GLU C 56 -1.74 24.90 9.42
CA GLU C 56 -1.63 23.99 10.58
C GLU C 56 -1.48 24.74 11.89
N ASP C 57 -0.73 25.85 11.89
CA ASP C 57 -0.42 26.54 13.13
C ASP C 57 -1.64 27.30 13.65
N LYS C 58 -2.26 28.11 12.79
CA LYS C 58 -3.54 28.72 13.13
C LYS C 58 -4.50 27.67 13.67
N LEU C 59 -4.61 26.55 12.98
CA LEU C 59 -5.51 25.49 13.41
C LEU C 59 -5.22 25.07 14.85
N LYS C 60 -3.96 24.72 15.13
CA LYS C 60 -3.57 24.28 16.46
C LYS C 60 -3.82 25.35 17.51
N GLY C 61 -3.48 26.60 17.19
CA GLY C 61 -3.73 27.69 18.12
C GLY C 61 -5.20 27.87 18.46
N GLU C 62 -6.07 27.80 17.43
CA GLU C 62 -7.51 27.88 17.69
C GLU C 62 -7.96 26.73 18.58
N MET C 63 -7.49 25.52 18.25
CA MET C 63 -7.80 24.34 19.07
C MET C 63 -7.42 24.56 20.52
N MET C 64 -6.19 25.03 20.75
CA MET C 64 -5.65 25.21 22.11
C MET C 64 -6.38 26.30 22.86
N ASP C 65 -6.66 27.42 22.19
CA ASP C 65 -7.39 28.51 22.84
C ASP C 65 -8.76 28.03 23.31
N LEU C 66 -9.49 27.29 22.46
CA LEU C 66 -10.78 26.75 22.90
C LEU C 66 -10.62 25.72 24.01
N GLN C 67 -9.58 24.91 23.93
CA GLN C 67 -9.35 23.92 24.96
C GLN C 67 -9.15 24.62 26.29
N HIS C 68 -8.47 25.76 26.31
CA HIS C 68 -8.25 26.44 27.58
C HIS C 68 -9.54 27.01 28.15
N GLY C 69 -10.58 27.20 27.36
CA GLY C 69 -11.81 27.59 28.02
C GLY C 69 -12.72 26.43 28.37
N SER C 70 -12.22 25.19 28.29
CA SER C 70 -13.02 24.00 28.56
C SER C 70 -13.75 24.08 29.90
N LEU C 71 -13.15 24.71 30.91
CA LEU C 71 -13.80 24.74 32.22
C LEU C 71 -15.19 25.38 32.15
N PHE C 72 -15.37 26.36 31.27
CA PHE C 72 -16.63 27.10 31.19
C PHE C 72 -17.62 26.50 30.20
N LEU C 73 -17.27 25.38 29.57
CA LEU C 73 -18.01 24.77 28.49
C LEU C 73 -18.55 23.42 28.92
N GLN C 74 -19.30 22.79 28.01
CA GLN C 74 -19.83 21.45 28.19
C GLN C 74 -19.54 20.59 26.99
N THR C 75 -18.33 20.70 26.44
CA THR C 75 -17.90 19.95 25.27
C THR C 75 -16.60 19.23 25.64
N PRO C 76 -16.67 17.97 26.05
CA PRO C 76 -15.51 17.33 26.68
C PRO C 76 -14.38 16.97 25.72
N LYS C 77 -14.56 17.09 24.41
CA LYS C 77 -13.48 16.75 23.47
C LYS C 77 -13.44 17.77 22.33
N ILE C 78 -12.30 18.44 22.19
CA ILE C 78 -12.09 19.43 21.12
C ILE C 78 -10.81 19.02 20.39
N VAL C 79 -10.90 18.77 19.09
CA VAL C 79 -9.75 18.28 18.34
C VAL C 79 -9.63 19.05 17.04
N ALA C 80 -8.42 19.03 16.48
CA ALA C 80 -8.18 19.74 15.23
C ALA C 80 -7.06 19.02 14.51
N ASP C 81 -7.12 19.06 13.18
CA ASP C 81 -6.10 18.43 12.35
C ASP C 81 -6.36 18.80 10.89
N LYS C 82 -5.28 18.89 10.12
CA LYS C 82 -5.39 19.02 8.67
C LYS C 82 -5.88 17.74 8.03
N ASP C 83 -5.73 16.60 8.71
CA ASP C 83 -6.21 15.32 8.21
C ASP C 83 -7.65 15.10 8.62
N TYR C 84 -8.51 14.86 7.62
CA TYR C 84 -9.94 14.69 7.88
C TYR C 84 -10.26 13.44 8.69
N SER C 85 -9.30 12.54 8.93
CA SER C 85 -9.56 11.48 9.89
C SER C 85 -10.11 12.03 11.21
N VAL C 86 -9.65 13.22 11.62
CA VAL C 86 -10.13 13.83 12.86
C VAL C 86 -11.64 14.08 12.86
N THR C 87 -12.26 14.18 11.69
CA THR C 87 -13.67 14.55 11.57
C THR C 87 -14.61 13.36 11.54
N ALA C 88 -14.08 12.14 11.64
CA ALA C 88 -14.90 10.95 11.41
C ALA C 88 -16.12 10.92 12.32
N ASN C 89 -17.24 10.47 11.77
CA ASN C 89 -18.50 10.26 12.48
C ASN C 89 -19.16 11.56 12.94
N SER C 90 -18.84 12.68 12.32
CA SER C 90 -19.56 13.91 12.62
C SER C 90 -21.04 13.78 12.23
N LYS C 91 -21.92 14.32 13.06
CA LYS C 91 -23.32 14.43 12.66
C LYS C 91 -23.50 15.59 11.69
N ILE C 92 -22.73 16.67 11.90
CA ILE C 92 -22.86 17.89 11.11
C ILE C 92 -21.48 18.43 10.80
N VAL C 93 -21.26 18.78 9.55
CA VAL C 93 -20.01 19.37 9.10
C VAL C 93 -20.32 20.73 8.48
N VAL C 94 -19.80 21.79 9.13
CA VAL C 94 -19.96 23.17 8.68
C VAL C 94 -18.75 23.54 7.84
N VAL C 95 -19.00 23.99 6.61
CA VAL C 95 -17.94 24.42 5.71
C VAL C 95 -17.95 25.94 5.65
N THR C 96 -16.90 26.54 6.19
CA THR C 96 -16.65 27.97 6.10
C THR C 96 -15.31 28.25 5.43
N ALA C 97 -14.74 27.26 4.75
CA ALA C 97 -13.43 27.41 4.12
C ALA C 97 -13.53 28.15 2.80
N GLY C 98 -12.54 28.98 2.53
CA GLY C 98 -12.43 29.61 1.23
C GLY C 98 -12.11 31.09 1.26
N VAL C 99 -12.04 31.71 0.06
CA VAL C 99 -11.85 33.15 -0.01
C VAL C 99 -13.17 33.86 0.28
N ARG C 100 -13.08 35.13 0.60
CA ARG C 100 -14.21 35.95 0.95
C ARG C 100 -14.18 37.23 0.12
N GLN C 101 -15.30 37.96 0.14
CA GLN C 101 -15.41 39.20 -0.62
C GLN C 101 -14.36 40.20 -0.17
N GLN C 102 -13.67 40.79 -1.15
CA GLN C 102 -12.98 42.04 -0.89
C GLN C 102 -14.01 43.17 -0.80
N GLU C 103 -13.56 44.35 -0.38
CA GLU C 103 -14.51 45.46 -0.28
C GLU C 103 -15.20 45.70 -1.62
N GLY C 104 -16.54 45.85 -1.58
CA GLY C 104 -17.33 46.08 -2.77
C GLY C 104 -17.42 44.95 -3.77
N GLU C 105 -16.91 43.76 -3.45
CA GLU C 105 -16.84 42.67 -4.42
C GLU C 105 -18.00 41.72 -4.24
N SER C 106 -18.56 41.26 -5.36
CA SER C 106 -19.75 40.42 -5.33
C SER C 106 -19.40 38.99 -4.90
N ARG C 107 -20.34 38.35 -4.19
CA ARG C 107 -20.08 36.98 -3.78
C ARG C 107 -19.90 36.04 -4.98
N LEU C 108 -20.57 36.33 -6.11
CA LEU C 108 -20.51 35.43 -7.26
C LEU C 108 -19.09 35.40 -7.87
N ASN C 109 -18.36 36.50 -7.75
CA ASN C 109 -16.99 36.51 -8.24
C ASN C 109 -16.10 35.49 -7.55
N LEU C 110 -16.52 34.98 -6.37
CA LEU C 110 -15.71 34.01 -5.64
C LEU C 110 -15.86 32.58 -6.14
N VAL C 111 -16.76 32.32 -7.10
CA VAL C 111 -17.15 30.94 -7.43
C VAL C 111 -15.92 30.09 -7.75
N GLN C 112 -15.23 30.42 -8.84
CA GLN C 112 -14.09 29.64 -9.32
C GLN C 112 -13.18 29.22 -8.17
N ARG C 113 -12.45 30.18 -7.61
CA ARG C 113 -11.55 29.87 -6.50
C ARG C 113 -12.21 28.87 -5.54
N ASN C 114 -13.39 29.20 -5.03
CA ASN C 114 -13.93 28.38 -3.95
C ASN C 114 -14.44 27.03 -4.45
N VAL C 115 -14.85 26.93 -5.72
CA VAL C 115 -15.10 25.61 -6.29
C VAL C 115 -13.84 24.76 -6.22
N ASN C 116 -12.70 25.35 -6.61
CA ASN C 116 -11.43 24.64 -6.47
C ASN C 116 -11.17 24.23 -5.02
N VAL C 117 -11.59 25.06 -4.04
CA VAL C 117 -11.44 24.64 -2.64
C VAL C 117 -12.36 23.47 -2.35
N PHE C 118 -13.62 23.57 -2.75
CA PHE C 118 -14.57 22.54 -2.36
C PHE C 118 -14.21 21.21 -3.01
N LYS C 119 -13.72 21.24 -4.25
CA LYS C 119 -13.24 20.03 -4.90
C LYS C 119 -12.26 19.27 -4.03
N PHE C 120 -11.47 19.97 -3.21
CA PHE C 120 -10.63 19.21 -2.29
C PHE C 120 -11.40 18.76 -1.06
N ILE C 121 -12.15 19.64 -0.41
CA ILE C 121 -12.57 19.29 0.94
C ILE C 121 -13.90 18.53 1.01
N ILE C 122 -14.79 18.67 0.03
CA ILE C 122 -16.04 17.92 0.07
C ILE C 122 -15.77 16.42 -0.01
N PRO C 123 -14.98 15.91 -0.95
CA PRO C 123 -14.73 14.46 -0.98
C PRO C 123 -14.08 13.94 0.30
N GLN C 124 -13.35 14.78 1.00
CA GLN C 124 -12.76 14.31 2.27
C GLN C 124 -13.84 14.13 3.32
N ILE C 125 -14.74 15.11 3.45
CA ILE C 125 -15.82 15.03 4.44
C ILE C 125 -16.58 13.72 4.28
N VAL C 126 -17.07 13.45 3.07
CA VAL C 126 -17.88 12.25 2.89
C VAL C 126 -17.03 11.00 3.07
N LYS C 127 -15.73 11.09 2.80
CA LYS C 127 -14.85 9.94 3.02
C LYS C 127 -14.92 9.50 4.47
N TYR C 128 -14.97 10.46 5.40
CA TYR C 128 -14.85 10.11 6.82
C TYR C 128 -16.13 10.28 7.61
N SER C 129 -17.18 10.86 7.01
CA SER C 129 -18.49 10.99 7.64
C SER C 129 -19.55 10.84 6.56
N PRO C 130 -19.71 9.62 6.03
CA PRO C 130 -20.66 9.42 4.93
C PRO C 130 -22.09 9.69 5.32
N ASP C 131 -22.42 9.66 6.61
CA ASP C 131 -23.78 9.85 7.10
C ASP C 131 -24.07 11.26 7.59
N CYS C 132 -23.12 12.19 7.47
CA CYS C 132 -23.30 13.51 8.05
C CYS C 132 -24.27 14.39 7.23
N ILE C 133 -24.71 15.48 7.85
CA ILE C 133 -25.31 16.63 7.18
C ILE C 133 -24.20 17.65 6.94
N ILE C 134 -24.16 18.24 5.74
CA ILE C 134 -23.26 19.34 5.47
C ILE C 134 -24.05 20.64 5.48
N ILE C 135 -23.54 21.63 6.21
CA ILE C 135 -24.03 23.00 6.18
C ILE C 135 -22.96 23.83 5.49
N VAL C 136 -23.26 24.33 4.28
CA VAL C 136 -22.31 25.14 3.51
C VAL C 136 -22.49 26.60 3.93
N VAL C 137 -21.38 27.29 4.21
CA VAL C 137 -21.44 28.70 4.56
C VAL C 137 -20.60 29.51 3.57
N SER C 138 -19.54 28.91 3.05
CA SER C 138 -18.62 29.62 2.18
C SER C 138 -19.36 30.23 0.98
N ASN C 139 -18.77 31.41 0.42
CA ASN C 139 -19.57 32.09 -0.60
C ASN C 139 -19.04 31.83 -2.01
N PRO C 140 -19.91 31.87 -3.03
CA PRO C 140 -21.37 32.12 -2.98
C PRO C 140 -22.15 30.91 -2.44
N VAL C 141 -22.88 31.06 -1.32
CA VAL C 141 -23.31 29.89 -0.55
C VAL C 141 -24.32 29.03 -1.33
N ASP C 142 -25.27 29.64 -2.05
CA ASP C 142 -26.21 28.81 -2.82
C ASP C 142 -25.48 27.94 -3.86
N ILE C 143 -24.65 28.57 -4.69
CA ILE C 143 -23.91 27.84 -5.72
C ILE C 143 -22.99 26.80 -5.08
N LEU C 144 -22.29 27.18 -4.02
CA LEU C 144 -21.42 26.21 -3.39
C LEU C 144 -22.21 25.07 -2.75
N THR C 145 -23.48 25.28 -2.39
CA THR C 145 -24.24 24.15 -1.87
C THR C 145 -24.60 23.21 -2.98
N TYR C 146 -24.98 23.75 -4.14
CA TYR C 146 -25.16 22.91 -5.32
C TYR C 146 -23.91 22.10 -5.63
N VAL C 147 -22.75 22.75 -5.58
CA VAL C 147 -21.48 22.09 -5.88
C VAL C 147 -21.18 21.00 -4.86
N THR C 148 -21.50 21.26 -3.58
CA THR C 148 -21.31 20.24 -2.55
C THR C 148 -22.23 19.06 -2.79
N TRP C 149 -23.48 19.35 -3.18
CA TRP C 149 -24.42 18.28 -3.48
C TRP C 149 -23.86 17.38 -4.58
N LYS C 150 -23.34 17.99 -5.64
CA LYS C 150 -22.86 17.18 -6.75
C LYS C 150 -21.59 16.42 -6.37
N LEU C 151 -20.65 17.08 -5.68
CA LEU C 151 -19.40 16.42 -5.31
C LEU C 151 -19.62 15.31 -4.29
N SER C 152 -20.56 15.52 -3.36
CA SER C 152 -20.69 14.69 -2.17
C SER C 152 -21.50 13.43 -2.42
N GLY C 153 -22.43 13.49 -3.38
CA GLY C 153 -23.33 12.37 -3.62
C GLY C 153 -24.32 12.13 -2.51
N LEU C 154 -24.39 13.01 -1.53
CA LEU C 154 -25.34 12.84 -0.46
C LEU C 154 -26.75 13.15 -0.95
N PRO C 155 -27.77 12.69 -0.23
CA PRO C 155 -29.14 13.08 -0.57
C PRO C 155 -29.40 14.56 -0.32
N LYS C 156 -30.29 15.13 -1.13
CA LYS C 156 -30.66 16.54 -1.00
C LYS C 156 -30.89 16.96 0.45
N HIS C 157 -31.56 16.14 1.24
CA HIS C 157 -31.94 16.57 2.58
C HIS C 157 -30.76 16.63 3.55
N ARG C 158 -29.56 16.27 3.12
CA ARG C 158 -28.41 16.35 4.00
C ARG C 158 -27.34 17.32 3.47
N VAL C 159 -27.69 18.17 2.50
CA VAL C 159 -26.79 19.20 2.00
C VAL C 159 -27.57 20.51 2.08
N ILE C 160 -27.14 21.41 2.97
CA ILE C 160 -27.93 22.56 3.37
C ILE C 160 -27.06 23.81 3.29
N GLY C 161 -27.56 24.86 2.64
CA GLY C 161 -26.84 26.11 2.54
C GLY C 161 -27.37 27.07 3.58
N SER C 162 -26.44 27.76 4.27
CA SER C 162 -26.92 28.63 5.34
C SER C 162 -27.86 29.68 4.78
N GLY C 163 -27.71 30.03 3.51
CA GLY C 163 -28.79 30.66 2.76
C GLY C 163 -29.18 31.99 3.35
N CYS C 164 -30.49 32.28 3.30
CA CYS C 164 -31.02 33.56 3.77
C CYS C 164 -31.42 33.56 5.26
N ASN C 165 -31.10 32.50 6.02
CA ASN C 165 -31.30 32.61 7.47
C ASN C 165 -30.71 33.93 7.98
N LEU C 166 -29.52 34.29 7.51
CA LEU C 166 -28.95 35.55 7.98
C LEU C 166 -29.67 36.75 7.39
N ASP C 167 -29.93 36.75 6.08
CA ASP C 167 -30.63 37.88 5.47
C ASP C 167 -31.91 38.19 6.21
N SER C 168 -32.74 37.16 6.42
CA SER C 168 -33.99 37.36 7.16
C SER C 168 -33.71 37.88 8.56
N ALA C 169 -32.72 37.30 9.25
CA ALA C 169 -32.31 37.83 10.54
C ALA C 169 -32.13 39.34 10.47
N ARG C 170 -31.35 39.79 9.48
CA ARG C 170 -31.15 41.21 9.28
C ARG C 170 -32.47 41.93 9.01
N PHE C 171 -33.22 41.40 8.05
CA PHE C 171 -34.53 41.97 7.75
C PHE C 171 -35.30 42.17 9.03
N ARG C 172 -35.37 41.12 9.85
CA ARG C 172 -36.20 41.19 11.05
C ARG C 172 -35.64 42.22 12.03
N TYR C 173 -34.31 42.26 12.15
CA TYR C 173 -33.70 43.30 12.99
C TYR C 173 -34.12 44.69 12.52
N LEU C 174 -34.02 44.96 11.20
CA LEU C 174 -34.39 46.30 10.74
C LEU C 174 -35.89 46.54 10.95
N MET C 175 -36.68 45.50 10.72
CA MET C 175 -38.09 45.56 11.06
C MET C 175 -38.25 45.94 12.53
N ALA C 176 -37.51 45.25 13.40
CA ALA C 176 -37.67 45.49 14.84
C ALA C 176 -37.29 46.92 15.17
N GLU C 177 -36.24 47.44 14.52
CA GLU C 177 -35.85 48.81 14.82
C GLU C 177 -36.94 49.79 14.42
N LYS C 178 -37.72 49.47 13.39
CA LYS C 178 -38.81 50.34 13.01
C LYS C 178 -39.90 50.35 14.06
N LEU C 179 -40.21 49.20 14.65
CA LEU C 179 -41.45 49.06 15.42
C LEU C 179 -41.23 49.04 16.91
N GLY C 180 -39.98 49.08 17.37
CA GLY C 180 -39.68 49.00 18.79
C GLY C 180 -40.07 47.69 19.42
N ILE C 181 -39.94 46.58 18.70
CA ILE C 181 -40.26 45.26 19.21
C ILE C 181 -39.10 44.33 18.88
N HIS C 182 -39.08 43.19 19.59
CA HIS C 182 -37.98 42.24 19.44
C HIS C 182 -38.01 41.61 18.05
N PRO C 183 -36.86 41.46 17.40
CA PRO C 183 -36.84 40.78 16.09
C PRO C 183 -37.62 39.48 16.07
N SER C 184 -37.65 38.75 17.21
CA SER C 184 -38.39 37.48 17.26
C SER C 184 -39.89 37.68 17.12
N SER C 185 -40.39 38.86 17.47
CA SER C 185 -41.81 39.13 17.33
C SER C 185 -42.14 39.78 15.98
N CYS C 186 -41.13 39.99 15.14
CA CYS C 186 -41.30 40.47 13.77
C CYS C 186 -41.10 39.32 12.81
N HIS C 187 -42.07 39.09 11.93
CA HIS C 187 -42.01 37.95 11.01
C HIS C 187 -41.97 38.44 9.56
N GLY C 188 -40.92 38.08 8.85
CA GLY C 188 -40.78 38.38 7.43
C GLY C 188 -39.70 37.48 6.86
N TRP C 189 -39.76 37.25 5.55
CA TRP C 189 -38.92 36.24 4.92
C TRP C 189 -38.16 36.83 3.74
N ILE C 190 -36.84 36.75 3.77
CA ILE C 190 -35.98 37.01 2.61
C ILE C 190 -35.60 35.67 2.00
N LEU C 191 -35.82 35.52 0.68
CA LEU C 191 -35.64 34.23 0.01
C LEU C 191 -34.78 34.43 -1.26
N GLY C 192 -34.57 33.34 -1.97
CA GLY C 192 -33.72 33.38 -3.15
C GLY C 192 -32.26 33.40 -2.78
N GLU C 193 -31.49 34.15 -3.57
CA GLU C 193 -30.05 34.23 -3.44
C GLU C 193 -29.67 34.91 -2.15
N HIS C 194 -28.63 34.38 -1.49
CA HIS C 194 -28.02 35.08 -0.37
C HIS C 194 -27.05 36.06 -1.01
N GLY C 195 -27.57 37.22 -1.39
CA GLY C 195 -26.82 38.14 -2.23
C GLY C 195 -27.74 39.14 -2.92
N ASP C 196 -27.22 39.75 -3.99
CA ASP C 196 -27.85 40.95 -4.52
C ASP C 196 -29.24 40.69 -5.07
N SER C 197 -29.57 39.44 -5.41
CA SER C 197 -30.81 39.13 -6.11
C SER C 197 -31.88 38.53 -5.18
N SER C 198 -31.72 38.72 -3.87
CA SER C 198 -32.67 38.15 -2.93
C SER C 198 -34.03 38.85 -3.01
N VAL C 199 -35.05 38.16 -2.50
CA VAL C 199 -36.45 38.54 -2.63
C VAL C 199 -37.04 38.77 -1.25
N ALA C 200 -37.57 39.97 -1.01
CA ALA C 200 -38.39 40.28 0.17
C ALA C 200 -39.82 39.81 -0.04
N VAL C 201 -40.25 38.81 0.72
CA VAL C 201 -41.61 38.32 0.60
C VAL C 201 -42.53 39.26 1.35
N TRP C 202 -42.84 40.40 0.72
CA TRP C 202 -43.66 41.42 1.37
C TRP C 202 -45.00 40.85 1.81
N SER C 203 -45.56 39.92 1.03
CA SER C 203 -46.89 39.42 1.36
C SER C 203 -46.92 38.64 2.67
N GLY C 204 -45.76 38.22 3.16
CA GLY C 204 -45.69 37.48 4.40
C GLY C 204 -45.28 38.27 5.62
N VAL C 205 -44.91 39.55 5.48
CA VAL C 205 -44.40 40.32 6.59
C VAL C 205 -45.54 40.64 7.56
N ASN C 206 -45.36 40.26 8.83
CA ASN C 206 -46.48 40.37 9.74
C ASN C 206 -45.97 40.48 11.17
N VAL C 207 -46.77 41.16 11.99
CA VAL C 207 -46.56 41.24 13.44
C VAL C 207 -47.81 40.66 14.09
N ALA C 208 -47.66 39.57 14.82
CA ALA C 208 -48.78 38.94 15.50
C ALA C 208 -49.85 38.48 14.51
N GLY C 209 -49.43 38.05 13.32
CA GLY C 209 -50.36 37.65 12.30
C GLY C 209 -51.05 38.79 11.58
N VAL C 210 -50.67 40.04 11.87
CA VAL C 210 -51.18 41.19 11.14
C VAL C 210 -50.31 41.41 9.90
N SER C 211 -50.92 41.30 8.71
CA SER C 211 -50.20 41.53 7.46
C SER C 211 -49.86 43.00 7.34
N LEU C 212 -48.58 43.34 7.39
CA LEU C 212 -48.16 44.72 7.23
C LEU C 212 -48.40 45.23 5.80
N GLN C 213 -48.52 44.33 4.81
CA GLN C 213 -48.82 44.76 3.44
C GLN C 213 -50.30 45.05 3.28
N GLU C 214 -51.17 44.43 4.08
CA GLU C 214 -52.53 44.91 4.23
C GLU C 214 -52.52 46.37 4.69
N LEU C 215 -51.90 46.64 5.84
CA LEU C 215 -51.91 47.99 6.39
C LEU C 215 -51.21 49.00 5.48
N ASN C 216 -50.20 48.56 4.72
CA ASN C 216 -49.52 49.43 3.75
C ASN C 216 -49.48 48.69 2.42
N PRO C 217 -50.57 48.73 1.64
CA PRO C 217 -50.63 47.97 0.38
C PRO C 217 -49.58 48.38 -0.65
N GLU C 218 -48.84 49.47 -0.42
CA GLU C 218 -47.79 49.92 -1.32
C GLU C 218 -46.40 49.45 -0.86
N MET C 219 -46.36 48.53 0.09
CA MET C 219 -45.11 48.04 0.64
C MET C 219 -44.28 47.36 -0.44
N GLY C 220 -43.04 47.82 -0.61
CA GLY C 220 -42.13 47.27 -1.58
C GLY C 220 -42.12 47.99 -2.93
N THR C 221 -43.08 48.89 -3.17
CA THR C 221 -43.13 49.65 -4.41
C THR C 221 -42.36 50.96 -4.26
N ASP C 222 -42.21 51.68 -5.36
CA ASP C 222 -41.55 52.97 -5.37
C ASP C 222 -42.48 54.11 -4.93
N ASN C 223 -43.73 53.80 -4.62
CA ASN C 223 -44.67 54.76 -4.10
C ASN C 223 -45.06 54.43 -2.66
N ASP C 224 -44.11 54.50 -1.74
CA ASP C 224 -44.41 54.03 -0.41
C ASP C 224 -43.97 55.06 0.62
N SER C 225 -44.94 55.51 1.44
CA SER C 225 -44.67 56.39 2.57
C SER C 225 -43.50 55.87 3.38
N GLU C 226 -43.66 54.72 4.02
CA GLU C 226 -42.53 53.99 4.58
C GLU C 226 -41.71 53.45 3.41
N ASN C 227 -40.39 53.57 3.45
CA ASN C 227 -39.65 53.00 2.32
C ASN C 227 -39.20 51.58 2.66
N TRP C 228 -40.16 50.65 2.58
CA TRP C 228 -39.89 49.25 2.85
C TRP C 228 -38.87 48.71 1.85
N LYS C 229 -38.99 49.14 0.59
CA LYS C 229 -37.93 48.88 -0.39
C LYS C 229 -36.56 49.26 0.17
N GLU C 230 -36.47 50.38 0.89
CA GLU C 230 -35.21 50.76 1.50
C GLU C 230 -34.74 49.73 2.52
N VAL C 231 -35.67 49.14 3.27
CA VAL C 231 -35.30 48.09 4.21
C VAL C 231 -34.73 46.88 3.47
N HIS C 232 -35.34 46.51 2.35
CA HIS C 232 -34.72 45.46 1.53
C HIS C 232 -33.33 45.88 1.08
N LYS C 233 -33.20 47.13 0.62
CA LYS C 233 -31.91 47.65 0.17
C LYS C 233 -30.85 47.48 1.25
N MET C 234 -31.18 47.91 2.47
CA MET C 234 -30.26 47.76 3.59
C MET C 234 -29.90 46.30 3.82
N VAL C 235 -30.88 45.40 3.71
CA VAL C 235 -30.56 43.98 3.81
C VAL C 235 -29.51 43.61 2.77
N VAL C 236 -29.71 44.04 1.52
CA VAL C 236 -28.80 43.64 0.45
C VAL C 236 -27.41 44.23 0.65
N GLU C 237 -27.36 45.49 1.09
CA GLU C 237 -26.14 46.24 1.26
C GLU C 237 -25.38 45.90 2.56
N SER C 238 -26.04 45.31 3.55
CA SER C 238 -25.47 45.20 4.88
C SER C 238 -24.09 44.52 4.85
N ALA C 239 -23.98 43.39 4.16
CA ALA C 239 -22.68 42.71 4.13
C ALA C 239 -21.60 43.63 3.60
N TYR C 240 -21.86 44.32 2.47
CA TYR C 240 -20.85 45.23 1.93
C TYR C 240 -20.50 46.31 2.93
N GLU C 241 -21.52 46.91 3.57
CA GLU C 241 -21.25 47.97 4.53
C GLU C 241 -20.38 47.47 5.70
N VAL C 242 -20.63 46.25 6.16
CA VAL C 242 -19.85 45.73 7.29
C VAL C 242 -18.45 45.31 6.85
N ILE C 243 -18.34 44.69 5.68
CA ILE C 243 -17.03 44.41 5.10
C ILE C 243 -16.20 45.68 4.99
N LYS C 244 -16.86 46.80 4.66
CA LYS C 244 -16.13 48.06 4.53
C LYS C 244 -15.76 48.66 5.88
N LEU C 245 -16.55 48.41 6.93
CA LEU C 245 -16.21 48.99 8.24
C LEU C 245 -15.19 48.15 9.01
N LYS C 246 -15.28 46.83 8.93
CA LYS C 246 -14.44 45.97 9.75
C LYS C 246 -13.78 44.84 8.95
N GLY C 247 -14.00 44.79 7.62
CA GLY C 247 -13.29 43.90 6.73
C GLY C 247 -13.98 42.58 6.41
N TYR C 248 -14.99 42.19 7.17
CA TYR C 248 -15.63 40.90 7.01
C TYR C 248 -16.83 40.92 7.93
N THR C 249 -17.65 39.88 7.87
CA THR C 249 -18.72 39.70 8.84
C THR C 249 -18.53 38.31 9.40
N ASN C 250 -18.94 38.12 10.66
CA ASN C 250 -18.76 36.80 11.25
C ASN C 250 -19.68 36.52 12.42
N TRP C 251 -19.98 37.52 13.26
CA TRP C 251 -20.75 37.22 14.47
C TRP C 251 -22.16 36.74 14.11
N ALA C 252 -22.86 37.49 13.23
CA ALA C 252 -24.25 37.15 12.94
C ALA C 252 -24.35 35.81 12.23
N ILE C 253 -23.46 35.52 11.30
CA ILE C 253 -23.58 34.23 10.62
C ILE C 253 -23.23 33.09 11.58
N GLY C 254 -22.31 33.31 12.51
CA GLY C 254 -22.08 32.29 13.53
C GLY C 254 -23.33 32.00 14.33
N LEU C 255 -24.03 33.06 14.75
CA LEU C 255 -25.27 32.86 15.50
C LEU C 255 -26.33 32.14 14.64
N SER C 256 -26.38 32.45 13.34
CA SER C 256 -27.36 31.81 12.47
C SER C 256 -27.05 30.33 12.24
N VAL C 257 -25.78 29.99 11.98
CA VAL C 257 -25.39 28.59 11.91
C VAL C 257 -25.79 27.86 13.19
N ALA C 258 -25.44 28.44 14.35
CA ALA C 258 -25.80 27.83 15.63
C ALA C 258 -27.30 27.55 15.69
N ASP C 259 -28.11 28.53 15.32
CA ASP C 259 -29.56 28.37 15.31
C ASP C 259 -29.97 27.16 14.45
N LEU C 260 -29.40 27.05 13.25
CA LEU C 260 -29.76 25.93 12.38
C LEU C 260 -29.38 24.59 13.01
N ILE C 261 -28.14 24.49 13.48
CA ILE C 261 -27.70 23.26 14.12
C ILE C 261 -28.62 22.92 15.28
N GLU C 262 -29.04 23.92 16.04
CA GLU C 262 -29.87 23.67 17.21
C GLU C 262 -31.19 23.02 16.82
N SER C 263 -31.84 23.55 15.77
CA SER C 263 -33.05 22.90 15.27
C SER C 263 -32.75 21.48 14.84
N MET C 264 -31.60 21.25 14.23
CA MET C 264 -31.35 19.91 13.72
C MET C 264 -31.09 18.93 14.88
N LEU C 265 -30.12 19.26 15.73
CA LEU C 265 -29.67 18.33 16.76
C LEU C 265 -30.75 18.06 17.81
N LYS C 266 -31.55 19.08 18.15
CA LYS C 266 -32.71 18.90 19.03
C LYS C 266 -33.96 18.39 18.31
N ASN C 267 -33.87 18.15 16.99
CA ASN C 267 -34.93 17.48 16.23
C ASN C 267 -36.25 18.24 16.29
N LEU C 268 -36.18 19.56 16.17
CA LEU C 268 -37.33 20.41 16.45
C LEU C 268 -38.32 20.52 15.28
N SER C 269 -37.89 20.26 14.05
CA SER C 269 -38.70 20.59 12.87
C SER C 269 -39.13 22.05 12.92
N ARG C 270 -38.13 22.92 13.04
N ARG C 270 -38.13 22.92 13.03
CA ARG C 270 -38.37 24.36 12.97
CA ARG C 270 -38.36 24.34 12.97
C ARG C 270 -38.10 24.81 11.55
C ARG C 270 -38.10 24.81 11.55
N ILE C 271 -38.75 25.90 11.16
CA ILE C 271 -38.72 26.36 9.77
C ILE C 271 -37.78 27.54 9.65
N HIS C 272 -36.78 27.41 8.77
CA HIS C 272 -35.76 28.41 8.51
C HIS C 272 -35.67 28.65 7.00
N PRO C 273 -35.37 29.87 6.55
CA PRO C 273 -35.06 30.06 5.12
C PRO C 273 -33.68 29.57 4.76
N VAL C 274 -33.56 28.37 4.20
CA VAL C 274 -32.25 27.83 3.88
C VAL C 274 -32.20 27.48 2.41
N SER C 275 -30.98 27.29 1.91
CA SER C 275 -30.71 27.08 0.50
C SER C 275 -30.81 25.60 0.16
N THR C 276 -31.75 25.25 -0.72
CA THR C 276 -31.99 23.88 -1.13
C THR C 276 -32.25 23.82 -2.64
N MET C 277 -32.41 22.60 -3.14
CA MET C 277 -32.62 22.34 -4.57
C MET C 277 -34.07 22.66 -4.92
N VAL C 278 -34.29 23.72 -5.69
CA VAL C 278 -35.63 24.25 -5.90
C VAL C 278 -36.13 23.99 -7.32
N LYS C 279 -35.49 23.09 -8.06
CA LYS C 279 -36.01 22.74 -9.38
C LYS C 279 -37.48 22.37 -9.28
N GLY C 280 -38.30 22.92 -10.16
CA GLY C 280 -39.68 22.50 -10.19
C GLY C 280 -40.61 23.27 -9.29
N MET C 281 -40.13 24.32 -8.65
CA MET C 281 -41.02 25.16 -7.86
C MET C 281 -41.05 26.55 -8.49
N TYR C 282 -42.24 27.14 -8.52
CA TYR C 282 -42.38 28.50 -8.99
C TYR C 282 -41.88 28.65 -10.42
N GLY C 283 -41.94 27.57 -11.20
CA GLY C 283 -41.51 27.59 -12.58
C GLY C 283 -40.02 27.47 -12.79
N ILE C 284 -39.26 27.16 -11.75
CA ILE C 284 -37.83 26.99 -11.91
C ILE C 284 -37.56 25.66 -12.59
N GLU C 285 -36.75 25.67 -13.66
CA GLU C 285 -36.66 24.52 -14.55
C GLU C 285 -35.43 23.63 -14.33
N ASN C 286 -34.41 24.14 -13.64
CA ASN C 286 -33.15 23.42 -13.44
C ASN C 286 -32.82 23.33 -11.95
N GLU C 287 -31.83 22.48 -11.65
CA GLU C 287 -31.43 22.20 -10.27
C GLU C 287 -30.73 23.43 -9.69
N VAL C 288 -31.48 24.48 -9.52
CA VAL C 288 -30.99 25.67 -8.86
C VAL C 288 -31.02 25.42 -7.36
N PHE C 289 -30.09 26.03 -6.64
CA PHE C 289 -30.13 26.05 -5.18
C PHE C 289 -30.40 27.48 -4.72
N LEU C 290 -31.42 27.66 -3.92
CA LEU C 290 -31.67 28.96 -3.31
C LEU C 290 -32.59 28.76 -2.12
N SER C 291 -32.80 29.82 -1.35
CA SER C 291 -33.41 29.68 -0.04
C SER C 291 -34.92 29.74 -0.14
N LEU C 292 -35.57 28.78 0.49
CA LEU C 292 -37.00 28.81 0.78
C LEU C 292 -37.16 28.43 2.24
N PRO C 293 -38.38 28.56 2.79
CA PRO C 293 -38.61 28.09 4.18
C PRO C 293 -38.65 26.58 4.22
N CYS C 294 -37.75 25.99 5.02
CA CYS C 294 -37.51 24.55 5.06
C CYS C 294 -37.59 24.06 6.51
N ILE C 295 -38.20 22.89 6.70
CA ILE C 295 -38.27 22.26 8.01
C ILE C 295 -36.96 21.55 8.27
N LEU C 296 -36.32 21.86 9.40
CA LEU C 296 -35.05 21.28 9.81
C LEU C 296 -35.27 20.49 11.09
N ASN C 297 -34.70 19.29 11.11
CA ASN C 297 -34.71 18.37 12.25
C ASN C 297 -33.48 17.47 12.17
N ALA C 298 -33.50 16.37 12.93
CA ALA C 298 -32.34 15.49 13.06
C ALA C 298 -32.03 14.79 11.75
N ARG C 299 -33.02 14.63 10.88
CA ARG C 299 -32.75 14.05 9.58
C ARG C 299 -32.12 15.06 8.62
N GLY C 300 -32.18 16.35 8.94
CA GLY C 300 -31.62 17.38 8.09
C GLY C 300 -32.67 18.36 7.58
N LEU C 301 -32.80 18.49 6.27
CA LEU C 301 -33.77 19.41 5.68
C LEU C 301 -34.79 18.55 4.96
N THR C 302 -35.92 18.29 5.61
CA THR C 302 -36.82 17.25 5.12
C THR C 302 -37.99 17.78 4.28
N SER C 303 -38.37 19.05 4.43
CA SER C 303 -39.53 19.62 3.73
C SER C 303 -39.28 21.07 3.35
N VAL C 304 -39.98 21.53 2.32
CA VAL C 304 -40.04 22.94 1.93
C VAL C 304 -41.47 23.40 2.15
N ILE C 305 -41.65 24.67 2.51
CA ILE C 305 -42.99 25.22 2.73
C ILE C 305 -43.49 25.78 1.40
N ASN C 306 -44.66 25.33 0.95
CA ASN C 306 -45.24 25.89 -0.28
C ASN C 306 -45.93 27.20 0.03
N GLN C 307 -45.58 28.26 -0.69
CA GLN C 307 -46.08 29.58 -0.39
C GLN C 307 -46.95 30.13 -1.53
N LYS C 308 -47.88 31.01 -1.15
CA LYS C 308 -48.72 31.71 -2.12
C LYS C 308 -48.08 33.07 -2.43
N LEU C 309 -46.94 33.00 -3.11
CA LEU C 309 -46.22 34.20 -3.51
C LEU C 309 -47.06 35.04 -4.46
N LYS C 310 -46.89 36.36 -4.37
CA LYS C 310 -47.51 37.26 -5.32
C LYS C 310 -46.74 37.27 -6.63
N ASP C 311 -47.42 37.67 -7.70
CA ASP C 311 -46.82 37.65 -9.02
C ASP C 311 -45.45 38.34 -9.03
N ASP C 312 -45.38 39.56 -8.51
CA ASP C 312 -44.09 40.23 -8.44
C ASP C 312 -43.08 39.41 -7.63
N GLU C 313 -43.51 38.77 -6.54
CA GLU C 313 -42.52 38.06 -5.72
C GLU C 313 -42.01 36.85 -6.48
N VAL C 314 -42.91 36.16 -7.20
CA VAL C 314 -42.47 35.04 -8.02
C VAL C 314 -41.49 35.50 -9.08
N ALA C 315 -41.79 36.64 -9.72
CA ALA C 315 -40.88 37.15 -10.75
C ALA C 315 -39.51 37.43 -10.17
N GLN C 316 -39.46 38.11 -9.03
CA GLN C 316 -38.18 38.35 -8.36
C GLN C 316 -37.44 37.04 -8.11
N LEU C 317 -38.19 36.00 -7.74
CA LEU C 317 -37.59 34.72 -7.43
C LEU C 317 -37.00 34.07 -8.67
N LYS C 318 -37.76 34.12 -9.78
CA LYS C 318 -37.24 33.58 -11.04
C LYS C 318 -36.04 34.36 -11.51
N LYS C 319 -36.01 35.67 -11.31
CA LYS C 319 -34.79 36.43 -11.60
C LYS C 319 -33.60 35.94 -10.75
N SER C 320 -33.82 35.65 -9.47
CA SER C 320 -32.70 35.15 -8.65
C SER C 320 -32.23 33.80 -9.16
N ALA C 321 -33.17 32.89 -9.43
CA ALA C 321 -32.83 31.59 -9.99
C ALA C 321 -32.12 31.71 -11.34
N ASP C 322 -32.56 32.65 -12.18
CA ASP C 322 -31.86 32.89 -13.45
C ASP C 322 -30.41 33.28 -13.21
N THR C 323 -30.21 34.30 -12.37
CA THR C 323 -28.87 34.74 -12.03
C THR C 323 -27.99 33.57 -11.58
N LEU C 324 -28.56 32.68 -10.77
CA LEU C 324 -27.75 31.58 -10.21
C LEU C 324 -27.50 30.48 -11.24
N TRP C 325 -28.54 30.04 -11.94
CA TRP C 325 -28.35 29.02 -12.97
C TRP C 325 -27.36 29.50 -14.03
N ASP C 326 -27.36 30.80 -14.34
CA ASP C 326 -26.40 31.32 -15.31
C ASP C 326 -24.97 30.89 -14.97
N ILE C 327 -24.62 30.94 -13.69
CA ILE C 327 -23.29 30.53 -13.26
C ILE C 327 -23.21 29.02 -13.14
N GLN C 328 -24.22 28.42 -12.53
CA GLN C 328 -24.23 26.98 -12.26
C GLN C 328 -23.96 26.16 -13.52
N LYS C 329 -24.62 26.53 -14.62
CA LYS C 329 -24.63 25.66 -15.79
C LYS C 329 -23.26 25.51 -16.42
N ASP C 330 -22.42 26.52 -16.29
CA ASP C 330 -21.09 26.50 -16.88
C ASP C 330 -20.02 25.93 -15.94
N LEU C 331 -20.44 25.25 -14.87
CA LEU C 331 -19.52 24.54 -14.01
C LEU C 331 -19.20 23.18 -14.61
N LYS C 332 -18.01 22.66 -14.28
CA LYS C 332 -17.52 21.47 -14.97
C LYS C 332 -16.98 20.48 -13.94
N ASP C 333 -16.77 19.23 -14.38
CA ASP C 333 -16.40 18.14 -13.48
C ASP C 333 -17.58 17.83 -12.56
N LEU C 334 -17.44 18.19 -11.29
CA LEU C 334 -18.44 17.89 -10.27
C LEU C 334 -18.94 16.45 -10.39
N GLU C 335 -20.23 16.31 -10.69
CA GLU C 335 -20.96 15.05 -10.68
C GLU C 335 -20.12 13.82 -10.99
N ALA D 2 -56.42 17.83 -2.19
CA ALA D 2 -55.29 17.62 -1.28
C ALA D 2 -55.53 18.27 0.07
N THR D 3 -55.00 17.66 1.14
CA THR D 3 -55.21 18.18 2.48
C THR D 3 -54.42 19.47 2.71
N LEU D 4 -54.79 20.21 3.75
CA LEU D 4 -54.08 21.44 4.07
C LEU D 4 -52.58 21.19 4.20
N LYS D 5 -52.20 20.10 4.85
CA LYS D 5 -50.79 19.81 5.07
C LYS D 5 -50.06 19.48 3.77
N GLU D 6 -50.68 18.66 2.92
CA GLU D 6 -50.05 18.32 1.65
C GLU D 6 -49.86 19.57 0.78
N LYS D 7 -50.81 20.50 0.85
CA LYS D 7 -50.66 21.75 0.13
C LYS D 7 -49.54 22.59 0.71
N LEU D 8 -49.47 22.70 2.04
CA LEU D 8 -48.52 23.59 2.66
C LEU D 8 -47.10 23.03 2.57
N ILE D 9 -46.94 21.72 2.65
CA ILE D 9 -45.63 21.09 2.91
C ILE D 9 -45.27 20.18 1.75
N ALA D 10 -44.14 20.45 1.08
CA ALA D 10 -43.65 19.56 0.04
C ALA D 10 -42.49 18.71 0.57
N PRO D 11 -42.61 17.38 0.56
CA PRO D 11 -41.49 16.54 1.01
C PRO D 11 -40.20 16.83 0.25
N VAL D 12 -39.09 16.87 0.99
CA VAL D 12 -37.76 16.83 0.39
C VAL D 12 -37.10 15.47 0.59
N ALA D 13 -37.35 14.85 1.74
CA ALA D 13 -36.99 13.46 1.97
C ALA D 13 -38.25 12.63 2.12
N GLU D 14 -38.13 11.34 1.85
CA GLU D 14 -39.26 10.44 2.05
C GLU D 14 -39.49 10.21 3.54
N GLU D 15 -40.74 9.92 3.90
CA GLU D 15 -41.05 9.56 5.28
C GLU D 15 -40.17 8.40 5.73
N GLU D 16 -39.76 8.43 6.99
CA GLU D 16 -38.91 7.39 7.54
C GLU D 16 -39.14 7.29 9.05
N ALA D 17 -38.84 6.11 9.60
CA ALA D 17 -38.96 5.89 11.02
C ALA D 17 -37.88 6.68 11.76
N THR D 18 -38.30 7.71 12.50
CA THR D 18 -37.38 8.50 13.30
C THR D 18 -37.01 7.74 14.58
N VAL D 19 -35.72 7.53 14.78
CA VAL D 19 -35.20 6.91 15.99
C VAL D 19 -34.71 8.03 16.92
N PRO D 20 -35.26 8.15 18.13
CA PRO D 20 -34.83 9.22 19.02
C PRO D 20 -33.37 9.04 19.43
N ASN D 21 -32.71 10.16 19.68
CA ASN D 21 -31.30 10.19 20.00
C ASN D 21 -31.05 10.32 21.50
N ASN D 22 -31.89 11.08 22.21
CA ASN D 22 -31.74 11.28 23.65
C ASN D 22 -33.07 11.03 24.32
N LYS D 23 -33.56 9.81 24.23
CA LYS D 23 -34.84 9.49 24.82
C LYS D 23 -34.68 9.23 26.32
N ILE D 24 -35.60 9.81 27.10
CA ILE D 24 -35.64 9.61 28.54
C ILE D 24 -37.03 9.15 28.92
N THR D 25 -37.09 8.10 29.72
CA THR D 25 -38.35 7.66 30.31
C THR D 25 -38.36 8.01 31.79
N VAL D 26 -39.49 8.50 32.30
CA VAL D 26 -39.71 8.58 33.75
C VAL D 26 -40.82 7.61 34.14
N VAL D 27 -40.56 6.79 35.14
CA VAL D 27 -41.46 5.75 35.62
C VAL D 27 -41.94 6.20 36.99
N GLY D 28 -43.24 6.48 37.08
CA GLY D 28 -43.82 7.15 38.22
C GLY D 28 -44.06 8.61 37.92
N VAL D 29 -45.33 9.04 37.88
CA VAL D 29 -45.67 10.44 37.60
C VAL D 29 -46.18 11.07 38.90
N GLY D 30 -45.54 10.72 40.02
CA GLY D 30 -45.87 11.30 41.30
C GLY D 30 -45.23 12.66 41.50
N GLN D 31 -45.20 13.11 42.76
CA GLN D 31 -44.48 14.33 43.06
C GLN D 31 -43.08 14.30 42.48
N VAL D 32 -42.40 13.17 42.61
CA VAL D 32 -40.99 13.13 42.26
C VAL D 32 -40.81 12.88 40.77
N GLY D 33 -41.61 11.98 40.19
CA GLY D 33 -41.48 11.74 38.76
C GLY D 33 -41.75 13.00 37.96
N MET D 34 -42.78 13.76 38.35
CA MET D 34 -43.11 14.99 37.66
C MET D 34 -42.07 16.08 37.92
N ALA D 35 -41.50 16.14 39.15
CA ALA D 35 -40.37 17.06 39.39
C ALA D 35 -39.20 16.75 38.47
N CYS D 36 -38.81 15.48 38.40
CA CYS D 36 -37.77 15.08 37.46
C CYS D 36 -38.15 15.45 36.03
N ALA D 37 -39.40 15.18 35.63
CA ALA D 37 -39.79 15.43 34.24
C ALA D 37 -39.67 16.90 33.89
N ILE D 38 -40.17 17.79 34.76
CA ILE D 38 -40.09 19.22 34.44
C ILE D 38 -38.66 19.70 34.49
N SER D 39 -37.83 19.14 35.38
CA SER D 39 -36.42 19.54 35.38
C SER D 39 -35.71 19.06 34.12
N ILE D 40 -36.03 17.86 33.65
CA ILE D 40 -35.45 17.37 32.41
C ILE D 40 -35.89 18.22 31.22
N LEU D 41 -37.16 18.59 31.17
CA LEU D 41 -37.63 19.38 30.04
C LEU D 41 -37.10 20.81 30.10
N GLY D 42 -36.91 21.34 31.32
CA GLY D 42 -36.39 22.69 31.46
C GLY D 42 -34.94 22.81 31.04
N LYS D 43 -34.23 21.69 30.99
CA LYS D 43 -32.84 21.69 30.56
C LYS D 43 -32.66 21.21 29.14
N SER D 44 -33.77 21.03 28.39
CA SER D 44 -33.75 20.50 27.03
C SER D 44 -32.84 19.28 26.93
N LEU D 45 -32.99 18.37 27.89
CA LEU D 45 -32.16 17.18 27.97
C LEU D 45 -32.71 15.99 27.19
N ALA D 46 -33.95 16.06 26.70
CA ALA D 46 -34.59 14.93 26.03
C ALA D 46 -35.22 15.38 24.72
N ASP D 47 -34.89 14.69 23.63
CA ASP D 47 -35.65 14.88 22.39
C ASP D 47 -36.95 14.08 22.38
N GLU D 48 -37.07 13.07 23.26
CA GLU D 48 -38.36 12.39 23.51
C GLU D 48 -38.46 12.04 24.99
N LEU D 49 -39.57 12.43 25.61
CA LEU D 49 -39.85 12.10 27.00
C LEU D 49 -41.04 11.14 27.06
N ALA D 50 -40.87 10.01 27.74
CA ALA D 50 -41.95 9.04 27.92
C ALA D 50 -42.26 8.84 29.40
N LEU D 51 -43.55 8.86 29.75
CA LEU D 51 -44.02 8.75 31.11
C LEU D 51 -44.76 7.43 31.30
N VAL D 52 -44.47 6.74 32.40
CA VAL D 52 -45.18 5.50 32.72
C VAL D 52 -45.70 5.57 34.15
N ASP D 53 -46.88 5.01 34.35
CA ASP D 53 -47.47 4.86 35.67
C ASP D 53 -48.53 3.78 35.57
N VAL D 54 -49.16 3.48 36.69
CA VAL D 54 -50.28 2.55 36.72
C VAL D 54 -51.63 3.28 36.76
N LEU D 55 -51.65 4.55 37.14
CA LEU D 55 -52.86 5.37 37.16
C LEU D 55 -53.02 6.02 35.79
N GLU D 56 -53.90 5.46 34.96
CA GLU D 56 -53.98 5.87 33.56
C GLU D 56 -54.45 7.31 33.42
N ASP D 57 -55.48 7.71 34.16
CA ASP D 57 -56.01 9.05 34.08
C ASP D 57 -54.97 10.10 34.48
N LYS D 58 -54.43 9.99 35.70
CA LYS D 58 -53.36 10.89 36.12
C LYS D 58 -52.27 10.95 35.06
N LEU D 59 -51.88 9.79 34.54
CA LEU D 59 -50.80 9.72 33.56
C LEU D 59 -51.13 10.57 32.34
N LYS D 60 -52.34 10.42 31.82
CA LYS D 60 -52.74 11.17 30.63
C LYS D 60 -52.77 12.66 30.92
N GLY D 61 -53.23 13.02 32.12
CA GLY D 61 -53.28 14.42 32.50
C GLY D 61 -51.91 15.06 32.57
N GLU D 62 -50.94 14.35 33.18
CA GLU D 62 -49.58 14.85 33.20
C GLU D 62 -49.02 14.98 31.77
N MET D 63 -49.23 13.95 30.94
CA MET D 63 -48.80 14.02 29.56
C MET D 63 -49.34 15.28 28.88
N MET D 64 -50.63 15.57 29.05
CA MET D 64 -51.24 16.68 28.31
C MET D 64 -50.83 18.03 28.87
N ASP D 65 -50.80 18.19 30.20
CA ASP D 65 -50.23 19.41 30.77
C ASP D 65 -48.86 19.68 30.16
N LEU D 66 -47.98 18.68 30.21
CA LEU D 66 -46.65 18.84 29.61
C LEU D 66 -46.74 19.23 28.13
N GLN D 67 -47.57 18.52 27.37
CA GLN D 67 -47.62 18.80 25.93
C GLN D 67 -48.07 20.22 25.67
N HIS D 68 -49.10 20.67 26.40
CA HIS D 68 -49.57 22.04 26.26
C HIS D 68 -48.44 23.02 26.52
N GLY D 69 -47.43 22.60 27.29
CA GLY D 69 -46.29 23.49 27.39
C GLY D 69 -45.28 23.49 26.24
N SER D 70 -45.51 22.73 25.17
CA SER D 70 -44.46 22.45 24.19
C SER D 70 -43.89 23.72 23.57
N LEU D 71 -44.70 24.77 23.43
CA LEU D 71 -44.20 26.01 22.83
C LEU D 71 -42.95 26.54 23.55
N PHE D 72 -42.87 26.34 24.87
CA PHE D 72 -41.79 26.90 25.66
C PHE D 72 -40.64 25.91 25.86
N LEU D 73 -40.67 24.77 25.17
CA LEU D 73 -39.70 23.71 25.39
C LEU D 73 -39.04 23.31 24.07
N GLN D 74 -38.22 22.26 24.17
CA GLN D 74 -37.40 21.75 23.08
C GLN D 74 -37.39 20.23 23.12
N THR D 75 -38.57 19.65 23.34
CA THR D 75 -38.75 18.21 23.29
C THR D 75 -39.86 17.89 22.32
N PRO D 76 -39.54 17.52 21.07
CA PRO D 76 -40.58 17.39 20.04
C PRO D 76 -41.65 16.36 20.37
N LYS D 77 -41.32 15.34 21.16
CA LYS D 77 -42.29 14.28 21.44
C LYS D 77 -42.39 14.01 22.94
N ILE D 78 -43.62 14.09 23.45
CA ILE D 78 -43.96 13.71 24.83
C ILE D 78 -45.07 12.65 24.73
N VAL D 79 -44.79 11.46 25.27
CA VAL D 79 -45.69 10.31 25.22
C VAL D 79 -45.85 9.71 26.63
N ALA D 80 -46.94 8.95 26.82
CA ALA D 80 -47.25 8.38 28.13
C ALA D 80 -48.23 7.24 27.95
N ASP D 81 -47.98 6.15 28.66
CA ASP D 81 -48.83 4.99 28.58
C ASP D 81 -48.42 4.05 29.71
N LYS D 82 -49.38 3.26 30.17
CA LYS D 82 -49.11 2.21 31.15
C LYS D 82 -48.27 1.08 30.55
N ASP D 83 -48.37 0.87 29.24
CA ASP D 83 -47.65 -0.18 28.56
C ASP D 83 -46.24 0.27 28.20
N TYR D 84 -45.26 -0.60 28.50
CA TYR D 84 -43.88 -0.17 28.38
C TYR D 84 -43.40 -0.03 26.94
N SER D 85 -44.23 -0.40 25.96
CA SER D 85 -43.86 -0.17 24.56
C SER D 85 -43.41 1.28 24.36
N VAL D 86 -44.04 2.21 25.07
CA VAL D 86 -43.80 3.64 24.89
C VAL D 86 -42.40 4.06 25.32
N THR D 87 -41.71 3.24 26.11
CA THR D 87 -40.36 3.52 26.62
C THR D 87 -39.27 2.97 25.73
N ALA D 88 -39.62 2.25 24.66
CA ALA D 88 -38.64 1.63 23.78
C ALA D 88 -37.55 2.62 23.36
N ASN D 89 -36.30 2.14 23.36
CA ASN D 89 -35.16 2.90 22.84
C ASN D 89 -34.77 4.06 23.75
N SER D 90 -35.07 3.95 25.04
CA SER D 90 -34.68 5.00 25.98
C SER D 90 -33.17 5.00 26.20
N LYS D 91 -32.57 6.19 26.19
CA LYS D 91 -31.19 6.30 26.65
C LYS D 91 -31.13 6.19 28.16
N ILE D 92 -31.98 6.94 28.86
CA ILE D 92 -32.01 6.82 30.31
C ILE D 92 -33.44 6.59 30.76
N VAL D 93 -33.58 5.78 31.82
CA VAL D 93 -34.86 5.56 32.47
C VAL D 93 -34.73 5.90 33.95
N VAL D 94 -35.51 6.89 34.41
CA VAL D 94 -35.58 7.26 35.82
C VAL D 94 -36.75 6.53 36.46
N VAL D 95 -36.52 5.89 37.60
CA VAL D 95 -37.56 5.12 38.29
C VAL D 95 -37.90 5.84 39.59
N THR D 96 -39.12 6.39 39.63
CA THR D 96 -39.66 7.07 40.81
C THR D 96 -40.89 6.38 41.35
N ALA D 97 -41.19 5.17 40.88
CA ALA D 97 -42.44 4.52 41.24
C ALA D 97 -42.33 3.93 42.64
N GLY D 98 -43.48 3.86 43.33
CA GLY D 98 -43.59 3.11 44.58
C GLY D 98 -44.16 3.93 45.71
N VAL D 99 -44.15 3.35 46.91
CA VAL D 99 -44.60 4.05 48.11
C VAL D 99 -43.45 4.91 48.63
N ARG D 100 -43.82 5.97 49.34
CA ARG D 100 -42.88 6.90 49.95
C ARG D 100 -43.10 6.94 51.45
N GLN D 101 -42.18 7.60 52.16
CA GLN D 101 -42.26 7.64 53.61
C GLN D 101 -43.52 8.36 54.09
N GLN D 102 -44.19 7.76 55.08
CA GLN D 102 -45.05 8.55 55.94
C GLN D 102 -44.19 9.40 56.86
N GLU D 103 -44.84 10.30 57.60
CA GLU D 103 -44.10 11.16 58.51
C GLU D 103 -43.43 10.31 59.58
N GLY D 104 -42.15 10.59 59.82
CA GLY D 104 -41.35 9.81 60.73
C GLY D 104 -40.87 8.47 60.24
N GLU D 105 -41.35 7.98 59.11
CA GLU D 105 -41.02 6.62 58.69
C GLU D 105 -39.66 6.55 58.00
N SER D 106 -38.87 5.57 58.40
CA SER D 106 -37.60 5.26 57.74
C SER D 106 -37.77 4.77 56.31
N ARG D 107 -36.83 5.17 55.46
CA ARG D 107 -36.85 4.69 54.09
C ARG D 107 -36.76 3.18 54.02
N LEU D 108 -35.98 2.57 54.93
CA LEU D 108 -35.81 1.11 54.91
C LEU D 108 -37.14 0.38 55.11
N ASN D 109 -38.06 0.97 55.88
CA ASN D 109 -39.35 0.35 56.09
C ASN D 109 -40.13 0.14 54.79
N LEU D 110 -39.76 0.82 53.69
CA LEU D 110 -40.52 0.63 52.47
C LEU D 110 -40.06 -0.57 51.66
N VAL D 111 -38.90 -1.14 52.00
CA VAL D 111 -38.19 -2.01 51.08
C VAL D 111 -39.14 -3.08 50.51
N GLN D 112 -39.71 -3.93 51.37
CA GLN D 112 -40.54 -5.02 50.85
C GLN D 112 -41.51 -4.50 49.80
N ARG D 113 -42.37 -3.53 50.16
CA ARG D 113 -43.41 -3.14 49.21
C ARG D 113 -42.80 -2.75 47.88
N ASN D 114 -41.74 -1.93 47.91
CA ASN D 114 -41.17 -1.44 46.66
C ASN D 114 -40.38 -2.52 45.94
N VAL D 115 -39.79 -3.46 46.67
CA VAL D 115 -39.16 -4.57 45.97
C VAL D 115 -40.19 -5.27 45.11
N ASN D 116 -41.45 -5.29 45.57
CA ASN D 116 -42.49 -5.89 44.76
C ASN D 116 -42.73 -5.06 43.51
N VAL D 117 -42.87 -3.74 43.68
CA VAL D 117 -43.10 -2.87 42.54
C VAL D 117 -42.02 -3.09 41.49
N PHE D 118 -40.76 -2.99 41.92
CA PHE D 118 -39.64 -3.15 40.99
C PHE D 118 -39.66 -4.51 40.34
N LYS D 119 -40.01 -5.56 41.09
CA LYS D 119 -40.05 -6.89 40.50
C LYS D 119 -40.89 -6.89 39.24
N PHE D 120 -41.94 -6.07 39.20
CA PHE D 120 -42.77 -5.98 38.01
C PHE D 120 -42.15 -5.07 36.95
N ILE D 121 -41.56 -3.93 37.34
CA ILE D 121 -41.32 -2.90 36.33
C ILE D 121 -39.89 -2.89 35.77
N ILE D 122 -38.91 -3.44 36.49
CA ILE D 122 -37.55 -3.46 35.95
C ILE D 122 -37.47 -4.35 34.70
N PRO D 123 -38.00 -5.58 34.74
CA PRO D 123 -37.97 -6.41 33.52
C PRO D 123 -38.75 -5.82 32.35
N GLN D 124 -39.75 -5.00 32.62
CA GLN D 124 -40.46 -4.32 31.54
C GLN D 124 -39.61 -3.20 30.95
N ILE D 125 -38.70 -2.65 31.74
CA ILE D 125 -37.81 -1.60 31.24
C ILE D 125 -36.77 -2.19 30.28
N VAL D 126 -35.96 -3.11 30.78
CA VAL D 126 -34.89 -3.71 29.98
C VAL D 126 -35.46 -4.48 28.80
N LYS D 127 -36.72 -4.93 28.89
CA LYS D 127 -37.36 -5.59 27.76
C LYS D 127 -37.45 -4.67 26.55
N TYR D 128 -37.67 -3.37 26.76
CA TYR D 128 -37.84 -2.45 25.65
C TYR D 128 -36.64 -1.54 25.41
N SER D 129 -35.79 -1.35 26.42
CA SER D 129 -34.57 -0.55 26.29
C SER D 129 -33.43 -1.39 26.84
N PRO D 130 -32.95 -2.35 26.06
CA PRO D 130 -31.85 -3.22 26.55
C PRO D 130 -30.53 -2.49 26.74
N ASP D 131 -30.38 -1.29 26.18
CA ASP D 131 -29.14 -0.54 26.26
C ASP D 131 -29.22 0.67 27.18
N CYS D 132 -30.32 0.87 27.87
CA CYS D 132 -30.45 2.09 28.67
C CYS D 132 -29.51 2.08 29.88
N ILE D 133 -29.32 3.28 30.44
CA ILE D 133 -28.90 3.46 31.82
C ILE D 133 -30.15 3.59 32.68
N ILE D 134 -30.12 3.02 33.89
CA ILE D 134 -31.26 3.08 34.78
C ILE D 134 -30.86 3.89 36.01
N ILE D 135 -31.60 4.96 36.29
CA ILE D 135 -31.37 5.79 37.46
C ILE D 135 -32.50 5.52 38.44
N VAL D 136 -32.14 4.95 39.59
CA VAL D 136 -33.12 4.53 40.57
C VAL D 136 -33.30 5.66 41.57
N VAL D 137 -34.55 6.05 41.83
CA VAL D 137 -34.78 7.12 42.78
C VAL D 137 -35.65 6.64 43.93
N SER D 138 -36.49 5.65 43.67
CA SER D 138 -37.39 5.16 44.70
C SER D 138 -36.60 4.67 45.90
N ASN D 139 -37.19 4.78 47.06
CA ASN D 139 -36.57 4.45 48.33
C ASN D 139 -37.00 3.07 48.82
N PRO D 140 -36.15 2.36 49.59
CA PRO D 140 -34.77 2.75 49.95
C PRO D 140 -33.83 2.66 48.76
N VAL D 141 -33.23 3.79 48.40
CA VAL D 141 -32.66 3.95 47.06
C VAL D 141 -31.47 3.02 46.87
N ASP D 142 -30.66 2.80 47.91
CA ASP D 142 -29.49 1.94 47.76
C ASP D 142 -29.88 0.48 47.59
N ILE D 143 -30.77 0.00 48.46
CA ILE D 143 -31.22 -1.38 48.32
C ILE D 143 -31.90 -1.57 46.98
N LEU D 144 -32.68 -0.57 46.54
CA LEU D 144 -33.45 -0.74 45.30
C LEU D 144 -32.55 -0.62 44.08
N THR D 145 -31.43 0.08 44.19
CA THR D 145 -30.47 0.06 43.10
C THR D 145 -29.84 -1.32 42.99
N TYR D 146 -29.46 -1.91 44.13
CA TYR D 146 -29.00 -3.30 44.14
C TYR D 146 -30.04 -4.23 43.52
N VAL D 147 -31.29 -4.10 43.94
CA VAL D 147 -32.40 -4.91 43.42
C VAL D 147 -32.57 -4.69 41.91
N THR D 148 -32.43 -3.44 41.44
CA THR D 148 -32.53 -3.17 40.00
C THR D 148 -31.38 -3.83 39.26
N TRP D 149 -30.16 -3.69 39.79
CA TRP D 149 -29.02 -4.38 39.24
C TRP D 149 -29.33 -5.87 39.04
N LYS D 150 -29.74 -6.53 40.13
CA LYS D 150 -29.98 -7.98 40.09
C LYS D 150 -31.10 -8.34 39.12
N LEU D 151 -32.26 -7.68 39.24
CA LEU D 151 -33.43 -8.01 38.43
C LEU D 151 -33.29 -7.63 36.97
N SER D 152 -32.29 -6.82 36.62
CA SER D 152 -32.13 -6.31 35.26
C SER D 152 -31.12 -7.09 34.45
N GLY D 153 -30.03 -7.55 35.07
CA GLY D 153 -28.92 -8.14 34.35
C GLY D 153 -28.00 -7.13 33.70
N LEU D 154 -28.22 -5.85 33.92
CA LEU D 154 -27.40 -4.84 33.29
C LEU D 154 -26.02 -4.80 33.92
N PRO D 155 -25.04 -4.27 33.20
CA PRO D 155 -23.72 -4.08 33.82
C PRO D 155 -23.80 -3.06 34.94
N LYS D 156 -22.97 -3.28 35.96
CA LYS D 156 -22.86 -2.35 37.08
C LYS D 156 -22.84 -0.89 36.63
N HIS D 157 -22.07 -0.58 35.59
CA HIS D 157 -21.90 0.81 35.18
C HIS D 157 -23.17 1.44 34.66
N ARG D 158 -24.22 0.65 34.42
CA ARG D 158 -25.45 1.18 33.84
C ARG D 158 -26.63 1.09 34.79
N VAL D 159 -26.38 0.90 36.09
CA VAL D 159 -27.43 0.96 37.10
C VAL D 159 -26.91 1.85 38.23
N ILE D 160 -27.58 2.98 38.45
CA ILE D 160 -27.11 4.07 39.27
C ILE D 160 -28.23 4.49 40.20
N GLY D 161 -27.96 4.49 41.50
CA GLY D 161 -28.89 5.06 42.46
C GLY D 161 -28.61 6.55 42.61
N SER D 162 -29.68 7.35 42.59
CA SER D 162 -29.49 8.79 42.85
C SER D 162 -28.70 9.02 44.12
N GLY D 163 -28.87 8.17 45.11
CA GLY D 163 -27.93 8.14 46.22
C GLY D 163 -27.85 9.46 46.96
N CYS D 164 -26.61 9.88 47.22
CA CYS D 164 -26.34 10.98 48.12
C CYS D 164 -26.12 12.30 47.41
N ASN D 165 -26.31 12.34 46.08
CA ASN D 165 -26.27 13.61 45.37
C ASN D 165 -27.09 14.66 46.12
N LEU D 166 -28.37 14.36 46.35
CA LEU D 166 -29.23 15.20 47.15
C LEU D 166 -28.58 15.55 48.50
N ASP D 167 -28.23 14.53 49.29
CA ASP D 167 -27.66 14.79 50.62
C ASP D 167 -26.50 15.75 50.52
N SER D 168 -25.63 15.56 49.53
CA SER D 168 -24.47 16.43 49.43
C SER D 168 -24.90 17.84 49.04
N ALA D 169 -25.79 17.94 48.04
CA ALA D 169 -26.41 19.23 47.73
C ALA D 169 -26.89 19.90 49.00
N ARG D 170 -27.55 19.13 49.87
CA ARG D 170 -28.09 19.73 51.10
C ARG D 170 -26.96 20.17 52.01
N PHE D 171 -25.98 19.28 52.21
CA PHE D 171 -24.80 19.64 52.97
C PHE D 171 -24.24 20.95 52.45
N ARG D 172 -24.05 21.04 51.12
CA ARG D 172 -23.36 22.21 50.60
C ARG D 172 -24.21 23.45 50.84
N TYR D 173 -25.53 23.32 50.70
CA TYR D 173 -26.37 24.49 50.94
C TYR D 173 -26.22 24.96 52.38
N LEU D 174 -26.30 24.05 53.35
CA LEU D 174 -26.19 24.49 54.74
C LEU D 174 -24.81 25.11 54.98
N MET D 175 -23.79 24.53 54.36
CA MET D 175 -22.45 25.07 54.48
C MET D 175 -22.38 26.46 53.83
N ALA D 176 -22.97 26.59 52.64
CA ALA D 176 -23.01 27.91 52.00
C ALA D 176 -23.70 28.91 52.90
N GLU D 177 -24.78 28.46 53.58
CA GLU D 177 -25.53 29.39 54.43
C GLU D 177 -24.73 29.78 55.65
N LYS D 178 -23.87 28.89 56.15
CA LYS D 178 -23.08 29.33 57.28
C LYS D 178 -21.94 30.25 56.85
N LEU D 179 -21.53 30.25 55.58
CA LEU D 179 -20.35 31.02 55.23
C LEU D 179 -20.63 32.23 54.36
N GLY D 180 -21.80 32.30 53.73
CA GLY D 180 -22.12 33.42 52.88
C GLY D 180 -21.63 33.32 51.46
N ILE D 181 -21.42 32.10 50.94
CA ILE D 181 -20.93 31.90 49.58
C ILE D 181 -21.87 30.93 48.87
N HIS D 182 -21.74 30.88 47.54
CA HIS D 182 -22.57 29.99 46.76
C HIS D 182 -22.28 28.53 47.10
N PRO D 183 -23.28 27.66 47.00
CA PRO D 183 -23.03 26.23 47.28
C PRO D 183 -21.99 25.60 46.36
N SER D 184 -21.94 25.97 45.06
CA SER D 184 -20.98 25.36 44.14
C SER D 184 -19.54 25.70 44.49
N SER D 185 -19.33 26.75 45.27
CA SER D 185 -18.03 27.10 45.79
C SER D 185 -17.76 26.46 47.15
N CYS D 186 -18.76 25.83 47.77
CA CYS D 186 -18.57 24.96 48.93
C CYS D 186 -18.43 23.51 48.48
N HIS D 187 -17.39 22.84 48.97
CA HIS D 187 -17.12 21.46 48.60
C HIS D 187 -17.19 20.58 49.83
N GLY D 188 -18.01 19.53 49.75
CA GLY D 188 -18.19 18.60 50.84
C GLY D 188 -18.96 17.39 50.36
N TRP D 189 -18.61 16.21 50.88
CA TRP D 189 -19.20 14.96 50.41
C TRP D 189 -19.92 14.22 51.54
N ILE D 190 -21.19 13.94 51.31
CA ILE D 190 -21.98 13.03 52.12
C ILE D 190 -22.04 11.73 51.35
N LEU D 191 -21.53 10.65 51.94
CA LEU D 191 -21.43 9.36 51.28
C LEU D 191 -22.21 8.28 52.04
N GLY D 192 -22.15 7.04 51.53
CA GLY D 192 -22.82 5.93 52.18
C GLY D 192 -24.31 5.86 51.87
N GLU D 193 -25.11 5.48 52.87
CA GLU D 193 -26.56 5.38 52.69
C GLU D 193 -27.21 6.74 52.47
N HIS D 194 -28.22 6.75 51.59
CA HIS D 194 -29.08 7.91 51.51
C HIS D 194 -30.11 7.79 52.62
N GLY D 195 -29.70 8.22 53.81
CA GLY D 195 -30.56 8.04 54.97
C GLY D 195 -29.80 8.29 56.25
N ASP D 196 -30.29 7.67 57.33
CA ASP D 196 -29.83 8.00 58.67
C ASP D 196 -28.35 7.68 58.90
N SER D 197 -27.77 6.77 58.11
CA SER D 197 -26.41 6.30 58.36
C SER D 197 -25.39 6.92 57.40
N SER D 198 -25.77 7.98 56.68
CA SER D 198 -24.83 8.65 55.78
C SER D 198 -23.62 9.16 56.56
N VAL D 199 -22.52 9.35 55.83
CA VAL D 199 -21.21 9.66 56.38
C VAL D 199 -20.76 11.04 55.87
N ALA D 200 -20.52 11.96 56.78
CA ALA D 200 -19.99 13.28 56.42
C ALA D 200 -18.47 13.19 56.33
N VAL D 201 -17.93 13.31 55.12
CA VAL D 201 -16.48 13.22 54.94
C VAL D 201 -15.82 14.54 55.30
N TRP D 202 -15.70 14.79 56.62
CA TRP D 202 -15.18 16.06 57.11
C TRP D 202 -13.80 16.38 56.56
N SER D 203 -12.98 15.38 56.30
CA SER D 203 -11.61 15.68 55.89
C SER D 203 -11.56 16.26 54.48
N GLY D 204 -12.65 16.17 53.73
CA GLY D 204 -12.67 16.75 52.41
C GLY D 204 -13.39 18.07 52.35
N VAL D 205 -14.07 18.47 53.43
CA VAL D 205 -14.86 19.69 53.40
C VAL D 205 -13.91 20.88 53.24
N ASN D 206 -14.08 21.63 52.16
CA ASN D 206 -13.12 22.69 51.84
C ASN D 206 -13.78 23.78 50.98
N VAL D 207 -13.25 24.99 51.13
CA VAL D 207 -13.56 26.13 50.26
C VAL D 207 -12.26 26.55 49.60
N ALA D 208 -12.23 26.51 48.27
CA ALA D 208 -11.05 26.94 47.51
C ALA D 208 -9.82 26.13 47.88
N GLY D 209 -10.02 24.83 48.12
CA GLY D 209 -8.95 23.96 48.57
C GLY D 209 -8.42 24.26 49.96
N VAL D 210 -9.08 25.12 50.72
CA VAL D 210 -8.74 25.33 52.13
C VAL D 210 -9.52 24.33 52.96
N SER D 211 -8.81 23.45 53.66
CA SER D 211 -9.49 22.45 54.48
C SER D 211 -10.11 23.12 55.69
N LEU D 212 -11.43 22.96 55.87
CA LEU D 212 -12.09 23.60 57.00
C LEU D 212 -11.79 22.87 58.31
N GLN D 213 -11.60 21.56 58.24
CA GLN D 213 -11.17 20.79 59.38
C GLN D 213 -9.75 21.13 59.81
N GLU D 214 -8.95 21.69 58.89
CA GLU D 214 -7.64 22.20 59.26
C GLU D 214 -7.76 23.49 60.08
N LEU D 215 -8.70 24.38 59.72
CA LEU D 215 -9.00 25.56 60.52
C LEU D 215 -9.81 25.25 61.78
N ASN D 216 -10.53 24.13 61.77
CA ASN D 216 -11.46 23.75 62.83
C ASN D 216 -11.27 22.28 63.10
N PRO D 217 -10.17 21.91 63.77
CA PRO D 217 -9.82 20.48 63.94
C PRO D 217 -10.86 19.67 64.69
N GLU D 218 -11.80 20.32 65.37
CA GLU D 218 -12.89 19.64 66.05
C GLU D 218 -14.16 19.48 65.22
N MET D 219 -14.14 19.89 63.97
CA MET D 219 -15.14 19.50 62.96
C MET D 219 -15.39 18.00 62.96
N GLY D 220 -16.65 17.63 63.22
CA GLY D 220 -17.09 16.28 63.30
C GLY D 220 -17.08 15.68 64.69
N THR D 221 -16.64 16.44 65.71
CA THR D 221 -16.64 15.96 67.09
C THR D 221 -17.84 16.54 67.83
N ASP D 222 -18.07 15.98 69.03
CA ASP D 222 -19.19 16.39 69.87
C ASP D 222 -18.91 17.66 70.66
N ASN D 223 -17.65 18.03 70.82
CA ASN D 223 -17.24 19.28 71.49
C ASN D 223 -16.56 20.19 70.47
N ASP D 224 -17.38 20.87 69.66
CA ASP D 224 -16.92 21.80 68.63
C ASP D 224 -17.67 23.10 68.84
N SER D 225 -16.93 24.22 68.78
CA SER D 225 -17.55 25.53 68.96
C SER D 225 -18.55 25.80 67.86
N GLU D 226 -18.13 25.63 66.61
CA GLU D 226 -19.07 25.44 65.52
C GLU D 226 -19.85 24.15 65.80
N ASN D 227 -20.91 23.90 65.03
CA ASN D 227 -21.74 22.71 65.26
C ASN D 227 -21.84 21.96 63.93
N TRP D 228 -20.66 21.55 63.43
CA TRP D 228 -20.60 20.87 62.15
C TRP D 228 -21.34 19.54 62.20
N LYS D 229 -21.17 18.78 63.27
CA LYS D 229 -22.00 17.60 63.44
C LYS D 229 -23.48 17.95 63.36
N GLU D 230 -23.87 19.10 63.92
CA GLU D 230 -25.27 19.49 63.84
C GLU D 230 -25.66 19.76 62.38
N VAL D 231 -24.71 20.21 61.56
CA VAL D 231 -24.99 20.38 60.13
C VAL D 231 -25.28 19.02 59.51
N HIS D 232 -24.40 18.03 59.77
CA HIS D 232 -24.66 16.70 59.27
C HIS D 232 -26.00 16.17 59.77
N LYS D 233 -26.35 16.48 61.01
CA LYS D 233 -27.62 16.02 61.56
C LYS D 233 -28.78 16.66 60.81
N MET D 234 -28.69 17.95 60.50
CA MET D 234 -29.70 18.63 59.72
C MET D 234 -29.82 18.02 58.32
N VAL D 235 -28.70 17.63 57.72
CA VAL D 235 -28.77 16.88 56.47
C VAL D 235 -29.51 15.55 56.67
N VAL D 236 -29.30 14.90 57.82
CA VAL D 236 -29.95 13.61 58.03
C VAL D 236 -31.44 13.77 58.25
N GLU D 237 -31.82 14.86 58.91
CA GLU D 237 -33.19 15.14 59.33
C GLU D 237 -34.00 15.85 58.26
N SER D 238 -33.32 16.46 57.29
CA SER D 238 -33.98 17.38 56.37
C SER D 238 -35.18 16.73 55.70
N ALA D 239 -35.00 15.53 55.14
CA ALA D 239 -36.12 14.85 54.48
C ALA D 239 -37.32 14.74 55.42
N TYR D 240 -37.08 14.36 56.69
CA TYR D 240 -38.19 14.19 57.63
C TYR D 240 -38.87 15.52 57.93
N GLU D 241 -38.09 16.59 58.11
CA GLU D 241 -38.69 17.89 58.38
C GLU D 241 -39.57 18.35 57.22
N VAL D 242 -39.08 18.19 56.00
CA VAL D 242 -39.88 18.65 54.87
C VAL D 242 -41.07 17.73 54.65
N ILE D 243 -40.91 16.42 54.87
CA ILE D 243 -42.06 15.54 54.80
C ILE D 243 -43.12 15.99 55.81
N LYS D 244 -42.70 16.33 57.04
CA LYS D 244 -43.65 16.83 58.02
C LYS D 244 -44.33 18.12 57.57
N LEU D 245 -43.60 18.97 56.83
CA LEU D 245 -44.20 20.26 56.51
C LEU D 245 -45.09 20.24 55.24
N LYS D 246 -44.59 19.68 54.14
CA LYS D 246 -45.34 19.64 52.87
C LYS D 246 -45.69 18.23 52.44
N GLY D 247 -45.39 17.22 53.27
CA GLY D 247 -45.86 15.87 53.06
C GLY D 247 -44.93 14.98 52.26
N TYR D 248 -44.01 15.57 51.52
CA TYR D 248 -43.11 14.86 50.60
C TYR D 248 -42.01 15.84 50.25
N THR D 249 -40.97 15.36 49.59
CA THR D 249 -39.97 16.23 48.99
C THR D 249 -39.93 15.93 47.50
N ASN D 250 -39.57 16.94 46.67
CA ASN D 250 -39.55 16.65 45.25
C ASN D 250 -38.71 17.62 44.43
N TRP D 251 -38.79 18.91 44.70
CA TRP D 251 -38.09 19.87 43.83
C TRP D 251 -36.59 19.61 43.82
N ALA D 252 -35.99 19.44 45.00
CA ALA D 252 -34.56 19.23 45.03
C ALA D 252 -34.19 17.92 44.38
N ILE D 253 -34.95 16.86 44.63
CA ILE D 253 -34.54 15.61 44.00
C ILE D 253 -34.72 15.69 42.48
N GLY D 254 -35.72 16.42 41.98
CA GLY D 254 -35.83 16.60 40.53
C GLY D 254 -34.59 17.29 39.95
N LEU D 255 -34.13 18.35 40.62
CA LEU D 255 -32.93 19.07 40.20
C LEU D 255 -31.68 18.18 40.24
N SER D 256 -31.53 17.39 41.29
CA SER D 256 -30.40 16.46 41.38
C SER D 256 -30.40 15.45 40.24
N VAL D 257 -31.56 14.87 39.97
CA VAL D 257 -31.65 13.89 38.89
C VAL D 257 -31.26 14.55 37.56
N ALA D 258 -31.78 15.75 37.28
CA ALA D 258 -31.38 16.45 36.07
C ALA D 258 -29.87 16.65 36.02
N ASP D 259 -29.26 17.01 37.16
CA ASP D 259 -27.81 17.13 37.26
C ASP D 259 -27.10 15.87 36.78
N LEU D 260 -27.55 14.70 37.25
CA LEU D 260 -26.95 13.44 36.80
C LEU D 260 -27.20 13.20 35.30
N ILE D 261 -28.42 13.43 34.83
CA ILE D 261 -28.70 13.15 33.43
C ILE D 261 -27.84 14.03 32.54
N GLU D 262 -27.63 15.28 32.96
CA GLU D 262 -26.83 16.23 32.19
C GLU D 262 -25.36 15.80 32.12
N SER D 263 -24.80 15.33 33.24
CA SER D 263 -23.44 14.76 33.15
C SER D 263 -23.40 13.59 32.18
N MET D 264 -24.41 12.73 32.19
CA MET D 264 -24.33 11.54 31.35
C MET D 264 -24.54 11.86 29.87
N LEU D 265 -25.60 12.58 29.52
CA LEU D 265 -25.91 12.83 28.11
C LEU D 265 -24.96 13.83 27.46
N LYS D 266 -24.39 14.76 28.22
CA LYS D 266 -23.31 15.61 27.70
C LYS D 266 -21.93 14.94 27.77
N ASN D 267 -21.85 13.71 28.29
CA ASN D 267 -20.63 12.90 28.31
C ASN D 267 -19.49 13.61 29.06
N LEU D 268 -19.82 14.29 30.15
CA LEU D 268 -18.89 15.22 30.77
C LEU D 268 -17.87 14.56 31.69
N SER D 269 -18.11 13.34 32.15
CA SER D 269 -17.24 12.70 33.14
C SER D 269 -17.07 13.61 34.37
N ARG D 270 -18.21 14.06 34.90
CA ARG D 270 -18.19 14.80 36.15
C ARG D 270 -18.39 13.82 37.30
N ILE D 271 -18.04 14.27 38.51
CA ILE D 271 -17.98 13.37 39.65
C ILE D 271 -19.14 13.68 40.58
N HIS D 272 -19.96 12.68 40.86
CA HIS D 272 -21.16 12.86 41.66
C HIS D 272 -21.19 11.81 42.76
N PRO D 273 -21.70 12.14 43.96
CA PRO D 273 -21.88 11.09 44.98
C PRO D 273 -23.14 10.29 44.71
N VAL D 274 -22.99 9.13 44.07
CA VAL D 274 -24.14 8.34 43.66
C VAL D 274 -23.89 6.90 44.09
N SER D 275 -24.96 6.11 44.01
CA SER D 275 -24.99 4.79 44.64
C SER D 275 -24.49 3.74 43.66
N THR D 276 -23.42 3.04 44.04
CA THR D 276 -22.85 1.99 43.23
C THR D 276 -22.48 0.80 44.12
N MET D 277 -22.07 -0.28 43.46
CA MET D 277 -21.72 -1.52 44.14
C MET D 277 -20.32 -1.39 44.71
N VAL D 278 -20.19 -1.48 46.03
CA VAL D 278 -18.96 -1.09 46.69
C VAL D 278 -18.18 -2.29 47.23
N LYS D 279 -18.58 -3.51 46.85
CA LYS D 279 -17.90 -4.70 47.33
C LYS D 279 -16.40 -4.61 47.05
N GLY D 280 -15.60 -4.86 48.08
CA GLY D 280 -14.16 -4.78 47.95
C GLY D 280 -13.58 -3.41 48.23
N MET D 281 -14.34 -2.52 48.86
CA MET D 281 -13.85 -1.19 49.15
C MET D 281 -14.07 -0.87 50.62
N TYR D 282 -13.06 -0.28 51.25
CA TYR D 282 -13.12 0.04 52.67
C TYR D 282 -13.54 -1.18 53.49
N GLY D 283 -12.96 -2.33 53.15
CA GLY D 283 -13.25 -3.54 53.88
C GLY D 283 -14.65 -4.09 53.71
N ILE D 284 -15.43 -3.54 52.79
CA ILE D 284 -16.78 -4.06 52.53
C ILE D 284 -16.68 -5.31 51.67
N GLU D 285 -17.40 -6.37 52.07
CA GLU D 285 -17.23 -7.66 51.43
C GLU D 285 -18.47 -8.24 50.77
N ASN D 286 -19.64 -7.62 50.94
CA ASN D 286 -20.84 -8.08 50.27
C ASN D 286 -21.24 -7.05 49.21
N GLU D 287 -22.13 -7.48 48.32
CA GLU D 287 -22.51 -6.64 47.17
C GLU D 287 -23.44 -5.52 47.64
N VAL D 288 -22.85 -4.60 48.38
CA VAL D 288 -23.59 -3.50 48.97
C VAL D 288 -23.59 -2.35 47.98
N PHE D 289 -24.73 -1.68 47.88
CA PHE D 289 -24.86 -0.48 47.08
C PHE D 289 -24.93 0.71 48.03
N LEU D 290 -23.94 1.59 47.95
CA LEU D 290 -24.05 2.88 48.62
C LEU D 290 -23.30 3.91 47.81
N SER D 291 -23.38 5.16 48.26
CA SER D 291 -22.88 6.29 47.50
C SER D 291 -21.40 6.52 47.75
N LEU D 292 -20.65 6.61 46.66
CA LEU D 292 -19.30 7.13 46.67
C LEU D 292 -19.22 8.16 45.53
N PRO D 293 -18.09 8.86 45.37
CA PRO D 293 -17.92 9.81 44.24
C PRO D 293 -17.56 9.05 42.98
N CYS D 294 -18.43 9.13 41.97
CA CYS D 294 -18.29 8.37 40.74
C CYS D 294 -18.25 9.30 39.52
N ILE D 295 -17.51 8.89 38.49
CA ILE D 295 -17.45 9.61 37.22
C ILE D 295 -18.65 9.21 36.37
N LEU D 296 -19.38 10.21 35.89
CA LEU D 296 -20.59 10.03 35.08
C LEU D 296 -20.35 10.63 33.69
N ASN D 297 -20.65 9.82 32.67
CA ASN D 297 -20.51 10.20 31.25
C ASN D 297 -21.54 9.41 30.45
N ALA D 298 -21.44 9.51 29.12
CA ALA D 298 -22.48 8.92 28.28
C ALA D 298 -22.57 7.41 28.45
N ARG D 299 -21.48 6.75 28.83
CA ARG D 299 -21.57 5.32 29.08
C ARG D 299 -22.26 5.00 30.39
N GLY D 300 -22.34 5.94 31.33
CA GLY D 300 -22.96 5.69 32.61
C GLY D 300 -22.07 6.00 33.78
N LEU D 301 -21.91 5.05 34.70
CA LEU D 301 -21.07 5.22 35.89
C LEU D 301 -19.81 4.38 35.67
N THR D 302 -18.73 5.02 35.22
CA THR D 302 -17.60 4.26 34.73
C THR D 302 -16.45 4.12 35.74
N SER D 303 -16.32 5.03 36.71
CA SER D 303 -15.23 4.90 37.69
C SER D 303 -15.67 5.41 39.05
N VAL D 304 -14.94 4.96 40.08
CA VAL D 304 -15.06 5.43 41.47
C VAL D 304 -13.75 6.09 41.90
N ILE D 305 -13.85 7.13 42.71
CA ILE D 305 -12.67 7.78 43.25
C ILE D 305 -12.32 7.11 44.58
N ASN D 306 -11.09 6.63 44.70
CA ASN D 306 -10.58 6.11 45.98
C ASN D 306 -10.19 7.29 46.85
N GLN D 307 -10.78 7.37 48.04
CA GLN D 307 -10.45 8.43 48.98
C GLN D 307 -9.64 7.89 50.15
N LYS D 308 -8.85 8.76 50.75
CA LYS D 308 -8.13 8.44 51.97
C LYS D 308 -9.01 8.90 53.13
N LEU D 309 -9.98 8.05 53.47
CA LEU D 309 -10.88 8.35 54.57
C LEU D 309 -10.14 8.24 55.90
N LYS D 310 -10.49 9.10 56.85
CA LYS D 310 -10.00 8.94 58.20
C LYS D 310 -10.66 7.72 58.83
N ASP D 311 -10.05 7.23 59.91
CA ASP D 311 -10.49 5.96 60.49
C ASP D 311 -11.95 6.02 60.93
N ASP D 312 -12.34 7.09 61.63
CA ASP D 312 -13.74 7.22 62.02
C ASP D 312 -14.65 7.29 60.80
N GLU D 313 -14.19 7.91 59.71
CA GLU D 313 -15.00 8.00 58.49
C GLU D 313 -15.21 6.62 57.88
N VAL D 314 -14.13 5.86 57.70
CA VAL D 314 -14.26 4.49 57.23
C VAL D 314 -15.18 3.69 58.16
N ALA D 315 -15.09 3.96 59.46
CA ALA D 315 -15.91 3.22 60.42
C ALA D 315 -17.39 3.50 60.18
N GLN D 316 -17.78 4.79 60.11
CA GLN D 316 -19.17 5.11 59.81
C GLN D 316 -19.60 4.52 58.47
N LEU D 317 -18.67 4.44 57.51
CA LEU D 317 -18.99 3.88 56.19
C LEU D 317 -19.28 2.39 56.28
N LYS D 318 -18.40 1.64 56.94
CA LYS D 318 -18.62 0.21 57.12
C LYS D 318 -19.89 -0.04 57.93
N LYS D 319 -20.20 0.86 58.85
CA LYS D 319 -21.46 0.79 59.60
C LYS D 319 -22.65 0.92 58.64
N SER D 320 -22.63 1.95 57.79
CA SER D 320 -23.70 2.14 56.81
C SER D 320 -23.84 0.91 55.92
N ALA D 321 -22.70 0.40 55.44
CA ALA D 321 -22.67 -0.83 54.64
C ALA D 321 -23.36 -1.98 55.36
N ASP D 322 -23.05 -2.16 56.65
CA ASP D 322 -23.63 -3.29 57.39
C ASP D 322 -25.12 -3.12 57.61
N THR D 323 -25.55 -1.92 58.01
CA THR D 323 -26.97 -1.62 58.05
C THR D 323 -27.67 -2.05 56.77
N LEU D 324 -27.12 -1.65 55.62
CA LEU D 324 -27.76 -1.93 54.33
C LEU D 324 -27.74 -3.44 54.01
N TRP D 325 -26.57 -4.07 54.16
CA TRP D 325 -26.46 -5.49 53.86
C TRP D 325 -27.40 -6.34 54.72
N ASP D 326 -27.59 -5.95 55.99
CA ASP D 326 -28.48 -6.73 56.84
C ASP D 326 -29.86 -6.88 56.23
N ILE D 327 -30.39 -5.82 55.61
CA ILE D 327 -31.67 -5.97 54.92
C ILE D 327 -31.47 -6.70 53.59
N GLN D 328 -30.44 -6.33 52.83
CA GLN D 328 -30.22 -6.94 51.52
C GLN D 328 -30.21 -8.46 51.58
N LYS D 329 -29.51 -9.03 52.58
CA LYS D 329 -29.18 -10.46 52.54
C LYS D 329 -30.41 -11.35 52.55
N ASP D 330 -31.47 -10.96 53.26
CA ASP D 330 -32.67 -11.78 53.39
C ASP D 330 -33.74 -11.42 52.37
N LEU D 331 -33.37 -10.75 51.29
CA LEU D 331 -34.27 -10.54 50.15
C LEU D 331 -34.17 -11.75 49.23
N LYS D 332 -35.30 -12.43 49.03
CA LYS D 332 -35.36 -13.59 48.14
C LYS D 332 -35.77 -13.11 46.75
N ASP D 333 -35.01 -13.51 45.74
CA ASP D 333 -35.26 -13.00 44.40
C ASP D 333 -36.42 -13.72 43.74
N THR E 3 -57.10 -52.73 80.26
CA THR E 3 -57.45 -51.55 79.49
C THR E 3 -58.19 -50.53 80.35
N LEU E 4 -57.89 -49.25 80.14
CA LEU E 4 -58.61 -48.20 80.84
C LEU E 4 -60.05 -48.08 80.34
N LYS E 5 -60.28 -48.32 79.05
CA LYS E 5 -61.65 -48.37 78.55
C LYS E 5 -62.43 -49.51 79.17
N GLU E 6 -61.75 -50.62 79.49
CA GLU E 6 -62.38 -51.70 80.24
C GLU E 6 -62.63 -51.29 81.68
N LYS E 7 -61.67 -50.57 82.27
CA LYS E 7 -61.77 -50.17 83.67
C LYS E 7 -62.93 -49.22 83.89
N LEU E 8 -62.91 -48.08 83.18
CA LEU E 8 -63.79 -46.96 83.49
C LEU E 8 -65.18 -47.12 82.90
N ILE E 9 -65.34 -47.95 81.86
CA ILE E 9 -66.60 -48.08 81.13
C ILE E 9 -67.21 -49.44 81.43
N ALA E 10 -68.51 -49.46 81.67
CA ALA E 10 -69.23 -50.71 81.90
C ALA E 10 -70.35 -50.84 80.89
N PRO E 11 -70.33 -51.83 80.01
CA PRO E 11 -71.38 -51.94 78.99
C PRO E 11 -72.75 -52.20 79.61
N VAL E 12 -73.78 -51.74 78.91
CA VAL E 12 -75.17 -52.02 79.27
C VAL E 12 -75.92 -52.75 78.17
N ALA E 13 -75.49 -52.65 76.92
CA ALA E 13 -76.01 -53.46 75.83
C ALA E 13 -74.83 -54.17 75.17
N GLU E 14 -75.15 -55.13 74.30
CA GLU E 14 -74.10 -55.84 73.57
C GLU E 14 -73.43 -54.92 72.56
N GLU E 15 -72.10 -54.94 72.53
CA GLU E 15 -71.36 -54.17 71.53
C GLU E 15 -71.70 -54.65 70.14
N GLU E 16 -72.31 -53.77 69.34
CA GLU E 16 -72.81 -54.10 68.02
C GLU E 16 -72.48 -52.99 67.04
N ALA E 17 -72.25 -53.38 65.78
CA ALA E 17 -71.95 -52.41 64.74
C ALA E 17 -73.21 -51.61 64.41
N THR E 18 -73.13 -50.30 64.61
CA THR E 18 -74.23 -49.41 64.28
C THR E 18 -74.25 -49.13 62.79
N VAL E 19 -75.44 -49.05 62.21
CA VAL E 19 -75.54 -48.57 60.84
C VAL E 19 -75.96 -47.10 60.89
N PRO E 20 -75.30 -46.22 60.15
CA PRO E 20 -75.60 -44.78 60.29
C PRO E 20 -76.94 -44.44 59.65
N ASN E 21 -77.54 -43.39 60.17
CA ASN E 21 -78.87 -42.96 59.79
C ASN E 21 -78.86 -41.71 58.91
N ASN E 22 -77.79 -40.92 58.93
CA ASN E 22 -77.63 -39.73 58.07
C ASN E 22 -76.19 -39.68 57.58
N LYS E 23 -75.76 -40.71 56.88
CA LYS E 23 -74.42 -40.72 56.34
C LYS E 23 -74.40 -39.96 55.02
N ILE E 24 -73.36 -39.12 54.88
CA ILE E 24 -73.12 -38.33 53.68
C ILE E 24 -71.69 -38.59 53.25
N THR E 25 -71.52 -38.87 51.97
CA THR E 25 -70.23 -39.01 51.33
C THR E 25 -69.99 -37.82 50.42
N VAL E 26 -68.78 -37.26 50.46
CA VAL E 26 -68.33 -36.24 49.53
C VAL E 26 -67.17 -36.84 48.73
N VAL E 27 -67.30 -36.88 47.41
CA VAL E 27 -66.27 -37.36 46.49
C VAL E 27 -65.59 -36.14 45.88
N GLY E 28 -64.28 -36.03 46.11
CA GLY E 28 -63.50 -34.86 45.79
C GLY E 28 -63.31 -33.96 46.99
N VAL E 29 -62.07 -33.81 47.46
CA VAL E 29 -61.80 -33.02 48.66
C VAL E 29 -60.99 -31.79 48.23
N GLY E 30 -61.33 -31.24 47.07
CA GLY E 30 -60.76 -29.99 46.63
C GLY E 30 -61.42 -28.81 47.31
N GLN E 31 -61.19 -27.63 46.72
CA GLN E 31 -61.81 -26.40 47.22
C GLN E 31 -63.31 -26.62 47.44
N VAL E 32 -64.01 -27.11 46.42
CA VAL E 32 -65.45 -27.28 46.48
C VAL E 32 -65.83 -28.39 47.46
N GLY E 33 -65.17 -29.54 47.37
CA GLY E 33 -65.51 -30.65 48.26
C GLY E 33 -65.32 -30.30 49.73
N MET E 34 -64.26 -29.59 50.05
CA MET E 34 -64.06 -29.23 51.45
C MET E 34 -65.00 -28.11 51.88
N ALA E 35 -65.37 -27.19 50.98
CA ALA E 35 -66.40 -26.22 51.35
C ALA E 35 -67.72 -26.91 51.64
N CYS E 36 -68.08 -27.88 50.81
CA CYS E 36 -69.24 -28.72 51.10
C CYS E 36 -69.09 -29.42 52.46
N ALA E 37 -67.95 -30.05 52.70
CA ALA E 37 -67.79 -30.82 53.94
C ALA E 37 -67.96 -29.90 55.15
N ILE E 38 -67.29 -28.76 55.14
CA ILE E 38 -67.33 -27.87 56.30
C ILE E 38 -68.75 -27.33 56.51
N SER E 39 -69.46 -27.01 55.41
CA SER E 39 -70.84 -26.56 55.55
C SER E 39 -71.76 -27.65 56.10
N ILE E 40 -71.63 -28.88 55.60
CA ILE E 40 -72.46 -29.97 56.12
C ILE E 40 -72.17 -30.20 57.60
N LEU E 41 -70.91 -30.09 57.98
CA LEU E 41 -70.52 -30.32 59.36
C LEU E 41 -71.08 -29.23 60.26
N GLY E 42 -70.97 -27.97 59.83
CA GLY E 42 -71.42 -26.85 60.65
C GLY E 42 -72.89 -26.92 60.98
N LYS E 43 -73.71 -27.44 60.06
CA LYS E 43 -75.13 -27.63 60.28
C LYS E 43 -75.48 -29.00 60.89
N SER E 44 -74.48 -29.81 61.26
CA SER E 44 -74.73 -31.11 61.89
C SER E 44 -75.67 -31.97 61.06
N LEU E 45 -75.43 -32.00 59.74
CA LEU E 45 -76.31 -32.74 58.85
C LEU E 45 -75.93 -34.21 58.72
N ALA E 46 -74.72 -34.61 59.08
CA ALA E 46 -74.30 -36.00 58.97
C ALA E 46 -73.92 -36.53 60.35
N ASP E 47 -74.42 -37.73 60.68
CA ASP E 47 -73.84 -38.45 61.80
C ASP E 47 -72.53 -39.14 61.41
N GLU E 48 -72.35 -39.44 60.12
CA GLU E 48 -71.10 -40.00 59.61
C GLU E 48 -70.76 -39.31 58.28
N LEU E 49 -69.51 -38.88 58.14
CA LEU E 49 -69.06 -38.19 56.94
C LEU E 49 -67.90 -38.96 56.33
N ALA E 50 -67.99 -39.25 55.03
CA ALA E 50 -67.01 -40.04 54.31
C ALA E 50 -66.42 -39.20 53.17
N LEU E 51 -65.09 -39.12 53.13
CA LEU E 51 -64.39 -38.38 52.10
C LEU E 51 -63.71 -39.35 51.14
N VAL E 52 -63.92 -39.16 49.85
CA VAL E 52 -63.31 -40.00 48.82
C VAL E 52 -62.56 -39.09 47.85
N ASP E 53 -61.33 -39.47 47.52
CA ASP E 53 -60.55 -38.76 46.52
C ASP E 53 -59.52 -39.75 45.97
N VAL E 54 -58.83 -39.33 44.91
CA VAL E 54 -57.77 -40.16 44.35
C VAL E 54 -56.40 -39.77 44.90
N LEU E 55 -56.25 -38.56 45.41
CA LEU E 55 -55.04 -38.13 46.10
C LEU E 55 -55.09 -38.63 47.55
N GLU E 56 -54.39 -39.73 47.85
CA GLU E 56 -54.50 -40.35 49.16
C GLU E 56 -54.01 -39.43 50.27
N ASP E 57 -52.90 -38.73 50.02
CA ASP E 57 -52.27 -37.92 51.08
C ASP E 57 -53.14 -36.72 51.45
N LYS E 58 -53.55 -35.96 50.42
CA LYS E 58 -54.48 -34.86 50.64
C LYS E 58 -55.71 -35.35 51.38
N LEU E 59 -56.24 -36.49 50.92
CA LEU E 59 -57.42 -37.07 51.52
C LEU E 59 -57.23 -37.27 53.02
N LYS E 60 -56.15 -37.94 53.40
CA LYS E 60 -55.92 -38.24 54.81
C LYS E 60 -55.79 -36.96 55.62
N GLY E 61 -55.07 -35.96 55.08
CA GLY E 61 -54.88 -34.71 55.82
C GLY E 61 -56.17 -33.93 56.03
N GLU E 62 -56.99 -33.81 54.98
CA GLU E 62 -58.31 -33.20 55.16
C GLU E 62 -59.12 -33.93 56.23
N MET E 63 -59.13 -35.27 56.17
CA MET E 63 -59.85 -36.05 57.17
C MET E 63 -59.34 -35.74 58.57
N MET E 64 -58.02 -35.63 58.73
CA MET E 64 -57.45 -35.38 60.05
C MET E 64 -57.78 -33.97 60.56
N ASP E 65 -57.83 -32.99 59.66
CA ASP E 65 -58.18 -31.62 60.08
C ASP E 65 -59.60 -31.57 60.61
N LEU E 66 -60.54 -32.18 59.87
CA LEU E 66 -61.91 -32.25 60.37
C LEU E 66 -61.98 -33.01 61.72
N GLN E 67 -61.32 -34.17 61.81
CA GLN E 67 -61.35 -34.92 63.06
C GLN E 67 -60.84 -34.09 64.22
N HIS E 68 -59.81 -33.27 63.99
CA HIS E 68 -59.31 -32.39 65.03
C HIS E 68 -60.35 -31.38 65.46
N GLY E 69 -61.16 -30.90 64.52
CA GLY E 69 -62.26 -30.05 64.93
C GLY E 69 -63.46 -30.74 65.58
N SER E 70 -63.45 -32.07 65.62
CA SER E 70 -64.56 -32.82 66.23
C SER E 70 -65.16 -32.22 67.51
N LEU E 71 -64.34 -31.66 68.42
CA LEU E 71 -64.91 -31.15 69.67
C LEU E 71 -65.99 -30.11 69.42
N PHE E 72 -65.89 -29.36 68.32
CA PHE E 72 -66.82 -28.29 68.02
C PHE E 72 -67.96 -28.74 67.12
N LEU E 73 -68.06 -30.04 66.84
CA LEU E 73 -68.97 -30.56 65.82
C LEU E 73 -69.86 -31.62 66.43
N GLN E 74 -70.79 -32.14 65.62
CA GLN E 74 -71.74 -33.16 66.05
C GLN E 74 -71.79 -34.29 65.04
N THR E 75 -70.62 -34.68 64.55
CA THR E 75 -70.47 -35.84 63.67
C THR E 75 -69.50 -36.81 64.32
N PRO E 76 -69.98 -37.90 64.93
CA PRO E 76 -69.10 -38.78 65.71
C PRO E 76 -68.09 -39.56 64.89
N LYS E 77 -68.21 -39.56 63.56
CA LYS E 77 -67.47 -40.50 62.72
C LYS E 77 -67.14 -39.81 61.41
N ILE E 78 -65.85 -39.57 61.16
CA ILE E 78 -65.37 -38.95 59.93
C ILE E 78 -64.29 -39.86 59.35
N VAL E 79 -64.49 -40.31 58.11
CA VAL E 79 -63.68 -41.34 57.50
C VAL E 79 -63.38 -40.99 56.05
N ALA E 80 -62.14 -41.28 55.62
CA ALA E 80 -61.65 -41.00 54.29
C ALA E 80 -60.88 -42.20 53.75
N ASP E 81 -61.10 -42.49 52.46
CA ASP E 81 -60.39 -43.56 51.79
C ASP E 81 -60.66 -43.49 50.29
N LYS E 82 -59.64 -43.76 49.47
CA LYS E 82 -59.84 -43.89 48.02
C LYS E 82 -60.74 -45.07 47.65
N ASP E 83 -60.88 -46.04 48.55
CA ASP E 83 -61.77 -47.17 48.29
C ASP E 83 -63.21 -46.79 48.66
N TYR E 84 -64.14 -46.98 47.72
CA TYR E 84 -65.52 -46.57 48.01
C TYR E 84 -66.19 -47.42 49.09
N SER E 85 -65.49 -48.36 49.71
CA SER E 85 -66.08 -49.09 50.81
C SER E 85 -66.43 -48.14 51.95
N VAL E 86 -65.60 -47.14 52.19
CA VAL E 86 -65.89 -46.16 53.22
C VAL E 86 -67.21 -45.46 52.99
N THR E 87 -67.71 -45.44 51.75
CA THR E 87 -68.97 -44.76 51.44
C THR E 87 -70.19 -45.64 51.64
N ALA E 88 -70.03 -46.90 52.00
CA ALA E 88 -71.17 -47.81 52.10
C ALA E 88 -72.30 -47.22 52.93
N ASN E 89 -73.52 -47.39 52.43
CA ASN E 89 -74.75 -47.04 53.14
C ASN E 89 -74.95 -45.53 53.28
N SER E 90 -74.36 -44.75 52.39
CA SER E 90 -74.59 -43.31 52.42
C SER E 90 -76.05 -43.02 52.07
N LYS E 91 -76.66 -42.10 52.84
CA LYS E 91 -77.94 -41.55 52.42
C LYS E 91 -77.76 -40.55 51.29
N ILE E 92 -76.72 -39.72 51.36
CA ILE E 92 -76.47 -38.74 50.29
C ILE E 92 -75.02 -38.82 49.86
N VAL E 93 -74.78 -38.71 48.55
CA VAL E 93 -73.44 -38.71 48.00
C VAL E 93 -73.31 -37.51 47.06
N VAL E 94 -72.39 -36.62 47.40
CA VAL E 94 -72.15 -35.37 46.71
C VAL E 94 -70.88 -35.53 45.91
N VAL E 95 -70.99 -35.41 44.58
CA VAL E 95 -69.87 -35.61 43.66
C VAL E 95 -69.36 -34.24 43.24
N THR E 96 -68.13 -33.95 43.68
CA THR E 96 -67.45 -32.70 43.35
C THR E 96 -66.14 -32.95 42.64
N ALA E 97 -65.89 -34.18 42.19
CA ALA E 97 -64.61 -34.57 41.65
C ALA E 97 -64.50 -34.16 40.18
N GLY E 98 -63.27 -33.87 39.77
CA GLY E 98 -62.99 -33.65 38.36
C GLY E 98 -62.26 -32.35 38.11
N VAL E 99 -62.19 -31.97 36.83
CA VAL E 99 -61.55 -30.74 36.42
C VAL E 99 -62.53 -29.59 36.58
N ARG E 100 -61.98 -28.41 36.86
CA ARG E 100 -62.74 -27.18 36.99
C ARG E 100 -62.34 -26.21 35.88
N GLN E 101 -63.00 -25.06 35.86
CA GLN E 101 -62.79 -24.07 34.81
C GLN E 101 -61.45 -23.37 34.97
N GLN E 102 -60.68 -23.30 33.90
CA GLN E 102 -59.62 -22.32 33.87
C GLN E 102 -60.24 -20.93 33.66
N GLU E 103 -59.47 -19.90 33.97
CA GLU E 103 -59.97 -18.53 33.82
C GLU E 103 -60.39 -18.29 32.37
N GLY E 104 -61.66 -17.92 32.18
CA GLY E 104 -62.18 -17.78 30.85
C GLY E 104 -62.41 -19.09 30.11
N GLU E 105 -62.67 -20.18 30.82
CA GLU E 105 -63.06 -21.44 30.20
C GLU E 105 -64.53 -21.71 30.48
N SER E 106 -65.29 -22.01 29.42
CA SER E 106 -66.67 -22.39 29.61
C SER E 106 -66.78 -23.73 30.32
N ARG E 107 -67.74 -23.85 31.24
CA ARG E 107 -67.90 -25.13 31.90
C ARG E 107 -68.16 -26.24 30.89
N LEU E 108 -68.82 -25.92 29.76
CA LEU E 108 -69.12 -26.97 28.79
C LEU E 108 -67.86 -27.65 28.29
N ASN E 109 -66.76 -26.89 28.20
CA ASN E 109 -65.47 -27.42 27.78
C ASN E 109 -65.01 -28.58 28.67
N LEU E 110 -65.51 -28.66 29.88
CA LEU E 110 -65.04 -29.66 30.81
C LEU E 110 -65.75 -30.99 30.62
N VAL E 111 -66.71 -31.07 29.69
CA VAL E 111 -67.62 -32.21 29.71
C VAL E 111 -66.86 -33.52 29.44
N GLN E 112 -66.17 -33.62 28.31
CA GLN E 112 -65.51 -34.87 27.94
C GLN E 112 -64.66 -35.42 29.10
N ARG E 113 -63.57 -34.73 29.44
CA ARG E 113 -62.77 -35.14 30.59
C ARG E 113 -63.65 -35.62 31.74
N ASN E 114 -64.60 -34.79 32.19
CA ASN E 114 -65.33 -35.16 33.38
C ASN E 114 -66.31 -36.29 33.16
N VAL E 115 -66.85 -36.46 31.94
CA VAL E 115 -67.58 -37.70 31.69
C VAL E 115 -66.69 -38.90 32.02
N ASN E 116 -65.43 -38.87 31.60
CA ASN E 116 -64.54 -39.98 31.91
C ASN E 116 -64.43 -40.16 33.42
N VAL E 117 -64.24 -39.06 34.17
CA VAL E 117 -64.17 -39.19 35.62
C VAL E 117 -65.40 -39.91 36.13
N PHE E 118 -66.58 -39.47 35.68
CA PHE E 118 -67.82 -40.02 36.21
C PHE E 118 -68.01 -41.46 35.78
N LYS E 119 -67.50 -41.81 34.59
CA LYS E 119 -67.58 -43.20 34.16
C LYS E 119 -66.92 -44.12 35.16
N PHE E 120 -65.91 -43.60 35.87
CA PHE E 120 -65.23 -44.36 36.90
C PHE E 120 -66.01 -44.34 38.21
N ILE E 121 -66.57 -43.19 38.60
CA ILE E 121 -66.96 -43.05 40.00
C ILE E 121 -68.43 -43.31 40.27
N ILE E 122 -69.30 -43.11 39.26
CA ILE E 122 -70.73 -43.35 39.50
C ILE E 122 -71.02 -44.81 39.78
N PRO E 123 -70.47 -45.78 39.03
CA PRO E 123 -70.76 -47.18 39.36
C PRO E 123 -70.34 -47.53 40.76
N GLN E 124 -69.11 -47.17 41.12
CA GLN E 124 -68.61 -47.43 42.48
C GLN E 124 -69.61 -46.94 43.52
N ILE E 125 -70.03 -45.68 43.41
CA ILE E 125 -71.02 -45.13 44.34
C ILE E 125 -72.20 -46.07 44.50
N VAL E 126 -72.82 -46.44 43.38
CA VAL E 126 -74.06 -47.21 43.47
C VAL E 126 -73.78 -48.62 43.94
N LYS E 127 -72.55 -49.10 43.74
CA LYS E 127 -72.18 -50.39 44.29
C LYS E 127 -72.43 -50.40 45.80
N TYR E 128 -71.96 -49.35 46.49
CA TYR E 128 -71.89 -49.38 47.95
C TYR E 128 -73.05 -48.67 48.64
N SER E 129 -73.87 -47.93 47.90
CA SER E 129 -75.08 -47.31 48.46
C SER E 129 -76.16 -47.35 47.39
N PRO E 130 -76.81 -48.51 47.21
CA PRO E 130 -77.80 -48.62 46.13
C PRO E 130 -79.06 -47.80 46.37
N ASP E 131 -79.31 -47.35 47.60
CA ASP E 131 -80.51 -46.60 47.93
C ASP E 131 -80.27 -45.09 48.03
N CYS E 132 -79.08 -44.62 47.66
CA CYS E 132 -78.66 -43.26 47.94
C CYS E 132 -79.20 -42.24 46.93
N ILE E 133 -79.26 -40.99 47.38
CA ILE E 133 -79.46 -39.82 46.54
C ILE E 133 -78.10 -39.27 46.15
N ILE E 134 -77.92 -38.97 44.86
CA ILE E 134 -76.67 -38.39 44.36
C ILE E 134 -76.93 -36.93 44.04
N ILE E 135 -76.15 -36.05 44.65
CA ILE E 135 -76.11 -34.62 44.30
C ILE E 135 -74.86 -34.42 43.46
N VAL E 136 -75.06 -34.08 42.18
CA VAL E 136 -73.96 -33.79 41.26
C VAL E 136 -73.63 -32.31 41.35
N VAL E 137 -72.35 -32.00 41.54
CA VAL E 137 -71.91 -30.61 41.62
C VAL E 137 -70.94 -30.26 40.50
N SER E 138 -70.00 -31.17 40.20
CA SER E 138 -68.98 -31.03 39.16
C SER E 138 -69.55 -30.50 37.84
N ASN E 139 -68.69 -29.81 37.07
CA ASN E 139 -69.24 -29.11 35.91
C ASN E 139 -68.89 -29.81 34.58
N PRO E 140 -69.71 -29.63 33.53
CA PRO E 140 -70.99 -28.89 33.57
C PRO E 140 -72.04 -29.71 34.29
N VAL E 141 -72.63 -29.13 35.33
CA VAL E 141 -73.45 -29.88 36.28
C VAL E 141 -74.69 -30.47 35.61
N ASP E 142 -75.35 -29.72 34.72
CA ASP E 142 -76.55 -30.27 34.08
C ASP E 142 -76.22 -31.52 33.25
N ILE E 143 -75.20 -31.42 32.38
CA ILE E 143 -74.84 -32.55 31.52
C ILE E 143 -74.36 -33.72 32.36
N LEU E 144 -73.53 -33.44 33.38
CA LEU E 144 -73.04 -34.50 34.25
C LEU E 144 -74.17 -35.12 35.07
N THR E 145 -75.23 -34.37 35.38
CA THR E 145 -76.34 -34.99 36.11
C THR E 145 -77.09 -35.96 35.21
N TYR E 146 -77.31 -35.57 33.95
CA TYR E 146 -77.82 -36.51 32.96
C TYR E 146 -76.93 -37.77 32.90
N VAL E 147 -75.63 -37.56 32.76
CA VAL E 147 -74.68 -38.68 32.70
C VAL E 147 -74.77 -39.55 33.95
N THR E 148 -75.09 -38.97 35.10
CA THR E 148 -75.16 -39.76 36.34
C THR E 148 -76.44 -40.56 36.39
N TRP E 149 -77.55 -39.93 36.04
CA TRP E 149 -78.79 -40.68 35.84
C TRP E 149 -78.56 -41.89 34.94
N LYS E 150 -77.78 -41.72 33.86
CA LYS E 150 -77.58 -42.83 32.93
C LYS E 150 -76.64 -43.90 33.49
N LEU E 151 -75.44 -43.49 33.93
CA LEU E 151 -74.45 -44.46 34.39
C LEU E 151 -74.90 -45.20 35.66
N SER E 152 -75.80 -44.59 36.45
CA SER E 152 -76.13 -45.12 37.76
C SER E 152 -77.33 -46.06 37.75
N GLY E 153 -78.23 -45.90 36.78
CA GLY E 153 -79.47 -46.65 36.80
C GLY E 153 -80.49 -46.17 37.81
N LEU E 154 -80.19 -45.12 38.58
CA LEU E 154 -81.09 -44.71 39.64
C LEU E 154 -82.36 -44.08 39.06
N PRO E 155 -83.42 -44.01 39.86
CA PRO E 155 -84.60 -43.27 39.44
C PRO E 155 -84.32 -41.78 39.40
N LYS E 156 -85.01 -41.08 38.48
CA LYS E 156 -84.84 -39.65 38.31
C LYS E 156 -84.96 -38.90 39.63
N HIS E 157 -85.86 -39.33 40.52
CA HIS E 157 -86.03 -38.58 41.76
C HIS E 157 -84.84 -38.68 42.71
N ARG E 158 -83.76 -39.38 42.34
CA ARG E 158 -82.60 -39.57 43.21
C ARG E 158 -81.27 -39.13 42.60
N VAL E 159 -81.28 -38.51 41.41
CA VAL E 159 -80.06 -38.00 40.78
C VAL E 159 -80.31 -36.51 40.51
N ILE E 160 -79.61 -35.66 41.27
CA ILE E 160 -79.96 -34.24 41.42
C ILE E 160 -78.72 -33.40 41.14
N GLY E 161 -78.84 -32.48 40.18
CA GLY E 161 -77.75 -31.56 39.89
C GLY E 161 -77.96 -30.31 40.71
N SER E 162 -76.88 -29.84 41.35
CA SER E 162 -76.98 -28.63 42.17
C SER E 162 -77.54 -27.46 41.36
N GLY E 163 -77.28 -27.44 40.05
CA GLY E 163 -78.09 -26.62 39.15
C GLY E 163 -78.04 -25.14 39.48
N CYS E 164 -79.20 -24.50 39.50
CA CYS E 164 -79.30 -23.06 39.64
C CYS E 164 -79.63 -22.59 41.06
N ASN E 165 -79.64 -23.48 42.05
CA ASN E 165 -79.75 -22.99 43.42
C ASN E 165 -78.73 -21.88 43.69
N LEU E 166 -77.47 -22.07 43.27
CA LEU E 166 -76.45 -21.05 43.45
C LEU E 166 -76.71 -19.83 42.58
N ASP E 167 -77.01 -20.03 41.30
CA ASP E 167 -77.33 -18.88 40.45
C ASP E 167 -78.43 -18.03 41.09
N SER E 168 -79.44 -18.69 41.67
CA SER E 168 -80.57 -17.94 42.22
C SER E 168 -80.17 -17.23 43.51
N ALA E 169 -79.40 -17.90 44.36
CA ALA E 169 -78.78 -17.21 45.48
C ALA E 169 -78.07 -15.95 45.00
N ARG E 170 -77.31 -16.05 43.91
CA ARG E 170 -76.54 -14.90 43.42
C ARG E 170 -77.47 -13.78 42.95
N PHE E 171 -78.47 -14.14 42.16
CA PHE E 171 -79.50 -13.20 41.73
C PHE E 171 -80.13 -12.47 42.90
N ARG E 172 -80.66 -13.25 43.85
CA ARG E 172 -81.33 -12.66 45.00
C ARG E 172 -80.39 -11.77 45.79
N TYR E 173 -79.09 -12.09 45.80
CA TYR E 173 -78.13 -11.21 46.47
C TYR E 173 -78.00 -9.85 45.74
N LEU E 174 -77.69 -9.84 44.41
CA LEU E 174 -77.51 -8.59 43.73
C LEU E 174 -78.79 -7.74 43.81
N MET E 175 -79.92 -8.45 43.85
CA MET E 175 -81.23 -7.86 44.07
C MET E 175 -81.40 -7.21 45.45
N ALA E 176 -81.11 -7.92 46.54
CA ALA E 176 -81.07 -7.32 47.86
C ALA E 176 -80.14 -6.10 47.90
N GLU E 177 -78.94 -6.22 47.33
CA GLU E 177 -78.09 -5.04 47.16
C GLU E 177 -78.90 -3.89 46.57
N LYS E 178 -79.58 -4.13 45.44
CA LYS E 178 -80.37 -3.08 44.82
C LYS E 178 -81.43 -2.52 45.77
N LEU E 179 -82.15 -3.39 46.49
CA LEU E 179 -83.37 -2.95 47.18
C LEU E 179 -83.18 -2.69 48.67
N GLY E 180 -82.02 -3.06 49.23
CA GLY E 180 -81.80 -2.86 50.64
C GLY E 180 -82.62 -3.74 51.55
N ILE E 181 -82.85 -4.99 51.17
CA ILE E 181 -83.50 -5.96 52.04
C ILE E 181 -82.74 -7.29 52.00
N HIS E 182 -83.05 -8.16 52.95
CA HIS E 182 -82.32 -9.43 53.00
C HIS E 182 -82.64 -10.26 51.76
N PRO E 183 -81.69 -11.06 51.30
CA PRO E 183 -81.93 -11.90 50.11
C PRO E 183 -83.15 -12.82 50.24
N SER E 184 -83.45 -13.32 51.46
CA SER E 184 -84.56 -14.26 51.64
C SER E 184 -85.91 -13.61 51.38
N SER E 185 -86.03 -12.30 51.60
CA SER E 185 -87.26 -11.56 51.34
C SER E 185 -87.32 -11.00 49.91
N CYS E 186 -86.33 -11.29 49.08
CA CYS E 186 -86.39 -11.09 47.64
C CYS E 186 -86.63 -12.45 47.01
N HIS E 187 -87.50 -12.50 46.01
CA HIS E 187 -87.83 -13.77 45.39
C HIS E 187 -87.60 -13.63 43.90
N GLY E 188 -86.93 -14.62 43.32
CA GLY E 188 -86.43 -14.52 41.96
C GLY E 188 -85.76 -15.81 41.55
N TRP E 189 -86.08 -16.29 40.36
CA TRP E 189 -85.68 -17.62 39.92
C TRP E 189 -84.82 -17.54 38.66
N ILE E 190 -83.59 -18.04 38.76
CA ILE E 190 -82.75 -18.32 37.62
C ILE E 190 -82.90 -19.80 37.32
N LEU E 191 -83.16 -20.14 36.05
CA LEU E 191 -83.42 -21.51 35.64
C LEU E 191 -82.61 -21.85 34.38
N GLY E 192 -82.70 -23.12 33.96
CA GLY E 192 -81.97 -23.63 32.81
C GLY E 192 -80.55 -24.05 33.11
N GLU E 193 -79.63 -23.84 32.16
CA GLU E 193 -78.23 -24.18 32.37
C GLU E 193 -77.60 -23.40 33.52
N HIS E 194 -76.85 -24.10 34.36
CA HIS E 194 -75.97 -23.43 35.32
C HIS E 194 -74.77 -22.98 34.51
N GLY E 195 -74.85 -21.79 33.92
CA GLY E 195 -73.87 -21.35 32.90
C GLY E 195 -74.42 -20.23 32.02
N ASP E 196 -73.88 -20.13 30.80
CA ASP E 196 -74.13 -18.91 30.04
C ASP E 196 -75.57 -18.79 29.57
N SER E 197 -76.30 -19.90 29.44
CA SER E 197 -77.63 -19.87 28.84
C SER E 197 -78.76 -19.80 29.87
N SER E 198 -78.43 -19.55 31.14
CA SER E 198 -79.45 -19.49 32.19
C SER E 198 -80.48 -18.40 31.89
N VAL E 199 -81.66 -18.58 32.49
CA VAL E 199 -82.86 -17.81 32.18
C VAL E 199 -83.29 -17.11 33.45
N ALA E 200 -83.36 -15.79 33.41
CA ALA E 200 -84.00 -15.05 34.49
C ALA E 200 -85.52 -15.06 34.27
N VAL E 201 -86.27 -15.64 35.22
CA VAL E 201 -87.73 -15.60 35.16
C VAL E 201 -88.25 -14.27 35.71
N TRP E 202 -88.13 -13.20 34.91
CA TRP E 202 -88.53 -11.87 35.36
C TRP E 202 -89.97 -11.84 35.83
N SER E 203 -90.85 -12.57 35.15
CA SER E 203 -92.27 -12.54 35.51
C SER E 203 -92.51 -13.04 36.93
N GLY E 204 -91.49 -13.62 37.58
CA GLY E 204 -91.66 -14.20 38.89
C GLY E 204 -90.95 -13.41 39.96
N VAL E 205 -90.15 -12.42 39.55
CA VAL E 205 -89.40 -11.63 40.52
C VAL E 205 -90.38 -10.78 41.32
N ASN E 206 -90.27 -10.87 42.66
CA ASN E 206 -91.27 -10.24 43.51
C ASN E 206 -90.73 -10.07 44.92
N VAL E 207 -91.24 -9.04 45.60
CA VAL E 207 -90.97 -8.75 47.01
C VAL E 207 -92.31 -8.67 47.71
N ALA E 208 -92.57 -9.61 48.63
CA ALA E 208 -93.79 -9.58 49.41
C ALA E 208 -95.02 -9.69 48.51
N GLY E 209 -94.95 -10.60 47.54
CA GLY E 209 -96.03 -10.81 46.59
C GLY E 209 -96.18 -9.76 45.52
N VAL E 210 -95.34 -8.72 45.51
CA VAL E 210 -95.44 -7.64 44.54
C VAL E 210 -94.57 -7.97 43.35
N SER E 211 -95.21 -8.14 42.20
CA SER E 211 -94.52 -8.39 40.95
C SER E 211 -93.72 -7.15 40.59
N LEU E 212 -92.38 -7.30 40.54
CA LEU E 212 -91.53 -6.15 40.23
C LEU E 212 -91.62 -5.77 38.76
N GLN E 213 -91.93 -6.73 37.90
CA GLN E 213 -92.12 -6.40 36.50
C GLN E 213 -93.45 -5.69 36.26
N GLU E 214 -94.35 -5.73 37.26
CA GLU E 214 -95.57 -4.92 37.21
C GLU E 214 -95.24 -3.44 37.41
N LEU E 215 -94.45 -3.13 38.44
CA LEU E 215 -94.00 -1.75 38.66
C LEU E 215 -93.02 -1.30 37.60
N ASN E 216 -92.47 -2.23 36.82
CA ASN E 216 -91.37 -1.92 35.89
C ASN E 216 -91.51 -2.82 34.66
N PRO E 217 -92.53 -2.56 33.84
CA PRO E 217 -92.81 -3.49 32.72
C PRO E 217 -91.67 -3.64 31.72
N GLU E 218 -90.69 -2.74 31.72
CA GLU E 218 -89.53 -2.88 30.86
C GLU E 218 -88.46 -3.78 31.45
N MET E 219 -88.74 -4.40 32.59
CA MET E 219 -87.75 -5.21 33.29
C MET E 219 -87.21 -6.33 32.42
N GLY E 220 -85.89 -6.41 32.30
CA GLY E 220 -85.26 -7.42 31.49
C GLY E 220 -85.21 -7.15 29.99
N THR E 221 -85.57 -5.95 29.54
CA THR E 221 -85.48 -5.60 28.13
C THR E 221 -84.24 -4.75 27.88
N ASP E 222 -84.14 -4.24 26.65
CA ASP E 222 -82.93 -3.49 26.30
C ASP E 222 -83.04 -2.00 26.62
N ASN E 223 -84.25 -1.45 26.70
CA ASN E 223 -84.44 -0.15 27.34
C ASN E 223 -85.11 -0.38 28.69
N ASP E 224 -84.29 -0.58 29.71
CA ASP E 224 -84.77 -0.75 31.07
C ASP E 224 -84.08 0.27 31.96
N SER E 225 -84.86 1.20 32.52
CA SER E 225 -84.30 2.19 33.42
C SER E 225 -83.51 1.53 34.53
N GLU E 226 -84.11 0.52 35.18
CA GLU E 226 -83.44 -0.17 36.25
C GLU E 226 -82.30 -1.06 35.75
N ASN E 227 -82.31 -1.43 34.47
CA ASN E 227 -81.22 -2.22 33.87
C ASN E 227 -81.11 -3.60 34.54
N TRP E 228 -82.26 -4.27 34.68
CA TRP E 228 -82.28 -5.58 35.32
C TRP E 228 -81.49 -6.61 34.53
N LYS E 229 -81.51 -6.51 33.21
CA LYS E 229 -80.68 -7.42 32.43
C LYS E 229 -79.23 -7.38 32.87
N GLU E 230 -78.76 -6.21 33.30
CA GLU E 230 -77.42 -6.13 33.86
C GLU E 230 -77.27 -7.05 35.06
N VAL E 231 -78.31 -7.15 35.90
CA VAL E 231 -78.27 -8.07 37.04
C VAL E 231 -78.15 -9.51 36.55
N HIS E 232 -78.94 -9.86 35.53
CA HIS E 232 -78.82 -11.23 35.03
C HIS E 232 -77.42 -11.49 34.49
N LYS E 233 -76.86 -10.52 33.74
CA LYS E 233 -75.52 -10.67 33.19
C LYS E 233 -74.49 -10.85 34.31
N MET E 234 -74.56 -10.03 35.35
CA MET E 234 -73.69 -10.22 36.52
C MET E 234 -73.81 -11.63 37.07
N VAL E 235 -75.02 -12.17 37.15
CA VAL E 235 -75.17 -13.56 37.59
C VAL E 235 -74.41 -14.50 36.65
N VAL E 236 -74.50 -14.26 35.34
CA VAL E 236 -73.81 -15.13 34.38
C VAL E 236 -72.30 -15.03 34.56
N GLU E 237 -71.81 -13.82 34.75
CA GLU E 237 -70.39 -13.53 34.77
C GLU E 237 -69.74 -13.88 36.10
N SER E 238 -70.53 -13.99 37.16
CA SER E 238 -69.97 -14.03 38.52
C SER E 238 -68.89 -15.10 38.64
N ALA E 239 -69.17 -16.32 38.18
CA ALA E 239 -68.19 -17.38 38.34
C ALA E 239 -66.88 -17.01 37.66
N TYR E 240 -66.96 -16.44 36.45
CA TYR E 240 -65.74 -16.04 35.76
C TYR E 240 -64.98 -14.97 36.53
N GLU E 241 -65.69 -13.95 37.03
CA GLU E 241 -64.98 -12.88 37.74
C GLU E 241 -64.35 -13.38 39.04
N VAL E 242 -65.03 -14.29 39.74
CA VAL E 242 -64.44 -14.81 40.98
C VAL E 242 -63.26 -15.71 40.65
N ILE E 243 -63.40 -16.58 39.64
CA ILE E 243 -62.27 -17.38 39.17
C ILE E 243 -61.10 -16.49 38.79
N LYS E 244 -61.38 -15.33 38.17
CA LYS E 244 -60.30 -14.43 37.80
C LYS E 244 -59.59 -13.85 39.03
N LEU E 245 -60.35 -13.57 40.11
CA LEU E 245 -59.74 -12.91 41.26
C LEU E 245 -59.09 -13.88 42.25
N LYS E 246 -59.56 -15.13 42.33
CA LYS E 246 -59.04 -16.04 43.34
C LYS E 246 -58.88 -17.48 42.83
N GLY E 247 -59.06 -17.73 41.52
CA GLY E 247 -58.78 -19.02 40.93
C GLY E 247 -59.93 -20.00 40.87
N TYR E 248 -60.93 -19.86 41.73
CA TYR E 248 -61.98 -20.86 41.82
C TYR E 248 -63.14 -20.25 42.61
N THR E 249 -64.20 -21.02 42.79
CA THR E 249 -65.25 -20.64 43.72
C THR E 249 -65.59 -21.85 44.58
N ASN E 250 -66.07 -21.60 45.79
CA ASN E 250 -66.33 -22.76 46.64
C ASN E 250 -67.26 -22.48 47.81
N TRP E 251 -67.15 -21.32 48.44
CA TRP E 251 -67.94 -21.09 49.65
C TRP E 251 -69.43 -21.06 49.33
N ALA E 252 -69.83 -20.29 48.30
CA ALA E 252 -71.25 -20.20 47.99
C ALA E 252 -71.81 -21.56 47.58
N ILE E 253 -71.13 -22.25 46.67
CA ILE E 253 -71.62 -23.56 46.29
C ILE E 253 -71.68 -24.47 47.51
N GLY E 254 -70.71 -24.35 48.42
CA GLY E 254 -70.76 -25.17 49.61
C GLY E 254 -72.03 -24.95 50.41
N LEU E 255 -72.38 -23.68 50.63
CA LEU E 255 -73.60 -23.36 51.36
C LEU E 255 -74.85 -23.82 50.61
N SER E 256 -74.81 -23.77 49.27
CA SER E 256 -75.97 -24.21 48.48
C SER E 256 -76.15 -25.73 48.56
N VAL E 257 -75.05 -26.47 48.44
CA VAL E 257 -75.11 -27.91 48.65
C VAL E 257 -75.70 -28.21 50.03
N ALA E 258 -75.21 -27.51 51.07
CA ALA E 258 -75.73 -27.74 52.42
C ALA E 258 -77.22 -27.43 52.52
N ASP E 259 -77.67 -26.35 51.85
CA ASP E 259 -79.08 -25.97 51.84
C ASP E 259 -79.95 -27.07 51.24
N LEU E 260 -79.53 -27.62 50.10
CA LEU E 260 -80.23 -28.76 49.51
C LEU E 260 -80.24 -29.97 50.44
N ILE E 261 -79.07 -30.31 50.97
CA ILE E 261 -79.01 -31.48 51.84
C ILE E 261 -79.97 -31.30 52.99
N GLU E 262 -80.07 -30.09 53.52
CA GLU E 262 -80.92 -29.82 54.67
C GLU E 262 -82.39 -30.02 54.35
N SER E 263 -82.84 -29.47 53.21
CA SER E 263 -84.21 -29.77 52.80
C SER E 263 -84.43 -31.27 52.69
N MET E 264 -83.42 -32.02 52.25
CA MET E 264 -83.72 -33.43 52.02
C MET E 264 -83.72 -34.24 53.33
N LEU E 265 -82.67 -34.08 54.13
CA LEU E 265 -82.54 -34.86 55.35
C LEU E 265 -83.60 -34.49 56.38
N LYS E 266 -84.00 -33.23 56.43
CA LYS E 266 -85.09 -32.81 57.30
C LYS E 266 -86.46 -32.97 56.65
N ASN E 267 -86.53 -33.63 55.49
CA ASN E 267 -87.80 -33.98 54.83
C ASN E 267 -88.74 -32.79 54.71
N LEU E 268 -88.22 -31.64 54.30
CA LEU E 268 -88.96 -30.40 54.37
C LEU E 268 -89.87 -30.15 53.18
N SER E 269 -89.65 -30.80 52.05
CA SER E 269 -90.37 -30.49 50.82
C SER E 269 -90.30 -28.99 50.53
N ARG E 270 -89.08 -28.47 50.56
CA ARG E 270 -88.86 -27.08 50.17
C ARG E 270 -88.54 -27.05 48.68
N ILE E 271 -88.76 -25.89 48.08
CA ILE E 271 -88.61 -25.74 46.63
C ILE E 271 -87.30 -25.01 46.34
N HIS E 272 -86.45 -25.66 45.56
CA HIS E 272 -85.14 -25.17 45.11
C HIS E 272 -85.03 -25.24 43.60
N PRO E 273 -84.30 -24.31 42.95
CA PRO E 273 -84.03 -24.46 41.51
C PRO E 273 -82.89 -25.43 41.24
N VAL E 274 -83.21 -26.66 40.88
CA VAL E 274 -82.18 -27.70 40.76
C VAL E 274 -82.37 -28.46 39.47
N SER E 275 -81.32 -29.20 39.10
CA SER E 275 -81.18 -29.77 37.78
C SER E 275 -81.87 -31.13 37.74
N THR E 276 -82.83 -31.28 36.81
CA THR E 276 -83.57 -32.51 36.66
C THR E 276 -83.95 -32.72 35.20
N MET E 277 -84.59 -33.87 34.96
CA MET E 277 -85.00 -34.32 33.63
C MET E 277 -86.27 -33.59 33.20
N VAL E 278 -86.14 -32.67 32.24
CA VAL E 278 -87.22 -31.76 31.87
C VAL E 278 -87.89 -32.16 30.55
N LYS E 279 -87.64 -33.37 30.04
CA LYS E 279 -88.31 -33.81 28.82
C LYS E 279 -89.82 -33.68 28.95
N GLY E 280 -90.46 -33.09 27.95
CA GLY E 280 -91.90 -32.98 27.99
C GLY E 280 -92.43 -31.70 28.60
N MET E 281 -91.57 -30.81 29.08
CA MET E 281 -92.01 -29.53 29.63
C MET E 281 -91.54 -28.39 28.74
N TYR E 282 -92.38 -27.37 28.60
CA TYR E 282 -92.04 -26.15 27.89
C TYR E 282 -91.60 -26.42 26.43
N GLY E 283 -92.05 -27.53 25.85
CA GLY E 283 -91.66 -27.86 24.50
C GLY E 283 -90.32 -28.55 24.37
N ILE E 284 -89.70 -28.96 25.48
CA ILE E 284 -88.44 -29.69 25.39
C ILE E 284 -88.74 -31.11 24.92
N GLU E 285 -88.00 -31.58 23.91
CA GLU E 285 -88.37 -32.84 23.26
C GLU E 285 -87.52 -34.02 23.69
N ASN E 286 -86.36 -33.77 24.30
CA ASN E 286 -85.39 -34.81 24.62
C ASN E 286 -85.11 -34.80 26.13
N GLU E 287 -84.41 -35.85 26.57
CA GLU E 287 -84.11 -36.00 27.98
C GLU E 287 -83.05 -35.00 28.39
N VAL E 288 -83.41 -33.73 28.39
CA VAL E 288 -82.52 -32.66 28.80
C VAL E 288 -82.55 -32.56 30.33
N PHE E 289 -81.40 -32.26 30.91
CA PHE E 289 -81.32 -31.90 32.32
C PHE E 289 -81.01 -30.42 32.44
N LEU E 290 -81.87 -29.71 33.15
CA LEU E 290 -81.57 -28.31 33.48
C LEU E 290 -82.34 -27.95 34.72
N SER E 291 -82.17 -26.74 35.21
CA SER E 291 -82.76 -26.40 36.49
C SER E 291 -84.19 -25.92 36.33
N LEU E 292 -85.07 -26.49 37.13
CA LEU E 292 -86.38 -25.88 37.24
C LEU E 292 -86.66 -25.85 38.74
N PRO E 293 -87.77 -25.27 39.20
CA PRO E 293 -88.07 -25.26 40.64
C PRO E 293 -88.65 -26.59 41.07
N CYS E 294 -88.08 -27.17 42.14
CA CYS E 294 -88.34 -28.56 42.45
C CYS E 294 -88.56 -28.73 43.95
N ILE E 295 -89.43 -29.69 44.29
CA ILE E 295 -89.68 -30.07 45.68
C ILE E 295 -88.62 -31.06 46.14
N LEU E 296 -87.96 -30.75 47.24
CA LEU E 296 -86.93 -31.61 47.82
C LEU E 296 -87.36 -32.05 49.21
N ASN E 297 -87.27 -33.35 49.46
CA ASN E 297 -87.57 -33.96 50.75
C ASN E 297 -86.70 -35.23 50.89
N ALA E 298 -87.06 -36.09 51.84
CA ALA E 298 -86.21 -37.23 52.16
C ALA E 298 -86.17 -38.27 51.05
N ARG E 299 -87.15 -38.29 50.16
CA ARG E 299 -87.08 -39.15 49.00
C ARG E 299 -86.24 -38.58 47.87
N GLY E 300 -85.86 -37.30 47.97
CA GLY E 300 -85.05 -36.68 46.94
C GLY E 300 -85.86 -35.62 46.20
N LEU E 301 -85.82 -35.66 44.86
CA LEU E 301 -86.49 -34.68 44.02
C LEU E 301 -87.78 -35.32 43.55
N THR E 302 -88.89 -34.95 44.18
CA THR E 302 -90.15 -35.66 43.96
C THR E 302 -91.13 -34.93 43.07
N SER E 303 -90.86 -33.68 42.71
CA SER E 303 -91.85 -32.92 41.94
C SER E 303 -91.20 -31.69 41.32
N VAL E 304 -91.77 -31.26 40.19
CA VAL E 304 -91.34 -30.05 39.51
C VAL E 304 -92.50 -29.07 39.50
N ILE E 305 -92.22 -27.79 39.66
CA ILE E 305 -93.28 -26.79 39.70
C ILE E 305 -93.59 -26.33 38.29
N ASN E 306 -94.87 -26.31 37.94
CA ASN E 306 -95.31 -25.78 36.65
C ASN E 306 -95.46 -24.27 36.77
N GLN E 307 -94.80 -23.53 35.89
CA GLN E 307 -94.85 -22.07 35.91
C GLN E 307 -95.54 -21.58 34.65
N LYS E 308 -96.20 -20.42 34.76
CA LYS E 308 -96.74 -19.73 33.60
C LYS E 308 -95.66 -18.77 33.08
N LEU E 309 -94.70 -19.34 32.36
CA LEU E 309 -93.63 -18.54 31.81
C LEU E 309 -94.18 -17.65 30.70
N LYS E 310 -93.65 -16.42 30.62
CA LYS E 310 -93.90 -15.58 29.47
C LYS E 310 -93.21 -16.15 28.24
N ASP E 311 -93.68 -15.71 27.06
CA ASP E 311 -93.24 -16.32 25.81
C ASP E 311 -91.74 -16.25 25.65
N ASP E 312 -91.16 -15.06 25.84
CA ASP E 312 -89.71 -14.91 25.72
C ASP E 312 -88.96 -15.72 26.76
N GLU E 313 -89.57 -16.00 27.91
CA GLU E 313 -88.93 -16.83 28.91
C GLU E 313 -88.89 -18.28 28.44
N VAL E 314 -90.02 -18.77 27.92
CA VAL E 314 -90.00 -20.10 27.34
C VAL E 314 -88.95 -20.19 26.24
N ALA E 315 -88.79 -19.11 25.46
CA ALA E 315 -87.82 -19.11 24.38
C ALA E 315 -86.38 -19.14 24.91
N GLN E 316 -86.09 -18.37 25.95
CA GLN E 316 -84.76 -18.47 26.54
C GLN E 316 -84.51 -19.87 27.09
N LEU E 317 -85.53 -20.47 27.71
CA LEU E 317 -85.41 -21.82 28.23
C LEU E 317 -85.11 -22.82 27.13
N LYS E 318 -85.85 -22.72 26.01
CA LYS E 318 -85.60 -23.57 24.86
C LYS E 318 -84.18 -23.38 24.35
N LYS E 319 -83.69 -22.15 24.31
CA LYS E 319 -82.30 -21.95 23.92
C LYS E 319 -81.35 -22.69 24.86
N SER E 320 -81.61 -22.67 26.16
CA SER E 320 -80.72 -23.33 27.11
C SER E 320 -80.76 -24.85 26.90
N ALA E 321 -81.96 -25.40 26.75
CA ALA E 321 -82.11 -26.83 26.48
C ALA E 321 -81.45 -27.22 25.17
N ASP E 322 -81.54 -26.38 24.13
CA ASP E 322 -80.87 -26.69 22.87
C ASP E 322 -79.35 -26.69 23.06
N THR E 323 -78.82 -25.63 23.68
CA THR E 323 -77.40 -25.58 23.98
C THR E 323 -76.94 -26.86 24.65
N LEU E 324 -77.72 -27.35 25.62
CA LEU E 324 -77.32 -28.54 26.38
C LEU E 324 -77.52 -29.84 25.58
N TRP E 325 -78.68 -29.98 24.93
CA TRP E 325 -78.89 -31.18 24.13
C TRP E 325 -77.83 -31.32 23.04
N ASP E 326 -77.28 -30.21 22.55
CA ASP E 326 -76.25 -30.32 21.52
C ASP E 326 -75.08 -31.20 21.97
N ILE E 327 -74.60 -31.00 23.20
CA ILE E 327 -73.57 -31.88 23.76
C ILE E 327 -74.15 -33.23 24.14
N GLN E 328 -75.28 -33.23 24.86
CA GLN E 328 -75.86 -34.49 25.33
C GLN E 328 -76.00 -35.51 24.21
N LYS E 329 -76.41 -35.07 23.01
CA LYS E 329 -76.89 -36.00 22.00
C LYS E 329 -75.81 -36.93 21.49
N ASP E 330 -74.54 -36.53 21.58
CA ASP E 330 -73.44 -37.33 21.06
C ASP E 330 -72.65 -38.04 22.16
N LEU E 331 -73.26 -38.26 23.32
CA LEU E 331 -72.59 -38.98 24.40
C LEU E 331 -72.77 -40.48 24.19
N LYS E 332 -71.68 -41.22 24.38
CA LYS E 332 -71.63 -42.65 24.13
C LYS E 332 -71.35 -43.41 25.42
N ASP E 333 -71.58 -44.73 25.39
CA ASP E 333 -71.22 -45.63 26.49
C ASP E 333 -71.92 -45.28 27.79
N LEU E 334 -73.17 -44.81 27.72
CA LEU E 334 -73.90 -44.44 28.93
C LEU E 334 -74.94 -45.48 29.30
N ALA F 2 -15.49 -28.20 41.94
CA ALA F 2 -16.13 -27.75 40.70
C ALA F 2 -16.96 -28.87 40.07
N THR F 3 -18.10 -28.52 39.50
CA THR F 3 -18.91 -29.51 38.81
C THR F 3 -18.22 -30.00 37.53
N LEU F 4 -18.69 -31.14 37.04
CA LEU F 4 -18.16 -31.69 35.79
C LEU F 4 -18.34 -30.71 34.64
N LYS F 5 -19.49 -30.04 34.58
CA LYS F 5 -19.72 -29.10 33.48
C LYS F 5 -18.75 -27.93 33.55
N GLU F 6 -18.57 -27.38 34.75
CA GLU F 6 -17.57 -26.32 34.90
C GLU F 6 -16.17 -26.80 34.50
N LYS F 7 -15.84 -28.06 34.80
CA LYS F 7 -14.51 -28.54 34.47
C LYS F 7 -14.36 -28.82 32.97
N LEU F 8 -15.45 -29.18 32.31
CA LEU F 8 -15.41 -29.55 30.90
C LEU F 8 -15.50 -28.36 29.95
N ILE F 9 -16.11 -27.25 30.38
CA ILE F 9 -16.58 -26.23 29.45
C ILE F 9 -16.11 -24.87 29.90
N ALA F 10 -15.28 -24.21 29.07
CA ALA F 10 -14.79 -22.89 29.38
C ALA F 10 -15.57 -21.85 28.61
N PRO F 11 -16.32 -20.96 29.28
CA PRO F 11 -17.24 -20.08 28.57
C PRO F 11 -16.49 -19.01 27.79
N VAL F 12 -16.91 -18.81 26.53
CA VAL F 12 -16.36 -17.75 25.70
C VAL F 12 -17.33 -16.58 25.75
N ALA F 13 -18.63 -16.87 25.86
CA ALA F 13 -19.64 -15.84 25.97
C ALA F 13 -20.35 -15.98 27.32
N GLU F 14 -20.82 -14.85 27.85
CA GLU F 14 -21.68 -14.90 29.01
C GLU F 14 -22.99 -15.60 28.66
N GLU F 15 -23.52 -16.38 29.60
CA GLU F 15 -24.81 -17.01 29.41
C GLU F 15 -25.90 -15.95 29.44
N GLU F 16 -26.88 -16.09 28.56
CA GLU F 16 -27.90 -15.07 28.40
C GLU F 16 -29.23 -15.72 28.05
N ALA F 17 -30.22 -14.88 27.83
CA ALA F 17 -31.53 -15.33 27.37
C ALA F 17 -31.42 -15.83 25.95
N THR F 18 -31.75 -17.11 25.74
CA THR F 18 -31.90 -17.64 24.40
C THR F 18 -33.29 -17.25 23.89
N VAL F 19 -33.36 -16.23 23.05
CA VAL F 19 -34.61 -15.82 22.42
C VAL F 19 -34.83 -16.72 21.20
N PRO F 20 -35.87 -17.54 21.17
CA PRO F 20 -36.04 -18.47 20.06
C PRO F 20 -36.40 -17.74 18.78
N ASN F 21 -35.87 -18.24 17.68
CA ASN F 21 -36.09 -17.68 16.35
C ASN F 21 -37.21 -18.40 15.59
N ASN F 22 -37.13 -19.73 15.49
CA ASN F 22 -38.11 -20.50 14.74
C ASN F 22 -38.93 -21.37 15.68
N LYS F 23 -39.60 -20.71 16.62
CA LYS F 23 -40.42 -21.43 17.56
C LYS F 23 -41.83 -21.66 17.02
N ILE F 24 -42.28 -22.90 17.21
CA ILE F 24 -43.59 -23.40 16.78
C ILE F 24 -44.23 -24.03 17.99
N THR F 25 -45.50 -23.68 18.23
CA THR F 25 -46.32 -24.27 19.28
C THR F 25 -47.39 -25.13 18.62
N VAL F 26 -47.60 -26.33 19.14
CA VAL F 26 -48.69 -27.19 18.69
C VAL F 26 -49.64 -27.34 19.87
N VAL F 27 -50.91 -26.94 19.67
CA VAL F 27 -51.94 -27.03 20.69
C VAL F 27 -52.82 -28.24 20.39
N GLY F 28 -52.94 -29.16 21.35
CA GLY F 28 -53.52 -30.46 21.17
C GLY F 28 -52.52 -31.53 20.79
N VAL F 29 -52.20 -32.44 21.72
CA VAL F 29 -51.23 -33.50 21.42
C VAL F 29 -52.00 -34.80 21.19
N GLY F 30 -53.14 -34.70 20.50
CA GLY F 30 -53.81 -35.86 19.95
C GLY F 30 -53.12 -36.42 18.70
N GLN F 31 -53.87 -37.25 17.97
CA GLN F 31 -53.37 -37.86 16.74
C GLN F 31 -52.87 -36.81 15.76
N VAL F 32 -53.67 -35.75 15.54
CA VAL F 32 -53.28 -34.72 14.59
C VAL F 32 -52.14 -33.89 15.14
N GLY F 33 -52.24 -33.48 16.40
CA GLY F 33 -51.18 -32.67 16.98
C GLY F 33 -49.82 -33.33 16.84
N MET F 34 -49.74 -34.62 17.19
CA MET F 34 -48.46 -35.33 17.13
C MET F 34 -48.07 -35.68 15.69
N ALA F 35 -49.03 -35.92 14.79
CA ALA F 35 -48.65 -36.05 13.38
C ALA F 35 -47.96 -34.79 12.92
N CYS F 36 -48.54 -33.64 13.24
CA CYS F 36 -47.94 -32.36 12.88
C CYS F 36 -46.56 -32.20 13.51
N ALA F 37 -46.46 -32.45 14.82
CA ALA F 37 -45.21 -32.31 15.55
C ALA F 37 -44.12 -33.18 14.93
N ILE F 38 -44.43 -34.43 14.63
CA ILE F 38 -43.40 -35.32 14.12
C ILE F 38 -42.99 -34.90 12.72
N SER F 39 -43.93 -34.42 11.91
CA SER F 39 -43.56 -33.96 10.57
C SER F 39 -42.74 -32.69 10.66
N ILE F 40 -43.09 -31.81 11.58
CA ILE F 40 -42.35 -30.56 11.79
C ILE F 40 -40.93 -30.88 12.25
N LEU F 41 -40.79 -31.84 13.16
CA LEU F 41 -39.47 -32.22 13.66
C LEU F 41 -38.65 -32.88 12.55
N GLY F 42 -39.28 -33.80 11.80
CA GLY F 42 -38.62 -34.55 10.75
C GLY F 42 -38.06 -33.66 9.65
N LYS F 43 -38.64 -32.48 9.46
CA LYS F 43 -38.13 -31.54 8.47
C LYS F 43 -37.32 -30.41 9.10
N SER F 44 -37.02 -30.49 10.40
CA SER F 44 -36.18 -29.49 11.08
C SER F 44 -36.75 -28.08 10.93
N LEU F 45 -38.06 -27.94 11.06
CA LEU F 45 -38.67 -26.64 10.88
C LEU F 45 -38.68 -25.77 12.14
N ALA F 46 -38.41 -26.31 13.33
CA ALA F 46 -38.42 -25.46 14.52
C ALA F 46 -37.15 -25.63 15.35
N ASP F 47 -36.59 -24.50 15.82
CA ASP F 47 -35.51 -24.56 16.81
C ASP F 47 -36.05 -24.75 18.22
N GLU F 48 -37.35 -24.59 18.40
CA GLU F 48 -38.01 -24.78 19.68
C GLU F 48 -39.43 -25.20 19.37
N LEU F 49 -39.89 -26.24 20.05
CA LEU F 49 -41.23 -26.76 19.84
C LEU F 49 -41.94 -26.83 21.19
N ALA F 50 -43.06 -26.12 21.31
CA ALA F 50 -43.87 -26.17 22.51
C ALA F 50 -45.15 -26.93 22.23
N LEU F 51 -45.52 -27.78 23.18
CA LEU F 51 -46.74 -28.57 23.13
C LEU F 51 -47.70 -28.09 24.21
N VAL F 52 -48.99 -28.07 23.90
CA VAL F 52 -49.99 -27.60 24.85
C VAL F 52 -51.22 -28.49 24.77
N ASP F 53 -51.75 -28.86 25.94
CA ASP F 53 -52.95 -29.64 26.03
C ASP F 53 -53.62 -29.34 27.36
N VAL F 54 -54.73 -30.02 27.62
CA VAL F 54 -55.35 -30.01 28.94
C VAL F 54 -55.09 -31.31 29.69
N LEU F 55 -54.79 -32.40 28.97
CA LEU F 55 -54.48 -33.70 29.57
C LEU F 55 -53.00 -33.71 29.98
N GLU F 56 -52.73 -33.43 31.25
CA GLU F 56 -51.36 -33.13 31.70
C GLU F 56 -50.41 -34.30 31.49
N ASP F 57 -50.81 -35.48 31.97
CA ASP F 57 -49.96 -36.67 31.85
C ASP F 57 -49.64 -36.97 30.39
N LYS F 58 -50.67 -37.09 29.58
CA LYS F 58 -50.45 -37.38 28.16
C LYS F 58 -49.50 -36.37 27.55
N LEU F 59 -49.66 -35.10 27.94
CA LEU F 59 -48.81 -34.04 27.42
C LEU F 59 -47.34 -34.29 27.77
N LYS F 60 -47.05 -34.54 29.05
CA LYS F 60 -45.66 -34.75 29.44
C LYS F 60 -45.10 -36.02 28.80
N GLY F 61 -45.93 -37.05 28.63
CA GLY F 61 -45.47 -38.25 27.96
C GLY F 61 -45.07 -38.00 26.51
N GLU F 62 -45.90 -37.26 25.77
CA GLU F 62 -45.57 -36.93 24.38
C GLU F 62 -44.27 -36.11 24.33
N MET F 63 -44.17 -35.12 25.20
CA MET F 63 -42.96 -34.31 25.22
C MET F 63 -41.73 -35.18 25.48
N MET F 64 -41.83 -36.15 26.39
CA MET F 64 -40.68 -36.99 26.74
C MET F 64 -40.27 -37.92 25.59
N ASP F 65 -41.25 -38.54 24.92
CA ASP F 65 -40.96 -39.40 23.76
C ASP F 65 -40.22 -38.61 22.68
N LEU F 66 -40.72 -37.39 22.38
CA LEU F 66 -40.02 -36.54 21.42
C LEU F 66 -38.57 -36.27 21.87
N GLN F 67 -38.40 -35.73 23.09
CA GLN F 67 -37.07 -35.47 23.61
C GLN F 67 -36.16 -36.68 23.41
N HIS F 68 -36.67 -37.88 23.68
CA HIS F 68 -35.86 -39.09 23.58
C HIS F 68 -35.41 -39.34 22.16
N GLY F 69 -36.18 -38.86 21.18
CA GLY F 69 -35.64 -38.92 19.83
C GLY F 69 -34.69 -37.80 19.45
N SER F 70 -34.58 -36.76 20.30
CA SER F 70 -33.64 -35.63 20.08
C SER F 70 -32.34 -35.96 19.33
N LEU F 71 -31.69 -37.11 19.58
CA LEU F 71 -30.41 -37.37 18.90
C LEU F 71 -30.57 -37.47 17.39
N PHE F 72 -31.77 -37.78 16.94
CA PHE F 72 -32.08 -37.96 15.54
C PHE F 72 -32.67 -36.72 14.90
N LEU F 73 -32.79 -35.63 15.66
CA LEU F 73 -33.49 -34.42 15.26
C LEU F 73 -32.54 -33.22 15.32
N GLN F 74 -33.13 -32.06 15.05
CA GLN F 74 -32.40 -30.79 15.00
C GLN F 74 -33.21 -29.72 15.69
N THR F 75 -33.85 -30.07 16.79
CA THR F 75 -34.67 -29.15 17.56
C THR F 75 -34.21 -29.18 19.02
N PRO F 76 -33.36 -28.25 19.44
CA PRO F 76 -32.62 -28.42 20.71
C PRO F 76 -33.46 -28.19 21.95
N LYS F 77 -34.71 -27.74 21.81
CA LYS F 77 -35.56 -27.48 22.95
C LYS F 77 -36.97 -27.87 22.59
N ILE F 78 -37.49 -28.83 23.35
CA ILE F 78 -38.86 -29.29 23.25
C ILE F 78 -39.44 -29.13 24.66
N VAL F 79 -40.55 -28.39 24.77
CA VAL F 79 -41.18 -28.11 26.05
C VAL F 79 -42.67 -28.29 25.90
N ALA F 80 -43.31 -28.65 27.01
CA ALA F 80 -44.75 -28.82 27.06
C ALA F 80 -45.26 -28.26 28.39
N ASP F 81 -46.46 -27.70 28.36
CA ASP F 81 -47.09 -27.19 29.57
C ASP F 81 -48.55 -26.91 29.25
N LYS F 82 -49.42 -27.15 30.22
CA LYS F 82 -50.81 -26.72 30.12
C LYS F 82 -50.93 -25.21 30.22
N ASP F 83 -49.89 -24.53 30.70
CA ASP F 83 -49.88 -23.07 30.77
C ASP F 83 -49.27 -22.47 29.50
N TYR F 84 -49.97 -21.48 28.93
CA TYR F 84 -49.57 -20.93 27.64
C TYR F 84 -48.31 -20.07 27.73
N SER F 85 -47.85 -19.74 28.93
CA SER F 85 -46.53 -19.12 29.04
C SER F 85 -45.47 -19.88 28.26
N VAL F 86 -45.58 -21.21 28.21
CA VAL F 86 -44.60 -22.03 27.52
C VAL F 86 -44.59 -21.78 26.01
N THR F 87 -45.69 -21.26 25.45
CA THR F 87 -45.80 -20.99 24.02
C THR F 87 -45.21 -19.66 23.62
N ALA F 88 -44.63 -18.92 24.57
CA ALA F 88 -44.42 -17.49 24.36
C ALA F 88 -43.39 -17.22 23.26
N ASN F 89 -43.73 -16.28 22.38
CA ASN F 89 -42.83 -15.88 21.31
C ASN F 89 -42.82 -16.92 20.19
N SER F 90 -43.92 -17.61 19.96
CA SER F 90 -43.97 -18.55 18.86
C SER F 90 -44.08 -17.79 17.54
N LYS F 91 -43.31 -18.21 16.53
CA LYS F 91 -43.53 -17.70 15.19
C LYS F 91 -44.79 -18.32 14.60
N ILE F 92 -45.00 -19.62 14.82
CA ILE F 92 -46.21 -20.25 14.33
C ILE F 92 -46.87 -21.01 15.47
N VAL F 93 -48.20 -20.94 15.52
CA VAL F 93 -49.02 -21.74 16.45
C VAL F 93 -50.04 -22.54 15.64
N VAL F 94 -49.88 -23.86 15.64
CA VAL F 94 -50.79 -24.81 15.01
C VAL F 94 -51.81 -25.25 16.04
N VAL F 95 -53.10 -25.09 15.73
CA VAL F 95 -54.19 -25.38 16.65
C VAL F 95 -54.94 -26.63 16.18
N THR F 96 -54.84 -27.72 16.97
CA THR F 96 -55.43 -29.03 16.66
C THR F 96 -56.39 -29.52 17.73
N ALA F 97 -56.74 -28.69 18.70
CA ALA F 97 -57.47 -29.14 19.87
C ALA F 97 -58.98 -29.10 19.64
N GLY F 98 -59.68 -29.88 20.46
CA GLY F 98 -61.12 -30.00 20.42
C GLY F 98 -61.53 -31.38 19.97
N VAL F 99 -62.79 -31.50 19.62
CA VAL F 99 -63.36 -32.79 19.24
C VAL F 99 -63.16 -33.02 17.74
N ARG F 100 -63.12 -34.29 17.37
CA ARG F 100 -63.12 -34.76 15.99
C ARG F 100 -64.45 -35.44 15.69
N GLN F 101 -64.73 -35.62 14.40
CA GLN F 101 -65.98 -36.28 14.02
C GLN F 101 -65.97 -37.74 14.42
N GLN F 102 -67.13 -38.23 14.84
CA GLN F 102 -67.37 -39.65 14.95
C GLN F 102 -67.71 -40.22 13.56
N GLU F 103 -67.76 -41.54 13.48
CA GLU F 103 -68.01 -42.19 12.21
C GLU F 103 -69.32 -41.67 11.63
N GLY F 104 -69.28 -41.30 10.35
CA GLY F 104 -70.45 -40.74 9.70
C GLY F 104 -70.74 -39.29 10.03
N GLU F 105 -70.04 -38.70 11.01
CA GLU F 105 -70.39 -37.38 11.51
C GLU F 105 -69.85 -36.28 10.63
N SER F 106 -70.65 -35.23 10.45
CA SER F 106 -70.23 -34.08 9.67
C SER F 106 -69.36 -33.15 10.50
N ARG F 107 -68.28 -32.67 9.90
CA ARG F 107 -67.43 -31.71 10.60
C ARG F 107 -68.25 -30.56 11.17
N LEU F 108 -69.31 -30.19 10.48
CA LEU F 108 -70.11 -29.03 10.89
C LEU F 108 -70.78 -29.29 12.23
N ASN F 109 -71.17 -30.53 12.50
CA ASN F 109 -71.76 -30.90 13.79
C ASN F 109 -70.80 -30.68 14.95
N LEU F 110 -69.56 -30.31 14.66
CA LEU F 110 -68.56 -30.07 15.67
C LEU F 110 -68.52 -28.62 16.12
N VAL F 111 -69.37 -27.75 15.55
CA VAL F 111 -69.10 -26.32 15.70
C VAL F 111 -69.26 -25.86 17.17
N GLN F 112 -70.42 -26.15 17.79
CA GLN F 112 -70.67 -25.54 19.10
C GLN F 112 -69.60 -25.93 20.13
N ARG F 113 -69.23 -27.21 20.17
CA ARG F 113 -68.17 -27.64 21.08
C ARG F 113 -66.85 -26.92 20.79
N ASN F 114 -66.44 -26.89 19.52
CA ASN F 114 -65.08 -26.41 19.30
C ASN F 114 -65.02 -24.89 19.36
N VAL F 115 -66.13 -24.19 19.06
CA VAL F 115 -66.14 -22.77 19.33
C VAL F 115 -65.86 -22.51 20.81
N ASN F 116 -66.44 -23.32 21.69
CA ASN F 116 -66.17 -23.09 23.11
C ASN F 116 -64.70 -23.36 23.39
N VAL F 117 -64.15 -24.43 22.82
CA VAL F 117 -62.72 -24.65 22.93
C VAL F 117 -62.00 -23.39 22.47
N PHE F 118 -62.37 -22.89 21.28
CA PHE F 118 -61.59 -21.78 20.75
C PHE F 118 -61.79 -20.52 21.57
N LYS F 119 -63.02 -20.33 22.09
CA LYS F 119 -63.26 -19.17 22.93
C LYS F 119 -62.29 -19.13 24.10
N PHE F 120 -61.79 -20.29 24.53
CA PHE F 120 -60.84 -20.32 25.62
C PHE F 120 -59.41 -20.11 25.14
N ILE F 121 -59.00 -20.84 24.10
CA ILE F 121 -57.56 -20.95 23.87
C ILE F 121 -57.03 -19.82 23.01
N ILE F 122 -57.81 -19.34 22.02
CA ILE F 122 -57.29 -18.29 21.14
C ILE F 122 -56.82 -17.07 21.92
N PRO F 123 -57.57 -16.55 22.89
CA PRO F 123 -57.08 -15.39 23.65
C PRO F 123 -55.81 -15.68 24.43
N GLN F 124 -55.56 -16.94 24.81
CA GLN F 124 -54.29 -17.24 25.48
C GLN F 124 -53.14 -17.15 24.50
N ILE F 125 -53.33 -17.70 23.30
CA ILE F 125 -52.28 -17.74 22.29
C ILE F 125 -51.75 -16.34 22.02
N VAL F 126 -52.64 -15.42 21.69
CA VAL F 126 -52.22 -14.08 21.34
C VAL F 126 -51.65 -13.38 22.57
N LYS F 127 -52.12 -13.74 23.76
CA LYS F 127 -51.51 -13.15 24.94
C LYS F 127 -50.00 -13.37 24.91
N TYR F 128 -49.58 -14.59 24.63
CA TYR F 128 -48.17 -14.92 24.80
C TYR F 128 -47.39 -14.87 23.49
N SER F 129 -48.07 -14.72 22.35
CA SER F 129 -47.39 -14.62 21.07
C SER F 129 -48.09 -13.55 20.23
N PRO F 130 -48.11 -12.30 20.70
CA PRO F 130 -48.92 -11.28 20.02
C PRO F 130 -48.59 -11.14 18.54
N ASP F 131 -47.45 -11.67 18.10
CA ASP F 131 -46.95 -11.46 16.74
C ASP F 131 -46.99 -12.72 15.89
N CYS F 132 -47.59 -13.81 16.38
CA CYS F 132 -47.49 -15.10 15.73
C CYS F 132 -48.42 -15.19 14.51
N ILE F 133 -48.18 -16.22 13.70
CA ILE F 133 -49.09 -16.69 12.67
C ILE F 133 -49.81 -17.92 13.21
N ILE F 134 -51.14 -17.92 13.16
CA ILE F 134 -51.94 -19.03 13.64
C ILE F 134 -52.40 -19.87 12.47
N ILE F 135 -52.05 -21.15 12.47
CA ILE F 135 -52.56 -22.12 11.51
C ILE F 135 -53.60 -22.95 12.23
N VAL F 136 -54.86 -22.80 11.81
CA VAL F 136 -56.00 -23.50 12.39
C VAL F 136 -56.20 -24.82 11.66
N VAL F 137 -56.44 -25.88 12.44
CA VAL F 137 -56.61 -27.21 11.87
C VAL F 137 -57.91 -27.83 12.35
N SER F 138 -58.28 -27.57 13.61
CA SER F 138 -59.44 -28.22 14.18
C SER F 138 -60.68 -27.92 13.33
N ASN F 139 -61.68 -28.81 13.41
CA ASN F 139 -62.87 -28.67 12.56
C ASN F 139 -64.05 -28.07 13.32
N PRO F 140 -65.00 -27.46 12.59
CA PRO F 140 -64.94 -27.22 11.15
C PRO F 140 -63.92 -26.11 10.84
N VAL F 141 -62.92 -26.45 10.02
CA VAL F 141 -61.69 -25.67 9.93
C VAL F 141 -61.94 -24.26 9.38
N ASP F 142 -62.84 -24.13 8.38
CA ASP F 142 -63.08 -22.80 7.83
C ASP F 142 -63.76 -21.89 8.85
N ILE F 143 -64.82 -22.40 9.48
CA ILE F 143 -65.54 -21.64 10.48
C ILE F 143 -64.64 -21.38 11.69
N LEU F 144 -63.87 -22.38 12.09
CA LEU F 144 -62.95 -22.16 13.20
C LEU F 144 -61.90 -21.11 12.84
N THR F 145 -61.55 -21.01 11.57
CA THR F 145 -60.58 -19.98 11.17
C THR F 145 -61.19 -18.58 11.29
N TYR F 146 -62.40 -18.40 10.76
CA TYR F 146 -63.14 -17.16 11.01
C TYR F 146 -63.24 -16.85 12.52
N VAL F 147 -63.66 -17.83 13.32
CA VAL F 147 -63.75 -17.60 14.76
C VAL F 147 -62.42 -17.13 15.33
N THR F 148 -61.32 -17.71 14.86
CA THR F 148 -59.99 -17.35 15.36
C THR F 148 -59.63 -15.93 14.97
N TRP F 149 -59.80 -15.60 13.69
CA TRP F 149 -59.59 -14.23 13.23
C TRP F 149 -60.35 -13.23 14.11
N LYS F 150 -61.64 -13.48 14.35
CA LYS F 150 -62.43 -12.56 15.15
C LYS F 150 -61.90 -12.48 16.60
N LEU F 151 -61.62 -13.63 17.22
CA LEU F 151 -61.21 -13.64 18.61
C LEU F 151 -59.84 -13.02 18.82
N SER F 152 -58.93 -13.20 17.87
CA SER F 152 -57.52 -12.92 18.09
C SER F 152 -57.13 -11.48 17.85
N GLY F 153 -57.99 -10.71 17.19
CA GLY F 153 -57.60 -9.39 16.70
C GLY F 153 -56.49 -9.40 15.67
N LEU F 154 -56.09 -10.56 15.18
CA LEU F 154 -54.96 -10.59 14.27
C LEU F 154 -55.36 -10.13 12.86
N PRO F 155 -54.42 -9.55 12.11
CA PRO F 155 -54.66 -9.27 10.69
C PRO F 155 -54.93 -10.54 9.91
N LYS F 156 -55.70 -10.39 8.83
CA LYS F 156 -56.14 -11.55 8.04
C LYS F 156 -54.97 -12.41 7.60
N HIS F 157 -53.86 -11.79 7.21
CA HIS F 157 -52.74 -12.56 6.69
C HIS F 157 -52.05 -13.40 7.77
N ARG F 158 -52.42 -13.24 9.03
CA ARG F 158 -51.80 -14.01 10.11
C ARG F 158 -52.75 -15.02 10.75
N VAL F 159 -53.92 -15.26 10.15
CA VAL F 159 -54.81 -16.34 10.57
C VAL F 159 -55.08 -17.18 9.33
N ILE F 160 -54.55 -18.41 9.31
CA ILE F 160 -54.63 -19.29 8.15
C ILE F 160 -55.32 -20.57 8.56
N GLY F 161 -56.33 -20.98 7.78
CA GLY F 161 -56.95 -22.27 7.98
C GLY F 161 -56.28 -23.30 7.10
N SER F 162 -56.03 -24.49 7.65
CA SER F 162 -55.38 -25.50 6.83
C SER F 162 -56.23 -25.90 5.61
N GLY F 163 -57.53 -25.65 5.65
CA GLY F 163 -58.39 -25.67 4.45
C GLY F 163 -58.27 -26.90 3.58
N CYS F 164 -58.24 -26.69 2.25
CA CYS F 164 -58.23 -27.74 1.25
C CYS F 164 -56.82 -28.15 0.80
N ASN F 165 -55.76 -27.61 1.40
CA ASN F 165 -54.44 -28.14 1.10
C ASN F 165 -54.46 -29.66 1.17
N LEU F 166 -55.22 -30.22 2.12
CA LEU F 166 -55.35 -31.67 2.23
C LEU F 166 -56.21 -32.25 1.10
N ASP F 167 -57.39 -31.67 0.86
CA ASP F 167 -58.27 -32.21 -0.17
C ASP F 167 -57.56 -32.23 -1.51
N SER F 168 -56.88 -31.13 -1.83
CA SER F 168 -56.13 -31.09 -3.07
C SER F 168 -55.06 -32.16 -3.10
N ALA F 169 -54.34 -32.36 -1.99
CA ALA F 169 -53.36 -33.43 -1.99
C ALA F 169 -54.04 -34.74 -2.35
N ARG F 170 -55.20 -34.97 -1.74
CA ARG F 170 -55.94 -36.19 -2.04
C ARG F 170 -56.32 -36.21 -3.53
N PHE F 171 -56.86 -35.10 -4.02
CA PHE F 171 -57.24 -35.00 -5.43
C PHE F 171 -56.05 -35.41 -6.30
N ARG F 172 -54.89 -34.82 -6.04
CA ARG F 172 -53.77 -35.12 -6.93
C ARG F 172 -53.36 -36.58 -6.79
N TYR F 173 -53.33 -37.11 -5.56
CA TYR F 173 -53.07 -38.53 -5.41
C TYR F 173 -54.00 -39.35 -6.30
N LEU F 174 -55.31 -39.11 -6.22
CA LEU F 174 -56.21 -39.92 -7.02
C LEU F 174 -55.93 -39.70 -8.51
N MET F 175 -55.80 -38.44 -8.92
CA MET F 175 -55.39 -38.17 -10.29
C MET F 175 -54.13 -38.94 -10.64
N ALA F 176 -53.09 -38.87 -9.79
CA ALA F 176 -51.84 -39.52 -10.16
C ALA F 176 -52.03 -41.02 -10.26
N GLU F 177 -52.83 -41.60 -9.37
CA GLU F 177 -53.16 -43.02 -9.47
C GLU F 177 -53.65 -43.38 -10.87
N LYS F 178 -54.51 -42.53 -11.45
CA LYS F 178 -55.07 -42.84 -12.77
C LYS F 178 -54.03 -42.71 -13.87
N LEU F 179 -53.09 -41.76 -13.74
CA LEU F 179 -52.20 -41.44 -14.84
C LEU F 179 -50.84 -42.12 -14.75
N GLY F 180 -50.52 -42.72 -13.60
CA GLY F 180 -49.20 -43.32 -13.44
C GLY F 180 -48.08 -42.33 -13.33
N ILE F 181 -48.33 -41.16 -12.78
CA ILE F 181 -47.30 -40.15 -12.63
C ILE F 181 -47.27 -39.71 -11.16
N HIS F 182 -46.15 -39.13 -10.75
CA HIS F 182 -46.10 -38.59 -9.41
C HIS F 182 -47.18 -37.53 -9.22
N PRO F 183 -47.77 -37.46 -8.03
CA PRO F 183 -48.78 -36.42 -7.77
C PRO F 183 -48.28 -35.01 -7.96
N SER F 184 -46.99 -34.74 -7.67
CA SER F 184 -46.51 -33.38 -7.88
C SER F 184 -46.60 -32.96 -9.35
N SER F 185 -46.63 -33.92 -10.27
CA SER F 185 -46.75 -33.62 -11.69
C SER F 185 -48.19 -33.52 -12.13
N CYS F 186 -49.13 -33.79 -11.21
CA CYS F 186 -50.56 -33.61 -11.44
C CYS F 186 -50.99 -32.30 -10.80
N HIS F 187 -51.80 -31.53 -11.51
CA HIS F 187 -52.20 -30.23 -11.00
C HIS F 187 -53.71 -30.13 -11.02
N GLY F 188 -54.28 -29.88 -9.85
CA GLY F 188 -55.70 -29.69 -9.71
C GLY F 188 -55.99 -29.07 -8.37
N TRP F 189 -57.05 -28.28 -8.32
CA TRP F 189 -57.36 -27.48 -7.13
C TRP F 189 -58.72 -27.84 -6.61
N ILE F 190 -58.76 -28.28 -5.36
CA ILE F 190 -59.99 -28.40 -4.60
C ILE F 190 -60.11 -27.13 -3.77
N LEU F 191 -61.29 -26.51 -3.81
CA LEU F 191 -61.49 -25.22 -3.16
C LEU F 191 -62.82 -25.24 -2.43
N GLY F 192 -63.08 -24.14 -1.71
CA GLY F 192 -64.30 -24.07 -0.94
C GLY F 192 -64.14 -24.72 0.43
N GLU F 193 -65.24 -25.27 0.93
CA GLU F 193 -65.22 -25.86 2.26
C GLU F 193 -64.31 -27.07 2.34
N HIS F 194 -63.59 -27.18 3.47
CA HIS F 194 -62.89 -28.44 3.75
C HIS F 194 -63.93 -29.43 4.23
N GLY F 195 -64.63 -30.06 3.29
CA GLY F 195 -65.72 -30.98 3.59
C GLY F 195 -66.71 -31.12 2.42
N ASP F 196 -67.94 -31.47 2.77
CA ASP F 196 -68.87 -32.10 1.81
C ASP F 196 -69.13 -31.22 0.59
N SER F 197 -69.01 -29.91 0.72
CA SER F 197 -69.39 -28.97 -0.33
C SER F 197 -68.18 -28.43 -1.08
N SER F 198 -67.02 -29.10 -0.97
CA SER F 198 -65.82 -28.67 -1.68
C SER F 198 -66.05 -28.64 -3.21
N VAL F 199 -65.28 -27.78 -3.88
CA VAL F 199 -65.42 -27.51 -5.30
C VAL F 199 -64.19 -28.03 -6.04
N ALA F 200 -64.40 -28.91 -7.01
CA ALA F 200 -63.34 -29.36 -7.89
C ALA F 200 -63.22 -28.38 -9.07
N VAL F 201 -62.07 -27.70 -9.17
CA VAL F 201 -61.88 -26.70 -10.25
C VAL F 201 -61.38 -27.47 -11.48
N TRP F 202 -62.32 -28.08 -12.19
CA TRP F 202 -61.97 -28.90 -13.33
C TRP F 202 -61.22 -28.09 -14.38
N SER F 203 -61.68 -26.85 -14.62
CA SER F 203 -61.07 -26.01 -15.64
C SER F 203 -59.57 -25.89 -15.45
N GLY F 204 -59.08 -26.12 -14.23
CA GLY F 204 -57.68 -25.93 -13.91
C GLY F 204 -56.86 -27.19 -13.86
N VAL F 205 -57.50 -28.37 -13.97
CA VAL F 205 -56.76 -29.63 -13.87
C VAL F 205 -55.90 -29.79 -15.11
N ASN F 206 -54.60 -30.05 -14.91
CA ASN F 206 -53.69 -30.16 -16.03
C ASN F 206 -52.46 -30.98 -15.67
N VAL F 207 -51.88 -31.59 -16.70
CA VAL F 207 -50.59 -32.26 -16.63
C VAL F 207 -49.68 -31.57 -17.62
N ALA F 208 -48.58 -30.99 -17.12
CA ALA F 208 -47.60 -30.30 -17.98
C ALA F 208 -48.24 -29.18 -18.78
N GLY F 209 -49.23 -28.51 -18.21
CA GLY F 209 -49.94 -27.48 -18.94
C GLY F 209 -51.04 -27.98 -19.85
N VAL F 210 -51.05 -29.25 -20.23
CA VAL F 210 -52.18 -29.82 -20.97
C VAL F 210 -53.42 -29.80 -20.08
N SER F 211 -54.46 -29.09 -20.52
CA SER F 211 -55.72 -29.09 -19.79
C SER F 211 -56.47 -30.39 -20.04
N LEU F 212 -56.78 -31.12 -18.97
CA LEU F 212 -57.46 -32.39 -19.11
C LEU F 212 -58.92 -32.20 -19.53
N GLN F 213 -59.49 -31.03 -19.30
CA GLN F 213 -60.85 -30.77 -19.76
C GLN F 213 -60.87 -30.52 -21.27
N GLU F 214 -59.84 -29.87 -21.82
CA GLU F 214 -59.71 -29.85 -23.27
C GLU F 214 -59.75 -31.27 -23.81
N LEU F 215 -58.93 -32.15 -23.26
CA LEU F 215 -58.88 -33.52 -23.77
C LEU F 215 -60.18 -34.27 -23.51
N ASN F 216 -60.97 -33.82 -22.53
CA ASN F 216 -62.20 -34.51 -22.13
C ASN F 216 -63.21 -33.47 -21.64
N PRO F 217 -63.95 -32.86 -22.57
CA PRO F 217 -64.84 -31.75 -22.18
C PRO F 217 -65.90 -32.11 -21.16
N GLU F 218 -66.27 -33.39 -21.01
CA GLU F 218 -67.31 -33.79 -20.05
C GLU F 218 -66.74 -34.09 -18.66
N MET F 219 -65.52 -33.67 -18.38
CA MET F 219 -64.95 -33.90 -17.06
C MET F 219 -65.73 -33.09 -16.03
N GLY F 220 -66.20 -33.76 -14.99
CA GLY F 220 -67.02 -33.15 -13.99
C GLY F 220 -68.52 -33.33 -14.22
N THR F 221 -68.95 -33.39 -15.48
CA THR F 221 -70.33 -33.61 -15.80
C THR F 221 -70.74 -35.03 -15.40
N ASP F 222 -72.05 -35.28 -15.41
CA ASP F 222 -72.57 -36.56 -14.97
C ASP F 222 -72.58 -37.66 -16.05
N ASN F 223 -72.62 -37.31 -17.34
CA ASN F 223 -72.48 -38.27 -18.42
C ASN F 223 -71.07 -38.23 -18.99
N ASP F 224 -70.12 -38.53 -18.14
CA ASP F 224 -68.71 -38.63 -18.52
C ASP F 224 -68.28 -40.08 -18.35
N SER F 225 -67.70 -40.64 -19.42
CA SER F 225 -67.32 -42.03 -19.43
C SER F 225 -66.05 -42.30 -18.64
N GLU F 226 -65.42 -41.27 -18.08
CA GLU F 226 -64.25 -41.43 -17.23
C GLU F 226 -64.54 -41.16 -15.76
N ASN F 227 -65.80 -40.92 -15.40
CA ASN F 227 -66.27 -40.67 -14.03
C ASN F 227 -65.23 -39.95 -13.17
N TRP F 228 -64.87 -38.73 -13.61
CA TRP F 228 -64.05 -37.83 -12.82
C TRP F 228 -64.80 -37.33 -11.60
N LYS F 229 -66.07 -36.95 -11.80
CA LYS F 229 -66.94 -36.65 -10.67
C LYS F 229 -66.77 -37.67 -9.55
N GLU F 230 -66.49 -38.93 -9.89
CA GLU F 230 -66.26 -39.95 -8.88
C GLU F 230 -64.94 -39.73 -8.13
N VAL F 231 -63.92 -39.21 -8.81
CA VAL F 231 -62.71 -38.79 -8.09
C VAL F 231 -63.07 -37.71 -7.09
N HIS F 232 -63.96 -36.79 -7.47
CA HIS F 232 -64.31 -35.75 -6.51
C HIS F 232 -65.12 -36.33 -5.35
N LYS F 233 -66.07 -37.22 -5.66
CA LYS F 233 -66.77 -37.96 -4.62
C LYS F 233 -65.78 -38.60 -3.66
N MET F 234 -64.70 -39.17 -4.19
CA MET F 234 -63.74 -39.88 -3.36
C MET F 234 -62.95 -38.92 -2.48
N VAL F 235 -62.58 -37.76 -3.03
CA VAL F 235 -61.99 -36.72 -2.19
C VAL F 235 -62.94 -36.36 -1.05
N VAL F 236 -64.23 -36.13 -1.37
CA VAL F 236 -65.19 -35.72 -0.34
C VAL F 236 -65.35 -36.79 0.72
N GLU F 237 -65.34 -38.04 0.31
CA GLU F 237 -65.66 -39.16 1.18
C GLU F 237 -64.44 -39.73 1.90
N SER F 238 -63.23 -39.33 1.49
CA SER F 238 -62.02 -39.94 2.01
C SER F 238 -61.97 -39.88 3.53
N ALA F 239 -62.32 -38.73 4.10
CA ALA F 239 -62.19 -38.57 5.54
C ALA F 239 -63.12 -39.53 6.28
N TYR F 240 -64.37 -39.65 5.79
CA TYR F 240 -65.33 -40.57 6.40
C TYR F 240 -64.86 -42.02 6.28
N GLU F 241 -64.34 -42.39 5.12
CA GLU F 241 -63.88 -43.75 4.91
C GLU F 241 -62.73 -44.08 5.85
N VAL F 242 -61.75 -43.18 5.95
CA VAL F 242 -60.61 -43.42 6.83
C VAL F 242 -61.04 -43.40 8.29
N ILE F 243 -62.03 -42.59 8.66
CA ILE F 243 -62.53 -42.58 10.03
C ILE F 243 -63.18 -43.91 10.35
N LYS F 244 -63.90 -44.49 9.39
CA LYS F 244 -64.50 -45.81 9.59
C LYS F 244 -63.43 -46.90 9.69
N LEU F 245 -62.31 -46.72 9.00
CA LEU F 245 -61.31 -47.80 8.98
C LEU F 245 -60.34 -47.74 10.15
N LYS F 246 -59.88 -46.55 10.55
CA LYS F 246 -58.92 -46.44 11.64
C LYS F 246 -59.37 -45.47 12.74
N GLY F 247 -60.56 -44.88 12.64
CA GLY F 247 -61.12 -44.06 13.68
C GLY F 247 -60.81 -42.58 13.58
N TYR F 248 -59.83 -42.19 12.77
CA TYR F 248 -59.45 -40.79 12.62
C TYR F 248 -58.50 -40.70 11.43
N THR F 249 -58.11 -39.48 11.09
CA THR F 249 -57.03 -39.30 10.12
C THR F 249 -55.94 -38.45 10.76
N ASN F 250 -54.71 -38.65 10.34
CA ASN F 250 -53.68 -37.78 10.94
C ASN F 250 -52.42 -37.64 10.11
N TRP F 251 -51.94 -38.72 9.48
CA TRP F 251 -50.64 -38.62 8.82
C TRP F 251 -50.65 -37.59 7.69
N ALA F 252 -51.70 -37.58 6.87
CA ALA F 252 -51.70 -36.70 5.72
C ALA F 252 -51.92 -35.25 6.14
N ILE F 253 -52.73 -35.00 7.16
CA ILE F 253 -52.91 -33.61 7.57
C ILE F 253 -51.65 -33.11 8.26
N GLY F 254 -50.95 -33.99 9.00
CA GLY F 254 -49.65 -33.61 9.56
C GLY F 254 -48.66 -33.22 8.48
N LEU F 255 -48.58 -34.02 7.41
CA LEU F 255 -47.70 -33.67 6.30
C LEU F 255 -48.12 -32.36 5.64
N SER F 256 -49.43 -32.12 5.54
CA SER F 256 -49.90 -30.90 4.88
C SER F 256 -49.58 -29.67 5.71
N VAL F 257 -49.83 -29.73 7.02
CA VAL F 257 -49.46 -28.61 7.89
C VAL F 257 -47.96 -28.36 7.79
N ALA F 258 -47.16 -29.43 7.74
CA ALA F 258 -45.71 -29.24 7.65
C ALA F 258 -45.32 -28.55 6.34
N ASP F 259 -46.04 -28.87 5.24
CA ASP F 259 -45.72 -28.24 3.95
C ASP F 259 -46.05 -26.75 3.98
N LEU F 260 -47.19 -26.39 4.59
CA LEU F 260 -47.52 -24.97 4.81
C LEU F 260 -46.46 -24.28 5.66
N ILE F 261 -46.12 -24.88 6.81
CA ILE F 261 -45.09 -24.26 7.64
C ILE F 261 -43.81 -24.07 6.84
N GLU F 262 -43.47 -25.04 5.99
CA GLU F 262 -42.23 -24.93 5.23
C GLU F 262 -42.25 -23.70 4.33
N SER F 263 -43.35 -23.52 3.60
CA SER F 263 -43.41 -22.35 2.74
C SER F 263 -43.32 -21.07 3.56
N MET F 264 -43.86 -21.09 4.78
CA MET F 264 -43.85 -19.82 5.52
C MET F 264 -42.48 -19.50 6.12
N LEU F 265 -41.84 -20.47 6.77
CA LEU F 265 -40.61 -20.17 7.49
C LEU F 265 -39.42 -20.01 6.55
N LYS F 266 -39.43 -20.71 5.42
CA LYS F 266 -38.44 -20.46 4.37
C LYS F 266 -38.82 -19.27 3.50
N ASN F 267 -39.95 -18.61 3.75
CA ASN F 267 -40.31 -17.36 3.07
C ASN F 267 -40.43 -17.55 1.55
N LEU F 268 -41.08 -18.63 1.14
CA LEU F 268 -40.98 -19.05 -0.25
C LEU F 268 -42.01 -18.40 -1.15
N SER F 269 -43.06 -17.80 -0.63
CA SER F 269 -44.17 -17.30 -1.46
C SER F 269 -44.66 -18.40 -2.39
N ARG F 270 -44.96 -19.54 -1.80
CA ARG F 270 -45.51 -20.64 -2.56
C ARG F 270 -47.02 -20.54 -2.48
N ILE F 271 -47.71 -21.19 -3.40
CA ILE F 271 -49.15 -21.03 -3.50
C ILE F 271 -49.80 -22.30 -2.99
N HIS F 272 -50.69 -22.15 -2.01
CA HIS F 272 -51.34 -23.24 -1.34
C HIS F 272 -52.84 -22.96 -1.29
N PRO F 273 -53.69 -23.94 -1.48
CA PRO F 273 -55.12 -23.69 -1.25
C PRO F 273 -55.43 -23.74 0.23
N VAL F 274 -55.54 -22.59 0.88
CA VAL F 274 -55.77 -22.51 2.31
C VAL F 274 -56.94 -21.57 2.56
N SER F 275 -57.43 -21.62 3.80
CA SER F 275 -58.71 -21.04 4.15
C SER F 275 -58.54 -19.61 4.61
N THR F 276 -59.23 -18.68 3.94
CA THR F 276 -59.09 -17.25 4.20
C THR F 276 -60.44 -16.57 3.97
N MET F 277 -60.45 -15.27 4.26
CA MET F 277 -61.63 -14.42 4.23
C MET F 277 -61.91 -14.01 2.77
N VAL F 278 -62.99 -14.50 2.20
CA VAL F 278 -63.20 -14.41 0.74
C VAL F 278 -64.25 -13.34 0.38
N LYS F 279 -64.54 -12.40 1.28
CA LYS F 279 -65.55 -11.41 0.94
C LYS F 279 -65.13 -10.58 -0.26
N GLY F 280 -66.10 -10.27 -1.12
CA GLY F 280 -65.81 -9.46 -2.30
C GLY F 280 -65.29 -10.24 -3.47
N MET F 281 -65.45 -11.56 -3.45
CA MET F 281 -64.88 -12.43 -4.47
C MET F 281 -65.93 -13.40 -4.96
N TYR F 282 -66.02 -13.54 -6.28
CA TYR F 282 -66.97 -14.48 -6.88
C TYR F 282 -68.39 -14.23 -6.38
N GLY F 283 -68.69 -12.99 -6.01
CA GLY F 283 -70.02 -12.62 -5.59
C GLY F 283 -70.29 -12.76 -4.11
N ILE F 284 -69.40 -13.42 -3.36
CA ILE F 284 -69.59 -13.60 -1.92
C ILE F 284 -69.62 -12.24 -1.25
N GLU F 285 -70.73 -11.93 -0.58
CA GLU F 285 -70.90 -10.64 0.07
C GLU F 285 -70.82 -10.71 1.59
N ASN F 286 -70.34 -11.82 2.15
CA ASN F 286 -70.24 -11.98 3.59
C ASN F 286 -68.83 -12.40 3.95
N GLU F 287 -68.44 -12.14 5.20
CA GLU F 287 -67.10 -12.45 5.69
C GLU F 287 -66.92 -13.95 5.91
N VAL F 288 -67.03 -14.69 4.83
CA VAL F 288 -66.93 -16.13 4.82
C VAL F 288 -65.46 -16.53 4.79
N PHE F 289 -65.11 -17.62 5.45
CA PHE F 289 -63.79 -18.22 5.31
C PHE F 289 -63.93 -19.51 4.51
N LEU F 290 -63.06 -19.67 3.53
CA LEU F 290 -62.99 -20.93 2.78
C LEU F 290 -61.70 -20.90 1.98
N SER F 291 -61.38 -22.03 1.35
CA SER F 291 -60.05 -22.21 0.78
C SER F 291 -60.01 -21.63 -0.63
N LEU F 292 -58.97 -20.83 -0.88
CA LEU F 292 -58.60 -20.41 -2.22
C LEU F 292 -57.09 -20.57 -2.36
N PRO F 293 -56.57 -20.52 -3.59
CA PRO F 293 -55.10 -20.47 -3.75
C PRO F 293 -54.57 -19.18 -3.15
N CYS F 294 -53.47 -19.30 -2.39
CA CYS F 294 -52.93 -18.18 -1.64
C CYS F 294 -51.41 -18.25 -1.62
N ILE F 295 -50.81 -17.09 -1.56
CA ILE F 295 -49.36 -16.99 -1.45
C ILE F 295 -48.98 -17.01 0.02
N LEU F 296 -48.02 -17.86 0.37
CA LEU F 296 -47.57 -18.06 1.75
C LEU F 296 -46.07 -17.85 1.82
N ASN F 297 -45.66 -17.09 2.84
CA ASN F 297 -44.28 -16.72 3.11
C ASN F 297 -44.17 -16.33 4.58
N ALA F 298 -43.05 -15.71 4.94
CA ALA F 298 -42.75 -15.38 6.35
C ALA F 298 -43.77 -14.46 6.97
N ARG F 299 -44.50 -13.66 6.19
CA ARG F 299 -45.54 -12.81 6.76
C ARG F 299 -46.87 -13.54 6.94
N GLY F 300 -47.01 -14.72 6.35
CA GLY F 300 -48.24 -15.46 6.46
C GLY F 300 -48.86 -15.67 5.10
N LEU F 301 -50.14 -15.30 4.97
CA LEU F 301 -50.94 -15.47 3.75
C LEU F 301 -51.14 -14.06 3.18
N THR F 302 -50.27 -13.67 2.24
CA THR F 302 -50.21 -12.28 1.86
C THR F 302 -51.00 -11.93 0.59
N SER F 303 -51.46 -12.92 -0.18
CA SER F 303 -52.21 -12.68 -1.41
C SER F 303 -53.12 -13.87 -1.74
N VAL F 304 -54.23 -13.58 -2.43
CA VAL F 304 -55.09 -14.61 -3.00
C VAL F 304 -54.95 -14.54 -4.51
N ILE F 305 -55.07 -15.70 -5.16
CA ILE F 305 -54.98 -15.77 -6.62
C ILE F 305 -56.40 -15.71 -7.21
N ASN F 306 -56.67 -14.71 -8.06
CA ASN F 306 -57.92 -14.66 -8.81
C ASN F 306 -57.87 -15.66 -9.95
N GLN F 307 -58.82 -16.59 -9.99
CA GLN F 307 -58.97 -17.50 -11.10
C GLN F 307 -60.19 -17.14 -11.95
N LYS F 308 -60.24 -17.68 -13.18
CA LYS F 308 -61.39 -17.56 -14.08
C LYS F 308 -62.16 -18.88 -14.05
N LEU F 309 -62.98 -19.00 -13.02
CA LEU F 309 -63.77 -20.19 -12.82
C LEU F 309 -64.95 -20.20 -13.78
N LYS F 310 -65.29 -21.39 -14.30
CA LYS F 310 -66.48 -21.57 -15.11
C LYS F 310 -67.76 -21.41 -14.27
N ASP F 311 -68.85 -21.06 -14.98
CA ASP F 311 -70.11 -20.74 -14.31
C ASP F 311 -70.51 -21.81 -13.30
N ASP F 312 -70.39 -23.08 -13.68
CA ASP F 312 -70.67 -24.17 -12.75
C ASP F 312 -69.77 -24.10 -11.53
N GLU F 313 -68.48 -23.85 -11.73
CA GLU F 313 -67.53 -23.80 -10.62
C GLU F 313 -67.85 -22.66 -9.67
N VAL F 314 -68.11 -21.48 -10.21
CA VAL F 314 -68.50 -20.35 -9.36
C VAL F 314 -69.79 -20.66 -8.61
N ALA F 315 -70.72 -21.36 -9.28
CA ALA F 315 -71.96 -21.74 -8.60
C ALA F 315 -71.66 -22.61 -7.39
N GLN F 316 -70.93 -23.69 -7.60
CA GLN F 316 -70.65 -24.59 -6.49
C GLN F 316 -69.85 -23.89 -5.38
N LEU F 317 -68.97 -22.94 -5.73
CA LEU F 317 -68.25 -22.18 -4.70
C LEU F 317 -69.21 -21.29 -3.92
N LYS F 318 -70.20 -20.69 -4.59
CA LYS F 318 -71.18 -19.88 -3.89
C LYS F 318 -72.06 -20.74 -3.00
N LYS F 319 -72.37 -21.95 -3.44
CA LYS F 319 -73.04 -22.92 -2.58
C LYS F 319 -72.22 -23.20 -1.31
N SER F 320 -70.93 -23.51 -1.48
CA SER F 320 -70.09 -23.78 -0.31
C SER F 320 -70.05 -22.58 0.62
N ALA F 321 -69.89 -21.38 0.04
CA ALA F 321 -69.86 -20.16 0.81
C ALA F 321 -71.13 -19.96 1.63
N ASP F 322 -72.30 -20.20 1.00
CA ASP F 322 -73.57 -20.07 1.69
C ASP F 322 -73.67 -21.05 2.85
N THR F 323 -73.37 -22.33 2.57
CA THR F 323 -73.38 -23.32 3.63
C THR F 323 -72.59 -22.84 4.84
N LEU F 324 -71.38 -22.34 4.60
CA LEU F 324 -70.53 -21.89 5.69
C LEU F 324 -71.08 -20.65 6.38
N TRP F 325 -71.61 -19.69 5.60
CA TRP F 325 -72.10 -18.45 6.19
C TRP F 325 -73.31 -18.69 7.08
N ASP F 326 -74.18 -19.64 6.71
CA ASP F 326 -75.37 -19.84 7.52
C ASP F 326 -75.05 -20.53 8.85
N ILE F 327 -73.79 -20.88 9.07
CA ILE F 327 -73.28 -21.26 10.39
C ILE F 327 -72.54 -20.11 11.04
N GLN F 328 -71.67 -19.45 10.27
CA GLN F 328 -70.91 -18.33 10.82
C GLN F 328 -71.82 -17.25 11.39
N LYS F 329 -72.92 -16.97 10.69
CA LYS F 329 -73.71 -15.77 11.00
C LYS F 329 -74.37 -15.86 12.37
N ASP F 330 -74.49 -17.07 12.94
CA ASP F 330 -75.14 -17.31 14.21
C ASP F 330 -74.15 -17.46 15.37
N LEU F 331 -72.91 -17.00 15.20
CA LEU F 331 -71.90 -17.09 16.26
C LEU F 331 -71.78 -15.76 16.99
N LYS F 332 -71.84 -15.83 18.31
CA LYS F 332 -71.94 -14.69 19.20
C LYS F 332 -70.65 -14.51 20.00
N ASP F 333 -70.49 -13.32 20.57
CA ASP F 333 -69.47 -13.04 21.58
C ASP F 333 -68.06 -13.31 21.05
N LEU F 334 -67.82 -12.88 19.82
CA LEU F 334 -66.50 -13.03 19.22
C LEU F 334 -65.66 -11.77 19.36
N GLU F 335 -66.13 -10.65 18.82
CA GLU F 335 -65.39 -9.38 18.92
C GLU F 335 -65.76 -8.59 20.18
N ALA G 2 0.65 -1.66 -45.27
CA ALA G 2 1.93 -1.75 -44.56
C ALA G 2 1.91 -0.91 -43.29
N THR G 3 2.32 -1.51 -42.18
CA THR G 3 2.41 -0.81 -40.90
C THR G 3 3.45 0.30 -40.95
N LEU G 4 3.26 1.32 -40.11
CA LEU G 4 4.28 2.34 -39.94
C LEU G 4 5.67 1.73 -39.70
N LYS G 5 5.74 0.71 -38.86
CA LYS G 5 7.04 0.07 -38.62
C LYS G 5 7.53 -0.69 -39.84
N GLU G 6 6.62 -1.30 -40.59
CA GLU G 6 7.08 -1.96 -41.80
C GLU G 6 7.60 -0.95 -42.80
N LYS G 7 7.00 0.24 -42.86
CA LYS G 7 7.49 1.29 -43.75
C LYS G 7 8.82 1.84 -43.27
N LEU G 8 8.98 2.01 -41.96
CA LEU G 8 10.18 2.66 -41.43
C LEU G 8 11.38 1.74 -41.46
N ILE G 9 11.18 0.49 -41.05
CA ILE G 9 12.27 -0.44 -40.75
C ILE G 9 12.31 -1.50 -41.83
N ALA G 10 13.50 -1.70 -42.40
CA ALA G 10 13.71 -2.79 -43.31
C ALA G 10 14.60 -3.84 -42.65
N PRO G 11 14.21 -5.10 -42.65
CA PRO G 11 15.00 -6.11 -41.94
C PRO G 11 16.30 -6.41 -42.66
N VAL G 12 17.38 -6.48 -41.89
CA VAL G 12 18.67 -6.92 -42.40
C VAL G 12 18.96 -8.35 -41.98
N ALA G 13 18.66 -8.69 -40.72
CA ALA G 13 18.68 -10.05 -40.21
C ALA G 13 17.24 -10.55 -40.10
N GLU G 14 17.09 -11.87 -40.17
CA GLU G 14 15.79 -12.45 -39.87
C GLU G 14 15.46 -12.27 -38.40
N GLU G 15 14.18 -12.31 -38.06
CA GLU G 15 13.79 -12.35 -36.65
C GLU G 15 14.36 -13.60 -36.00
N GLU G 16 14.78 -13.45 -34.75
CA GLU G 16 15.33 -14.53 -33.97
C GLU G 16 15.10 -14.21 -32.50
N ALA G 17 14.83 -15.24 -31.70
CA ALA G 17 14.76 -15.09 -30.25
C ALA G 17 16.18 -15.04 -29.73
N THR G 18 16.49 -14.03 -28.92
CA THR G 18 17.81 -13.86 -28.34
C THR G 18 17.77 -14.18 -26.84
N VAL G 19 18.89 -14.65 -26.31
CA VAL G 19 18.99 -14.85 -24.86
C VAL G 19 19.72 -13.65 -24.28
N PRO G 20 19.20 -13.03 -23.22
CA PRO G 20 19.98 -11.97 -22.52
C PRO G 20 21.37 -12.49 -22.22
N ASN G 21 22.35 -11.61 -22.37
CA ASN G 21 23.72 -11.92 -22.01
C ASN G 21 23.95 -11.75 -20.51
N ASN G 22 23.45 -10.66 -19.94
CA ASN G 22 23.64 -10.33 -18.52
C ASN G 22 22.28 -9.99 -17.90
N LYS G 23 21.50 -11.02 -17.69
CA LYS G 23 20.21 -10.84 -17.04
C LYS G 23 20.36 -10.96 -15.52
N ILE G 24 19.77 -10.00 -14.82
CA ILE G 24 19.67 -9.97 -13.37
C ILE G 24 18.20 -9.95 -13.02
N THR G 25 17.81 -10.79 -12.06
CA THR G 25 16.50 -10.78 -11.44
C THR G 25 16.63 -10.25 -10.01
N VAL G 26 15.78 -9.29 -9.64
CA VAL G 26 15.64 -8.87 -8.27
C VAL G 26 14.32 -9.43 -7.72
N VAL G 27 14.43 -10.26 -6.67
CA VAL G 27 13.27 -10.86 -6.02
C VAL G 27 12.93 -10.03 -4.79
N GLY G 28 11.71 -9.47 -4.80
CA GLY G 28 11.27 -8.47 -3.84
C GLY G 28 11.54 -7.05 -4.30
N VAL G 29 10.49 -6.25 -4.44
CA VAL G 29 10.60 -4.87 -4.93
C VAL G 29 10.26 -3.91 -3.80
N GLY G 30 10.65 -4.27 -2.57
CA GLY G 30 10.51 -3.38 -1.44
C GLY G 30 11.57 -2.30 -1.45
N GLN G 31 11.75 -1.65 -0.28
CA GLN G 31 12.79 -0.65 -0.14
C GLN G 31 14.12 -1.17 -0.66
N VAL G 32 14.52 -2.35 -0.19
CA VAL G 32 15.82 -2.88 -0.53
C VAL G 32 15.86 -3.36 -1.97
N GLY G 33 14.86 -4.13 -2.39
CA GLY G 33 14.81 -4.60 -3.77
C GLY G 33 14.94 -3.47 -4.78
N MET G 34 14.17 -2.41 -4.59
CA MET G 34 14.22 -1.27 -5.52
C MET G 34 15.55 -0.51 -5.37
N ALA G 35 16.09 -0.41 -4.15
CA ALA G 35 17.40 0.22 -4.02
C ALA G 35 18.45 -0.54 -4.84
N CYS G 36 18.43 -1.88 -4.75
CA CYS G 36 19.29 -2.70 -5.60
C CYS G 36 18.99 -2.47 -7.09
N ALA G 37 17.71 -2.45 -7.45
CA ALA G 37 17.32 -2.29 -8.86
C ALA G 37 17.90 -1.03 -9.46
N ILE G 38 17.69 0.12 -8.81
CA ILE G 38 18.13 1.39 -9.34
C ILE G 38 19.66 1.47 -9.33
N SER G 39 20.30 0.89 -8.30
CA SER G 39 21.76 0.85 -8.30
C SER G 39 22.28 0.04 -9.49
N ILE G 40 21.66 -1.10 -9.78
CA ILE G 40 22.10 -1.90 -10.92
C ILE G 40 21.86 -1.16 -12.24
N LEU G 41 20.73 -0.47 -12.35
CA LEU G 41 20.45 0.22 -13.60
C LEU G 41 21.40 1.41 -13.80
N GLY G 42 21.61 2.21 -12.76
CA GLY G 42 22.51 3.34 -12.83
C GLY G 42 23.92 2.98 -13.22
N LYS G 43 24.31 1.72 -13.00
CA LYS G 43 25.62 1.26 -13.44
C LYS G 43 25.57 0.44 -14.73
N SER G 44 24.43 0.41 -15.43
CA SER G 44 24.26 -0.35 -16.68
C SER G 44 24.83 -1.76 -16.53
N LEU G 45 24.44 -2.42 -15.43
CA LEU G 45 24.95 -3.75 -15.14
C LEU G 45 24.17 -4.88 -15.81
N ALA G 46 22.92 -4.66 -16.25
CA ALA G 46 22.12 -5.72 -16.83
C ALA G 46 21.52 -5.28 -18.17
N ASP G 47 21.60 -6.16 -19.17
CA ASP G 47 20.88 -5.88 -20.42
C ASP G 47 19.41 -6.23 -20.32
N GLU G 48 19.04 -7.03 -19.31
CA GLU G 48 17.66 -7.36 -19.00
C GLU G 48 17.52 -7.43 -17.48
N LEU G 49 16.60 -6.64 -16.93
CA LEU G 49 16.28 -6.68 -15.51
C LEU G 49 14.90 -7.31 -15.34
N ALA G 50 14.79 -8.28 -14.42
CA ALA G 50 13.52 -8.91 -14.12
C ALA G 50 13.18 -8.71 -12.64
N LEU G 51 11.94 -8.34 -12.36
CA LEU G 51 11.46 -8.13 -11.00
C LEU G 51 10.43 -9.17 -10.62
N VAL G 52 10.49 -9.65 -9.36
CA VAL G 52 9.50 -10.59 -8.85
C VAL G 52 9.03 -10.16 -7.47
N ASP G 53 7.74 -10.28 -7.27
CA ASP G 53 7.14 -10.01 -5.98
C ASP G 53 5.76 -10.64 -5.99
N VAL G 54 5.20 -10.81 -4.78
CA VAL G 54 3.86 -11.35 -4.67
C VAL G 54 2.82 -10.24 -4.68
N LEU G 55 3.23 -9.00 -4.50
CA LEU G 55 2.34 -7.86 -4.64
C LEU G 55 2.24 -7.48 -6.13
N GLU G 56 1.24 -8.00 -6.82
CA GLU G 56 1.14 -7.80 -8.26
C GLU G 56 1.07 -6.33 -8.64
N ASP G 57 0.25 -5.55 -7.92
CA ASP G 57 0.04 -4.17 -8.35
C ASP G 57 1.31 -3.35 -8.16
N LYS G 58 1.89 -3.41 -6.94
CA LYS G 58 3.17 -2.77 -6.69
C LYS G 58 4.20 -3.22 -7.71
N LEU G 59 4.24 -4.53 -7.99
CA LEU G 59 5.24 -5.04 -8.91
C LEU G 59 5.13 -4.36 -10.26
N LYS G 60 3.93 -4.36 -10.84
CA LYS G 60 3.74 -3.74 -12.15
C LYS G 60 4.08 -2.25 -12.10
N GLY G 61 3.75 -1.57 -11.01
CA GLY G 61 4.03 -0.14 -10.91
C GLY G 61 5.52 0.17 -10.89
N GLU G 62 6.27 -0.56 -10.05
CA GLU G 62 7.73 -0.41 -10.07
C GLU G 62 8.29 -0.64 -11.48
N MET G 63 7.83 -1.71 -12.13
CA MET G 63 8.28 -1.99 -13.49
C MET G 63 8.02 -0.81 -14.42
N MET G 64 6.82 -0.24 -14.33
CA MET G 64 6.41 0.84 -15.23
C MET G 64 7.26 2.09 -15.00
N ASP G 65 7.50 2.42 -13.72
CA ASP G 65 8.35 3.55 -13.38
C ASP G 65 9.72 3.40 -14.01
N LEU G 66 10.36 2.24 -13.77
CA LEU G 66 11.70 2.03 -14.35
C LEU G 66 11.67 2.18 -15.88
N GLN G 67 10.68 1.57 -16.53
CA GLN G 67 10.58 1.69 -17.97
C GLN G 67 10.50 3.15 -18.40
N HIS G 68 9.73 3.96 -17.66
CA HIS G 68 9.60 5.37 -18.03
C HIS G 68 10.93 6.09 -17.89
N GLY G 69 11.82 5.55 -17.07
CA GLY G 69 13.19 6.03 -17.02
C GLY G 69 14.12 5.48 -18.09
N SER G 70 13.64 4.53 -18.90
CA SER G 70 14.48 3.89 -19.94
C SER G 70 15.35 4.86 -20.77
N LEU G 71 14.84 6.05 -21.12
CA LEU G 71 15.65 6.95 -21.97
C LEU G 71 17.00 7.28 -21.33
N PHE G 72 17.04 7.40 -20.00
CA PHE G 72 18.25 7.82 -19.30
C PHE G 72 19.12 6.64 -18.87
N LEU G 73 18.77 5.45 -19.31
CA LEU G 73 19.37 4.20 -18.88
C LEU G 73 19.95 3.44 -20.06
N GLN G 74 20.40 2.22 -19.78
CA GLN G 74 21.07 1.39 -20.78
C GLN G 74 20.72 -0.07 -20.54
N THR G 75 19.46 -0.31 -20.23
CA THR G 75 18.94 -1.65 -20.07
C THR G 75 17.69 -1.78 -20.95
N PRO G 76 17.82 -2.39 -22.12
CA PRO G 76 16.70 -2.34 -23.10
C PRO G 76 15.47 -3.15 -22.72
N LYS G 77 15.52 -4.04 -21.73
CA LYS G 77 14.35 -4.84 -21.41
C LYS G 77 14.17 -4.95 -19.89
N ILE G 78 13.02 -4.49 -19.40
CA ILE G 78 12.65 -4.51 -17.98
C ILE G 78 11.28 -5.19 -17.86
N VAL G 79 11.26 -6.41 -17.31
CA VAL G 79 10.04 -7.21 -17.14
C VAL G 79 9.81 -7.50 -15.65
N ALA G 80 8.56 -7.83 -15.31
CA ALA G 80 8.18 -8.18 -13.95
C ALA G 80 6.97 -9.10 -13.98
N ASP G 81 6.85 -9.94 -12.95
CA ASP G 81 5.75 -10.89 -12.81
C ASP G 81 5.88 -11.60 -11.46
N LYS G 82 4.75 -12.09 -10.96
CA LYS G 82 4.82 -12.99 -9.81
C LYS G 82 5.27 -14.38 -10.23
N ASP G 83 5.13 -14.70 -11.51
CA ASP G 83 5.57 -15.98 -12.07
C ASP G 83 7.07 -15.96 -12.33
N TYR G 84 7.78 -17.01 -11.90
CA TYR G 84 9.23 -16.98 -12.05
C TYR G 84 9.68 -17.30 -13.48
N SER G 85 8.76 -17.65 -14.37
CA SER G 85 9.12 -17.73 -15.77
C SER G 85 9.88 -16.49 -16.22
N VAL G 86 9.51 -15.32 -15.69
CA VAL G 86 10.14 -14.07 -16.12
C VAL G 86 11.64 -14.08 -15.84
N THR G 87 12.08 -14.79 -14.79
CA THR G 87 13.47 -14.81 -14.37
C THR G 87 14.32 -15.80 -15.15
N ALA G 88 13.77 -16.47 -16.16
CA ALA G 88 14.52 -17.46 -16.92
C ALA G 88 15.83 -16.89 -17.46
N ASN G 89 16.89 -17.70 -17.37
CA ASN G 89 18.22 -17.37 -17.88
C ASN G 89 18.86 -16.19 -17.16
N SER G 90 18.54 -15.99 -15.88
CA SER G 90 19.22 -14.92 -15.16
C SER G 90 20.67 -15.33 -14.88
N LYS G 91 21.59 -14.38 -15.06
CA LYS G 91 22.97 -14.62 -14.63
C LYS G 91 23.11 -14.42 -13.14
N ILE G 92 22.41 -13.43 -12.60
CA ILE G 92 22.45 -13.20 -11.15
C ILE G 92 21.03 -12.97 -10.67
N VAL G 93 20.67 -13.63 -9.57
CA VAL G 93 19.38 -13.44 -8.92
C VAL G 93 19.64 -12.95 -7.49
N VAL G 94 19.21 -11.71 -7.20
CA VAL G 94 19.27 -11.10 -5.88
C VAL G 94 17.98 -11.42 -5.14
N VAL G 95 18.08 -11.94 -3.92
CA VAL G 95 16.88 -12.24 -3.16
C VAL G 95 16.79 -11.30 -1.97
N THR G 96 15.79 -10.41 -2.04
CA THR G 96 15.55 -9.43 -0.98
C THR G 96 14.18 -9.59 -0.34
N ALA G 97 13.45 -10.67 -0.64
CA ALA G 97 12.07 -10.81 -0.20
C ALA G 97 12.02 -11.29 1.25
N GLY G 98 10.96 -10.88 1.96
CA GLY G 98 10.70 -11.38 3.29
C GLY G 98 10.41 -10.27 4.28
N VAL G 99 10.31 -10.65 5.56
CA VAL G 99 10.03 -9.69 6.62
C VAL G 99 11.34 -9.03 7.03
N ARG G 100 11.25 -7.80 7.51
CA ARG G 100 12.41 -7.09 7.99
C ARG G 100 12.27 -6.81 9.49
N GLN G 101 13.36 -6.32 10.07
CA GLN G 101 13.40 -6.05 11.51
C GLN G 101 12.44 -4.93 11.86
N GLN G 102 11.74 -5.12 12.99
CA GLN G 102 11.10 -4.00 13.66
C GLN G 102 12.14 -3.23 14.46
N GLU G 103 11.73 -2.07 14.98
CA GLU G 103 12.63 -1.26 15.80
C GLU G 103 13.24 -2.11 16.93
N GLY G 104 14.57 -2.06 17.06
CA GLY G 104 15.31 -2.77 18.08
C GLY G 104 15.38 -4.28 17.92
N GLU G 105 14.65 -4.84 16.97
CA GLU G 105 14.57 -6.29 16.80
C GLU G 105 15.84 -6.87 16.17
N SER G 106 16.26 -8.02 16.68
CA SER G 106 17.40 -8.75 16.11
C SER G 106 17.02 -9.46 14.82
N ARG G 107 17.96 -9.48 13.87
CA ARG G 107 17.72 -10.17 12.61
C ARG G 107 17.41 -11.65 12.81
N LEU G 108 17.99 -12.28 13.85
CA LEU G 108 17.76 -13.71 14.04
C LEU G 108 16.29 -14.01 14.33
N ASN G 109 15.58 -13.07 14.96
CA ASN G 109 14.17 -13.26 15.22
C ASN G 109 13.36 -13.38 13.93
N LEU G 110 13.95 -13.09 12.78
CA LEU G 110 13.25 -13.17 11.52
C LEU G 110 13.42 -14.52 10.83
N VAL G 111 14.04 -15.52 11.47
CA VAL G 111 14.33 -16.76 10.75
C VAL G 111 13.05 -17.47 10.33
N GLN G 112 12.19 -17.84 11.29
CA GLN G 112 11.04 -18.68 10.97
C GLN G 112 10.28 -18.15 9.75
N ARG G 113 9.79 -16.92 9.83
CA ARG G 113 8.99 -16.38 8.74
C ARG G 113 9.76 -16.43 7.42
N ASN G 114 11.03 -15.99 7.43
CA ASN G 114 11.72 -15.92 6.16
C ASN G 114 12.14 -17.29 5.68
N VAL G 115 12.31 -18.27 6.59
CA VAL G 115 12.50 -19.62 6.10
C VAL G 115 11.28 -20.04 5.27
N ASN G 116 10.08 -19.72 5.77
CA ASN G 116 8.90 -20.09 5.01
C ASN G 116 8.88 -19.36 3.67
N VAL G 117 9.41 -18.14 3.61
CA VAL G 117 9.51 -17.47 2.31
C VAL G 117 10.41 -18.27 1.39
N PHE G 118 11.62 -18.61 1.87
CA PHE G 118 12.65 -19.15 1.01
C PHE G 118 12.31 -20.56 0.57
N LYS G 119 11.71 -21.36 1.45
CA LYS G 119 11.23 -22.67 1.03
C LYS G 119 10.39 -22.59 -0.25
N PHE G 120 9.72 -21.45 -0.48
CA PHE G 120 8.97 -21.32 -1.73
C PHE G 120 9.82 -20.71 -2.83
N ILE G 121 10.60 -19.67 -2.52
CA ILE G 121 11.22 -18.85 -3.56
C ILE G 121 12.38 -19.58 -4.23
N ILE G 122 13.29 -20.14 -3.42
CA ILE G 122 14.55 -20.64 -3.95
C ILE G 122 14.31 -21.78 -4.94
N PRO G 123 13.41 -22.73 -4.69
CA PRO G 123 13.17 -23.77 -5.71
C PRO G 123 12.66 -23.19 -7.03
N GLN G 124 11.86 -22.12 -6.96
CA GLN G 124 11.44 -21.44 -8.17
C GLN G 124 12.63 -20.87 -8.93
N ILE G 125 13.54 -20.19 -8.21
CA ILE G 125 14.70 -19.56 -8.86
C ILE G 125 15.47 -20.59 -9.67
N VAL G 126 15.98 -21.62 -9.00
CA VAL G 126 16.78 -22.62 -9.69
C VAL G 126 15.96 -23.33 -10.74
N LYS G 127 14.64 -23.29 -10.63
CA LYS G 127 13.83 -23.91 -11.67
C LYS G 127 14.09 -23.24 -13.03
N TYR G 128 14.21 -21.92 -13.06
CA TYR G 128 14.32 -21.22 -14.35
C TYR G 128 15.72 -20.73 -14.67
N SER G 129 16.61 -20.65 -13.70
CA SER G 129 18.02 -20.31 -13.95
C SER G 129 18.87 -21.32 -13.19
N PRO G 130 18.90 -22.55 -13.66
CA PRO G 130 19.75 -23.56 -13.00
C PRO G 130 21.22 -23.18 -12.92
N ASP G 131 21.67 -22.25 -13.77
CA ASP G 131 23.07 -21.87 -13.86
C ASP G 131 23.39 -20.56 -13.14
N CYS G 132 22.41 -19.94 -12.48
CA CYS G 132 22.62 -18.59 -11.98
C CYS G 132 23.55 -18.59 -10.75
N ILE G 133 23.93 -17.37 -10.34
CA ILE G 133 24.48 -17.09 -9.02
C ILE G 133 23.37 -16.44 -8.22
N ILE G 134 23.21 -16.85 -6.95
CA ILE G 134 22.22 -16.27 -6.06
C ILE G 134 22.90 -15.40 -5.01
N ILE G 135 22.53 -14.13 -4.97
CA ILE G 135 22.98 -13.21 -3.93
C ILE G 135 21.87 -13.11 -2.91
N VAL G 136 22.09 -13.61 -1.69
CA VAL G 136 21.09 -13.56 -0.63
C VAL G 136 21.26 -12.26 0.14
N VAL G 137 20.17 -11.51 0.32
CA VAL G 137 20.17 -10.26 1.07
C VAL G 137 19.22 -10.31 2.26
N SER G 138 18.07 -10.96 2.11
CA SER G 138 17.07 -11.00 3.17
C SER G 138 17.74 -11.48 4.46
N ASN G 139 17.15 -11.06 5.65
CA ASN G 139 17.77 -11.38 6.95
C ASN G 139 17.03 -12.51 7.66
N PRO G 140 17.75 -13.30 8.48
CA PRO G 140 19.19 -13.17 8.74
C PRO G 140 20.03 -13.73 7.58
N VAL G 141 20.89 -12.89 7.02
CA VAL G 141 21.47 -13.17 5.70
C VAL G 141 22.38 -14.39 5.73
N ASP G 142 23.16 -14.57 6.80
CA ASP G 142 24.02 -15.75 6.85
C ASP G 142 23.21 -17.04 6.94
N ILE G 143 22.21 -17.06 7.84
CA ILE G 143 21.36 -18.24 7.98
C ILE G 143 20.61 -18.51 6.67
N LEU G 144 19.95 -17.48 6.12
CA LEU G 144 19.23 -17.68 4.86
C LEU G 144 20.17 -18.06 3.72
N THR G 145 21.45 -17.67 3.78
CA THR G 145 22.35 -18.15 2.74
C THR G 145 22.60 -19.65 2.89
N TYR G 146 22.73 -20.13 4.13
CA TYR G 146 22.75 -21.57 4.36
C TYR G 146 21.50 -22.24 3.80
N VAL G 147 20.33 -21.67 4.10
CA VAL G 147 19.07 -22.26 3.68
C VAL G 147 19.00 -22.32 2.16
N THR G 148 19.39 -21.24 1.48
CA THR G 148 19.39 -21.19 0.03
C THR G 148 20.36 -22.21 -0.55
N TRP G 149 21.53 -22.35 0.07
CA TRP G 149 22.50 -23.30 -0.45
C TRP G 149 21.92 -24.72 -0.40
N LYS G 150 21.35 -25.10 0.75
CA LYS G 150 20.74 -26.41 0.90
C LYS G 150 19.57 -26.61 -0.06
N LEU G 151 18.66 -25.64 -0.12
CA LEU G 151 17.45 -25.82 -0.93
C LEU G 151 17.74 -25.82 -2.42
N SER G 152 18.77 -25.11 -2.85
CA SER G 152 19.02 -24.93 -4.28
C SER G 152 19.85 -26.04 -4.87
N GLY G 153 20.60 -26.76 -4.04
CA GLY G 153 21.48 -27.79 -4.52
C GLY G 153 22.61 -27.24 -5.37
N LEU G 154 22.81 -25.92 -5.32
CA LEU G 154 23.86 -25.27 -6.08
C LEU G 154 25.20 -25.47 -5.39
N PRO G 155 26.30 -25.34 -6.13
CA PRO G 155 27.63 -25.37 -5.51
C PRO G 155 27.93 -24.08 -4.75
N LYS G 156 28.77 -24.22 -3.71
CA LYS G 156 29.04 -23.10 -2.82
C LYS G 156 29.44 -21.83 -3.56
N HIS G 157 30.20 -21.97 -4.64
CA HIS G 157 30.65 -20.78 -5.36
C HIS G 157 29.54 -20.04 -6.10
N ARG G 158 28.28 -20.46 -5.99
CA ARG G 158 27.18 -19.74 -6.66
C ARG G 158 26.09 -19.33 -5.69
N VAL G 159 26.30 -19.48 -4.39
CA VAL G 159 25.38 -19.01 -3.37
C VAL G 159 26.17 -18.07 -2.48
N ILE G 160 25.88 -16.77 -2.56
CA ILE G 160 26.65 -15.73 -1.91
C ILE G 160 25.71 -14.88 -1.06
N GLY G 161 26.06 -14.67 0.20
CA GLY G 161 25.28 -13.80 1.06
C GLY G 161 25.98 -12.45 1.15
N SER G 162 25.20 -11.38 1.02
CA SER G 162 25.83 -10.05 0.95
C SER G 162 26.67 -9.77 2.19
N GLY G 163 26.32 -10.41 3.30
CA GLY G 163 27.25 -10.53 4.41
C GLY G 163 27.67 -9.19 4.95
N CYS G 164 28.98 -9.07 5.17
CA CYS G 164 29.54 -7.90 5.83
C CYS G 164 30.08 -6.88 4.84
N ASN G 165 29.84 -7.06 3.54
CA ASN G 165 30.20 -6.01 2.61
C ASN G 165 29.68 -4.66 3.10
N LEU G 166 28.43 -4.64 3.56
CA LEU G 166 27.86 -3.40 4.09
C LEU G 166 28.52 -3.00 5.41
N ASP G 167 28.64 -3.96 6.34
CA ASP G 167 29.30 -3.66 7.61
C ASP G 167 30.67 -3.04 7.40
N SER G 168 31.47 -3.65 6.53
CA SER G 168 32.80 -3.11 6.25
C SER G 168 32.70 -1.73 5.62
N ALA G 169 31.75 -1.57 4.69
CA ALA G 169 31.50 -0.23 4.15
C ALA G 169 31.26 0.75 5.29
N ARG G 170 30.36 0.39 6.22
CA ARG G 170 30.10 1.26 7.36
C ARG G 170 31.39 1.48 8.15
N PHE G 171 32.08 0.37 8.45
CA PHE G 171 33.36 0.49 9.13
C PHE G 171 34.22 1.54 8.46
N ARG G 172 34.38 1.41 7.13
CA ARG G 172 35.33 2.27 6.44
C ARG G 172 34.87 3.72 6.44
N TYR G 173 33.56 3.94 6.32
CA TYR G 173 33.08 5.30 6.36
C TYR G 173 33.42 5.94 7.69
N LEU G 174 33.14 5.25 8.81
CA LEU G 174 33.41 5.87 10.09
C LEU G 174 34.91 6.15 10.20
N MET G 175 35.72 5.23 9.71
CA MET G 175 37.16 5.40 9.79
C MET G 175 37.60 6.59 8.95
N ALA G 176 37.04 6.71 7.74
CA ALA G 176 37.38 7.86 6.92
C ALA G 176 36.95 9.13 7.61
N GLU G 177 35.78 9.10 8.27
CA GLU G 177 35.29 10.29 8.96
C GLU G 177 36.28 10.72 10.03
N LYS G 178 36.92 9.75 10.67
CA LYS G 178 37.84 10.07 11.76
C LYS G 178 39.16 10.58 11.22
N LEU G 179 39.56 10.17 10.02
CA LEU G 179 40.87 10.52 9.53
C LEU G 179 40.85 11.60 8.45
N GLY G 180 39.66 11.99 7.97
CA GLY G 180 39.59 13.02 6.96
C GLY G 180 40.06 12.58 5.59
N ILE G 181 39.88 11.30 5.27
CA ILE G 181 40.26 10.75 3.98
C ILE G 181 39.08 9.97 3.42
N HIS G 182 39.17 9.61 2.14
CA HIS G 182 38.07 8.92 1.49
C HIS G 182 37.98 7.48 1.99
N PRO G 183 36.77 6.96 2.16
CA PRO G 183 36.60 5.57 2.64
C PRO G 183 37.37 4.52 1.84
N SER G 184 37.64 4.75 0.55
CA SER G 184 38.41 3.76 -0.21
C SER G 184 39.90 3.77 0.13
N SER G 185 40.42 4.87 0.70
CA SER G 185 41.80 4.91 1.12
C SER G 185 41.99 4.45 2.58
N CYS G 186 40.91 4.06 3.25
CA CYS G 186 40.94 3.33 4.52
C CYS G 186 40.57 1.87 4.30
N HIS G 187 41.32 0.98 4.93
CA HIS G 187 41.13 -0.46 4.76
C HIS G 187 40.86 -1.11 6.10
N GLY G 188 39.81 -1.91 6.16
CA GLY G 188 39.40 -2.54 7.40
C GLY G 188 38.30 -3.53 7.14
N TRP G 189 38.36 -4.70 7.77
CA TRP G 189 37.46 -5.80 7.48
C TRP G 189 36.57 -6.11 8.68
N ILE G 190 35.25 -6.00 8.49
CA ILE G 190 34.28 -6.47 9.49
C ILE G 190 33.81 -7.84 9.01
N LEU G 191 34.05 -8.87 9.83
CA LEU G 191 33.83 -10.24 9.39
C LEU G 191 32.86 -10.96 10.34
N GLY G 192 32.50 -12.19 10.01
CA GLY G 192 31.57 -12.96 10.81
C GLY G 192 30.10 -12.70 10.50
N GLU G 193 29.23 -12.71 11.52
CA GLU G 193 27.81 -12.47 11.28
C GLU G 193 27.52 -11.02 10.89
N HIS G 194 26.66 -10.86 9.88
CA HIS G 194 26.05 -9.57 9.56
C HIS G 194 24.99 -9.30 10.62
N GLY G 195 25.45 -8.96 11.83
CA GLY G 195 24.62 -8.82 13.01
C GLY G 195 25.38 -8.42 14.27
N ASP G 196 24.88 -8.80 15.45
CA ASP G 196 25.49 -8.29 16.68
C ASP G 196 26.84 -8.92 16.98
N SER G 197 27.16 -10.05 16.35
CA SER G 197 28.37 -10.80 16.63
C SER G 197 29.47 -10.56 15.59
N SER G 198 29.35 -9.50 14.78
CA SER G 198 30.40 -9.27 13.80
C SER G 198 31.74 -9.03 14.52
N VAL G 199 32.82 -9.35 13.82
CA VAL G 199 34.18 -9.21 14.31
C VAL G 199 34.88 -8.10 13.54
N ALA G 200 35.57 -7.22 14.27
CA ALA G 200 36.39 -6.19 13.65
C ALA G 200 37.83 -6.68 13.62
N VAL G 201 38.43 -6.78 12.44
CA VAL G 201 39.77 -7.38 12.32
C VAL G 201 40.77 -6.25 12.50
N TRP G 202 41.01 -5.88 13.76
CA TRP G 202 41.88 -4.75 14.08
C TRP G 202 43.26 -4.89 13.47
N SER G 203 43.78 -6.12 13.40
CA SER G 203 45.15 -6.32 12.92
C SER G 203 45.32 -5.93 11.45
N GLY G 204 44.24 -5.80 10.70
CA GLY G 204 44.38 -5.44 9.31
C GLY G 204 44.06 -3.99 9.01
N VAL G 205 43.51 -3.26 9.98
CA VAL G 205 43.08 -1.89 9.72
C VAL G 205 44.30 -1.04 9.38
N ASN G 206 44.33 -0.49 8.17
CA ASN G 206 45.53 0.18 7.70
C ASN G 206 45.19 1.22 6.64
N VAL G 207 45.95 2.31 6.67
CA VAL G 207 45.93 3.37 5.65
C VAL G 207 47.29 3.37 4.95
N ALA G 208 47.25 3.28 3.61
CA ALA G 208 48.47 3.19 2.80
C ALA G 208 49.40 2.07 3.26
N GLY G 209 48.81 1.02 3.83
CA GLY G 209 49.60 -0.08 4.36
C GLY G 209 50.14 0.15 5.76
N VAL G 210 49.90 1.31 6.36
CA VAL G 210 50.31 1.59 7.72
C VAL G 210 49.32 0.93 8.68
N SER G 211 49.74 -0.14 9.35
CA SER G 211 48.92 -0.73 10.40
C SER G 211 48.63 0.29 11.49
N LEU G 212 47.35 0.67 11.65
CA LEU G 212 47.00 1.64 12.67
C LEU G 212 47.08 1.08 14.10
N GLN G 213 47.00 -0.25 14.25
CA GLN G 213 47.20 -0.88 15.55
C GLN G 213 48.67 -0.97 15.96
N GLU G 214 49.58 -0.60 15.06
CA GLU G 214 50.97 -0.36 15.41
C GLU G 214 51.18 1.03 15.98
N LEU G 215 50.44 2.04 15.48
CA LEU G 215 50.45 3.38 16.06
C LEU G 215 49.59 3.49 17.30
N ASN G 216 48.51 2.71 17.39
CA ASN G 216 47.62 2.66 18.55
C ASN G 216 47.46 1.20 18.93
N PRO G 217 48.42 0.64 19.66
CA PRO G 217 48.34 -0.78 20.06
C PRO G 217 47.14 -1.12 20.95
N GLU G 218 46.50 -0.13 21.56
CA GLU G 218 45.32 -0.41 22.36
C GLU G 218 44.03 -0.39 21.53
N MET G 219 44.14 -0.10 20.23
CA MET G 219 42.98 -0.19 19.35
C MET G 219 42.32 -1.56 19.46
N GLY G 220 41.03 -1.57 19.77
CA GLY G 220 40.27 -2.78 19.94
C GLY G 220 40.02 -3.18 21.38
N THR G 221 40.81 -2.66 22.32
CA THR G 221 40.63 -2.94 23.73
C THR G 221 39.72 -1.89 24.38
N ASP G 222 39.31 -2.18 25.61
CA ASP G 222 38.51 -1.25 26.41
C ASP G 222 39.34 -0.12 27.00
N ASN G 223 40.67 -0.21 26.93
CA ASN G 223 41.51 0.83 27.49
C ASN G 223 42.23 1.60 26.40
N ASP G 224 41.44 2.26 25.55
CA ASP G 224 41.94 2.90 24.35
C ASP G 224 41.31 4.29 24.28
N SER G 225 42.14 5.31 24.46
CA SER G 225 41.66 6.69 24.52
C SER G 225 41.04 7.16 23.22
N GLU G 226 41.26 6.43 22.13
CA GLU G 226 40.65 6.74 20.84
C GLU G 226 39.39 5.93 20.59
N ASN G 227 39.08 4.97 21.46
CA ASN G 227 37.77 4.31 21.50
C ASN G 227 37.41 3.66 20.17
N TRP G 228 38.37 2.96 19.57
CA TRP G 228 38.10 2.27 18.31
C TRP G 228 37.01 1.22 18.48
N LYS G 229 36.99 0.57 19.65
CA LYS G 229 35.93 -0.39 19.92
C LYS G 229 34.57 0.26 19.77
N GLU G 230 34.47 1.54 20.13
CA GLU G 230 33.23 2.29 19.90
C GLU G 230 32.92 2.42 18.42
N VAL G 231 33.93 2.45 17.56
CA VAL G 231 33.66 2.43 16.12
C VAL G 231 32.98 1.12 15.74
N HIS G 232 33.59 0.00 16.13
CA HIS G 232 32.91 -1.28 15.89
C HIS G 232 31.50 -1.27 16.47
N LYS G 233 31.32 -0.62 17.62
CA LYS G 233 29.97 -0.53 18.20
C LYS G 233 29.03 0.23 17.27
N MET G 234 29.46 1.38 16.77
CA MET G 234 28.64 2.12 15.82
C MET G 234 28.30 1.26 14.61
N VAL G 235 29.23 0.40 14.19
CA VAL G 235 28.92 -0.46 13.05
C VAL G 235 27.83 -1.45 13.41
N VAL G 236 27.87 -2.00 14.63
CA VAL G 236 26.88 -2.99 15.05
C VAL G 236 25.52 -2.33 15.26
N GLU G 237 25.52 -1.11 15.78
CA GLU G 237 24.28 -0.42 16.09
C GLU G 237 23.68 0.31 14.88
N SER G 238 24.46 0.53 13.82
CA SER G 238 24.07 1.45 12.77
C SER G 238 22.69 1.09 12.21
N ALA G 239 22.48 -0.19 11.92
CA ALA G 239 21.21 -0.59 11.31
C ALA G 239 20.04 -0.32 12.25
N TYR G 240 20.23 -0.56 13.56
CA TYR G 240 19.16 -0.26 14.50
C TYR G 240 18.88 1.24 14.55
N GLU G 241 19.93 2.06 14.56
CA GLU G 241 19.75 3.51 14.61
C GLU G 241 19.02 4.01 13.37
N VAL G 242 19.44 3.55 12.19
CA VAL G 242 18.78 3.97 10.96
C VAL G 242 17.35 3.46 10.91
N ILE G 243 17.11 2.21 11.35
CA ILE G 243 15.74 1.71 11.41
C ILE G 243 14.89 2.58 12.30
N LYS G 244 15.44 2.99 13.46
CA LYS G 244 14.68 3.83 14.38
C LYS G 244 14.39 5.20 13.77
N LEU G 245 15.28 5.68 12.90
CA LEU G 245 15.10 7.01 12.31
C LEU G 245 14.16 6.99 11.09
N LYS G 246 14.40 6.10 10.13
CA LYS G 246 13.63 6.11 8.88
C LYS G 246 12.80 4.84 8.66
N GLY G 247 12.89 3.85 9.55
CA GLY G 247 12.02 2.69 9.51
C GLY G 247 12.61 1.46 8.90
N TYR G 248 13.80 1.57 8.31
CA TYR G 248 14.43 0.50 7.54
C TYR G 248 15.69 1.13 6.99
N THR G 249 16.57 0.31 6.44
CA THR G 249 17.68 0.81 5.64
C THR G 249 17.54 0.22 4.24
N ASN G 250 18.16 0.89 3.25
CA ASN G 250 18.04 0.39 1.89
C ASN G 250 19.08 0.92 0.92
N TRP G 251 19.44 2.22 1.00
CA TRP G 251 20.35 2.76 -0.02
C TRP G 251 21.74 2.11 0.07
N ALA G 252 22.32 2.07 1.28
CA ALA G 252 23.68 1.57 1.40
C ALA G 252 23.79 0.13 0.94
N ILE G 253 22.79 -0.70 1.28
CA ILE G 253 22.85 -2.10 0.85
C ILE G 253 22.64 -2.20 -0.66
N GLY G 254 21.81 -1.34 -1.26
CA GLY G 254 21.68 -1.37 -2.71
C GLY G 254 23.01 -1.10 -3.38
N LEU G 255 23.73 -0.09 -2.88
CA LEU G 255 25.05 0.19 -3.43
C LEU G 255 26.02 -0.97 -3.21
N SER G 256 26.04 -1.53 -1.99
CA SER G 256 26.89 -2.68 -1.73
C SER G 256 26.59 -3.84 -2.68
N VAL G 257 25.30 -4.16 -2.86
CA VAL G 257 24.95 -5.28 -3.71
C VAL G 257 25.42 -5.01 -5.12
N ALA G 258 25.23 -3.79 -5.61
CA ALA G 258 25.66 -3.47 -6.97
C ALA G 258 27.18 -3.61 -7.10
N ASP G 259 27.90 -3.20 -6.06
CA ASP G 259 29.36 -3.38 -6.04
C ASP G 259 29.72 -4.84 -6.24
N LEU G 260 29.03 -5.75 -5.53
CA LEU G 260 29.27 -7.18 -5.73
C LEU G 260 28.96 -7.61 -7.16
N ILE G 261 27.77 -7.23 -7.65
CA ILE G 261 27.36 -7.64 -8.98
C ILE G 261 28.39 -7.19 -10.01
N GLU G 262 28.87 -5.95 -9.90
CA GLU G 262 29.90 -5.45 -10.81
C GLU G 262 31.15 -6.32 -10.77
N SER G 263 31.66 -6.63 -9.57
CA SER G 263 32.83 -7.50 -9.53
C SER G 263 32.57 -8.80 -10.29
N MET G 264 31.36 -9.36 -10.16
CA MET G 264 31.15 -10.67 -10.78
C MET G 264 30.92 -10.56 -12.29
N LEU G 265 30.11 -9.60 -12.74
CA LEU G 265 29.75 -9.55 -14.15
C LEU G 265 30.90 -9.05 -15.00
N LYS G 266 31.82 -8.28 -14.43
CA LYS G 266 33.02 -7.86 -15.13
C LYS G 266 34.17 -8.83 -14.91
N ASN G 267 33.95 -9.90 -14.15
CA ASN G 267 34.96 -10.93 -13.95
C ASN G 267 36.25 -10.35 -13.35
N LEU G 268 36.10 -9.39 -12.43
CA LEU G 268 37.24 -8.67 -11.85
C LEU G 268 38.02 -9.46 -10.81
N SER G 269 37.44 -10.49 -10.19
CA SER G 269 38.14 -11.17 -9.09
C SER G 269 38.60 -10.17 -8.05
N ARG G 270 37.67 -9.36 -7.58
CA ARG G 270 38.00 -8.48 -6.47
C ARG G 270 37.57 -9.15 -5.18
N ILE G 271 38.06 -8.62 -4.07
CA ILE G 271 37.86 -9.26 -2.78
C ILE G 271 36.81 -8.47 -2.00
N HIS G 272 35.79 -9.18 -1.52
CA HIS G 272 34.68 -8.61 -0.77
C HIS G 272 34.42 -9.43 0.50
N PRO G 273 34.07 -8.77 1.59
CA PRO G 273 33.66 -9.55 2.78
C PRO G 273 32.23 -10.06 2.64
N VAL G 274 32.09 -11.30 2.17
CA VAL G 274 30.76 -11.84 1.89
C VAL G 274 30.62 -13.17 2.60
N SER G 275 29.36 -13.59 2.75
CA SER G 275 29.04 -14.78 3.50
C SER G 275 29.28 -16.02 2.65
N THR G 276 30.15 -16.91 3.13
CA THR G 276 30.35 -18.20 2.51
C THR G 276 30.38 -19.29 3.59
N MET G 277 30.42 -20.55 3.14
CA MET G 277 30.38 -21.71 4.02
C MET G 277 31.78 -21.96 4.56
N VAL G 278 31.97 -21.81 5.87
CA VAL G 278 33.31 -21.71 6.46
C VAL G 278 33.71 -22.97 7.23
N LYS G 279 32.96 -24.05 7.08
CA LYS G 279 33.34 -25.28 7.78
C LYS G 279 34.79 -25.62 7.55
N GLY G 280 35.46 -26.02 8.63
CA GLY G 280 36.87 -26.37 8.53
C GLY G 280 37.78 -25.18 8.45
N MET G 281 37.36 -24.04 9.00
CA MET G 281 38.13 -22.81 8.95
C MET G 281 38.15 -22.23 10.35
N TYR G 282 39.34 -21.93 10.86
CA TYR G 282 39.49 -21.32 12.18
C TYR G 282 38.80 -22.16 13.26
N GLY G 283 38.90 -23.48 13.12
CA GLY G 283 38.30 -24.37 14.09
C GLY G 283 36.79 -24.51 14.01
N ILE G 284 36.12 -23.83 13.06
CA ILE G 284 34.68 -24.00 12.93
C ILE G 284 34.38 -25.40 12.42
N GLU G 285 33.49 -26.10 13.09
CA GLU G 285 33.28 -27.52 12.82
C GLU G 285 32.10 -27.80 11.90
N ASN G 286 31.11 -26.92 11.85
CA ASN G 286 29.87 -27.19 11.14
C ASN G 286 29.70 -26.26 9.93
N GLU G 287 28.75 -26.63 9.08
CA GLU G 287 28.50 -25.85 7.87
C GLU G 287 27.87 -24.51 8.22
N VAL G 288 28.67 -23.63 8.82
CA VAL G 288 28.22 -22.29 9.15
C VAL G 288 28.50 -21.39 7.94
N PHE G 289 27.63 -20.41 7.74
CA PHE G 289 27.86 -19.36 6.75
C PHE G 289 28.15 -18.06 7.48
N LEU G 290 29.25 -17.43 7.15
CA LEU G 290 29.52 -16.07 7.62
C LEU G 290 30.56 -15.46 6.71
N SER G 291 30.83 -14.18 6.93
CA SER G 291 31.58 -13.42 5.94
C SER G 291 33.08 -13.57 6.20
N LEU G 292 33.79 -13.88 5.12
CA LEU G 292 35.24 -13.76 5.04
C LEU G 292 35.53 -12.96 3.80
N PRO G 293 36.78 -12.55 3.59
CA PRO G 293 37.15 -11.90 2.34
C PRO G 293 37.25 -12.96 1.26
N CYS G 294 36.49 -12.76 0.17
CA CYS G 294 36.36 -13.75 -0.89
C CYS G 294 36.61 -13.09 -2.25
N ILE G 295 37.26 -13.84 -3.14
CA ILE G 295 37.42 -13.40 -4.51
C ILE G 295 36.10 -13.61 -5.25
N LEU G 296 35.63 -12.56 -5.93
CA LEU G 296 34.44 -12.63 -6.77
C LEU G 296 34.82 -12.34 -8.22
N ASN G 297 34.27 -13.14 -9.13
CA ASN G 297 34.39 -12.95 -10.57
C ASN G 297 33.16 -13.58 -11.21
N ALA G 298 33.23 -13.83 -12.53
CA ALA G 298 32.06 -14.24 -13.29
C ALA G 298 31.57 -15.61 -12.83
N ARG G 299 32.50 -16.52 -12.51
CA ARG G 299 32.14 -17.83 -11.95
C ARG G 299 31.43 -17.73 -10.62
N GLY G 300 31.52 -16.60 -9.92
CA GLY G 300 30.94 -16.51 -8.59
C GLY G 300 31.95 -16.28 -7.48
N LEU G 301 31.79 -16.98 -6.34
CA LEU G 301 32.71 -16.89 -5.21
C LEU G 301 33.67 -18.07 -5.30
N THR G 302 34.83 -17.84 -5.90
CA THR G 302 35.76 -18.92 -6.16
C THR G 302 36.87 -19.09 -5.11
N SER G 303 37.05 -18.14 -4.19
CA SER G 303 38.14 -18.26 -3.23
C SER G 303 37.81 -17.54 -1.93
N VAL G 304 38.45 -18.01 -0.86
CA VAL G 304 38.50 -17.35 0.44
C VAL G 304 39.94 -17.00 0.73
N ILE G 305 40.15 -15.85 1.36
CA ILE G 305 41.49 -15.40 1.73
C ILE G 305 41.82 -15.96 3.12
N ASN G 306 42.86 -16.77 3.21
CA ASN G 306 43.34 -17.25 4.52
C ASN G 306 43.96 -16.10 5.29
N GLN G 307 43.47 -15.87 6.50
CA GLN G 307 43.93 -14.75 7.29
C GLN G 307 44.69 -15.25 8.51
N LYS G 308 45.66 -14.44 8.93
CA LYS G 308 46.41 -14.69 10.15
C LYS G 308 45.72 -13.89 11.27
N LEU G 309 44.59 -14.41 11.74
CA LEU G 309 43.84 -13.67 12.72
C LEU G 309 44.54 -13.69 14.08
N LYS G 310 44.26 -12.68 14.89
CA LYS G 310 44.75 -12.70 16.25
C LYS G 310 43.88 -13.61 17.12
N ASP G 311 44.48 -14.11 18.20
CA ASP G 311 43.77 -15.05 19.06
C ASP G 311 42.40 -14.53 19.45
N ASP G 312 42.34 -13.27 19.90
CA ASP G 312 41.06 -12.68 20.29
C ASP G 312 40.09 -12.62 19.12
N GLU G 313 40.63 -12.42 17.92
CA GLU G 313 39.78 -12.29 16.73
C GLU G 313 39.25 -13.64 16.28
N VAL G 314 40.11 -14.66 16.27
CA VAL G 314 39.62 -16.02 16.09
C VAL G 314 38.53 -16.33 17.12
N ALA G 315 38.70 -15.83 18.34
CA ALA G 315 37.71 -16.11 19.40
C ALA G 315 36.35 -15.49 19.07
N GLN G 316 36.34 -14.19 18.75
CA GLN G 316 35.08 -13.54 18.39
C GLN G 316 34.47 -14.17 17.15
N LEU G 317 35.29 -14.68 16.23
CA LEU G 317 34.76 -15.33 15.04
C LEU G 317 34.15 -16.68 15.38
N LYS G 318 34.76 -17.44 16.30
CA LYS G 318 34.18 -18.71 16.69
C LYS G 318 32.90 -18.52 17.49
N LYS G 319 32.84 -17.44 18.27
CA LYS G 319 31.59 -17.09 18.93
C LYS G 319 30.50 -16.78 17.91
N SER G 320 30.82 -15.94 16.91
CA SER G 320 29.87 -15.69 15.84
C SER G 320 29.40 -17.00 15.23
N ALA G 321 30.33 -17.89 14.90
CA ALA G 321 29.98 -19.16 14.29
C ALA G 321 29.00 -19.95 15.16
N ASP G 322 29.28 -20.03 16.46
CA ASP G 322 28.42 -20.79 17.36
C ASP G 322 27.04 -20.15 17.49
N THR G 323 27.01 -18.83 17.67
CA THR G 323 25.76 -18.10 17.65
C THR G 323 24.91 -18.48 16.45
N LEU G 324 25.55 -18.62 15.28
CA LEU G 324 24.82 -18.94 14.05
C LEU G 324 24.40 -20.41 14.01
N TRP G 325 25.38 -21.31 14.14
CA TRP G 325 25.08 -22.73 14.05
C TRP G 325 24.00 -23.15 15.03
N ASP G 326 23.94 -22.52 16.21
CA ASP G 326 22.93 -22.87 17.20
C ASP G 326 21.51 -22.72 16.65
N ILE G 327 21.30 -21.83 15.69
CA ILE G 327 20.02 -21.72 14.98
C ILE G 327 20.00 -22.63 13.75
N GLN G 328 21.09 -22.61 12.98
CA GLN G 328 21.18 -23.39 11.75
C GLN G 328 20.85 -24.86 11.98
N LYS G 329 21.26 -25.41 13.13
CA LYS G 329 21.23 -26.86 13.35
C LYS G 329 19.84 -27.42 13.52
N ASP G 330 18.88 -26.59 13.92
CA ASP G 330 17.52 -27.05 14.22
C ASP G 330 16.53 -26.72 13.11
N LEU G 331 17.01 -26.30 11.94
CA LEU G 331 16.13 -26.05 10.80
C LEU G 331 15.80 -27.36 10.09
N LYS G 332 14.53 -27.51 9.68
CA LYS G 332 14.03 -28.75 9.10
C LYS G 332 13.66 -28.58 7.63
N ASP G 333 13.70 -29.69 6.90
CA ASP G 333 13.22 -29.77 5.51
C ASP G 333 13.95 -28.76 4.61
N LEU G 334 15.24 -29.03 4.41
CA LEU G 334 16.04 -28.19 3.53
C LEU G 334 16.69 -29.01 2.41
N ALA H 2 49.75 12.17 21.29
CA ALA H 2 49.09 12.63 20.06
C ALA H 2 47.94 11.72 19.64
N THR H 3 46.94 12.30 18.98
CA THR H 3 45.88 11.49 18.38
C THR H 3 46.46 10.57 17.31
N LEU H 4 45.71 9.54 16.95
CA LEU H 4 46.14 8.69 15.83
C LEU H 4 46.23 9.50 14.55
N LYS H 5 45.31 10.45 14.36
CA LYS H 5 45.33 11.31 13.18
C LYS H 5 46.63 12.08 13.08
N GLU H 6 47.13 12.60 14.21
CA GLU H 6 48.38 13.34 14.18
C GLU H 6 49.56 12.42 13.94
N LYS H 7 49.54 11.21 14.51
CA LYS H 7 50.63 10.28 14.21
C LYS H 7 50.66 9.94 12.72
N LEU H 8 49.50 9.74 12.12
CA LEU H 8 49.42 9.23 10.76
C LEU H 8 49.58 10.31 9.71
N ILE H 9 49.12 11.53 9.97
CA ILE H 9 48.94 12.54 8.94
C ILE H 9 49.86 13.72 9.22
N ALA H 10 50.72 14.03 8.25
CA ALA H 10 51.57 15.21 8.32
C ALA H 10 51.03 16.27 7.38
N PRO H 11 50.56 17.41 7.88
CA PRO H 11 49.97 18.41 7.00
C PRO H 11 50.98 18.97 6.00
N VAL H 12 50.51 19.17 4.77
CA VAL H 12 51.27 19.94 3.79
C VAL H 12 50.64 21.30 3.55
N ALA H 13 49.32 21.43 3.62
CA ALA H 13 48.64 22.70 3.50
C ALA H 13 48.14 23.17 4.86
N GLU H 14 47.94 24.47 4.96
CA GLU H 14 47.18 25.05 6.07
C GLU H 14 45.75 24.54 6.03
N GLU H 15 45.24 24.11 7.19
CA GLU H 15 43.81 23.86 7.29
C GLU H 15 43.04 25.09 6.83
N GLU H 16 41.85 24.86 6.30
CA GLU H 16 41.10 25.97 5.72
C GLU H 16 39.65 25.56 5.55
N ALA H 17 38.76 26.55 5.64
CA ALA H 17 37.37 26.36 5.25
C ALA H 17 37.32 26.22 3.74
N THR H 18 36.93 25.04 3.27
CA THR H 18 36.82 24.78 1.84
C THR H 18 35.41 25.10 1.36
N VAL H 19 35.32 25.63 0.14
CA VAL H 19 34.04 26.01 -0.45
C VAL H 19 33.64 24.93 -1.45
N PRO H 20 32.52 24.24 -1.25
CA PRO H 20 32.13 23.20 -2.20
C PRO H 20 31.90 23.78 -3.58
N ASN H 21 32.33 23.04 -4.60
CA ASN H 21 32.11 23.49 -5.96
C ASN H 21 30.74 23.07 -6.47
N ASN H 22 30.50 21.77 -6.57
CA ASN H 22 29.25 21.28 -7.14
C ASN H 22 28.31 20.79 -6.03
N LYS H 23 28.00 21.70 -5.12
CA LYS H 23 27.08 21.38 -4.04
C LYS H 23 25.65 21.40 -4.56
N ILE H 24 24.93 20.31 -4.32
CA ILE H 24 23.53 20.21 -4.67
C ILE H 24 22.73 20.03 -3.38
N THR H 25 21.58 20.70 -3.32
CA THR H 25 20.64 20.50 -2.22
C THR H 25 19.36 19.87 -2.75
N VAL H 26 18.89 18.82 -2.08
CA VAL H 26 17.58 18.26 -2.34
C VAL H 26 16.69 18.60 -1.16
N VAL H 27 15.51 19.17 -1.45
CA VAL H 27 14.58 19.63 -0.44
C VAL H 27 13.37 18.72 -0.50
N GLY H 28 13.09 18.05 0.63
CA GLY H 28 12.11 17.00 0.66
C GLY H 28 12.80 15.66 0.47
N VAL H 29 12.72 14.77 1.45
CA VAL H 29 13.37 13.47 1.32
C VAL H 29 12.36 12.35 1.30
N GLY H 30 11.24 12.57 0.61
CA GLY H 30 10.28 11.51 0.36
C GLY H 30 10.72 10.65 -0.81
N GLN H 31 9.75 10.01 -1.46
CA GLN H 31 10.06 9.09 -2.56
C GLN H 31 10.84 9.79 -3.66
N VAL H 32 10.33 10.94 -4.10
CA VAL H 32 10.96 11.68 -5.19
C VAL H 32 12.30 12.26 -4.76
N GLY H 33 12.36 12.81 -3.55
CA GLY H 33 13.62 13.41 -3.11
C GLY H 33 14.75 12.40 -3.10
N MET H 34 14.50 11.19 -2.58
CA MET H 34 15.58 10.21 -2.49
C MET H 34 15.82 9.54 -3.84
N ALA H 35 14.81 9.38 -4.68
CA ALA H 35 15.11 9.01 -6.06
C ALA H 35 16.10 10.00 -6.67
N CYS H 36 15.83 11.30 -6.53
CA CYS H 36 16.73 12.32 -7.07
C CYS H 36 18.11 12.23 -6.42
N ALA H 37 18.16 11.97 -5.11
CA ALA H 37 19.42 11.99 -4.39
C ALA H 37 20.31 10.83 -4.81
N ILE H 38 19.75 9.62 -4.87
CA ILE H 38 20.53 8.45 -5.28
C ILE H 38 20.92 8.55 -6.74
N SER H 39 20.09 9.17 -7.60
CA SER H 39 20.52 9.37 -8.98
C SER H 39 21.68 10.38 -9.07
N ILE H 40 21.58 11.50 -8.35
CA ILE H 40 22.68 12.47 -8.32
C ILE H 40 23.96 11.81 -7.83
N LEU H 41 23.87 11.02 -6.76
CA LEU H 41 25.07 10.41 -6.22
C LEU H 41 25.62 9.34 -7.15
N GLY H 42 24.73 8.64 -7.86
CA GLY H 42 25.17 7.58 -8.76
C GLY H 42 25.95 8.09 -9.94
N LYS H 43 25.65 9.30 -10.41
CA LYS H 43 26.39 9.91 -11.49
C LYS H 43 27.51 10.82 -11.02
N SER H 44 27.86 10.79 -9.72
CA SER H 44 28.94 11.59 -9.15
C SER H 44 28.80 13.07 -9.51
N LEU H 45 27.56 13.57 -9.51
CA LEU H 45 27.32 14.94 -9.96
C LEU H 45 27.62 15.99 -8.90
N ALA H 46 27.57 15.64 -7.62
CA ALA H 46 27.78 16.58 -6.52
C ALA H 46 28.98 16.17 -5.68
N ASP H 47 29.83 17.14 -5.35
CA ASP H 47 30.87 16.95 -4.36
C ASP H 47 30.38 17.23 -2.95
N GLU H 48 29.15 17.72 -2.82
CA GLU H 48 28.51 17.89 -1.51
C GLU H 48 27.00 17.80 -1.72
N LEU H 49 26.37 16.85 -1.04
CA LEU H 49 24.92 16.69 -1.09
C LEU H 49 24.33 17.15 0.23
N ALA H 50 23.28 17.98 0.15
CA ALA H 50 22.59 18.52 1.31
C ALA H 50 21.10 18.20 1.20
N LEU H 51 20.56 17.59 2.26
CA LEU H 51 19.15 17.21 2.33
C LEU H 51 18.41 18.10 3.32
N VAL H 52 17.17 18.48 2.96
CA VAL H 52 16.31 19.26 3.85
C VAL H 52 14.91 18.67 3.86
N ASP H 53 14.36 18.51 5.06
CA ASP H 53 13.00 18.06 5.28
C ASP H 53 12.56 18.61 6.63
N VAL H 54 11.24 18.65 6.83
CA VAL H 54 10.70 19.02 8.13
C VAL H 54 10.54 17.83 9.08
N LEU H 55 10.61 16.61 8.57
CA LEU H 55 10.61 15.41 9.41
C LEU H 55 12.06 15.11 9.79
N GLU H 56 12.46 15.53 10.99
CA GLU H 56 13.88 15.50 11.36
C GLU H 56 14.42 14.08 11.44
N ASP H 57 13.65 13.14 12.01
CA ASP H 57 14.14 11.78 12.18
C ASP H 57 14.39 11.11 10.83
N LYS H 58 13.41 11.16 9.95
CA LYS H 58 13.63 10.53 8.64
C LYS H 58 14.75 11.23 7.88
N LEU H 59 14.90 12.54 8.09
CA LEU H 59 15.96 13.27 7.41
C LEU H 59 17.33 12.77 7.86
N LYS H 60 17.54 12.65 9.17
CA LYS H 60 18.82 12.14 9.66
C LYS H 60 19.04 10.69 9.22
N GLY H 61 17.96 9.90 9.18
CA GLY H 61 18.08 8.52 8.75
C GLY H 61 18.50 8.39 7.29
N GLU H 62 17.87 9.19 6.41
CA GLU H 62 18.28 9.16 5.00
C GLU H 62 19.75 9.57 4.88
N MET H 63 20.12 10.68 5.54
CA MET H 63 21.50 11.12 5.48
C MET H 63 22.47 10.02 5.92
N MET H 64 22.15 9.29 7.01
CA MET H 64 23.05 8.26 7.49
C MET H 64 23.15 7.09 6.50
N ASP H 65 22.01 6.69 5.91
CA ASP H 65 21.99 5.59 4.95
C ASP H 65 22.88 5.91 3.74
N LEU H 66 22.68 7.10 3.16
CA LEU H 66 23.58 7.57 2.12
C LEU H 66 25.04 7.53 2.58
N GLN H 67 25.32 8.15 3.73
CA GLN H 67 26.70 8.22 4.20
C GLN H 67 27.31 6.84 4.30
N HIS H 68 26.49 5.83 4.66
CA HIS H 68 26.99 4.47 4.78
C HIS H 68 27.37 3.88 3.44
N GLY H 69 26.64 4.25 2.39
CA GLY H 69 27.07 3.86 1.07
C GLY H 69 28.24 4.64 0.51
N SER H 70 28.72 5.64 1.26
CA SER H 70 29.86 6.48 0.87
C SER H 70 31.03 5.73 0.21
N LEU H 71 31.37 4.50 0.65
CA LEU H 71 32.50 3.79 0.04
C LEU H 71 32.30 3.61 -1.46
N PHE H 72 31.04 3.52 -1.90
CA PHE H 72 30.71 3.21 -3.28
C PHE H 72 30.44 4.46 -4.10
N LEU H 73 30.54 5.64 -3.48
CA LEU H 73 30.19 6.89 -4.14
C LEU H 73 31.45 7.75 -4.29
N GLN H 74 31.23 8.95 -4.82
CA GLN H 74 32.27 9.95 -5.05
C GLN H 74 31.79 11.30 -4.54
N THR H 75 31.13 11.30 -3.39
CA THR H 75 30.60 12.52 -2.80
C THR H 75 31.15 12.65 -1.39
N PRO H 76 32.20 13.46 -1.19
CA PRO H 76 32.91 13.42 0.11
C PRO H 76 32.13 14.01 1.27
N LYS H 77 31.03 14.72 1.04
CA LYS H 77 30.29 15.32 2.13
C LYS H 77 28.80 15.20 1.86
N ILE H 78 28.08 14.62 2.84
CA ILE H 78 26.63 14.57 2.82
C ILE H 78 26.13 15.11 4.14
N VAL H 79 25.16 16.03 4.08
CA VAL H 79 24.69 16.78 5.25
C VAL H 79 23.18 16.96 5.17
N ALA H 80 22.54 17.01 6.33
CA ALA H 80 21.08 17.07 6.37
C ALA H 80 20.62 17.88 7.58
N ASP H 81 19.60 18.70 7.37
CA ASP H 81 19.09 19.53 8.45
C ASP H 81 17.76 20.15 8.05
N LYS H 82 16.87 20.32 9.04
CA LYS H 82 15.65 21.09 8.83
C LYS H 82 15.93 22.58 8.66
N ASP H 83 17.15 23.00 9.00
CA ASP H 83 17.59 24.38 8.95
C ASP H 83 18.33 24.63 7.63
N TYR H 84 17.91 25.65 6.87
CA TYR H 84 18.47 25.80 5.54
C TYR H 84 19.90 26.32 5.53
N SER H 85 20.49 26.64 6.69
CA SER H 85 21.91 26.98 6.71
C SER H 85 22.74 25.88 6.06
N VAL H 86 22.30 24.63 6.18
CA VAL H 86 23.04 23.49 5.65
C VAL H 86 23.02 23.44 4.13
N THR H 87 22.21 24.28 3.47
CA THR H 87 22.16 24.36 2.01
C THR H 87 22.99 25.51 1.46
N ALA H 88 23.76 26.17 2.32
CA ALA H 88 24.55 27.33 1.90
C ALA H 88 25.41 27.02 0.68
N ASN H 89 25.48 28.00 -0.23
CA ASN H 89 26.37 27.95 -1.40
C ASN H 89 26.06 26.77 -2.31
N SER H 90 24.80 26.40 -2.46
CA SER H 90 24.47 25.35 -3.42
C SER H 90 24.55 25.90 -4.83
N LYS H 91 24.96 25.07 -5.78
CA LYS H 91 24.85 25.47 -7.17
C LYS H 91 23.43 25.23 -7.67
N ILE H 92 22.85 24.10 -7.32
CA ILE H 92 21.49 23.74 -7.69
C ILE H 92 20.73 23.27 -6.45
N VAL H 93 19.49 23.74 -6.32
CA VAL H 93 18.57 23.28 -5.28
C VAL H 93 17.37 22.66 -5.99
N VAL H 94 17.19 21.36 -5.78
CA VAL H 94 16.04 20.61 -6.24
C VAL H 94 14.98 20.67 -5.16
N VAL H 95 13.77 21.11 -5.51
CA VAL H 95 12.67 21.20 -4.55
C VAL H 95 11.66 20.12 -4.87
N THR H 96 11.47 19.18 -3.92
CA THR H 96 10.56 18.05 -4.07
C THR H 96 9.53 17.97 -2.96
N ALA H 97 9.38 19.02 -2.15
CA ALA H 97 8.60 18.94 -0.91
C ALA H 97 7.12 19.26 -1.18
N GLY H 98 6.24 18.67 -0.36
CA GLY H 98 4.83 18.99 -0.45
C GLY H 98 3.99 17.76 -0.65
N VAL H 99 2.69 18.00 -0.86
CA VAL H 99 1.74 16.92 -1.03
C VAL H 99 1.80 16.40 -2.46
N ARG H 100 1.37 15.16 -2.64
CA ARG H 100 1.30 14.56 -3.95
C ARG H 100 -0.14 14.17 -4.24
N GLN H 101 -0.35 13.60 -5.42
CA GLN H 101 -1.67 13.15 -5.82
C GLN H 101 -2.09 11.92 -5.03
N GLN H 102 -3.33 11.95 -4.54
CA GLN H 102 -4.03 10.72 -4.24
C GLN H 102 -4.43 10.05 -5.55
N GLU H 103 -4.82 8.78 -5.47
CA GLU H 103 -5.13 8.04 -6.67
C GLU H 103 -6.26 8.74 -7.43
N GLY H 104 -6.04 8.98 -8.72
CA GLY H 104 -7.04 9.61 -9.56
C GLY H 104 -7.09 11.12 -9.50
N GLU H 105 -6.34 11.74 -8.60
CA GLU H 105 -6.46 13.17 -8.32
C GLU H 105 -5.58 14.00 -9.23
N SER H 106 -6.15 15.12 -9.71
CA SER H 106 -5.40 15.99 -10.60
C SER H 106 -4.34 16.78 -9.83
N ARG H 107 -3.17 16.93 -10.45
CA ARG H 107 -2.11 17.74 -9.86
C ARG H 107 -2.59 19.15 -9.55
N LEU H 108 -3.47 19.70 -10.39
CA LEU H 108 -3.97 21.05 -10.14
C LEU H 108 -4.66 21.16 -8.79
N ASN H 109 -5.33 20.09 -8.37
CA ASN H 109 -5.97 20.06 -7.06
C ASN H 109 -4.98 20.19 -5.90
N LEU H 110 -3.68 20.07 -6.18
CA LEU H 110 -2.66 20.23 -5.14
C LEU H 110 -2.26 21.68 -4.92
N VAL H 111 -2.59 22.57 -5.86
CA VAL H 111 -1.95 23.89 -5.90
C VAL H 111 -1.96 24.54 -4.53
N GLN H 112 -3.15 24.69 -3.95
CA GLN H 112 -3.29 25.53 -2.76
C GLN H 112 -2.43 25.00 -1.62
N ARG H 113 -2.31 23.68 -1.49
CA ARG H 113 -1.50 23.16 -0.41
C ARG H 113 -0.03 23.47 -0.67
N ASN H 114 0.46 23.15 -1.88
CA ASN H 114 1.89 23.24 -2.10
C ASN H 114 2.34 24.69 -2.22
N VAL H 115 1.45 25.55 -2.70
CA VAL H 115 1.76 26.98 -2.68
C VAL H 115 2.10 27.43 -1.26
N ASN H 116 1.27 27.04 -0.29
CA ASN H 116 1.59 27.44 1.08
C ASN H 116 2.92 26.85 1.52
N VAL H 117 3.24 25.64 1.08
CA VAL H 117 4.54 25.08 1.42
C VAL H 117 5.65 25.92 0.82
N PHE H 118 5.49 26.31 -0.44
CA PHE H 118 6.60 26.96 -1.14
C PHE H 118 6.86 28.35 -0.56
N LYS H 119 5.81 29.05 -0.14
CA LYS H 119 6.01 30.36 0.47
C LYS H 119 6.99 30.27 1.64
N PHE H 120 7.07 29.12 2.29
CA PHE H 120 7.98 29.01 3.41
C PHE H 120 9.39 28.61 2.98
N ILE H 121 9.53 27.83 1.92
CA ILE H 121 10.84 27.28 1.64
C ILE H 121 11.61 28.10 0.60
N ILE H 122 10.94 28.69 -0.39
CA ILE H 122 11.66 29.44 -1.43
C ILE H 122 12.50 30.55 -0.81
N PRO H 123 11.96 31.43 0.02
CA PRO H 123 12.82 32.48 0.60
C PRO H 123 14.09 31.90 1.23
N GLN H 124 13.95 30.85 2.02
CA GLN H 124 15.10 30.28 2.73
C GLN H 124 16.19 29.83 1.75
N ILE H 125 15.83 29.04 0.74
CA ILE H 125 16.78 28.70 -0.32
C ILE H 125 17.58 29.94 -0.70
N VAL H 126 16.90 30.99 -1.17
CA VAL H 126 17.63 32.12 -1.73
C VAL H 126 18.41 32.88 -0.65
N LYS H 127 18.01 32.79 0.61
CA LYS H 127 18.79 33.44 1.64
C LYS H 127 20.19 32.84 1.72
N TYR H 128 20.30 31.50 1.61
CA TYR H 128 21.57 30.82 1.83
C TYR H 128 22.31 30.46 0.54
N SER H 129 21.64 30.53 -0.62
CA SER H 129 22.26 30.25 -1.90
C SER H 129 21.77 31.29 -2.90
N PRO H 130 22.18 32.56 -2.72
CA PRO H 130 21.66 33.63 -3.58
C PRO H 130 21.93 33.39 -5.06
N ASP H 131 22.92 32.58 -5.40
CA ASP H 131 23.36 32.41 -6.78
C ASP H 131 22.94 31.07 -7.36
N CYS H 132 22.06 30.34 -6.69
CA CYS H 132 21.77 28.98 -7.10
C CYS H 132 20.84 28.96 -8.32
N ILE H 133 20.70 27.77 -8.89
CA ILE H 133 19.61 27.43 -9.79
C ILE H 133 18.62 26.59 -8.99
N ILE H 134 17.33 26.93 -9.06
CA ILE H 134 16.29 26.13 -8.44
C ILE H 134 15.60 25.29 -9.50
N ILE H 135 15.67 23.96 -9.35
CA ILE H 135 14.88 23.03 -10.14
C ILE H 135 13.65 22.67 -9.33
N VAL H 136 12.48 23.08 -9.80
CA VAL H 136 11.22 22.79 -9.14
C VAL H 136 10.68 21.47 -9.66
N VAL H 137 10.28 20.59 -8.73
CA VAL H 137 9.73 19.30 -9.09
C VAL H 137 8.30 19.11 -8.59
N SER H 138 8.00 19.62 -7.40
CA SER H 138 6.70 19.41 -6.77
C SER H 138 5.55 19.86 -7.67
N ASN H 139 4.41 19.16 -7.55
CA ASN H 139 3.27 19.35 -8.44
C ASN H 139 2.24 20.31 -7.85
N PRO H 140 1.55 21.08 -8.70
CA PRO H 140 1.76 21.05 -10.16
C PRO H 140 2.98 21.85 -10.54
N VAL H 141 3.88 21.22 -11.29
CA VAL H 141 5.24 21.73 -11.46
C VAL H 141 5.25 23.05 -12.23
N ASP H 142 4.39 23.22 -13.23
CA ASP H 142 4.45 24.47 -13.98
C ASP H 142 4.05 25.66 -13.10
N ILE H 143 2.88 25.55 -12.46
CA ILE H 143 2.39 26.57 -11.52
C ILE H 143 3.42 26.89 -10.46
N LEU H 144 4.04 25.85 -9.88
CA LEU H 144 4.93 26.11 -8.77
C LEU H 144 6.29 26.62 -9.24
N THR H 145 6.65 26.38 -10.50
CA THR H 145 7.80 27.05 -11.06
C THR H 145 7.56 28.54 -11.19
N TYR H 146 6.38 28.91 -11.69
CA TYR H 146 5.98 30.32 -11.71
C TYR H 146 6.02 30.91 -10.30
N VAL H 147 5.44 30.20 -9.34
CA VAL H 147 5.38 30.66 -7.95
C VAL H 147 6.79 30.81 -7.37
N THR H 148 7.70 29.90 -7.71
CA THR H 148 9.07 30.01 -7.21
C THR H 148 9.80 31.18 -7.84
N TRP H 149 9.61 31.38 -9.14
CA TRP H 149 10.20 32.55 -9.79
C TRP H 149 9.76 33.83 -9.10
N LYS H 150 8.44 34.02 -8.94
CA LYS H 150 7.94 35.21 -8.24
C LYS H 150 8.46 35.29 -6.81
N LEU H 151 8.46 34.17 -6.07
CA LEU H 151 8.80 34.23 -4.66
C LEU H 151 10.28 34.48 -4.45
N SER H 152 11.13 34.01 -5.37
CA SER H 152 12.58 34.06 -5.20
C SER H 152 13.15 35.39 -5.66
N GLY H 153 12.49 36.07 -6.58
CA GLY H 153 13.11 37.22 -7.20
C GLY H 153 14.35 36.89 -8.00
N LEU H 154 14.42 35.68 -8.55
CA LEU H 154 15.58 35.23 -9.31
C LEU H 154 15.34 35.42 -10.81
N PRO H 155 16.41 35.54 -11.59
CA PRO H 155 16.25 35.65 -13.05
C PRO H 155 15.57 34.42 -13.63
N LYS H 156 14.76 34.64 -14.67
CA LYS H 156 13.99 33.56 -15.28
C LYS H 156 14.88 32.37 -15.64
N HIS H 157 16.11 32.62 -16.05
CA HIS H 157 17.01 31.55 -16.44
C HIS H 157 17.50 30.71 -15.26
N ARG H 158 17.19 31.09 -14.02
CA ARG H 158 17.68 30.39 -12.84
C ARG H 158 16.58 29.68 -12.05
N VAL H 159 15.37 29.59 -12.62
CA VAL H 159 14.24 28.96 -11.96
C VAL H 159 13.59 28.08 -13.01
N ILE H 160 13.88 26.78 -12.97
CA ILE H 160 13.51 25.82 -14.01
C ILE H 160 12.51 24.84 -13.42
N GLY H 161 11.43 24.57 -14.14
CA GLY H 161 10.49 23.54 -13.74
C GLY H 161 10.80 22.24 -14.45
N SER H 162 10.76 21.13 -13.70
CA SER H 162 11.18 19.89 -14.32
C SER H 162 10.26 19.52 -15.49
N GLY H 163 9.05 20.06 -15.52
CA GLY H 163 8.26 20.10 -16.74
C GLY H 163 8.09 18.77 -17.44
N CYS H 164 8.23 18.78 -18.76
CA CYS H 164 7.86 17.64 -19.59
C CYS H 164 9.04 16.78 -19.99
N ASN H 165 10.24 17.05 -19.45
CA ASN H 165 11.33 16.10 -19.62
C ASN H 165 10.82 14.68 -19.43
N LEU H 166 10.18 14.44 -18.28
CA LEU H 166 9.63 13.12 -17.97
C LEU H 166 8.56 12.71 -18.96
N ASP H 167 7.59 13.58 -19.23
CA ASP H 167 6.58 13.22 -20.22
C ASP H 167 7.27 12.84 -21.51
N SER H 168 8.27 13.62 -21.92
CA SER H 168 8.91 13.30 -23.19
C SER H 168 9.61 11.96 -23.09
N ALA H 169 10.26 11.71 -21.95
CA ALA H 169 10.91 10.42 -21.78
C ALA H 169 9.89 9.30 -21.92
N ARG H 170 8.73 9.48 -21.30
CA ARG H 170 7.69 8.47 -21.41
C ARG H 170 7.27 8.31 -22.87
N PHE H 171 7.00 9.44 -23.54
CA PHE H 171 6.67 9.40 -24.96
C PHE H 171 7.67 8.55 -25.71
N ARG H 172 8.96 8.82 -25.48
CA ARG H 172 9.98 8.19 -26.32
C ARG H 172 10.13 6.72 -25.99
N TYR H 173 9.87 6.34 -24.73
CA TYR H 173 9.83 4.92 -24.42
C TYR H 173 8.66 4.24 -25.13
N LEU H 174 7.47 4.85 -25.12
CA LEU H 174 6.34 4.16 -25.71
C LEU H 174 6.54 4.01 -27.22
N MET H 175 6.95 5.07 -27.89
CA MET H 175 7.34 4.94 -29.30
C MET H 175 8.45 3.91 -29.46
N ALA H 176 9.47 3.96 -28.58
CA ALA H 176 10.54 2.98 -28.71
C ALA H 176 9.97 1.57 -28.62
N GLU H 177 9.05 1.33 -27.69
CA GLU H 177 8.54 -0.04 -27.57
C GLU H 177 7.79 -0.45 -28.83
N LYS H 178 7.18 0.52 -29.52
CA LYS H 178 6.49 0.17 -30.76
C LYS H 178 7.50 -0.15 -31.86
N LEU H 179 8.60 0.61 -31.93
CA LEU H 179 9.47 0.47 -33.10
C LEU H 179 10.57 -0.56 -32.89
N GLY H 180 10.79 -1.00 -31.65
CA GLY H 180 11.87 -1.91 -31.38
C GLY H 180 13.24 -1.27 -31.45
N ILE H 181 13.35 -0.01 -31.07
CA ILE H 181 14.64 0.69 -31.05
C ILE H 181 14.81 1.33 -29.69
N HIS H 182 16.04 1.76 -29.40
CA HIS H 182 16.29 2.38 -28.11
C HIS H 182 15.56 3.72 -28.02
N PRO H 183 15.04 4.08 -26.85
CA PRO H 183 14.34 5.36 -26.70
C PRO H 183 15.12 6.56 -27.20
N SER H 184 16.45 6.60 -26.99
CA SER H 184 17.24 7.75 -27.42
C SER H 184 17.31 7.87 -28.94
N SER H 185 17.06 6.79 -29.67
CA SER H 185 16.99 6.89 -31.12
C SER H 185 15.60 7.27 -31.61
N CYS H 186 14.66 7.52 -30.69
CA CYS H 186 13.31 7.98 -31.01
C CYS H 186 13.21 9.45 -30.61
N HIS H 187 12.74 10.30 -31.50
CA HIS H 187 12.68 11.73 -31.21
C HIS H 187 11.25 12.22 -31.23
N GLY H 188 10.86 12.90 -30.15
CA GLY H 188 9.52 13.42 -30.01
C GLY H 188 9.40 14.27 -28.76
N TRP H 189 8.51 15.27 -28.79
CA TRP H 189 8.47 16.28 -27.73
C TRP H 189 7.05 16.43 -27.24
N ILE H 190 6.85 16.17 -25.96
CA ILE H 190 5.64 16.53 -25.24
C ILE H 190 5.87 17.89 -24.60
N LEU H 191 4.94 18.81 -24.80
CA LEU H 191 5.13 20.20 -24.42
C LEU H 191 3.93 20.71 -23.62
N GLY H 192 4.07 21.91 -23.07
CA GLY H 192 2.99 22.51 -22.32
C GLY H 192 2.89 22.07 -20.88
N GLU H 193 1.68 21.87 -20.39
CA GLU H 193 1.49 21.46 -19.00
C GLU H 193 2.03 20.05 -18.74
N HIS H 194 2.79 19.89 -17.65
CA HIS H 194 3.13 18.56 -17.16
C HIS H 194 1.84 18.04 -16.52
N GLY H 195 0.96 17.47 -17.35
CA GLY H 195 -0.35 17.04 -16.90
C GLY H 195 -1.34 16.81 -18.04
N ASP H 196 -2.62 16.99 -17.73
CA ASP H 196 -3.67 16.49 -18.61
C ASP H 196 -3.70 17.21 -19.95
N SER H 197 -3.22 18.45 -19.99
CA SER H 197 -3.31 19.32 -21.15
C SER H 197 -2.02 19.33 -21.97
N SER H 198 -1.15 18.33 -21.77
CA SER H 198 0.09 18.30 -22.53
C SER H 198 -0.19 18.21 -24.03
N VAL H 199 0.83 18.55 -24.81
CA VAL H 199 0.74 18.68 -26.25
C VAL H 199 1.77 17.74 -26.86
N ALA H 200 1.30 16.80 -27.68
CA ALA H 200 2.21 15.96 -28.44
C ALA H 200 2.53 16.65 -29.76
N VAL H 201 3.77 17.14 -29.92
CA VAL H 201 4.22 17.73 -31.18
C VAL H 201 4.43 16.64 -32.23
N TRP H 202 3.33 16.12 -32.76
CA TRP H 202 3.35 15.10 -33.81
C TRP H 202 4.27 15.48 -34.97
N SER H 203 4.31 16.77 -35.32
CA SER H 203 5.10 17.16 -36.49
C SER H 203 6.59 16.97 -36.26
N GLY H 204 7.02 16.82 -35.00
CA GLY H 204 8.43 16.65 -34.72
C GLY H 204 8.89 15.22 -34.53
N VAL H 205 7.95 14.28 -34.40
CA VAL H 205 8.32 12.90 -34.09
C VAL H 205 9.08 12.30 -35.26
N ASN H 206 10.28 11.78 -34.99
CA ASN H 206 11.12 11.33 -36.08
C ASN H 206 12.10 10.27 -35.62
N VAL H 207 12.48 9.40 -36.56
CA VAL H 207 13.57 8.46 -36.37
C VAL H 207 14.62 8.75 -37.42
N ALA H 208 15.84 9.09 -36.97
CA ALA H 208 16.95 9.33 -37.88
C ALA H 208 16.58 10.39 -38.92
N GLY H 209 15.90 11.43 -38.48
CA GLY H 209 15.48 12.50 -39.36
C GLY H 209 14.27 12.19 -40.21
N VAL H 210 13.76 10.96 -40.17
CA VAL H 210 12.53 10.60 -40.88
C VAL H 210 11.33 11.07 -40.09
N SER H 211 10.53 11.97 -40.67
CA SER H 211 9.29 12.40 -40.05
C SER H 211 8.27 11.27 -40.08
N LEU H 212 7.81 10.86 -38.88
CA LEU H 212 6.82 9.79 -38.81
C LEU H 212 5.44 10.29 -39.25
N GLN H 213 5.20 11.59 -39.10
CA GLN H 213 3.96 12.20 -39.60
C GLN H 213 3.95 12.30 -41.12
N GLU H 214 5.10 12.25 -41.77
CA GLU H 214 5.12 12.11 -43.23
C GLU H 214 4.85 10.67 -43.64
N LEU H 215 5.37 9.71 -42.88
CA LEU H 215 5.02 8.32 -43.12
C LEU H 215 3.55 8.04 -42.77
N ASN H 216 2.93 8.88 -41.96
CA ASN H 216 1.57 8.63 -41.47
C ASN H 216 0.87 9.96 -41.25
N PRO H 217 0.33 10.56 -42.31
CA PRO H 217 -0.28 11.90 -42.17
C PRO H 217 -1.40 11.95 -41.15
N GLU H 218 -2.06 10.84 -40.87
CA GLU H 218 -3.14 10.81 -39.89
C GLU H 218 -2.62 10.68 -38.47
N MET H 219 -1.31 10.65 -38.28
CA MET H 219 -0.77 10.46 -36.94
C MET H 219 -1.26 11.58 -36.04
N GLY H 220 -1.90 11.21 -34.93
CA GLY H 220 -2.41 12.17 -33.98
C GLY H 220 -3.81 12.68 -34.26
N THR H 221 -4.53 12.10 -35.21
CA THR H 221 -5.93 12.41 -35.43
C THR H 221 -6.80 11.27 -34.91
N ASP H 222 -8.11 11.54 -34.85
CA ASP H 222 -9.07 10.53 -34.41
C ASP H 222 -9.18 9.39 -35.41
N ASN H 223 -8.97 9.67 -36.69
CA ASN H 223 -9.00 8.66 -37.75
C ASN H 223 -7.55 8.32 -38.13
N ASP H 224 -7.03 7.29 -37.48
CA ASP H 224 -5.63 6.89 -37.65
C ASP H 224 -5.58 5.40 -37.38
N SER H 225 -5.35 4.61 -38.43
CA SER H 225 -5.35 3.16 -38.29
C SER H 225 -4.33 2.66 -37.29
N GLU H 226 -3.28 3.44 -37.03
CA GLU H 226 -2.21 3.06 -36.11
C GLU H 226 -2.40 3.63 -34.71
N ASN H 227 -3.42 4.49 -34.52
CA ASN H 227 -3.73 5.10 -33.23
C ASN H 227 -2.54 5.57 -32.41
N TRP H 228 -1.95 6.71 -32.78
CA TRP H 228 -0.91 7.35 -32.00
C TRP H 228 -1.48 8.29 -30.95
N LYS H 229 -2.71 8.77 -31.18
CA LYS H 229 -3.43 9.47 -30.14
C LYS H 229 -3.41 8.68 -28.85
N GLU H 230 -3.53 7.34 -28.96
CA GLU H 230 -3.48 6.50 -27.77
C GLU H 230 -2.10 6.54 -27.10
N VAL H 231 -1.04 6.81 -27.86
CA VAL H 231 0.27 6.93 -27.22
C VAL H 231 0.35 8.23 -26.42
N HIS H 232 -0.11 9.35 -27.01
CA HIS H 232 -0.17 10.55 -26.20
C HIS H 232 -1.05 10.31 -24.97
N LYS H 233 -2.12 9.54 -25.12
CA LYS H 233 -3.04 9.32 -23.99
C LYS H 233 -2.37 8.47 -22.89
N MET H 234 -1.70 7.39 -23.27
CA MET H 234 -0.94 6.62 -22.31
C MET H 234 0.07 7.51 -21.58
N VAL H 235 0.70 8.44 -22.29
CA VAL H 235 1.59 9.41 -21.65
C VAL H 235 0.83 10.24 -20.61
N VAL H 236 -0.36 10.73 -20.99
CA VAL H 236 -1.12 11.58 -20.06
C VAL H 236 -1.58 10.79 -18.84
N GLU H 237 -1.95 9.52 -19.04
CA GLU H 237 -2.48 8.70 -17.97
C GLU H 237 -1.40 7.96 -17.16
N SER H 238 -0.14 8.03 -17.61
CA SER H 238 0.93 7.25 -16.99
C SER H 238 1.04 7.50 -15.49
N ALA H 239 1.08 8.76 -15.07
CA ALA H 239 1.20 9.05 -13.64
C ALA H 239 0.10 8.39 -12.86
N TYR H 240 -1.16 8.57 -13.30
CA TYR H 240 -2.28 8.00 -12.56
C TYR H 240 -2.18 6.49 -12.51
N GLU H 241 -1.81 5.85 -13.63
CA GLU H 241 -1.72 4.39 -13.60
C GLU H 241 -0.64 3.92 -12.62
N VAL H 242 0.55 4.53 -12.67
CA VAL H 242 1.62 4.11 -11.75
C VAL H 242 1.25 4.41 -10.30
N ILE H 243 0.58 5.56 -10.07
CA ILE H 243 0.14 5.90 -8.72
C ILE H 243 -0.89 4.89 -8.22
N LYS H 244 -1.78 4.45 -9.11
CA LYS H 244 -2.74 3.43 -8.76
C LYS H 244 -2.05 2.13 -8.39
N LEU H 245 -0.94 1.80 -9.08
CA LEU H 245 -0.32 0.50 -8.85
C LEU H 245 0.58 0.50 -7.62
N LYS H 246 1.41 1.53 -7.44
CA LYS H 246 2.38 1.54 -6.36
C LYS H 246 2.32 2.80 -5.49
N GLY H 247 1.35 3.69 -5.71
CA GLY H 247 1.06 4.78 -4.79
C GLY H 247 1.75 6.09 -5.09
N TYR H 248 2.76 6.08 -5.94
CA TYR H 248 3.53 7.27 -6.28
C TYR H 248 4.39 6.86 -7.48
N THR H 249 5.08 7.83 -8.05
CA THR H 249 6.14 7.55 -9.02
C THR H 249 7.39 8.24 -8.52
N ASN H 250 8.56 7.68 -8.83
CA ASN H 250 9.75 8.36 -8.32
C ASN H 250 11.01 8.06 -9.10
N TRP H 251 11.18 6.83 -9.58
CA TRP H 251 12.43 6.49 -10.26
C TRP H 251 12.60 7.27 -11.56
N ALA H 252 11.52 7.39 -12.34
CA ALA H 252 11.62 8.09 -13.61
C ALA H 252 12.01 9.54 -13.38
N ILE H 253 11.24 10.24 -12.56
CA ILE H 253 11.52 11.65 -12.32
C ILE H 253 12.92 11.82 -11.72
N GLY H 254 13.32 10.92 -10.81
CA GLY H 254 14.68 11.01 -10.28
C GLY H 254 15.72 11.00 -11.38
N LEU H 255 15.58 10.06 -12.33
CA LEU H 255 16.50 9.99 -13.47
C LEU H 255 16.42 11.24 -14.35
N SER H 256 15.23 11.76 -14.59
CA SER H 256 15.09 12.95 -15.44
C SER H 256 15.74 14.17 -14.79
N VAL H 257 15.46 14.38 -13.50
CA VAL H 257 16.11 15.46 -12.76
C VAL H 257 17.63 15.31 -12.81
N ALA H 258 18.12 14.07 -12.71
CA ALA H 258 19.56 13.87 -12.77
C ALA H 258 20.10 14.24 -14.14
N ASP H 259 19.32 13.97 -15.20
CA ASP H 259 19.72 14.32 -16.56
C ASP H 259 19.80 15.84 -16.72
N LEU H 260 18.79 16.56 -16.24
CA LEU H 260 18.84 18.02 -16.29
C LEU H 260 20.06 18.55 -15.53
N ILE H 261 20.30 18.01 -14.34
CA ILE H 261 21.43 18.47 -13.55
C ILE H 261 22.74 18.21 -14.30
N GLU H 262 22.83 17.06 -14.97
CA GLU H 262 24.06 16.76 -15.69
C GLU H 262 24.29 17.74 -16.82
N SER H 263 23.22 18.11 -17.53
CA SER H 263 23.41 19.09 -18.60
C SER H 263 23.88 20.42 -18.03
N MET H 264 23.38 20.78 -16.85
CA MET H 264 23.75 22.11 -16.35
C MET H 264 25.15 22.14 -15.76
N LEU H 265 25.51 21.12 -14.97
CA LEU H 265 26.80 21.16 -14.27
C LEU H 265 27.97 20.84 -15.19
N LYS H 266 27.74 20.07 -16.25
N LYS H 266 27.75 20.08 -16.25
CA LYS H 266 28.77 19.86 -17.26
CA LYS H 266 28.78 19.88 -17.25
C LYS H 266 28.76 20.95 -18.35
C LYS H 266 28.76 20.93 -18.36
N ASN H 267 27.88 21.94 -18.24
CA ASN H 267 27.88 23.08 -19.17
C ASN H 267 27.66 22.63 -20.61
N LEU H 268 26.75 21.68 -20.80
CA LEU H 268 26.63 21.01 -22.08
C LEU H 268 25.81 21.78 -23.11
N SER H 269 24.91 22.67 -22.68
CA SER H 269 23.99 23.36 -23.58
C SER H 269 23.17 22.36 -24.38
N ARG H 270 22.58 21.41 -23.66
CA ARG H 270 21.74 20.40 -24.27
C ARG H 270 20.28 20.86 -24.17
N ILE H 271 19.43 20.31 -25.02
CA ILE H 271 18.07 20.84 -25.15
C ILE H 271 17.11 19.88 -24.50
N HIS H 272 16.33 20.41 -23.56
CA HIS H 272 15.45 19.68 -22.66
C HIS H 272 14.08 20.35 -22.64
N PRO H 273 12.99 19.60 -22.71
CA PRO H 273 11.68 20.23 -22.60
C PRO H 273 11.34 20.46 -21.15
N VAL H 274 11.48 21.72 -20.71
CA VAL H 274 11.35 22.05 -19.30
C VAL H 274 10.51 23.31 -19.20
N SER H 275 10.06 23.61 -17.98
CA SER H 275 9.02 24.58 -17.73
C SER H 275 9.69 25.96 -17.52
N THR H 276 9.23 26.95 -18.27
CA THR H 276 9.78 28.29 -18.27
C THR H 276 8.66 29.27 -18.61
N MET H 277 8.94 30.54 -18.33
CA MET H 277 8.00 31.58 -18.72
C MET H 277 7.94 31.79 -20.23
N VAL H 278 6.75 31.62 -20.78
CA VAL H 278 6.56 31.70 -22.23
C VAL H 278 5.63 32.85 -22.59
N LYS H 279 5.71 33.95 -21.82
CA LYS H 279 4.98 35.15 -22.18
C LYS H 279 5.48 35.65 -23.53
N GLY H 280 4.53 35.84 -24.45
CA GLY H 280 4.84 36.44 -25.72
C GLY H 280 5.19 35.49 -26.85
N MET H 281 5.07 34.19 -26.64
CA MET H 281 5.29 33.22 -27.71
C MET H 281 3.99 32.48 -28.01
N TYR H 282 3.77 32.18 -29.29
CA TYR H 282 2.60 31.44 -29.73
C TYR H 282 1.30 32.17 -29.38
N GLY H 283 1.39 33.48 -29.16
CA GLY H 283 0.22 34.26 -28.83
C GLY H 283 -0.20 34.19 -27.38
N ILE H 284 0.58 33.56 -26.51
CA ILE H 284 0.26 33.55 -25.10
C ILE H 284 0.61 34.91 -24.51
N GLU H 285 -0.31 35.49 -23.76
CA GLU H 285 -0.19 36.89 -23.39
C GLU H 285 0.09 37.13 -21.93
N ASN H 286 0.05 36.11 -21.07
CA ASN H 286 0.35 36.28 -19.66
C ASN H 286 1.67 35.58 -19.31
N GLU H 287 2.09 35.73 -18.05
CA GLU H 287 3.35 35.15 -17.59
C GLU H 287 3.18 33.67 -17.23
N VAL H 288 2.75 32.90 -18.22
CA VAL H 288 2.51 31.47 -18.07
C VAL H 288 3.86 30.75 -18.02
N PHE H 289 3.93 29.71 -17.20
CA PHE H 289 5.03 28.76 -17.23
C PHE H 289 4.54 27.45 -17.80
N LEU H 290 5.29 26.91 -18.76
CA LEU H 290 5.01 25.58 -19.26
C LEU H 290 6.25 25.08 -19.98
N SER H 291 6.21 23.82 -20.41
CA SER H 291 7.40 23.19 -20.97
C SER H 291 7.57 23.55 -22.44
N LEU H 292 8.71 24.10 -22.76
CA LEU H 292 9.18 24.26 -24.13
C LEU H 292 10.58 23.70 -24.20
N PRO H 293 11.13 23.53 -25.40
CA PRO H 293 12.52 23.08 -25.53
C PRO H 293 13.46 24.23 -25.18
N CYS H 294 14.39 23.95 -24.27
CA CYS H 294 15.28 24.98 -23.76
C CYS H 294 16.72 24.47 -23.74
N ILE H 295 17.64 25.42 -23.83
CA ILE H 295 19.07 25.13 -23.74
C ILE H 295 19.48 25.20 -22.27
N LEU H 296 19.94 24.06 -21.74
CA LEU H 296 20.40 23.95 -20.36
C LEU H 296 21.92 23.84 -20.35
N ASN H 297 22.55 24.66 -19.51
CA ASN H 297 24.00 24.65 -19.31
C ASN H 297 24.28 25.17 -17.90
N ALA H 298 25.53 25.56 -17.65
CA ALA H 298 25.93 25.96 -16.30
C ALA H 298 25.22 27.23 -15.83
N ARG H 299 24.79 28.09 -16.75
CA ARG H 299 24.07 29.28 -16.31
C ARG H 299 22.61 29.02 -16.02
N GLY H 300 22.10 27.82 -16.33
CA GLY H 300 20.69 27.52 -16.18
C GLY H 300 20.00 27.41 -17.53
N LEU H 301 18.74 27.85 -17.61
CA LEU H 301 17.96 27.85 -18.84
C LEU H 301 18.23 29.16 -19.57
N THR H 302 19.02 29.09 -20.63
CA THR H 302 19.47 30.30 -21.29
C THR H 302 18.81 30.58 -22.62
N SER H 303 18.00 29.65 -23.14
CA SER H 303 17.35 29.88 -24.43
C SER H 303 16.15 28.97 -24.56
N VAL H 304 15.18 29.40 -25.38
CA VAL H 304 14.10 28.57 -25.86
C VAL H 304 14.31 28.33 -27.36
N ILE H 305 13.87 27.17 -27.82
CA ILE H 305 13.89 26.84 -29.23
C ILE H 305 12.56 27.25 -29.84
N ASN H 306 12.60 28.08 -30.88
CA ASN H 306 11.39 28.43 -31.62
C ASN H 306 11.01 27.28 -32.55
N GLN H 307 9.74 26.88 -32.51
CA GLN H 307 9.28 25.77 -33.32
C GLN H 307 8.23 26.20 -34.32
N LYS H 308 8.18 25.46 -35.42
CA LYS H 308 7.16 25.65 -36.45
C LYS H 308 6.01 24.69 -36.17
N LEU H 309 5.32 24.97 -35.06
CA LEU H 309 4.19 24.13 -34.66
C LEU H 309 3.08 24.21 -35.71
N LYS H 310 2.40 23.10 -35.92
CA LYS H 310 1.23 23.06 -36.79
C LYS H 310 0.02 23.67 -36.07
N ASP H 311 -1.04 23.89 -36.86
CA ASP H 311 -2.21 24.63 -36.37
C ASP H 311 -2.79 23.98 -35.12
N ASP H 312 -3.16 22.70 -35.21
CA ASP H 312 -3.73 21.98 -34.08
C ASP H 312 -2.76 21.93 -32.90
N GLU H 313 -1.45 21.95 -33.19
CA GLU H 313 -0.47 21.90 -32.12
C GLU H 313 -0.39 23.22 -31.38
N VAL H 314 -0.34 24.33 -32.12
CA VAL H 314 -0.41 25.64 -31.47
C VAL H 314 -1.70 25.77 -30.67
N ALA H 315 -2.80 25.21 -31.21
CA ALA H 315 -4.08 25.33 -30.53
C ALA H 315 -4.09 24.56 -29.21
N GLN H 316 -3.53 23.35 -29.22
CA GLN H 316 -3.37 22.60 -27.97
C GLN H 316 -2.50 23.36 -26.99
N LEU H 317 -1.38 23.93 -27.46
CA LEU H 317 -0.48 24.66 -26.57
C LEU H 317 -1.19 25.87 -25.97
N LYS H 318 -1.97 26.60 -26.77
CA LYS H 318 -2.72 27.74 -26.25
C LYS H 318 -3.74 27.29 -25.22
N LYS H 319 -4.43 26.17 -25.46
CA LYS H 319 -5.39 25.67 -24.49
C LYS H 319 -4.69 25.27 -23.18
N SER H 320 -3.50 24.68 -23.28
CA SER H 320 -2.76 24.34 -22.07
C SER H 320 -2.35 25.61 -21.32
N ALA H 321 -1.88 26.61 -22.06
CA ALA H 321 -1.56 27.90 -21.46
C ALA H 321 -2.78 28.50 -20.78
N ASP H 322 -3.96 28.32 -21.39
CA ASP H 322 -5.18 28.84 -20.80
C ASP H 322 -5.50 28.13 -19.50
N THR H 323 -5.50 26.79 -19.53
CA THR H 323 -5.76 26.02 -18.33
C THR H 323 -4.85 26.49 -17.21
N LEU H 324 -3.56 26.68 -17.49
CA LEU H 324 -2.61 27.04 -16.45
C LEU H 324 -2.83 28.47 -15.95
N TRP H 325 -2.87 29.44 -16.86
CA TRP H 325 -3.12 30.82 -16.43
C TRP H 325 -4.40 30.94 -15.62
N ASP H 326 -5.42 30.13 -15.92
CA ASP H 326 -6.66 30.20 -15.16
C ASP H 326 -6.43 29.95 -13.67
N ILE H 327 -5.41 29.16 -13.33
CA ILE H 327 -5.03 28.97 -11.93
C ILE H 327 -4.00 30.00 -11.49
N GLN H 328 -3.12 30.42 -12.39
CA GLN H 328 -2.07 31.37 -12.02
C GLN H 328 -2.66 32.72 -11.64
N LYS H 329 -3.72 33.13 -12.33
CA LYS H 329 -4.27 34.47 -12.20
C LYS H 329 -4.88 34.72 -10.83
N ASP H 330 -5.18 33.67 -10.06
CA ASP H 330 -5.76 33.82 -8.73
C ASP H 330 -4.71 33.74 -7.61
N LEU H 331 -3.41 33.72 -7.94
CA LEU H 331 -2.35 33.52 -6.94
C LEU H 331 -1.89 34.85 -6.35
N LYS H 332 -2.20 35.08 -5.08
CA LYS H 332 -1.90 36.33 -4.38
C LYS H 332 -0.74 36.15 -3.39
N ASP H 333 -0.29 37.27 -2.82
CA ASP H 333 0.76 37.30 -1.78
C ASP H 333 2.03 36.59 -2.25
N LEU H 334 2.55 37.03 -3.40
CA LEU H 334 3.74 36.44 -3.99
C LEU H 334 4.89 37.42 -4.17
N GLU H 335 4.65 38.71 -3.94
CA GLU H 335 5.59 39.78 -4.31
C GLU H 335 5.72 39.83 -5.83
N ALA I 2 -55.10 -3.69 -16.81
CA ALA I 2 -54.29 -3.83 -15.61
C ALA I 2 -53.12 -4.78 -15.86
N THR I 3 -52.03 -4.58 -15.12
CA THR I 3 -50.87 -5.48 -15.21
C THR I 3 -51.30 -6.91 -14.90
N LEU I 4 -50.60 -7.87 -15.51
CA LEU I 4 -50.86 -9.28 -15.24
C LEU I 4 -50.78 -9.58 -13.75
N LYS I 5 -49.74 -9.07 -13.08
CA LYS I 5 -49.65 -9.25 -11.63
C LYS I 5 -50.94 -8.81 -10.95
N GLU I 6 -51.37 -7.56 -11.22
CA GLU I 6 -52.55 -7.02 -10.57
C GLU I 6 -53.82 -7.80 -10.93
N LYS I 7 -53.92 -8.27 -12.18
CA LYS I 7 -55.03 -9.13 -12.56
C LYS I 7 -55.04 -10.43 -11.75
N LEU I 8 -53.87 -11.01 -11.53
CA LEU I 8 -53.82 -12.37 -11.01
C LEU I 8 -53.82 -12.41 -9.50
N ILE I 9 -53.25 -11.41 -8.83
CA ILE I 9 -52.96 -11.47 -7.40
C ILE I 9 -53.78 -10.43 -6.66
N ALA I 10 -54.77 -10.89 -5.89
CA ALA I 10 -55.54 -10.03 -5.00
C ALA I 10 -54.87 -9.92 -3.64
N PRO I 11 -54.35 -8.75 -3.25
CA PRO I 11 -53.63 -8.64 -1.97
C PRO I 11 -54.49 -8.87 -0.73
N VAL I 12 -53.89 -9.53 0.27
CA VAL I 12 -54.53 -9.74 1.56
C VAL I 12 -53.83 -8.93 2.65
N ALA I 13 -52.50 -8.93 2.67
CA ALA I 13 -51.71 -8.04 3.51
C ALA I 13 -51.19 -6.90 2.65
N GLU I 14 -51.15 -5.70 3.22
CA GLU I 14 -50.56 -4.57 2.51
C GLU I 14 -49.08 -4.83 2.27
N GLU I 15 -48.57 -4.32 1.16
CA GLU I 15 -47.14 -4.45 0.88
C GLU I 15 -46.34 -3.87 2.04
N GLU I 16 -45.20 -4.49 2.34
CA GLU I 16 -44.36 -4.05 3.45
C GLU I 16 -42.96 -4.58 3.23
N ALA I 17 -41.97 -3.80 3.67
CA ALA I 17 -40.57 -4.17 3.51
C ALA I 17 -40.21 -5.20 4.56
N THR I 18 -39.72 -6.36 4.11
CA THR I 18 -39.42 -7.49 4.98
C THR I 18 -37.92 -7.60 5.22
N VAL I 19 -37.54 -7.89 6.46
CA VAL I 19 -36.15 -8.15 6.80
C VAL I 19 -35.95 -9.66 6.83
N PRO I 20 -34.88 -10.19 6.26
CA PRO I 20 -34.72 -11.64 6.23
C PRO I 20 -34.37 -12.18 7.61
N ASN I 21 -34.87 -13.38 7.89
CA ASN I 21 -34.63 -14.07 9.14
C ASN I 21 -33.28 -14.79 9.13
N ASN I 22 -32.83 -15.27 7.98
CA ASN I 22 -31.65 -16.14 7.89
C ASN I 22 -30.73 -15.73 6.73
N LYS I 23 -30.26 -14.48 6.74
CA LYS I 23 -29.41 -13.99 5.67
C LYS I 23 -27.93 -14.32 5.90
N ILE I 24 -27.30 -14.79 4.83
CA ILE I 24 -25.88 -15.10 4.79
C ILE I 24 -25.25 -14.30 3.66
N THR I 25 -24.06 -13.76 3.92
CA THR I 25 -23.23 -13.15 2.88
C THR I 25 -22.00 -14.01 2.67
N VAL I 26 -21.64 -14.26 1.41
CA VAL I 26 -20.34 -14.81 1.06
C VAL I 26 -19.52 -13.73 0.38
N VAL I 27 -18.40 -13.36 1.00
CA VAL I 27 -17.44 -12.41 0.45
C VAL I 27 -16.35 -13.18 -0.27
N GLY I 28 -16.10 -12.81 -1.52
CA GLY I 28 -15.32 -13.61 -2.44
C GLY I 28 -16.17 -14.67 -3.11
N VAL I 29 -16.30 -14.60 -4.44
CA VAL I 29 -17.03 -15.59 -5.21
C VAL I 29 -16.02 -16.41 -6.03
N GLY I 30 -14.91 -16.81 -5.39
CA GLY I 30 -13.91 -17.65 -6.02
C GLY I 30 -14.30 -19.11 -5.94
N GLN I 31 -13.32 -19.99 -6.16
CA GLN I 31 -13.56 -21.42 -5.97
C GLN I 31 -14.18 -21.69 -4.60
N VAL I 32 -13.59 -21.13 -3.55
CA VAL I 32 -14.09 -21.41 -2.20
C VAL I 32 -15.42 -20.71 -1.93
N GLY I 33 -15.51 -19.42 -2.26
CA GLY I 33 -16.75 -18.70 -2.00
C GLY I 33 -17.95 -19.36 -2.64
N MET I 34 -17.81 -19.78 -3.91
CA MET I 34 -18.92 -20.44 -4.58
C MET I 34 -19.13 -21.86 -4.05
N ALA I 35 -18.07 -22.57 -3.63
CA ALA I 35 -18.34 -23.87 -3.01
C ALA I 35 -19.18 -23.68 -1.74
N CYS I 36 -18.89 -22.63 -0.97
CA CYS I 36 -19.68 -22.30 0.21
C CYS I 36 -21.11 -21.95 -0.19
N ALA I 37 -21.28 -21.11 -1.22
CA ALA I 37 -22.63 -20.69 -1.59
C ALA I 37 -23.49 -21.89 -1.99
N ILE I 38 -22.97 -22.74 -2.87
CA ILE I 38 -23.79 -23.87 -3.32
C ILE I 38 -24.06 -24.85 -2.17
N SER I 39 -23.12 -25.01 -1.22
CA SER I 39 -23.42 -25.87 -0.06
C SER I 39 -24.48 -25.24 0.83
N ILE I 40 -24.41 -23.92 1.01
CA ILE I 40 -25.41 -23.22 1.82
C ILE I 40 -26.79 -23.39 1.20
N LEU I 41 -26.85 -23.25 -0.13
CA LEU I 41 -28.12 -23.36 -0.85
C LEU I 41 -28.64 -24.79 -0.83
N GLY I 42 -27.75 -25.77 -0.94
CA GLY I 42 -28.19 -27.15 -1.00
C GLY I 42 -28.84 -27.63 0.27
N LYS I 43 -28.41 -27.09 1.42
CA LYS I 43 -29.00 -27.41 2.71
C LYS I 43 -30.06 -26.39 3.13
N SER I 44 -30.54 -25.55 2.20
CA SER I 44 -31.53 -24.52 2.49
C SER I 44 -31.24 -23.76 3.79
N LEU I 45 -30.00 -23.25 3.93
CA LEU I 45 -29.64 -22.55 5.17
C LEU I 45 -29.96 -21.05 5.14
N ALA I 46 -30.20 -20.46 3.96
CA ALA I 46 -30.40 -19.02 3.84
C ALA I 46 -31.74 -18.71 3.19
N ASP I 47 -32.49 -17.79 3.80
CA ASP I 47 -33.63 -17.20 3.12
C ASP I 47 -33.21 -16.05 2.20
N GLU I 48 -31.99 -15.57 2.37
CA GLU I 48 -31.40 -14.56 1.50
C GLU I 48 -29.91 -14.81 1.49
N LEU I 49 -29.33 -14.82 0.29
CA LEU I 49 -27.90 -14.99 0.11
C LEU I 49 -27.35 -13.77 -0.63
N ALA I 50 -26.27 -13.20 -0.10
CA ALA I 50 -25.63 -12.06 -0.75
C ALA I 50 -24.21 -12.44 -1.09
N LEU I 51 -23.81 -12.11 -2.32
CA LEU I 51 -22.46 -12.28 -2.82
C LEU I 51 -21.81 -10.91 -2.94
N VAL I 52 -20.53 -10.84 -2.58
CA VAL I 52 -19.75 -9.61 -2.70
C VAL I 52 -18.39 -9.98 -3.27
N ASP I 53 -17.88 -9.13 -4.16
CA ASP I 53 -16.58 -9.32 -4.76
C ASP I 53 -16.19 -8.01 -5.41
N VAL I 54 -14.90 -7.87 -5.71
CA VAL I 54 -14.46 -6.70 -6.47
C VAL I 54 -14.54 -6.92 -7.98
N LEU I 55 -14.60 -8.16 -8.44
CA LEU I 55 -14.69 -8.45 -9.87
C LEU I 55 -16.16 -8.40 -10.29
N GLU I 56 -16.62 -7.22 -10.71
CA GLU I 56 -18.05 -6.98 -10.85
C GLU I 56 -18.70 -7.94 -11.85
N ASP I 57 -18.01 -8.23 -12.95
CA ASP I 57 -18.60 -9.06 -14.00
C ASP I 57 -18.78 -10.51 -13.52
N LYS I 58 -17.72 -11.09 -12.96
CA LYS I 58 -17.82 -12.44 -12.43
C LYS I 58 -18.87 -12.51 -11.34
N LEU I 59 -18.90 -11.51 -10.45
CA LEU I 59 -19.92 -11.43 -9.43
C LEU I 59 -21.32 -11.55 -10.03
N LYS I 60 -21.63 -10.67 -10.99
CA LYS I 60 -22.97 -10.69 -11.56
C LYS I 60 -23.26 -12.05 -12.21
N GLY I 61 -22.26 -12.62 -12.89
CA GLY I 61 -22.48 -13.90 -13.53
C GLY I 61 -22.78 -15.01 -12.54
N GLU I 62 -21.99 -15.10 -11.46
CA GLU I 62 -22.29 -16.09 -10.42
C GLU I 62 -23.70 -15.91 -9.87
N MET I 63 -24.09 -14.66 -9.61
CA MET I 63 -25.40 -14.42 -9.04
C MET I 63 -26.51 -14.90 -9.98
N MET I 64 -26.44 -14.49 -11.27
CA MET I 64 -27.44 -14.95 -12.23
C MET I 64 -27.44 -16.46 -12.34
N ASP I 65 -26.26 -17.09 -12.38
CA ASP I 65 -26.22 -18.54 -12.49
C ASP I 65 -26.94 -19.22 -11.33
N LEU I 66 -26.83 -18.68 -10.11
CA LEU I 66 -27.57 -19.25 -8.97
C LEU I 66 -29.08 -18.97 -9.08
N GLN I 67 -29.43 -17.74 -9.41
CA GLN I 67 -30.84 -17.41 -9.60
C GLN I 67 -31.50 -18.38 -10.57
N HIS I 68 -30.79 -18.74 -11.65
CA HIS I 68 -31.38 -19.66 -12.63
C HIS I 68 -31.70 -21.02 -12.05
N GLY I 69 -31.06 -21.41 -10.94
CA GLY I 69 -31.38 -22.65 -10.26
C GLY I 69 -32.39 -22.49 -9.13
N SER I 70 -32.83 -21.26 -8.86
CA SER I 70 -33.95 -21.03 -7.93
C SER I 70 -35.04 -22.12 -7.93
N LEU I 71 -35.44 -22.65 -9.09
CA LEU I 71 -36.51 -23.63 -9.08
C LEU I 71 -36.20 -24.79 -8.13
N PHE I 72 -34.93 -25.20 -8.07
CA PHE I 72 -34.53 -26.38 -7.31
C PHE I 72 -34.05 -26.06 -5.90
N LEU I 73 -34.16 -24.80 -5.49
CA LEU I 73 -33.65 -24.30 -4.21
C LEU I 73 -34.80 -23.78 -3.34
N GLN I 74 -34.44 -23.14 -2.23
CA GLN I 74 -35.38 -22.62 -1.24
C GLN I 74 -34.84 -21.32 -0.66
N THR I 75 -34.24 -20.51 -1.51
CA THR I 75 -33.67 -19.23 -1.09
C THR I 75 -34.29 -18.14 -1.95
N PRO I 76 -35.35 -17.49 -1.49
CA PRO I 76 -36.20 -16.69 -2.39
C PRO I 76 -35.54 -15.40 -2.85
N LYS I 77 -34.41 -15.01 -2.28
CA LYS I 77 -33.70 -13.81 -2.75
C LYS I 77 -32.21 -14.11 -2.77
N ILE I 78 -31.60 -13.90 -3.93
CA ILE I 78 -30.16 -14.02 -4.12
C ILE I 78 -29.67 -12.71 -4.72
N VAL I 79 -28.76 -12.03 -4.02
CA VAL I 79 -28.34 -10.70 -4.47
C VAL I 79 -26.81 -10.64 -4.47
N ALA I 80 -26.30 -9.63 -5.19
CA ALA I 80 -24.85 -9.50 -5.31
C ALA I 80 -24.51 -8.06 -5.71
N ASP I 81 -23.45 -7.53 -5.13
CA ASP I 81 -23.01 -6.18 -5.42
C ASP I 81 -21.63 -5.99 -4.79
N LYS I 82 -20.77 -5.26 -5.49
CA LYS I 82 -19.47 -4.95 -4.92
C LYS I 82 -19.60 -4.07 -3.69
N ASP I 83 -20.76 -3.43 -3.51
CA ASP I 83 -21.00 -2.49 -2.42
C ASP I 83 -21.65 -3.22 -1.24
N TYR I 84 -21.07 -3.07 -0.04
CA TYR I 84 -21.51 -3.85 1.12
C TYR I 84 -22.92 -3.50 1.59
N SER I 85 -23.56 -2.46 1.04
CA SER I 85 -24.95 -2.24 1.38
C SER I 85 -25.82 -3.45 1.07
N VAL I 86 -25.42 -4.25 0.07
CA VAL I 86 -26.12 -5.49 -0.27
C VAL I 86 -26.05 -6.55 0.84
N THR I 87 -25.08 -6.46 1.77
CA THR I 87 -24.92 -7.47 2.81
C THR I 87 -25.68 -7.13 4.08
N ALA I 88 -26.51 -6.09 4.06
CA ALA I 88 -27.07 -5.56 5.31
C ALA I 88 -27.88 -6.61 6.04
N ASN I 89 -27.71 -6.65 7.37
CA ASN I 89 -28.50 -7.51 8.24
C ASN I 89 -28.27 -9.00 7.94
N SER I 90 -27.03 -9.36 7.66
CA SER I 90 -26.65 -10.75 7.55
C SER I 90 -26.55 -11.37 8.94
N LYS I 91 -27.22 -12.52 9.13
CA LYS I 91 -26.96 -13.32 10.32
C LYS I 91 -25.53 -13.81 10.31
N ILE I 92 -25.03 -14.19 9.13
CA ILE I 92 -23.69 -14.76 9.05
C ILE I 92 -23.00 -14.19 7.82
N VAL I 93 -21.71 -13.89 7.97
CA VAL I 93 -20.86 -13.42 6.88
C VAL I 93 -19.62 -14.30 6.80
N VAL I 94 -19.43 -14.93 5.65
CA VAL I 94 -18.32 -15.82 5.37
C VAL I 94 -17.34 -15.07 4.50
N VAL I 95 -16.09 -14.96 4.97
CA VAL I 95 -15.07 -14.22 4.26
C VAL I 95 -14.12 -15.22 3.63
N THR I 96 -14.17 -15.29 2.30
CA THR I 96 -13.30 -16.15 1.50
C THR I 96 -12.41 -15.35 0.55
N ALA I 97 -12.38 -14.03 0.72
CA ALA I 97 -11.69 -13.15 -0.21
C ALA I 97 -10.19 -13.16 0.04
N GLY I 98 -9.41 -13.01 -1.04
CA GLY I 98 -7.99 -12.76 -0.95
C GLY I 98 -7.18 -13.76 -1.76
N VAL I 99 -5.84 -13.74 -1.53
CA VAL I 99 -4.91 -14.59 -2.25
C VAL I 99 -4.95 -16.00 -1.67
N ARG I 100 -4.60 -16.98 -2.50
CA ARG I 100 -4.57 -18.37 -2.07
C ARG I 100 -3.18 -18.91 -2.34
N GLN I 101 -2.93 -20.13 -1.88
CA GLN I 101 -1.59 -20.66 -2.01
C GLN I 101 -1.31 -21.08 -3.45
N GLN I 102 -0.06 -20.91 -3.84
CA GLN I 102 0.48 -21.56 -5.03
C GLN I 102 1.01 -22.93 -4.64
N GLU I 103 1.41 -23.68 -5.66
CA GLU I 103 1.93 -25.01 -5.40
C GLU I 103 3.20 -24.91 -4.56
N GLY I 104 3.18 -25.50 -3.36
CA GLY I 104 4.32 -25.49 -2.48
C GLY I 104 4.38 -24.33 -1.51
N GLU I 105 3.44 -23.38 -1.59
CA GLU I 105 3.48 -22.16 -0.80
C GLU I 105 2.81 -22.38 0.54
N SER I 106 3.49 -22.00 1.61
CA SER I 106 2.88 -22.08 2.94
C SER I 106 1.80 -21.02 3.07
N ARG I 107 0.70 -21.39 3.73
CA ARG I 107 -0.33 -20.41 4.03
C ARG I 107 0.24 -19.19 4.75
N LEU I 108 1.31 -19.41 5.56
CA LEU I 108 1.86 -18.32 6.34
C LEU I 108 2.46 -17.23 5.45
N ASN I 109 2.82 -17.54 4.21
CA ASN I 109 3.34 -16.52 3.31
C ASN I 109 2.26 -15.59 2.75
N LEU I 110 0.99 -15.83 3.07
CA LEU I 110 -0.11 -15.03 2.52
C LEU I 110 -0.50 -13.87 3.39
N VAL I 111 0.06 -13.81 4.61
CA VAL I 111 -0.48 -12.96 5.68
C VAL I 111 -0.53 -11.51 5.23
N GLN I 112 0.62 -10.95 4.85
CA GLN I 112 0.66 -9.53 4.52
C GLN I 112 -0.35 -9.22 3.41
N ARG I 113 -0.47 -10.09 2.42
CA ARG I 113 -1.39 -9.77 1.33
C ARG I 113 -2.82 -9.71 1.86
N ASN I 114 -3.21 -10.75 2.60
CA ASN I 114 -4.62 -10.88 2.93
C ASN I 114 -4.99 -9.99 4.10
N VAL I 115 -4.04 -9.69 4.99
CA VAL I 115 -4.29 -8.65 5.98
C VAL I 115 -4.65 -7.35 5.27
N ASN I 116 -3.90 -6.99 4.23
CA ASN I 116 -4.29 -5.80 3.47
C ASN I 116 -5.75 -5.91 3.05
N VAL I 117 -6.11 -7.02 2.42
CA VAL I 117 -7.49 -7.16 1.94
C VAL I 117 -8.45 -6.96 3.09
N PHE I 118 -8.12 -7.55 4.25
CA PHE I 118 -9.09 -7.56 5.34
C PHE I 118 -9.27 -6.16 5.91
N LYS I 119 -8.19 -5.38 5.97
CA LYS I 119 -8.34 -4.02 6.49
C LYS I 119 -9.33 -3.22 5.66
N PHE I 120 -9.69 -3.69 4.47
CA PHE I 120 -10.69 -2.97 3.69
C PHE I 120 -12.08 -3.52 3.89
N ILE I 121 -12.23 -4.83 4.06
CA ILE I 121 -13.57 -5.38 3.97
C ILE I 121 -14.18 -5.60 5.35
N ILE I 122 -13.34 -5.87 6.36
CA ILE I 122 -13.87 -6.12 7.71
C ILE I 122 -14.69 -4.94 8.21
N PRO I 123 -14.22 -3.70 8.16
CA PRO I 123 -15.08 -2.58 8.59
C PRO I 123 -16.39 -2.52 7.83
N GLN I 124 -16.32 -2.58 6.50
CA GLN I 124 -17.54 -2.55 5.69
C GLN I 124 -18.55 -3.57 6.20
N ILE I 125 -18.11 -4.81 6.40
CA ILE I 125 -18.97 -5.85 6.94
C ILE I 125 -19.68 -5.33 8.20
N VAL I 126 -18.91 -4.99 9.23
CA VAL I 126 -19.57 -4.64 10.48
C VAL I 126 -20.34 -3.35 10.34
N LYS I 127 -20.02 -2.52 9.35
CA LYS I 127 -20.80 -1.31 9.14
C LYS I 127 -22.25 -1.65 8.82
N TYR I 128 -22.47 -2.68 7.99
CA TYR I 128 -23.84 -2.99 7.56
C TYR I 128 -24.47 -4.14 8.33
N SER I 129 -23.69 -5.01 8.95
CA SER I 129 -24.23 -6.11 9.76
C SER I 129 -23.56 -6.08 11.11
N PRO I 130 -23.89 -5.09 11.94
CA PRO I 130 -23.20 -4.97 13.24
C PRO I 130 -23.40 -6.16 14.16
N ASP I 131 -24.48 -6.94 13.97
CA ASP I 131 -24.85 -8.05 14.86
C ASP I 131 -24.46 -9.41 14.31
N CYS I 132 -23.78 -9.45 13.17
CA CYS I 132 -23.51 -10.68 12.48
C CYS I 132 -22.43 -11.52 13.17
N ILE I 133 -22.37 -12.78 12.78
CA ILE I 133 -21.26 -13.68 13.04
C ILE I 133 -20.37 -13.70 11.82
N ILE I 134 -19.06 -13.60 12.03
CA ILE I 134 -18.10 -13.67 10.94
C ILE I 134 -17.39 -15.02 11.01
N ILE I 135 -17.45 -15.76 9.90
CA ILE I 135 -16.65 -16.96 9.68
C ILE I 135 -15.53 -16.57 8.71
N VAL I 136 -14.29 -16.57 9.22
CA VAL I 136 -13.13 -16.34 8.38
C VAL I 136 -12.71 -17.66 7.78
N VAL I 137 -12.45 -17.65 6.47
CA VAL I 137 -11.98 -18.82 5.74
C VAL I 137 -10.66 -18.57 5.06
N SER I 138 -10.43 -17.34 4.56
CA SER I 138 -9.20 -17.00 3.86
C SER I 138 -7.97 -17.40 4.69
N ASN I 139 -6.84 -17.65 4.03
CA ASN I 139 -5.65 -18.08 4.74
C ASN I 139 -4.67 -16.93 4.95
N PRO I 140 -3.81 -17.01 6.00
CA PRO I 140 -3.82 -18.07 7.02
C PRO I 140 -4.98 -17.85 7.97
N VAL I 141 -5.93 -18.80 8.03
CA VAL I 141 -7.21 -18.49 8.64
C VAL I 141 -7.10 -18.17 10.13
N ASP I 142 -6.06 -18.65 10.82
CA ASP I 142 -5.96 -18.32 12.26
C ASP I 142 -5.55 -16.86 12.45
N ILE I 143 -4.48 -16.44 11.76
CA ILE I 143 -4.00 -15.08 11.85
C ILE I 143 -5.08 -14.11 11.37
N LEU I 144 -5.87 -14.53 10.39
CA LEU I 144 -6.92 -13.66 9.85
C LEU I 144 -8.15 -13.66 10.75
N THR I 145 -8.41 -14.73 11.49
CA THR I 145 -9.47 -14.65 12.49
C THR I 145 -9.10 -13.64 13.56
N TYR I 146 -7.84 -13.65 14.00
CA TYR I 146 -7.36 -12.63 14.93
C TYR I 146 -7.48 -11.23 14.32
N VAL I 147 -7.02 -11.07 13.08
CA VAL I 147 -7.13 -9.76 12.44
C VAL I 147 -8.58 -9.30 12.44
N THR I 148 -9.52 -10.22 12.16
CA THR I 148 -10.93 -9.85 12.04
C THR I 148 -11.47 -9.43 13.39
N TRP I 149 -11.24 -10.25 14.42
CA TRP I 149 -11.63 -9.87 15.77
C TRP I 149 -11.16 -8.45 16.07
N LYS I 150 -9.90 -8.15 15.76
CA LYS I 150 -9.33 -6.86 16.14
C LYS I 150 -9.97 -5.71 15.38
N LEU I 151 -10.09 -5.84 14.04
CA LEU I 151 -10.61 -4.75 13.23
C LEU I 151 -12.11 -4.55 13.45
N SER I 152 -12.84 -5.65 13.66
CA SER I 152 -14.30 -5.58 13.72
C SER I 152 -14.79 -5.07 15.06
N GLY I 153 -13.98 -5.18 16.11
CA GLY I 153 -14.45 -4.85 17.43
C GLY I 153 -15.57 -5.71 17.95
N LEU I 154 -15.85 -6.84 17.30
CA LEU I 154 -16.92 -7.73 17.76
C LEU I 154 -16.49 -8.59 18.93
N PRO I 155 -17.46 -9.10 19.70
CA PRO I 155 -17.13 -10.05 20.77
C PRO I 155 -16.48 -11.31 20.22
N LYS I 156 -15.69 -11.97 21.08
CA LYS I 156 -15.00 -13.19 20.71
C LYS I 156 -15.97 -14.23 20.15
N HIS I 157 -17.16 -14.32 20.73
CA HIS I 157 -18.09 -15.37 20.34
C HIS I 157 -18.71 -15.13 18.96
N ARG I 158 -18.46 -13.99 18.33
CA ARG I 158 -19.01 -13.69 17.02
C ARG I 158 -17.98 -13.70 15.91
N VAL I 159 -16.72 -14.06 16.20
CA VAL I 159 -15.66 -14.11 15.22
C VAL I 159 -15.06 -15.51 15.26
N ILE I 160 -15.36 -16.30 14.23
CA ILE I 160 -15.06 -17.73 14.20
C ILE I 160 -14.25 -18.01 12.95
N GLY I 161 -13.06 -18.59 13.12
CA GLY I 161 -12.27 -19.05 12.00
C GLY I 161 -12.60 -20.50 11.70
N SER I 162 -12.77 -20.80 10.41
CA SER I 162 -13.16 -22.15 10.01
C SER I 162 -12.12 -23.17 10.44
N GLY I 163 -10.88 -22.75 10.62
CA GLY I 163 -9.90 -23.49 11.41
C GLY I 163 -9.82 -24.95 11.01
N CYS I 164 -9.78 -25.81 12.02
CA CYS I 164 -9.45 -27.21 11.82
C CYS I 164 -10.64 -28.13 11.59
N ASN I 165 -11.86 -27.58 11.48
CA ASN I 165 -12.99 -28.39 11.05
C ASN I 165 -12.64 -29.23 9.83
N LEU I 166 -11.86 -28.67 8.91
CA LEU I 166 -11.50 -29.38 7.68
C LEU I 166 -10.44 -30.43 7.96
N ASP I 167 -9.37 -30.04 8.66
CA ASP I 167 -8.31 -31.00 8.99
C ASP I 167 -8.91 -32.23 9.65
N SER I 168 -9.82 -32.02 10.60
CA SER I 168 -10.41 -33.15 11.31
C SER I 168 -11.26 -33.98 10.37
N ALA I 169 -11.97 -33.34 9.44
CA ALA I 169 -12.68 -34.13 8.44
C ALA I 169 -11.69 -35.01 7.71
N ARG I 170 -10.58 -34.42 7.25
CA ARG I 170 -9.61 -35.23 6.52
C ARG I 170 -9.10 -36.35 7.42
N PHE I 171 -8.88 -36.03 8.70
CA PHE I 171 -8.45 -37.05 9.64
C PHE I 171 -9.50 -38.15 9.75
N ARG I 172 -10.75 -37.77 9.98
CA ARG I 172 -11.75 -38.81 10.13
C ARG I 172 -11.88 -39.61 8.84
N TYR I 173 -11.71 -38.94 7.70
CA TYR I 173 -11.75 -39.68 6.46
C TYR I 173 -10.64 -40.73 6.42
N LEU I 174 -9.41 -40.31 6.70
CA LEU I 174 -8.31 -41.26 6.62
C LEU I 174 -8.53 -42.40 7.58
N MET I 175 -9.12 -42.07 8.74
CA MET I 175 -9.31 -43.09 9.76
C MET I 175 -10.38 -44.07 9.30
N ALA I 176 -11.45 -43.53 8.70
CA ALA I 176 -12.46 -44.39 8.14
C ALA I 176 -11.86 -45.32 7.11
N GLU I 177 -10.94 -44.80 6.28
CA GLU I 177 -10.39 -45.63 5.23
C GLU I 177 -9.59 -46.77 5.85
N LYS I 178 -8.90 -46.49 6.94
CA LYS I 178 -8.14 -47.55 7.59
C LYS I 178 -9.08 -48.63 8.12
N LEU I 179 -10.24 -48.23 8.65
CA LEU I 179 -11.06 -49.12 9.47
C LEU I 179 -12.33 -49.61 8.79
N GLY I 180 -12.59 -49.18 7.56
CA GLY I 180 -13.80 -49.62 6.88
C GLY I 180 -15.08 -49.26 7.59
N ILE I 181 -15.17 -48.04 8.09
CA ILE I 181 -16.36 -47.54 8.78
C ILE I 181 -16.62 -46.11 8.32
N HIS I 182 -17.88 -45.68 8.44
CA HIS I 182 -18.19 -44.31 8.07
C HIS I 182 -17.33 -43.34 8.88
N PRO I 183 -16.78 -42.30 8.24
CA PRO I 183 -16.01 -41.29 8.98
C PRO I 183 -16.74 -40.71 10.19
N SER I 184 -18.08 -40.61 10.16
CA SER I 184 -18.79 -40.03 11.30
C SER I 184 -18.79 -40.95 12.52
N SER I 185 -18.50 -42.22 12.32
CA SER I 185 -18.37 -43.17 13.41
C SER I 185 -16.93 -43.30 13.89
N CYS I 186 -16.01 -42.53 13.30
CA CYS I 186 -14.63 -42.38 13.76
C CYS I 186 -14.54 -41.05 14.47
N HIS I 187 -13.77 -41.00 15.55
CA HIS I 187 -13.60 -39.73 16.22
C HIS I 187 -12.13 -39.47 16.46
N GLY I 188 -11.78 -38.20 16.42
CA GLY I 188 -10.42 -37.74 16.53
C GLY I 188 -10.39 -36.27 16.19
N TRP I 189 -9.45 -35.54 16.77
CA TRP I 189 -9.42 -34.09 16.71
C TRP I 189 -8.03 -33.63 16.31
N ILE I 190 -7.94 -32.96 15.15
CA ILE I 190 -6.79 -32.18 14.76
C ILE I 190 -7.04 -30.78 15.26
N LEU I 191 -6.06 -30.22 15.98
CA LEU I 191 -6.22 -28.93 16.65
C LEU I 191 -5.02 -28.05 16.36
N GLY I 192 -5.07 -26.81 16.86
CA GLY I 192 -3.99 -25.88 16.66
C GLY I 192 -4.12 -25.20 15.30
N GLU I 193 -3.01 -25.01 14.60
CA GLU I 193 -3.04 -24.28 13.34
C GLU I 193 -3.71 -25.08 12.22
N HIS I 194 -4.47 -24.37 11.39
CA HIS I 194 -4.94 -24.97 10.14
C HIS I 194 -3.76 -24.91 9.20
N GLY I 195 -2.88 -25.91 9.31
CA GLY I 195 -1.64 -25.88 8.55
C GLY I 195 -0.55 -26.77 9.14
N ASP I 196 0.69 -26.38 8.88
CA ASP I 196 1.80 -27.30 9.04
C ASP I 196 2.02 -27.71 10.50
N SER I 197 1.69 -26.83 11.45
CA SER I 197 1.94 -27.08 12.87
C SER I 197 0.75 -27.70 13.59
N SER I 198 -0.27 -28.14 12.85
CA SER I 198 -1.45 -28.76 13.46
C SER I 198 -1.07 -29.91 14.41
N VAL I 199 -2.01 -30.25 15.29
CA VAL I 199 -1.77 -31.21 16.37
C VAL I 199 -2.84 -32.30 16.30
N ALA I 200 -2.38 -33.55 16.16
CA ALA I 200 -3.26 -34.71 16.26
C ALA I 200 -3.38 -35.10 17.74
N VAL I 201 -4.60 -35.10 18.26
CA VAL I 201 -4.83 -35.39 19.71
C VAL I 201 -5.10 -36.89 19.81
N TRP I 202 -4.02 -37.68 19.79
CA TRP I 202 -4.15 -39.13 19.82
C TRP I 202 -4.95 -39.58 21.04
N SER I 203 -4.78 -38.89 22.17
CA SER I 203 -5.49 -39.27 23.40
C SER I 203 -6.99 -39.22 23.26
N GLY I 204 -7.51 -38.61 22.19
CA GLY I 204 -8.93 -38.55 22.03
C GLY I 204 -9.43 -39.33 20.82
N VAL I 205 -8.56 -40.03 20.10
CA VAL I 205 -8.98 -40.79 18.91
C VAL I 205 -9.67 -42.07 19.38
N ASN I 206 -10.92 -42.28 18.96
CA ASN I 206 -11.68 -43.42 19.44
C ASN I 206 -12.74 -43.82 18.43
N VAL I 207 -13.03 -45.12 18.42
CA VAL I 207 -14.19 -45.70 17.77
C VAL I 207 -15.11 -46.22 18.87
N ALA I 208 -16.38 -45.78 18.84
CA ALA I 208 -17.40 -46.27 19.76
C ALA I 208 -16.98 -46.13 21.22
N GLY I 209 -16.12 -45.14 21.51
CA GLY I 209 -15.59 -44.90 22.83
C GLY I 209 -14.39 -45.75 23.21
N VAL I 210 -13.93 -46.64 22.33
CA VAL I 210 -12.72 -47.42 22.52
C VAL I 210 -11.52 -46.55 22.16
N SER I 211 -10.70 -46.21 23.15
CA SER I 211 -9.52 -45.39 22.92
C SER I 211 -8.47 -46.18 22.14
N LEU I 212 -7.96 -45.58 21.05
CA LEU I 212 -6.97 -46.26 20.23
C LEU I 212 -5.54 -46.07 20.75
N GLN I 213 -5.31 -45.08 21.62
CA GLN I 213 -4.01 -44.91 22.26
C GLN I 213 -3.85 -45.82 23.48
N GLU I 214 -4.95 -46.17 24.15
CA GLU I 214 -4.87 -47.25 25.13
C GLU I 214 -4.56 -48.57 24.46
N LEU I 215 -5.18 -48.84 23.31
CA LEU I 215 -4.85 -50.06 22.57
C LEU I 215 -3.42 -50.01 22.09
N ASN I 216 -3.03 -48.90 21.47
CA ASN I 216 -1.68 -48.68 20.95
C ASN I 216 -1.03 -47.50 21.67
N PRO I 217 -0.30 -47.75 22.75
CA PRO I 217 0.37 -46.63 23.45
C PRO I 217 1.43 -45.92 22.62
N GLU I 218 1.98 -46.57 21.59
CA GLU I 218 2.90 -45.94 20.67
C GLU I 218 2.20 -45.20 19.54
N MET I 219 0.88 -45.02 19.61
CA MET I 219 0.15 -44.21 18.64
C MET I 219 0.77 -42.84 18.48
N GLY I 220 1.18 -42.52 17.26
CA GLY I 220 1.72 -41.21 16.94
C GLY I 220 3.19 -41.00 17.23
N THR I 221 3.93 -42.06 17.57
CA THR I 221 5.37 -42.00 17.81
C THR I 221 6.11 -42.54 16.59
N ASP I 222 7.44 -42.51 16.68
CA ASP I 222 8.25 -43.07 15.61
C ASP I 222 8.34 -44.59 15.68
N ASN I 223 8.22 -45.18 16.88
CA ASN I 223 8.17 -46.63 17.00
C ASN I 223 6.73 -47.11 17.08
N ASP I 224 6.00 -46.96 15.98
CA ASP I 224 4.58 -47.28 15.94
C ASP I 224 4.28 -48.29 14.84
N SER I 225 3.72 -49.43 15.25
CA SER I 225 3.32 -50.47 14.30
C SER I 225 2.42 -49.89 13.24
N GLU I 226 1.21 -49.49 13.63
CA GLU I 226 0.34 -48.72 12.76
C GLU I 226 0.93 -47.32 12.62
N ASN I 227 1.15 -46.88 11.38
CA ASN I 227 1.90 -45.64 11.14
C ASN I 227 0.97 -44.42 11.27
N TRP I 228 0.50 -44.19 12.49
CA TRP I 228 -0.46 -43.12 12.72
C TRP I 228 0.16 -41.75 12.40
N LYS I 229 1.46 -41.60 12.68
CA LYS I 229 2.14 -40.37 12.31
C LYS I 229 1.99 -40.10 10.82
N GLU I 230 2.02 -41.15 10.01
CA GLU I 230 1.77 -41.02 8.58
C GLU I 230 0.36 -40.49 8.32
N VAL I 231 -0.60 -40.84 9.17
CA VAL I 231 -1.93 -40.33 8.97
C VAL I 231 -1.97 -38.83 9.25
N HIS I 232 -1.32 -38.41 10.33
CA HIS I 232 -1.27 -36.98 10.60
C HIS I 232 -0.53 -36.22 9.49
N LYS I 233 0.52 -36.83 8.93
CA LYS I 233 1.27 -36.15 7.87
C LYS I 233 0.45 -36.08 6.57
N MET I 234 -0.38 -37.09 6.29
CA MET I 234 -1.32 -36.96 5.18
C MET I 234 -2.30 -35.82 5.42
N VAL I 235 -2.80 -35.69 6.65
CA VAL I 235 -3.68 -34.56 6.96
C VAL I 235 -2.96 -33.24 6.72
N VAL I 236 -1.67 -33.16 7.07
CA VAL I 236 -0.95 -31.90 6.93
C VAL I 236 -0.64 -31.60 5.45
N GLU I 237 -0.36 -32.62 4.64
CA GLU I 237 0.04 -32.43 3.25
C GLU I 237 -1.14 -32.43 2.27
N SER I 238 -2.34 -32.78 2.72
CA SER I 238 -3.50 -32.92 1.84
C SER I 238 -3.74 -31.68 0.99
N ALA I 239 -3.66 -30.49 1.58
CA ALA I 239 -3.92 -29.28 0.81
C ALA I 239 -2.88 -29.12 -0.28
N TYR I 240 -1.62 -29.40 0.05
CA TYR I 240 -0.54 -29.27 -0.93
C TYR I 240 -0.73 -30.23 -2.09
N GLU I 241 -1.10 -31.47 -1.80
CA GLU I 241 -1.28 -32.42 -2.89
C GLU I 241 -2.50 -32.06 -3.76
N VAL I 242 -3.61 -31.65 -3.14
CA VAL I 242 -4.79 -31.28 -3.92
C VAL I 242 -4.51 -30.03 -4.76
N ILE I 243 -3.71 -29.10 -4.21
CA ILE I 243 -3.31 -27.90 -4.94
C ILE I 243 -2.41 -28.26 -6.10
N LYS I 244 -1.48 -29.19 -5.88
CA LYS I 244 -0.67 -29.71 -6.96
C LYS I 244 -1.54 -30.27 -8.08
N LEU I 245 -2.64 -30.94 -7.74
CA LEU I 245 -3.36 -31.70 -8.77
C LEU I 245 -4.43 -30.89 -9.49
N LYS I 246 -5.14 -30.00 -8.81
CA LYS I 246 -6.21 -29.22 -9.44
C LYS I 246 -6.10 -27.73 -9.15
N GLY I 247 -4.97 -27.26 -8.64
CA GLY I 247 -4.69 -25.85 -8.49
C GLY I 247 -5.17 -25.20 -7.21
N TYR I 248 -6.07 -25.84 -6.48
CA TYR I 248 -6.75 -25.22 -5.35
C TYR I 248 -7.62 -26.28 -4.68
N THR I 249 -8.21 -25.93 -3.54
CA THR I 249 -9.18 -26.78 -2.86
C THR I 249 -10.45 -25.97 -2.63
N ASN I 250 -11.62 -26.63 -2.70
CA ASN I 250 -12.83 -25.86 -2.44
C ASN I 250 -14.01 -26.71 -1.95
N TRP I 251 -14.22 -27.91 -2.46
CA TRP I 251 -15.45 -28.62 -2.10
C TRP I 251 -15.48 -28.99 -0.61
N ALA I 252 -14.35 -29.50 -0.11
CA ALA I 252 -14.27 -29.90 1.29
C ALA I 252 -14.54 -28.73 2.21
N ILE I 253 -13.85 -27.61 1.98
CA ILE I 253 -14.08 -26.45 2.83
C ILE I 253 -15.50 -25.94 2.67
N GLY I 254 -16.09 -26.06 1.47
CA GLY I 254 -17.49 -25.66 1.30
C GLY I 254 -18.44 -26.43 2.22
N LEU I 255 -18.32 -27.76 2.22
CA LEU I 255 -19.14 -28.57 3.11
C LEU I 255 -18.82 -28.28 4.58
N SER I 256 -17.55 -28.08 4.92
CA SER I 256 -17.18 -27.75 6.29
C SER I 256 -17.82 -26.46 6.76
N VAL I 257 -17.72 -25.41 5.93
CA VAL I 257 -18.33 -24.13 6.28
C VAL I 257 -19.84 -24.29 6.41
N ALA I 258 -20.47 -25.05 5.50
CA ALA I 258 -21.92 -25.27 5.59
C ALA I 258 -22.30 -26.03 6.86
N ASP I 259 -21.39 -26.85 7.37
CA ASP I 259 -21.63 -27.58 8.62
C ASP I 259 -21.56 -26.64 9.82
N LEU I 260 -20.54 -25.78 9.86
CA LEU I 260 -20.49 -24.76 10.90
C LEU I 260 -21.77 -23.92 10.87
N ILE I 261 -22.17 -23.51 9.68
CA ILE I 261 -23.36 -22.67 9.57
C ILE I 261 -24.58 -23.42 10.09
N GLU I 262 -24.71 -24.71 9.75
CA GLU I 262 -25.89 -25.48 10.16
C GLU I 262 -25.98 -25.52 11.68
N SER I 263 -24.84 -25.82 12.32
CA SER I 263 -24.86 -25.81 13.79
C SER I 263 -25.33 -24.47 14.32
N MET I 264 -24.92 -23.37 13.70
CA MET I 264 -25.25 -22.07 14.30
C MET I 264 -26.70 -21.66 14.04
N LEU I 265 -27.18 -21.80 12.80
CA LEU I 265 -28.51 -21.33 12.43
C LEU I 265 -29.62 -22.24 12.98
N LYS I 266 -29.37 -23.55 13.09
CA LYS I 266 -30.29 -24.43 13.81
C LYS I 266 -30.06 -24.38 15.33
N ASN I 267 -29.09 -23.58 15.80
CA ASN I 267 -28.87 -23.37 17.23
C ASN I 267 -28.67 -24.71 17.97
N LEU I 268 -27.79 -25.56 17.43
CA LEU I 268 -27.66 -26.91 17.95
C LEU I 268 -26.65 -27.05 19.09
N SER I 269 -25.79 -26.07 19.35
CA SER I 269 -24.69 -26.26 20.31
C SER I 269 -23.97 -27.57 20.04
N ARG I 270 -23.51 -27.70 18.80
CA ARG I 270 -22.70 -28.85 18.42
C ARG I 270 -21.23 -28.46 18.61
N ILE I 271 -20.35 -29.44 18.68
CA ILE I 271 -18.95 -29.14 18.98
C ILE I 271 -18.11 -29.32 17.72
N HIS I 272 -17.39 -28.26 17.37
CA HIS I 272 -16.57 -28.22 16.19
C HIS I 272 -15.18 -27.72 16.54
N PRO I 273 -14.16 -28.25 15.93
CA PRO I 273 -12.82 -27.70 16.15
C PRO I 273 -12.64 -26.44 15.32
N VAL I 274 -12.77 -25.28 15.93
CA VAL I 274 -12.69 -24.06 15.15
C VAL I 274 -11.72 -23.11 15.84
N SER I 275 -11.28 -22.10 15.08
CA SER I 275 -10.27 -21.16 15.55
C SER I 275 -10.91 -20.08 16.43
N THR I 276 -10.43 -19.97 17.68
CA THR I 276 -10.89 -18.97 18.63
C THR I 276 -9.68 -18.47 19.42
N MET I 277 -9.93 -17.48 20.27
CA MET I 277 -8.89 -16.83 21.05
C MET I 277 -8.56 -17.72 22.24
N VAL I 278 -7.33 -18.22 22.29
CA VAL I 278 -6.98 -19.29 23.23
C VAL I 278 -6.04 -18.80 24.33
N LYS I 279 -6.08 -17.50 24.64
CA LYS I 279 -5.24 -16.97 25.71
C LYS I 279 -5.68 -17.53 27.05
N GLY I 280 -4.72 -18.01 27.82
CA GLY I 280 -4.98 -18.54 29.14
C GLY I 280 -5.14 -20.03 29.18
N MET I 281 -5.00 -20.71 28.03
CA MET I 281 -5.19 -22.15 27.99
C MET I 281 -3.90 -22.83 27.61
N TYR I 282 -3.64 -23.95 28.28
CA TYR I 282 -2.52 -24.83 27.97
C TYR I 282 -1.18 -24.09 28.02
N GLY I 283 -1.12 -23.01 28.80
CA GLY I 283 0.09 -22.24 28.94
C GLY I 283 0.29 -21.12 27.96
N ILE I 284 -0.64 -20.90 27.03
CA ILE I 284 -0.50 -19.82 26.06
C ILE I 284 -0.82 -18.50 26.73
N GLU I 285 0.07 -17.52 26.59
CA GLU I 285 -0.06 -16.26 27.30
C GLU I 285 -0.46 -15.08 26.41
N ASN I 286 -0.48 -15.25 25.10
CA ASN I 286 -0.82 -14.17 24.20
C ASN I 286 -2.13 -14.48 23.49
N GLU I 287 -2.68 -13.47 22.84
CA GLU I 287 -3.98 -13.61 22.20
C GLU I 287 -3.81 -14.35 20.88
N VAL I 288 -3.43 -15.61 21.00
CA VAL I 288 -3.29 -16.50 19.87
C VAL I 288 -4.66 -17.03 19.50
N PHE I 289 -4.95 -17.04 18.21
CA PHE I 289 -6.11 -17.75 17.70
C PHE I 289 -5.65 -19.09 17.16
N LEU I 290 -6.39 -20.14 17.50
CA LEU I 290 -6.15 -21.44 16.88
C LEU I 290 -7.35 -22.31 17.18
N SER I 291 -7.39 -23.50 16.57
CA SER I 291 -8.55 -24.36 16.68
C SER I 291 -8.52 -25.16 17.99
N LEU I 292 -9.62 -25.08 18.71
CA LEU I 292 -9.96 -25.98 19.81
C LEU I 292 -11.39 -26.40 19.60
N PRO I 293 -11.87 -27.38 20.35
CA PRO I 293 -13.25 -27.83 20.18
C PRO I 293 -14.19 -26.85 20.87
N CYS I 294 -15.20 -26.38 20.15
CA CYS I 294 -16.02 -25.28 20.61
C CYS I 294 -17.50 -25.57 20.37
N ILE I 295 -18.31 -25.04 21.26
CA ILE I 295 -19.75 -25.16 21.14
C ILE I 295 -20.23 -24.04 20.21
N LEU I 296 -20.89 -24.42 19.13
CA LEU I 296 -21.51 -23.48 18.21
C LEU I 296 -23.02 -23.59 18.24
N ASN I 297 -23.68 -22.43 18.29
CA ASN I 297 -25.14 -22.30 18.26
C ASN I 297 -25.48 -20.94 17.67
N ALA I 298 -26.73 -20.50 17.84
CA ALA I 298 -27.20 -19.24 17.26
C ALA I 298 -26.50 -18.02 17.84
N ARG I 299 -25.91 -18.12 19.02
CA ARG I 299 -25.11 -17.00 19.49
C ARG I 299 -23.70 -17.01 18.90
N GLY I 300 -23.32 -18.05 18.18
CA GLY I 300 -21.96 -18.18 17.70
C GLY I 300 -21.14 -19.25 18.41
N LEU I 301 -19.90 -18.90 18.81
CA LEU I 301 -19.00 -19.81 19.53
C LEU I 301 -19.09 -19.43 21.00
N THR I 302 -19.87 -20.19 21.75
CA THR I 302 -20.19 -19.78 23.11
C THR I 302 -19.23 -20.35 24.15
N SER I 303 -18.57 -21.48 23.88
CA SER I 303 -17.74 -22.17 24.85
C SER I 303 -16.60 -22.94 24.16
N VAL I 304 -15.49 -23.15 24.91
CA VAL I 304 -14.40 -24.05 24.55
C VAL I 304 -14.46 -25.29 25.45
N ILE I 305 -14.11 -26.44 24.90
CA ILE I 305 -14.01 -27.66 25.69
C ILE I 305 -12.59 -27.76 26.27
N ASN I 306 -12.48 -27.73 27.60
CA ASN I 306 -11.23 -28.08 28.28
C ASN I 306 -10.86 -29.54 28.00
N GLN I 307 -9.67 -29.77 27.49
CA GLN I 307 -9.23 -31.14 27.28
C GLN I 307 -8.08 -31.47 28.22
N LYS I 308 -7.94 -32.76 28.51
CA LYS I 308 -6.80 -33.25 29.28
C LYS I 308 -5.74 -33.78 28.31
N LEU I 309 -5.15 -32.83 27.58
CA LEU I 309 -4.11 -33.12 26.61
C LEU I 309 -2.92 -33.79 27.30
N LYS I 310 -2.25 -34.69 26.59
CA LYS I 310 -1.02 -35.26 27.12
C LYS I 310 0.11 -34.23 27.02
N ASP I 311 1.21 -34.53 27.71
CA ASP I 311 2.37 -33.65 27.68
C ASP I 311 2.78 -33.33 26.23
N ASP I 312 2.95 -34.36 25.39
CA ASP I 312 3.44 -34.11 24.04
C ASP I 312 2.43 -33.36 23.20
N GLU I 313 1.14 -33.64 23.40
CA GLU I 313 0.09 -32.87 22.75
C GLU I 313 0.16 -31.40 23.15
N VAL I 314 0.29 -31.13 24.45
CA VAL I 314 0.45 -29.76 24.90
C VAL I 314 1.67 -29.13 24.24
N ALA I 315 2.77 -29.86 24.15
CA ALA I 315 4.00 -29.28 23.61
C ALA I 315 3.82 -28.91 22.14
N GLN I 316 3.25 -29.82 21.34
CA GLN I 316 2.97 -29.52 19.93
C GLN I 316 2.04 -28.33 19.79
N LEU I 317 0.99 -28.28 20.62
CA LEU I 317 0.07 -27.14 20.55
C LEU I 317 0.79 -25.84 20.90
N LYS I 318 1.75 -25.91 21.81
CA LYS I 318 2.47 -24.71 22.21
C LYS I 318 3.39 -24.25 21.10
N LYS I 319 4.01 -25.20 20.37
CA LYS I 319 4.75 -24.86 19.16
C LYS I 319 3.85 -24.23 18.10
N SER I 320 2.62 -24.74 17.96
CA SER I 320 1.66 -24.15 17.03
C SER I 320 1.36 -22.70 17.41
N ALA I 321 1.04 -22.49 18.69
CA ALA I 321 0.74 -21.16 19.21
C ALA I 321 1.92 -20.21 19.06
N ASP I 322 3.15 -20.71 19.22
CA ASP I 322 4.32 -19.84 19.06
C ASP I 322 4.54 -19.49 17.59
N THR I 323 4.45 -20.47 16.69
CA THR I 323 4.48 -20.16 15.26
C THR I 323 3.48 -19.06 14.92
N LEU I 324 2.24 -19.16 15.43
CA LEU I 324 1.25 -18.13 15.11
C LEU I 324 1.58 -16.79 15.75
N TRP I 325 1.88 -16.76 17.05
CA TRP I 325 2.15 -15.49 17.70
C TRP I 325 3.34 -14.79 17.07
N ASP I 326 4.36 -15.55 16.66
CA ASP I 326 5.50 -14.97 15.94
C ASP I 326 5.04 -14.02 14.84
N ILE I 327 3.98 -14.39 14.11
CA ILE I 327 3.43 -13.50 13.10
C ILE I 327 2.54 -12.44 13.75
N GLN I 328 1.67 -12.84 14.67
CA GLN I 328 0.68 -11.90 15.20
C GLN I 328 1.34 -10.68 15.83
N LYS I 329 2.43 -10.88 16.57
CA LYS I 329 2.97 -9.83 17.43
C LYS I 329 3.31 -8.59 16.62
N ASP I 330 3.85 -8.78 15.42
CA ASP I 330 4.34 -7.69 14.59
C ASP I 330 3.28 -7.11 13.66
N LEU I 331 2.00 -7.48 13.85
CA LEU I 331 0.95 -6.89 13.05
C LEU I 331 0.67 -5.47 13.52
N LYS I 332 0.47 -4.56 12.57
CA LYS I 332 0.40 -3.13 12.88
C LYS I 332 -0.88 -2.51 12.33
N ASP I 333 -1.22 -1.36 12.90
CA ASP I 333 -2.38 -0.56 12.47
C ASP I 333 -3.67 -1.37 12.54
N LEU I 334 -3.85 -2.12 13.62
CA LEU I 334 -5.03 -2.96 13.81
C LEU I 334 -6.07 -2.26 14.68
N ALA J 2 61.51 45.41 -86.02
CA ALA J 2 62.30 44.77 -84.95
C ALA J 2 61.95 45.34 -83.57
N THR J 3 62.34 44.62 -82.52
CA THR J 3 62.05 45.08 -81.17
C THR J 3 62.93 46.27 -80.82
N LEU J 4 62.49 47.05 -79.84
CA LEU J 4 63.26 48.21 -79.39
C LEU J 4 64.66 47.81 -78.94
N LYS J 5 64.75 46.76 -78.11
CA LYS J 5 66.06 46.24 -77.72
C LYS J 5 66.92 45.94 -78.94
N GLU J 6 66.32 45.31 -79.96
CA GLU J 6 67.04 44.98 -81.18
C GLU J 6 67.57 46.23 -81.87
N LYS J 7 66.76 47.29 -81.93
CA LYS J 7 67.21 48.52 -82.55
C LYS J 7 68.33 49.18 -81.75
N LEU J 8 68.30 49.06 -80.41
CA LEU J 8 69.21 49.83 -79.59
C LEU J 8 70.56 49.15 -79.38
N ILE J 9 70.59 47.83 -79.37
CA ILE J 9 71.75 47.08 -78.92
C ILE J 9 72.25 46.22 -80.06
N ALA J 10 73.52 46.41 -80.43
CA ALA J 10 74.20 45.57 -81.38
C ALA J 10 75.10 44.61 -80.62
N PRO J 11 74.92 43.30 -80.75
CA PRO J 11 75.76 42.34 -79.98
C PRO J 11 77.19 42.33 -80.49
N VAL J 12 78.13 42.42 -79.55
CA VAL J 12 79.55 42.26 -79.85
C VAL J 12 79.97 40.82 -79.57
N ALA J 13 79.35 40.21 -78.57
CA ALA J 13 79.63 38.84 -78.17
C ALA J 13 78.37 37.99 -78.35
N GLU J 14 78.59 36.72 -78.70
CA GLU J 14 77.48 35.78 -78.81
C GLU J 14 76.92 35.48 -77.43
N GLU J 15 75.69 35.92 -77.17
CA GLU J 15 75.12 35.75 -75.85
C GLU J 15 75.14 34.28 -75.45
N GLU J 16 75.74 34.00 -74.30
CA GLU J 16 75.87 32.65 -73.79
C GLU J 16 75.36 32.61 -72.35
N ALA J 17 75.38 31.42 -71.75
CA ALA J 17 75.01 31.28 -70.35
C ALA J 17 76.09 31.88 -69.45
N THR J 18 75.64 32.54 -68.40
CA THR J 18 76.50 33.24 -67.46
C THR J 18 76.41 32.56 -66.10
N VAL J 19 77.57 32.22 -65.52
CA VAL J 19 77.65 31.65 -64.18
C VAL J 19 78.14 32.75 -63.24
N PRO J 20 77.39 33.07 -62.17
CA PRO J 20 77.86 34.08 -61.22
C PRO J 20 79.23 33.71 -60.64
N ASN J 21 80.01 34.74 -60.30
CA ASN J 21 81.32 34.50 -59.70
C ASN J 21 81.32 34.64 -58.18
N ASN J 22 80.38 35.40 -57.60
CA ASN J 22 80.23 35.50 -56.14
C ASN J 22 78.73 35.63 -55.88
N LYS J 23 78.04 34.51 -56.09
CA LYS J 23 76.63 34.36 -55.79
C LYS J 23 76.46 33.94 -54.34
N ILE J 24 75.47 34.52 -53.68
CA ILE J 24 75.14 34.19 -52.30
C ILE J 24 73.65 33.89 -52.25
N THR J 25 73.28 32.86 -51.47
CA THR J 25 71.89 32.55 -51.19
C THR J 25 71.61 32.80 -49.72
N VAL J 26 70.41 33.27 -49.40
CA VAL J 26 69.94 33.43 -48.03
C VAL J 26 68.64 32.66 -47.89
N VAL J 27 68.61 31.69 -46.95
CA VAL J 27 67.45 30.85 -46.72
C VAL J 27 66.71 31.37 -45.49
N GLY J 28 65.42 31.63 -45.66
CA GLY J 28 64.66 32.42 -44.72
C GLY J 28 64.71 33.90 -45.04
N VAL J 29 63.54 34.52 -45.23
CA VAL J 29 63.48 35.95 -45.55
C VAL J 29 62.71 36.64 -44.43
N GLY J 30 62.96 36.23 -43.19
CA GLY J 30 62.45 36.91 -42.03
C GLY J 30 63.33 38.09 -41.64
N GLN J 31 63.25 38.45 -40.36
CA GLN J 31 63.99 39.61 -39.88
C GLN J 31 65.49 39.43 -40.10
N VAL J 32 65.99 38.25 -39.76
CA VAL J 32 67.42 37.98 -39.88
C VAL J 32 67.82 37.80 -41.33
N GLY J 33 67.10 36.95 -42.06
CA GLY J 33 67.40 36.81 -43.46
C GLY J 33 67.53 38.13 -44.19
N MET J 34 66.57 39.04 -43.96
CA MET J 34 66.57 40.29 -44.68
C MET J 34 67.61 41.27 -44.14
N ALA J 35 67.92 41.22 -42.84
CA ALA J 35 69.09 41.97 -42.36
C ALA J 35 70.35 41.51 -43.08
N CYS J 36 70.57 40.19 -43.12
CA CYS J 36 71.71 39.65 -43.86
C CYS J 36 71.69 40.11 -45.31
N ALA J 37 70.54 40.01 -45.97
CA ALA J 37 70.49 40.34 -47.38
C ALA J 37 70.80 41.81 -47.61
N ILE J 38 70.22 42.70 -46.79
CA ILE J 38 70.44 44.12 -47.01
C ILE J 38 71.88 44.51 -46.69
N SER J 39 72.51 43.83 -45.72
CA SER J 39 73.91 44.15 -45.43
C SER J 39 74.84 43.59 -46.50
N ILE J 40 74.60 42.36 -46.95
CA ILE J 40 75.30 41.82 -48.11
C ILE J 40 75.13 42.74 -49.32
N LEU J 41 73.96 43.33 -49.48
CA LEU J 41 73.75 44.17 -50.66
C LEU J 41 74.47 45.50 -50.48
N GLY J 42 74.41 46.05 -49.27
CA GLY J 42 75.05 47.33 -49.00
C GLY J 42 76.54 47.30 -49.22
N LYS J 43 77.15 46.13 -49.03
CA LYS J 43 78.58 46.00 -49.19
C LYS J 43 79.00 45.52 -50.58
N SER J 44 78.05 45.35 -51.51
CA SER J 44 78.36 44.84 -52.85
C SER J 44 79.09 43.49 -52.79
N LEU J 45 78.67 42.64 -51.86
CA LEU J 45 79.35 41.36 -51.68
C LEU J 45 78.85 40.27 -52.63
N ALA J 46 77.68 40.41 -53.23
CA ALA J 46 77.17 39.40 -54.15
C ALA J 46 76.95 39.99 -55.55
N ASP J 47 77.30 39.22 -56.57
CA ASP J 47 76.90 39.57 -57.94
C ASP J 47 75.59 38.91 -58.33
N GLU J 48 75.12 37.97 -57.51
CA GLU J 48 73.80 37.36 -57.64
C GLU J 48 73.36 36.96 -56.24
N LEU J 49 72.17 37.40 -55.82
CA LEU J 49 71.62 37.10 -54.51
C LEU J 49 70.31 36.33 -54.69
N ALA J 50 70.25 35.13 -54.14
CA ALA J 50 69.10 34.26 -54.24
C ALA J 50 68.42 34.14 -52.88
N LEU J 51 67.10 34.30 -52.85
CA LEU J 51 66.32 34.15 -51.64
C LEU J 51 65.42 32.93 -51.74
N VAL J 52 65.32 32.18 -50.65
CA VAL J 52 64.51 30.97 -50.57
C VAL J 52 63.74 31.00 -49.25
N ASP J 53 62.48 30.62 -49.30
CA ASP J 53 61.61 30.56 -48.13
C ASP J 53 60.37 29.77 -48.49
N VAL J 54 59.72 29.22 -47.46
CA VAL J 54 58.47 28.48 -47.67
C VAL J 54 57.27 29.39 -47.87
N LEU J 55 57.38 30.68 -47.59
CA LEU J 55 56.26 31.62 -47.71
C LEU J 55 56.37 32.34 -49.06
N GLU J 56 55.80 31.71 -50.10
CA GLU J 56 55.97 32.18 -51.48
C GLU J 56 55.66 33.66 -51.64
N ASP J 57 54.61 34.15 -50.98
CA ASP J 57 54.18 35.53 -51.18
C ASP J 57 55.17 36.51 -50.55
N LYS J 58 55.49 36.32 -49.27
CA LYS J 58 56.48 37.18 -48.64
C LYS J 58 57.80 37.11 -49.38
N LEU J 59 58.15 35.91 -49.87
CA LEU J 59 59.38 35.75 -50.63
C LEU J 59 59.41 36.67 -51.85
N LYS J 60 58.37 36.58 -52.69
CA LYS J 60 58.34 37.40 -53.90
C LYS J 60 58.32 38.88 -53.55
N GLY J 61 57.56 39.26 -52.51
CA GLY J 61 57.52 40.66 -52.09
C GLY J 61 58.87 41.17 -51.64
N GLU J 62 59.62 40.34 -50.92
CA GLU J 62 60.96 40.75 -50.50
C GLU J 62 61.86 40.93 -51.73
N MET J 63 61.86 39.95 -52.62
CA MET J 63 62.63 40.05 -53.86
C MET J 63 62.31 41.34 -54.60
N MET J 64 61.02 41.62 -54.79
CA MET J 64 60.58 42.80 -55.53
C MET J 64 61.03 44.10 -54.87
N ASP J 65 60.84 44.19 -53.55
CA ASP J 65 61.27 45.39 -52.82
C ASP J 65 62.78 45.61 -52.98
N LEU J 66 63.57 44.53 -52.92
CA LEU J 66 65.00 44.67 -53.14
C LEU J 66 65.32 45.07 -54.58
N GLN J 67 64.62 44.48 -55.55
CA GLN J 67 64.88 44.78 -56.95
C GLN J 67 64.62 46.25 -57.23
N HIS J 68 63.58 46.79 -56.61
CA HIS J 68 63.23 48.19 -56.81
C HIS J 68 64.32 49.14 -56.38
N GLY J 69 65.20 48.73 -55.48
CA GLY J 69 66.32 49.54 -55.07
C GLY J 69 67.58 49.26 -55.84
N SER J 70 67.48 48.45 -56.91
CA SER J 70 68.62 48.07 -57.72
C SER J 70 69.42 49.26 -58.22
N LEU J 71 68.76 50.38 -58.51
CA LEU J 71 69.51 51.56 -58.96
C LEU J 71 70.62 51.94 -57.99
N PHE J 72 70.43 51.62 -56.70
CA PHE J 72 71.32 52.03 -55.62
C PHE J 72 72.29 50.94 -55.23
N LEU J 73 72.36 49.84 -55.98
CA LEU J 73 73.15 48.67 -55.60
C LEU J 73 74.12 48.25 -56.70
N GLN J 74 74.74 47.09 -56.54
CA GLN J 74 75.71 46.54 -57.50
C GLN J 74 75.56 45.03 -57.57
N THR J 75 74.32 44.58 -57.63
CA THR J 75 73.97 43.17 -57.64
C THR J 75 72.95 43.01 -58.76
N PRO J 76 73.41 42.73 -59.98
CA PRO J 76 72.51 42.80 -61.15
C PRO J 76 71.37 41.79 -61.13
N LYS J 77 71.46 40.70 -60.36
CA LYS J 77 70.46 39.64 -60.39
C LYS J 77 70.03 39.29 -58.98
N ILE J 78 68.75 39.45 -58.67
CA ILE J 78 68.15 39.04 -57.41
C ILE J 78 66.98 38.13 -57.74
N VAL J 79 67.09 36.85 -57.38
CA VAL J 79 66.03 35.87 -57.62
C VAL J 79 65.58 35.27 -56.30
N ALA J 80 64.35 34.80 -56.29
CA ALA J 80 63.78 34.20 -55.09
C ALA J 80 62.83 33.08 -55.51
N ASP J 81 62.82 32.00 -54.74
CA ASP J 81 61.95 30.89 -55.08
C ASP J 81 61.95 29.89 -53.94
N LYS J 82 60.77 29.35 -53.62
CA LYS J 82 60.74 28.26 -52.65
C LYS J 82 61.45 27.02 -53.16
N ASP J 83 61.87 27.00 -54.43
CA ASP J 83 62.53 25.86 -55.06
C ASP J 83 64.03 26.09 -55.08
N TYR J 84 64.80 25.12 -54.61
CA TYR J 84 66.22 25.38 -54.39
C TYR J 84 67.02 25.43 -55.68
N SER J 85 66.38 25.20 -56.83
CA SER J 85 67.06 25.46 -58.09
C SER J 85 67.53 26.92 -58.19
N VAL J 86 66.80 27.86 -57.59
CA VAL J 86 67.24 29.26 -57.63
C VAL J 86 68.61 29.42 -57.00
N THR J 87 68.99 28.52 -56.10
CA THR J 87 70.20 28.64 -55.31
C THR J 87 71.41 27.97 -55.95
N ALA J 88 71.31 27.59 -57.22
CA ALA J 88 72.36 26.81 -57.84
C ALA J 88 73.65 27.62 -57.96
N ASN J 89 74.78 26.95 -57.73
CA ASN J 89 76.11 27.54 -57.92
C ASN J 89 76.37 28.71 -56.97
N SER J 90 75.91 28.60 -55.73
CA SER J 90 76.22 29.62 -54.73
C SER J 90 77.61 29.38 -54.17
N LYS J 91 78.38 30.46 -53.99
CA LYS J 91 79.63 30.36 -53.25
C LYS J 91 79.36 30.21 -51.76
N ILE J 92 78.32 30.88 -51.26
CA ILE J 92 77.99 30.96 -49.86
C ILE J 92 76.47 30.89 -49.71
N VAL J 93 76.00 30.03 -48.80
CA VAL J 93 74.60 29.96 -48.43
C VAL J 93 74.49 30.29 -46.94
N VAL J 94 73.83 31.40 -46.62
CA VAL J 94 73.44 31.75 -45.26
C VAL J 94 72.13 31.05 -44.95
N VAL J 95 72.08 30.34 -43.84
CA VAL J 95 70.86 29.65 -43.42
C VAL J 95 70.33 30.36 -42.18
N THR J 96 69.16 30.97 -42.33
CA THR J 96 68.54 31.79 -41.29
C THR J 96 67.13 31.33 -40.96
N ALA J 97 66.69 30.18 -41.45
CA ALA J 97 65.29 29.79 -41.36
C ALA J 97 65.04 28.94 -40.12
N GLY J 98 63.79 28.93 -39.67
CA GLY J 98 63.38 28.20 -38.48
C GLY J 98 62.69 29.08 -37.46
N VAL J 99 62.53 28.54 -36.26
CA VAL J 99 61.87 29.24 -35.18
C VAL J 99 62.91 30.03 -34.40
N ARG J 100 62.54 31.21 -33.92
CA ARG J 100 63.37 31.99 -33.02
C ARG J 100 62.82 31.91 -31.59
N GLN J 101 63.61 32.43 -30.65
CA GLN J 101 63.23 32.43 -29.25
C GLN J 101 61.98 33.25 -29.03
N GLN J 102 61.02 32.68 -28.32
CA GLN J 102 60.03 33.51 -27.66
C GLN J 102 60.69 34.28 -26.52
N GLU J 103 59.99 35.29 -26.02
CA GLU J 103 60.56 36.13 -24.98
C GLU J 103 60.86 35.29 -23.75
N GLY J 104 62.13 35.26 -23.36
CA GLY J 104 62.55 34.49 -22.21
C GLY J 104 62.89 33.03 -22.50
N GLU J 105 62.87 32.62 -23.76
CA GLU J 105 63.13 31.24 -24.14
C GLU J 105 64.60 31.02 -24.43
N SER J 106 65.15 29.92 -23.93
CA SER J 106 66.52 29.56 -24.25
C SER J 106 66.63 29.22 -25.73
N ARG J 107 67.80 29.51 -26.32
CA ARG J 107 68.08 29.03 -27.66
C ARG J 107 68.02 27.52 -27.74
N LEU J 108 68.49 26.84 -26.68
CA LEU J 108 68.59 25.39 -26.75
C LEU J 108 67.22 24.74 -26.84
N ASN J 109 66.19 25.44 -26.36
CA ASN J 109 64.80 24.99 -26.50
C ASN J 109 64.31 24.92 -27.94
N LEU J 110 65.02 25.54 -28.88
CA LEU J 110 64.60 25.49 -30.27
C LEU J 110 65.24 24.35 -31.02
N VAL J 111 66.08 23.56 -30.35
CA VAL J 111 66.88 22.58 -31.09
C VAL J 111 65.99 21.73 -32.00
N GLN J 112 65.06 20.98 -31.40
CA GLN J 112 64.35 19.95 -32.15
C GLN J 112 63.61 20.53 -33.36
N ARG J 113 62.73 21.51 -33.13
CA ARG J 113 62.07 22.14 -34.25
C ARG J 113 63.06 22.48 -35.37
N ASN J 114 64.16 23.13 -35.03
CA ASN J 114 65.04 23.57 -36.11
C ASN J 114 65.82 22.42 -36.70
N VAL J 115 66.15 21.40 -35.90
CA VAL J 115 66.69 20.20 -36.50
C VAL J 115 65.77 19.72 -37.62
N ASN J 116 64.48 19.64 -37.33
CA ASN J 116 63.57 19.16 -38.35
C ASN J 116 63.66 20.06 -39.58
N VAL J 117 63.58 21.37 -39.39
CA VAL J 117 63.68 22.28 -40.52
C VAL J 117 64.94 21.95 -41.30
N PHE J 118 66.06 21.85 -40.59
CA PHE J 118 67.35 21.63 -41.25
C PHE J 118 67.39 20.31 -41.99
N LYS J 119 66.77 19.26 -41.42
CA LYS J 119 66.79 17.95 -42.06
C LYS J 119 66.23 18.02 -43.47
N PHE J 120 65.39 19.02 -43.75
CA PHE J 120 64.84 19.18 -45.09
C PHE J 120 65.67 20.11 -45.94
N ILE J 121 66.23 21.18 -45.37
CA ILE J 121 66.80 22.18 -46.27
C ILE J 121 68.28 21.94 -46.56
N ILE J 122 69.04 21.41 -45.60
CA ILE J 122 70.47 21.22 -45.83
C ILE J 122 70.73 20.36 -47.06
N PRO J 123 70.14 19.18 -47.20
CA PRO J 123 70.30 18.41 -48.45
C PRO J 123 70.06 19.24 -49.70
N GLN J 124 68.90 19.91 -49.76
CA GLN J 124 68.56 20.71 -50.93
C GLN J 124 69.70 21.66 -51.29
N ILE J 125 70.22 22.39 -50.29
CA ILE J 125 71.35 23.29 -50.51
C ILE J 125 72.48 22.54 -51.20
N VAL J 126 72.95 21.46 -50.58
CA VAL J 126 74.07 20.74 -51.17
C VAL J 126 73.70 20.14 -52.52
N LYS J 127 72.40 19.88 -52.75
CA LYS J 127 72.02 19.37 -54.07
C LYS J 127 72.43 20.34 -55.16
N TYR J 128 72.24 21.63 -54.93
CA TYR J 128 72.39 22.60 -56.01
C TYR J 128 73.68 23.40 -55.94
N SER J 129 74.40 23.35 -54.81
CA SER J 129 75.67 24.06 -54.66
C SER J 129 76.65 23.16 -53.93
N PRO J 130 77.02 22.04 -54.56
CA PRO J 130 77.89 21.07 -53.87
C PRO J 130 79.25 21.64 -53.46
N ASP J 131 79.61 22.84 -53.90
CA ASP J 131 80.92 23.43 -53.62
C ASP J 131 80.85 24.65 -52.71
N CYS J 132 79.67 24.97 -52.20
CA CYS J 132 79.45 26.18 -51.43
C CYS J 132 79.91 26.04 -49.98
N ILE J 133 80.18 27.19 -49.37
CA ILE J 133 80.34 27.34 -47.93
C ILE J 133 78.97 27.58 -47.33
N ILE J 134 78.66 26.93 -46.21
CA ILE J 134 77.42 27.18 -45.48
C ILE J 134 77.74 27.98 -44.22
N ILE J 135 76.96 29.04 -43.99
CA ILE J 135 77.01 29.82 -42.76
C ILE J 135 75.68 29.60 -42.05
N VAL J 136 75.71 28.84 -40.95
CA VAL J 136 74.51 28.63 -40.13
C VAL J 136 74.32 29.84 -39.23
N VAL J 137 73.09 30.37 -39.20
CA VAL J 137 72.72 31.45 -38.29
C VAL J 137 71.63 31.01 -37.33
N SER J 138 70.69 30.17 -37.80
CA SER J 138 69.53 29.79 -37.01
C SER J 138 69.96 29.16 -35.68
N ASN J 139 69.07 29.24 -34.71
CA ASN J 139 69.45 28.83 -33.36
C ASN J 139 68.88 27.46 -33.00
N PRO J 140 69.55 26.71 -32.10
CA PRO J 140 70.84 27.08 -31.52
C PRO J 140 71.99 26.91 -32.49
N VAL J 141 72.70 28.00 -32.76
CA VAL J 141 73.62 28.08 -33.89
C VAL J 141 74.72 27.02 -33.82
N ASP J 142 75.22 26.71 -32.62
CA ASP J 142 76.31 25.73 -32.56
C ASP J 142 75.80 24.32 -32.83
N ILE J 143 74.64 23.97 -32.26
CA ILE J 143 74.08 22.65 -32.51
C ILE J 143 73.67 22.53 -33.97
N LEU J 144 73.07 23.57 -34.53
CA LEU J 144 72.65 23.55 -35.92
C LEU J 144 73.84 23.55 -36.88
N THR J 145 75.00 24.07 -36.45
CA THR J 145 76.19 23.96 -37.28
C THR J 145 76.73 22.54 -37.28
N TYR J 146 76.73 21.90 -36.10
CA TYR J 146 77.08 20.48 -36.05
C TYR J 146 76.13 19.65 -36.92
N VAL J 147 74.84 19.95 -36.86
CA VAL J 147 73.85 19.17 -37.58
C VAL J 147 73.97 19.39 -39.09
N THR J 148 74.27 20.63 -39.50
CA THR J 148 74.56 20.91 -40.90
C THR J 148 75.81 20.17 -41.36
N TRP J 149 76.85 20.17 -40.54
CA TRP J 149 78.03 19.38 -40.86
C TRP J 149 77.66 17.94 -41.18
N LYS J 150 76.93 17.30 -40.26
CA LYS J 150 76.57 15.90 -40.44
C LYS J 150 75.71 15.69 -41.69
N LEU J 151 74.57 16.39 -41.76
CA LEU J 151 73.65 16.22 -42.88
C LEU J 151 74.25 16.59 -44.23
N SER J 152 75.34 17.35 -44.25
CA SER J 152 75.82 17.90 -45.51
C SER J 152 76.94 17.09 -46.14
N GLY J 153 77.71 16.33 -45.35
CA GLY J 153 78.89 15.71 -45.87
C GLY J 153 79.98 16.68 -46.29
N LEU J 154 79.75 17.98 -46.17
CA LEU J 154 80.78 18.95 -46.50
C LEU J 154 81.98 18.75 -45.57
N PRO J 155 83.17 19.13 -46.03
CA PRO J 155 84.32 19.19 -45.11
C PRO J 155 84.15 20.29 -44.08
N LYS J 156 84.69 20.05 -42.88
CA LYS J 156 84.66 20.99 -41.77
C LYS J 156 84.87 22.44 -42.21
N HIS J 157 85.84 22.67 -43.10
CA HIS J 157 86.19 24.06 -43.42
C HIS J 157 85.08 24.80 -44.16
N ARG J 158 84.06 24.10 -44.64
CA ARG J 158 83.02 24.74 -45.44
C ARG J 158 81.69 24.80 -44.71
N VAL J 159 81.70 24.64 -43.39
CA VAL J 159 80.51 24.61 -42.56
C VAL J 159 80.80 25.48 -41.34
N ILE J 160 80.23 26.69 -41.32
CA ILE J 160 80.53 27.70 -40.31
C ILE J 160 79.23 28.13 -39.64
N GLY J 161 79.25 28.27 -38.32
CA GLY J 161 78.15 28.89 -37.59
C GLY J 161 78.52 30.32 -37.24
N SER J 162 77.54 31.22 -37.30
CA SER J 162 77.88 32.60 -37.01
C SER J 162 78.41 32.77 -35.58
N GLY J 163 78.15 31.79 -34.70
CA GLY J 163 78.88 31.68 -33.44
C GLY J 163 78.93 32.97 -32.63
N CYS J 164 80.12 33.31 -32.13
CA CYS J 164 80.27 34.40 -31.18
C CYS J 164 80.82 35.68 -31.81
N ASN J 165 80.89 35.75 -33.14
CA ASN J 165 81.25 37.01 -33.77
C ASN J 165 80.38 38.15 -33.25
N LEU J 166 79.08 37.87 -33.07
CA LEU J 166 78.17 38.87 -32.55
C LEU J 166 78.30 39.06 -31.04
N ASP J 167 78.43 37.96 -30.29
CA ASP J 167 78.68 38.10 -28.86
C ASP J 167 79.90 38.97 -28.61
N SER J 168 80.95 38.78 -29.42
CA SER J 168 82.18 39.55 -29.25
C SER J 168 82.02 40.97 -29.77
N ALA J 169 81.24 41.18 -30.83
CA ALA J 169 80.92 42.55 -31.22
C ALA J 169 80.25 43.29 -30.07
N ARG J 170 79.33 42.61 -29.37
CA ARG J 170 78.64 43.22 -28.24
C ARG J 170 79.61 43.48 -27.09
N PHE J 171 80.44 42.49 -26.79
CA PHE J 171 81.51 42.63 -25.81
C PHE J 171 82.33 43.89 -26.08
N ARG J 172 82.85 44.01 -27.30
CA ARG J 172 83.72 45.12 -27.64
C ARG J 172 82.98 46.46 -27.63
N TYR J 173 81.70 46.48 -28.02
CA TYR J 173 80.94 47.72 -27.90
C TYR J 173 80.80 48.14 -26.44
N LEU J 174 80.43 47.20 -25.55
CA LEU J 174 80.30 47.57 -24.14
C LEU J 174 81.65 48.00 -23.57
N MET J 175 82.72 47.34 -24.00
CA MET J 175 84.09 47.73 -23.68
C MET J 175 84.36 49.19 -24.07
N ALA J 176 84.02 49.54 -25.31
CA ALA J 176 84.27 50.88 -25.81
C ALA J 176 83.39 51.91 -25.11
N GLU J 177 82.19 51.52 -24.70
CA GLU J 177 81.35 52.47 -23.95
C GLU J 177 82.04 52.86 -22.66
N LYS J 178 82.65 51.89 -21.98
CA LYS J 178 83.28 52.17 -20.69
C LYS J 178 84.52 53.03 -20.87
N LEU J 179 85.26 52.82 -21.95
CA LEU J 179 86.58 53.39 -22.12
C LEU J 179 86.62 54.59 -23.06
N GLY J 180 85.53 54.87 -23.78
CA GLY J 180 85.54 55.99 -24.72
C GLY J 180 86.35 55.77 -25.98
N ILE J 181 86.50 54.53 -26.42
CA ILE J 181 87.25 54.20 -27.62
C ILE J 181 86.28 53.65 -28.65
N HIS J 182 86.69 53.64 -29.91
CA HIS J 182 85.92 52.92 -30.91
C HIS J 182 86.05 51.41 -30.68
N PRO J 183 84.96 50.65 -30.80
CA PRO J 183 85.04 49.23 -30.47
C PRO J 183 86.10 48.47 -31.23
N SER J 184 86.49 48.97 -32.42
CA SER J 184 87.54 48.30 -33.19
C SER J 184 88.92 48.44 -32.55
N SER J 185 89.14 49.48 -31.76
CA SER J 185 90.41 49.63 -31.04
C SER J 185 90.37 48.92 -29.68
N CYS J 186 89.24 48.28 -29.34
CA CYS J 186 89.07 47.52 -28.11
C CYS J 186 89.04 46.04 -28.49
N HIS J 187 89.91 45.23 -27.91
CA HIS J 187 89.99 43.83 -28.26
C HIS J 187 89.57 42.93 -27.10
N GLY J 188 88.95 41.81 -27.46
CA GLY J 188 88.36 40.91 -26.50
C GLY J 188 87.52 39.86 -27.21
N TRP J 189 87.51 38.64 -26.66
CA TRP J 189 86.91 37.50 -27.33
C TRP J 189 85.91 36.84 -26.38
N ILE J 190 84.66 36.76 -26.83
CA ILE J 190 83.64 35.91 -26.23
C ILE J 190 83.61 34.64 -27.05
N LEU J 191 83.76 33.51 -26.37
CA LEU J 191 83.93 32.20 -27.00
C LEU J 191 82.89 31.21 -26.47
N GLY J 192 82.97 29.97 -26.95
CA GLY J 192 82.08 28.92 -26.50
C GLY J 192 80.70 28.98 -27.16
N GLU J 193 79.66 28.61 -26.43
CA GLU J 193 78.28 28.65 -26.94
C GLU J 193 77.83 30.07 -27.26
N HIS J 194 77.24 30.25 -28.46
CA HIS J 194 76.50 31.49 -28.72
C HIS J 194 75.26 31.44 -27.83
N GLY J 195 75.46 31.71 -26.54
CA GLY J 195 74.36 31.68 -25.59
C GLY J 195 74.81 31.83 -24.14
N ASP J 196 74.03 31.24 -23.22
CA ASP J 196 74.20 31.50 -21.79
C ASP J 196 75.55 31.06 -21.27
N SER J 197 76.19 30.10 -21.95
CA SER J 197 77.38 29.45 -21.43
C SER J 197 78.66 30.00 -22.06
N SER J 198 78.60 31.17 -22.69
CA SER J 198 79.75 31.71 -23.40
C SER J 198 80.88 32.06 -22.42
N VAL J 199 82.08 32.13 -22.97
CA VAL J 199 83.29 32.35 -22.19
C VAL J 199 83.87 33.69 -22.59
N ALA J 200 83.96 34.61 -21.63
CA ALA J 200 84.70 35.85 -21.82
C ALA J 200 86.17 35.57 -21.52
N VAL J 201 87.03 35.68 -22.54
CA VAL J 201 88.45 35.40 -22.31
C VAL J 201 89.13 36.64 -21.75
N TRP J 202 88.98 36.86 -20.44
CA TRP J 202 89.49 38.10 -19.84
C TRP J 202 90.98 38.26 -20.11
N SER J 203 91.73 37.15 -20.13
CA SER J 203 93.17 37.25 -20.34
C SER J 203 93.54 37.85 -21.68
N GLY J 204 92.61 37.88 -22.64
CA GLY J 204 92.91 38.43 -23.95
C GLY J 204 92.45 39.86 -24.16
N VAL J 205 91.69 40.40 -23.22
CA VAL J 205 91.10 41.72 -23.38
C VAL J 205 92.19 42.78 -23.30
N ASN J 206 92.33 43.58 -24.36
CA ASN J 206 93.45 44.50 -24.44
C ASN J 206 93.14 45.69 -25.33
N VAL J 207 93.76 46.83 -25.00
CA VAL J 207 93.72 48.04 -25.80
C VAL J 207 95.16 48.38 -26.18
N ALA J 208 95.43 48.43 -27.49
CA ALA J 208 96.76 48.76 -27.97
C ALA J 208 97.79 47.75 -27.48
N GLY J 209 97.37 46.50 -27.28
CA GLY J 209 98.22 45.49 -26.72
C GLY J 209 98.41 45.56 -25.22
N VAL J 210 97.78 46.52 -24.53
CA VAL J 210 97.84 46.58 -23.08
C VAL J 210 96.76 45.68 -22.49
N SER J 211 97.19 44.63 -21.79
CA SER J 211 96.26 43.70 -21.15
C SER J 211 95.52 44.39 -20.02
N LEU J 212 94.20 44.54 -20.18
CA LEU J 212 93.38 45.18 -19.16
C LEU J 212 93.35 44.40 -17.86
N GLN J 213 93.63 43.09 -17.92
CA GLN J 213 93.70 42.31 -16.70
C GLN J 213 94.95 42.67 -15.91
N GLU J 214 96.07 42.91 -16.60
CA GLU J 214 97.28 43.34 -15.90
C GLU J 214 97.03 44.64 -15.12
N LEU J 215 96.09 45.47 -15.56
CA LEU J 215 95.74 46.66 -14.81
C LEU J 215 94.63 46.45 -13.80
N ASN J 216 93.80 45.44 -13.99
CA ASN J 216 92.65 45.16 -13.11
C ASN J 216 92.68 43.68 -12.86
N PRO J 217 93.55 43.22 -11.97
CA PRO J 217 93.74 41.78 -11.78
C PRO J 217 92.49 41.05 -11.36
N GLU J 218 91.58 41.72 -10.66
CA GLU J 218 90.33 41.07 -10.29
C GLU J 218 89.32 41.02 -11.44
N MET J 219 89.66 41.60 -12.60
CA MET J 219 88.80 41.52 -13.77
C MET J 219 88.34 40.09 -13.99
N GLY J 220 87.02 39.88 -13.93
CA GLY J 220 86.42 38.58 -14.13
C GLY J 220 85.96 37.91 -12.86
N THR J 221 86.48 38.32 -11.71
CA THR J 221 86.14 37.73 -10.44
C THR J 221 84.96 38.47 -9.80
N ASP J 222 84.49 37.96 -8.67
CA ASP J 222 83.30 38.49 -8.04
C ASP J 222 83.59 39.65 -7.10
N ASN J 223 84.84 39.85 -6.70
CA ASN J 223 85.26 41.04 -5.99
C ASN J 223 86.12 41.85 -6.96
N ASP J 224 85.44 42.54 -7.87
CA ASP J 224 86.07 43.37 -8.89
C ASP J 224 85.51 44.78 -8.73
N SER J 225 86.38 45.73 -8.38
CA SER J 225 85.93 47.10 -8.16
C SER J 225 85.10 47.61 -9.34
N GLU J 226 85.49 47.22 -10.56
CA GLU J 226 84.93 47.76 -11.79
C GLU J 226 83.97 46.78 -12.48
N ASN J 227 83.46 45.80 -11.73
CA ASN J 227 82.54 44.76 -12.23
C ASN J 227 82.57 44.56 -13.74
N TRP J 228 83.57 43.82 -14.22
CA TRP J 228 83.64 43.39 -15.60
C TRP J 228 82.82 42.14 -15.86
N LYS J 229 82.70 41.29 -14.83
CA LYS J 229 81.80 40.16 -14.92
C LYS J 229 80.40 40.63 -15.32
N GLU J 230 80.02 41.83 -14.91
CA GLU J 230 78.74 42.39 -15.31
C GLU J 230 78.70 42.74 -16.79
N VAL J 231 79.83 43.11 -17.39
CA VAL J 231 79.86 43.31 -18.84
C VAL J 231 79.63 41.98 -19.55
N HIS J 232 80.35 40.94 -19.15
CA HIS J 232 80.07 39.63 -19.74
C HIS J 232 78.60 39.26 -19.55
N LYS J 233 78.04 39.61 -18.38
CA LYS J 233 76.63 39.34 -18.10
C LYS J 233 75.73 40.07 -19.11
N MET J 234 75.99 41.36 -19.32
CA MET J 234 75.24 42.13 -20.30
C MET J 234 75.28 41.46 -21.67
N VAL J 235 76.44 40.95 -22.06
CA VAL J 235 76.55 40.23 -23.34
C VAL J 235 75.62 39.02 -23.35
N VAL J 236 75.69 38.20 -22.30
CA VAL J 236 74.83 37.01 -22.26
C VAL J 236 73.36 37.41 -22.32
N GLU J 237 73.01 38.56 -21.78
CA GLU J 237 71.61 38.92 -21.65
C GLU J 237 71.08 39.74 -22.81
N SER J 238 71.97 40.31 -23.63
CA SER J 238 71.56 41.28 -24.64
C SER J 238 70.45 40.75 -25.54
N ALA J 239 70.52 39.47 -25.91
CA ALA J 239 69.49 38.92 -26.80
C ALA J 239 68.13 38.96 -26.12
N TYR J 240 68.06 38.51 -24.85
CA TYR J 240 66.80 38.53 -24.12
C TYR J 240 66.29 39.96 -23.96
N GLU J 241 67.18 40.90 -23.67
CA GLU J 241 66.74 42.29 -23.50
C GLU J 241 66.13 42.83 -24.78
N VAL J 242 66.84 42.65 -25.90
CA VAL J 242 66.35 43.20 -27.16
C VAL J 242 65.09 42.48 -27.62
N ILE J 243 64.98 41.18 -27.36
CA ILE J 243 63.77 40.44 -27.70
C ILE J 243 62.58 40.93 -26.88
N LYS J 244 62.82 41.23 -25.59
CA LYS J 244 61.76 41.79 -24.78
C LYS J 244 61.34 43.15 -25.29
N LEU J 245 62.27 43.93 -25.83
CA LEU J 245 61.92 45.28 -26.24
C LEU J 245 61.28 45.34 -27.63
N LYS J 246 61.78 44.54 -28.59
CA LYS J 246 61.37 44.64 -29.99
C LYS J 246 61.04 43.29 -30.60
N GLY J 247 61.02 42.21 -29.80
CA GLY J 247 60.49 40.93 -30.21
C GLY J 247 61.50 39.99 -30.84
N TYR J 248 62.61 40.51 -31.35
CA TYR J 248 63.62 39.73 -32.05
C TYR J 248 64.86 40.60 -32.15
N THR J 249 65.96 40.01 -32.61
CA THR J 249 67.13 40.79 -32.96
C THR J 249 67.46 40.55 -34.43
N ASN J 250 68.04 41.54 -35.11
CA ASN J 250 68.39 41.27 -36.50
C ASN J 250 69.48 42.15 -37.09
N TRP J 251 69.53 43.45 -36.76
CA TRP J 251 70.49 44.32 -37.44
C TRP J 251 71.94 43.94 -37.13
N ALA J 252 72.23 43.63 -35.86
CA ALA J 252 73.61 43.33 -35.50
C ALA J 252 74.06 42.01 -36.08
N ILE J 253 73.18 41.01 -36.09
CA ILE J 253 73.57 39.75 -36.68
C ILE J 253 73.68 39.91 -38.20
N GLY J 254 72.79 40.70 -38.81
CA GLY J 254 72.97 41.00 -40.22
C GLY J 254 74.35 41.51 -40.54
N LEU J 255 74.82 42.48 -39.75
CA LEU J 255 76.15 43.05 -39.98
C LEU J 255 77.26 42.06 -39.68
N SER J 256 77.14 41.27 -38.62
CA SER J 256 78.12 40.22 -38.31
C SER J 256 78.28 39.26 -39.48
N VAL J 257 77.15 38.81 -40.05
CA VAL J 257 77.20 37.87 -41.17
C VAL J 257 77.84 38.54 -42.38
N ALA J 258 77.49 39.79 -42.67
CA ALA J 258 78.21 40.55 -43.69
C ALA J 258 79.73 40.54 -43.44
N ASP J 259 80.14 40.79 -42.20
CA ASP J 259 81.57 40.83 -41.88
C ASP J 259 82.25 39.51 -42.24
N LEU J 260 81.62 38.39 -41.86
CA LEU J 260 82.17 37.07 -42.19
C LEU J 260 82.23 36.85 -43.70
N ILE J 261 81.15 37.16 -44.40
CA ILE J 261 81.14 36.95 -45.84
C ILE J 261 82.24 37.76 -46.49
N GLU J 262 82.42 39.01 -46.05
CA GLU J 262 83.44 39.85 -46.64
C GLU J 262 84.83 39.24 -46.45
N SER J 263 85.12 38.75 -45.25
CA SER J 263 86.43 38.14 -45.07
C SER J 263 86.62 36.96 -46.01
N MET J 264 85.54 36.21 -46.29
CA MET J 264 85.71 35.01 -47.13
C MET J 264 85.79 35.32 -48.62
N LEU J 265 84.80 36.05 -49.16
CA LEU J 265 84.78 36.37 -50.59
C LEU J 265 85.92 37.29 -51.00
N LYS J 266 86.54 38.01 -50.08
CA LYS J 266 87.72 38.80 -50.40
C LYS J 266 89.02 38.10 -50.04
N ASN J 267 88.96 36.87 -49.53
CA ASN J 267 90.15 36.05 -49.25
C ASN J 267 91.08 36.74 -48.25
N LEU J 268 90.52 37.39 -47.24
CA LEU J 268 91.33 38.19 -46.32
C LEU J 268 92.12 37.37 -45.29
N SER J 269 91.74 36.14 -45.00
CA SER J 269 92.33 35.40 -43.88
C SER J 269 92.26 36.23 -42.60
N ARG J 270 91.07 36.71 -42.30
CA ARG J 270 90.90 37.46 -41.05
C ARG J 270 90.34 36.54 -39.98
N ILE J 271 90.54 36.94 -38.74
CA ILE J 271 90.24 36.05 -37.62
C ILE J 271 88.93 36.47 -36.98
N HIS J 272 88.00 35.53 -36.89
CA HIS J 272 86.69 35.79 -36.34
C HIS J 272 86.35 34.69 -35.34
N PRO J 273 85.66 34.99 -34.26
CA PRO J 273 85.19 33.91 -33.37
C PRO J 273 83.93 33.29 -33.93
N VAL J 274 84.06 32.08 -34.47
CA VAL J 274 82.95 31.43 -35.15
C VAL J 274 82.92 29.98 -34.71
N SER J 275 81.75 29.36 -34.94
CA SER J 275 81.43 28.03 -34.45
C SER J 275 82.07 26.98 -35.34
N THR J 276 82.88 26.10 -34.75
CA THR J 276 83.51 25.02 -35.50
C THR J 276 83.68 23.80 -34.59
N MET J 277 84.21 22.73 -35.18
CA MET J 277 84.38 21.44 -34.53
C MET J 277 85.65 21.47 -33.68
N VAL J 278 85.50 21.41 -32.36
CA VAL J 278 86.58 21.66 -31.42
C VAL J 278 87.06 20.37 -30.76
N LYS J 279 86.84 19.22 -31.37
CA LYS J 279 87.28 17.98 -30.72
C LYS J 279 88.80 17.96 -30.65
N GLY J 280 89.32 17.62 -29.48
CA GLY J 280 90.76 17.57 -29.26
C GLY J 280 91.35 18.82 -28.68
N MET J 281 90.53 19.83 -28.40
CA MET J 281 91.02 21.12 -27.93
C MET J 281 90.53 21.37 -26.52
N TYR J 282 91.45 21.77 -25.64
CA TYR J 282 91.10 22.18 -24.28
C TYR J 282 90.48 21.05 -23.49
N GLY J 283 90.86 19.82 -23.82
CA GLY J 283 90.30 18.65 -23.15
C GLY J 283 88.96 18.21 -23.65
N ILE J 284 88.45 18.79 -24.74
CA ILE J 284 87.09 18.50 -25.19
C ILE J 284 87.09 17.19 -25.95
N GLU J 285 86.19 16.29 -25.58
CA GLU J 285 86.31 14.89 -25.97
C GLU J 285 85.45 14.49 -27.16
N ASN J 286 84.40 15.24 -27.46
CA ASN J 286 83.46 14.84 -28.49
C ASN J 286 83.41 15.89 -29.58
N GLU J 287 82.72 15.56 -30.67
CA GLU J 287 82.66 16.44 -31.82
C GLU J 287 81.77 17.64 -31.57
N VAL J 288 82.02 18.36 -30.48
CA VAL J 288 81.24 19.56 -30.17
C VAL J 288 81.53 20.64 -31.19
N PHE J 289 80.56 21.52 -31.38
CA PHE J 289 80.77 22.73 -32.16
C PHE J 289 80.60 23.91 -31.22
N LEU J 290 81.58 24.81 -31.24
CA LEU J 290 81.45 26.06 -30.49
C LEU J 290 82.46 27.05 -31.04
N SER J 291 82.35 28.29 -30.57
CA SER J 291 83.08 29.38 -31.19
C SER J 291 84.52 29.44 -30.69
N LEU J 292 85.44 29.50 -31.63
CA LEU J 292 86.82 29.81 -31.31
C LEU J 292 87.32 30.82 -32.34
N PRO J 293 88.51 31.40 -32.13
CA PRO J 293 89.07 32.28 -33.16
C PRO J 293 89.53 31.46 -34.35
N CYS J 294 89.00 31.77 -35.53
CA CYS J 294 89.28 31.02 -36.74
C CYS J 294 89.68 31.98 -37.87
N ILE J 295 90.48 31.46 -38.79
CA ILE J 295 90.90 32.21 -39.96
C ILE J 295 89.89 31.94 -41.07
N LEU J 296 89.44 33.01 -41.72
CA LEU J 296 88.44 32.92 -42.77
C LEU J 296 89.00 33.57 -44.03
N ASN J 297 88.94 32.82 -45.12
CA ASN J 297 89.34 33.30 -46.44
C ASN J 297 88.43 32.64 -47.49
N ALA J 298 88.89 32.63 -48.74
CA ALA J 298 88.00 32.18 -49.82
C ALA J 298 87.66 30.69 -49.69
N ARG J 299 88.56 29.89 -49.11
CA ARG J 299 88.27 28.48 -48.88
C ARG J 299 87.37 28.24 -47.68
N GLY J 300 87.02 29.28 -46.92
CA GLY J 300 86.18 29.12 -45.75
C GLY J 300 86.93 29.28 -44.44
N LEU J 301 86.77 28.30 -43.55
CA LEU J 301 87.42 28.30 -42.23
C LEU J 301 88.58 27.31 -42.27
N THR J 302 89.80 27.82 -42.46
CA THR J 302 90.96 26.98 -42.73
C THR J 302 91.84 26.70 -41.52
N SER J 303 91.71 27.46 -40.43
CA SER J 303 92.60 27.28 -39.29
C SER J 303 91.95 27.84 -38.02
N VAL J 304 92.38 27.30 -36.88
CA VAL J 304 91.97 27.78 -35.56
C VAL J 304 93.18 28.29 -34.80
N ILE J 305 93.00 29.36 -34.04
CA ILE J 305 94.08 29.90 -33.21
C ILE J 305 94.12 29.14 -31.89
N ASN J 306 95.26 28.54 -31.59
CA ASN J 306 95.50 28.01 -30.25
C ASN J 306 95.73 29.16 -29.29
N GLN J 307 95.09 29.12 -28.13
CA GLN J 307 95.23 30.16 -27.12
C GLN J 307 95.70 29.57 -25.79
N LYS J 308 96.48 30.36 -25.06
CA LYS J 308 96.92 29.98 -23.71
C LYS J 308 95.90 30.50 -22.71
N LEU J 309 94.76 29.80 -22.65
CA LEU J 309 93.69 30.20 -21.76
C LEU J 309 94.09 29.97 -20.31
N LYS J 310 93.44 30.70 -19.42
CA LYS J 310 93.63 30.49 -17.99
C LYS J 310 92.84 29.27 -17.54
N ASP J 311 93.13 28.83 -16.31
CA ASP J 311 92.45 27.65 -15.78
C ASP J 311 90.95 27.88 -15.65
N ASP J 312 90.56 29.08 -15.18
CA ASP J 312 89.15 29.40 -15.08
C ASP J 312 88.50 29.47 -16.46
N GLU J 313 89.19 30.05 -17.44
CA GLU J 313 88.63 30.16 -18.79
C GLU J 313 88.50 28.79 -19.44
N VAL J 314 89.52 27.95 -19.31
CA VAL J 314 89.41 26.56 -19.76
C VAL J 314 88.21 25.89 -19.12
N ALA J 315 88.04 26.07 -17.80
CA ALA J 315 86.93 25.42 -17.12
C ALA J 315 85.59 25.90 -17.66
N GLN J 316 85.45 27.21 -17.85
CA GLN J 316 84.20 27.73 -18.38
C GLN J 316 83.94 27.20 -19.79
N LEU J 317 84.99 27.11 -20.61
CA LEU J 317 84.84 26.58 -21.96
C LEU J 317 84.37 25.14 -21.92
N LYS J 318 84.95 24.35 -21.01
CA LYS J 318 84.52 22.95 -20.88
C LYS J 318 83.07 22.88 -20.42
N LYS J 319 82.66 23.78 -19.52
CA LYS J 319 81.26 23.89 -19.15
C LYS J 319 80.39 24.10 -20.39
N SER J 320 80.81 25.01 -21.26
CA SER J 320 80.06 25.29 -22.47
C SER J 320 79.99 24.04 -23.35
N ALA J 321 81.11 23.36 -23.51
CA ALA J 321 81.15 22.13 -24.31
C ALA J 321 80.24 21.06 -23.73
N ASP J 322 80.21 20.92 -22.41
CA ASP J 322 79.35 19.92 -21.79
C ASP J 322 77.87 20.26 -21.98
N THR J 323 77.52 21.54 -21.79
CA THR J 323 76.16 21.98 -22.08
C THR J 323 75.77 21.62 -23.52
N LEU J 324 76.69 21.75 -24.47
CA LEU J 324 76.33 21.50 -25.87
C LEU J 324 76.30 20.01 -26.20
N TRP J 325 77.24 19.24 -25.68
CA TRP J 325 77.23 17.80 -25.93
C TRP J 325 76.01 17.13 -25.29
N ASP J 326 75.55 17.64 -24.15
CA ASP J 326 74.35 17.12 -23.52
C ASP J 326 73.19 17.07 -24.52
N ILE J 327 73.14 18.02 -25.46
CA ILE J 327 72.15 17.97 -26.53
C ILE J 327 72.64 17.09 -27.68
N GLN J 328 73.89 17.29 -28.10
CA GLN J 328 74.37 16.65 -29.31
C GLN J 328 74.29 15.12 -29.23
N LYS J 329 74.64 14.55 -28.09
CA LYS J 329 74.80 13.10 -27.97
C LYS J 329 73.52 12.33 -28.30
N ASP J 330 72.36 12.98 -28.23
CA ASP J 330 71.10 12.29 -28.38
C ASP J 330 70.45 12.48 -29.76
N LEU J 331 71.09 13.19 -30.68
CA LEU J 331 70.51 13.47 -31.98
C LEU J 331 70.64 12.27 -32.92
N LYS J 332 69.59 12.02 -33.71
CA LYS J 332 69.53 10.89 -34.64
C LYS J 332 69.42 11.42 -36.07
N ASP J 333 70.56 11.60 -36.71
CA ASP J 333 70.64 12.17 -38.06
C ASP J 333 70.79 11.08 -39.16
N ALA K 2 -83.99 5.14 44.36
CA ALA K 2 -83.93 4.96 42.91
C ALA K 2 -85.22 5.41 42.26
N THR K 3 -85.95 4.46 41.67
CA THR K 3 -87.29 4.71 41.20
C THR K 3 -88.14 3.46 41.43
N LEU K 4 -87.58 2.29 41.11
CA LEU K 4 -88.24 1.06 41.52
C LEU K 4 -88.20 0.92 43.03
N LYS K 5 -87.05 1.20 43.64
CA LYS K 5 -86.97 1.23 45.09
C LYS K 5 -87.96 2.23 45.67
N GLU K 6 -87.91 3.48 45.19
CA GLU K 6 -88.87 4.49 45.63
C GLU K 6 -90.31 4.03 45.39
N LYS K 7 -90.56 3.42 44.24
CA LYS K 7 -91.89 2.87 43.99
C LYS K 7 -92.30 1.89 45.08
N LEU K 8 -91.36 1.03 45.49
CA LEU K 8 -91.67 -0.15 46.28
C LEU K 8 -91.52 0.07 47.78
N ILE K 9 -90.58 0.92 48.20
CA ILE K 9 -90.25 1.13 49.61
C ILE K 9 -90.79 2.49 50.04
N ALA K 10 -91.66 2.48 51.05
CA ALA K 10 -92.13 3.72 51.67
C ALA K 10 -91.48 3.87 53.04
N PRO K 11 -90.63 4.87 53.24
CA PRO K 11 -89.86 4.94 54.50
C PRO K 11 -90.75 5.18 55.70
N VAL K 12 -90.38 4.55 56.81
CA VAL K 12 -90.96 4.84 58.12
C VAL K 12 -89.99 5.65 58.98
N ALA K 13 -88.74 5.23 59.03
CA ALA K 13 -87.68 5.98 59.68
C ALA K 13 -86.87 6.72 58.63
N GLU K 14 -86.23 7.79 59.06
CA GLU K 14 -85.32 8.52 58.17
C GLU K 14 -84.01 7.76 58.04
N GLU K 15 -83.48 7.71 56.82
CA GLU K 15 -82.22 7.01 56.56
C GLU K 15 -81.10 7.61 57.40
N GLU K 16 -80.42 6.77 58.18
CA GLU K 16 -79.47 7.24 59.18
C GLU K 16 -78.18 6.44 59.10
N ALA K 17 -77.16 6.93 59.80
CA ALA K 17 -75.85 6.29 59.87
C ALA K 17 -75.92 5.12 60.86
N THR K 18 -75.87 3.90 60.33
CA THR K 18 -76.04 2.69 61.13
C THR K 18 -74.67 2.13 61.51
N VAL K 19 -74.41 2.05 62.81
CA VAL K 19 -73.12 1.58 63.33
C VAL K 19 -73.26 0.12 63.72
N PRO K 20 -72.39 -0.77 63.23
CA PRO K 20 -72.58 -2.21 63.51
C PRO K 20 -72.42 -2.54 64.98
N ASN K 21 -73.02 -3.67 65.35
CA ASN K 21 -73.08 -4.12 66.74
C ASN K 21 -72.24 -5.35 67.02
N ASN K 22 -72.05 -6.25 66.05
CA ASN K 22 -71.21 -7.43 66.21
C ASN K 22 -70.26 -7.54 65.01
N LYS K 23 -69.46 -6.49 64.80
CA LYS K 23 -68.53 -6.49 63.70
C LYS K 23 -67.27 -7.30 64.03
N ILE K 24 -66.87 -8.09 63.04
CA ILE K 24 -65.71 -8.96 63.13
C ILE K 24 -64.87 -8.72 61.88
N THR K 25 -63.58 -8.47 62.07
CA THR K 25 -62.63 -8.35 60.97
C THR K 25 -61.71 -9.55 60.97
N VAL K 26 -61.55 -10.19 59.80
CA VAL K 26 -60.54 -11.23 59.61
C VAL K 26 -59.45 -10.69 58.71
N VAL K 27 -58.22 -10.70 59.22
CA VAL K 27 -57.02 -10.17 58.56
C VAL K 27 -56.20 -11.34 58.08
N GLY K 28 -56.05 -11.44 56.75
CA GLY K 28 -55.46 -12.60 56.13
C GLY K 28 -56.51 -13.51 55.52
N VAL K 29 -56.72 -13.39 54.21
CA VAL K 29 -57.76 -14.15 53.54
C VAL K 29 -57.17 -15.46 53.03
N GLY K 30 -56.29 -16.08 53.83
CA GLY K 30 -55.66 -17.33 53.46
C GLY K 30 -56.48 -18.53 53.89
N GLN K 31 -55.83 -19.70 53.87
CA GLN K 31 -56.49 -20.93 54.31
C GLN K 31 -57.10 -20.75 55.69
N VAL K 32 -56.30 -20.24 56.63
CA VAL K 32 -56.79 -20.06 57.98
C VAL K 32 -57.85 -18.96 58.02
N GLY K 33 -57.56 -17.81 57.40
CA GLY K 33 -58.50 -16.71 57.45
C GLY K 33 -59.88 -17.09 56.95
N MET K 34 -59.93 -17.83 55.85
CA MET K 34 -61.24 -18.22 55.32
C MET K 34 -61.87 -19.35 56.12
N ALA K 35 -61.06 -20.24 56.70
CA ALA K 35 -61.66 -21.20 57.64
C ALA K 35 -62.35 -20.46 58.78
N CYS K 36 -61.68 -19.44 59.33
CA CYS K 36 -62.31 -18.64 60.36
C CYS K 36 -63.55 -17.92 59.81
N ALA K 37 -63.43 -17.31 58.64
CA ALA K 37 -64.52 -16.53 58.09
C ALA K 37 -65.78 -17.39 57.93
N ILE K 38 -65.65 -18.57 57.29
CA ILE K 38 -66.81 -19.40 57.02
C ILE K 38 -67.35 -20.02 58.31
N SER K 39 -66.48 -20.31 59.29
CA SER K 39 -67.00 -20.76 60.57
C SER K 39 -67.76 -19.65 61.28
N ILE K 40 -67.21 -18.43 61.28
CA ILE K 40 -67.89 -17.30 61.92
C ILE K 40 -69.24 -17.08 61.26
N LEU K 41 -69.27 -17.13 59.92
CA LEU K 41 -70.52 -16.93 59.19
C LEU K 41 -71.51 -18.05 59.50
N GLY K 42 -71.03 -19.29 59.60
CA GLY K 42 -71.92 -20.42 59.82
C GLY K 42 -72.67 -20.35 61.14
N LYS K 43 -72.06 -19.79 62.17
CA LYS K 43 -72.67 -19.62 63.47
C LYS K 43 -73.40 -18.29 63.63
N SER K 44 -73.54 -17.51 62.56
CA SER K 44 -74.26 -16.24 62.63
C SER K 44 -73.72 -15.37 63.76
N LEU K 45 -72.40 -15.31 63.89
CA LEU K 45 -71.82 -14.58 65.01
C LEU K 45 -71.59 -13.11 64.72
N ALA K 46 -71.70 -12.68 63.46
CA ALA K 46 -71.40 -11.31 63.06
C ALA K 46 -72.57 -10.71 62.29
N ASP K 47 -72.78 -9.40 62.47
CA ASP K 47 -73.68 -8.66 61.60
C ASP K 47 -72.93 -7.94 60.49
N GLU K 48 -71.60 -7.90 60.58
CA GLU K 48 -70.76 -7.32 59.55
C GLU K 48 -69.43 -8.04 59.63
N LEU K 49 -69.06 -8.68 58.53
CA LEU K 49 -67.74 -9.29 58.40
C LEU K 49 -66.91 -8.41 57.47
N ALA K 50 -65.72 -8.02 57.93
CA ALA K 50 -64.79 -7.27 57.11
C ALA K 50 -63.53 -8.08 56.93
N LEU K 51 -63.00 -8.09 55.70
CA LEU K 51 -61.80 -8.85 55.37
C LEU K 51 -60.69 -7.89 54.96
N VAL K 52 -59.45 -8.25 55.31
CA VAL K 52 -58.27 -7.42 55.01
C VAL K 52 -57.13 -8.32 54.54
N ASP K 53 -56.43 -7.85 53.52
CA ASP K 53 -55.28 -8.58 53.00
C ASP K 53 -54.54 -7.64 52.06
N VAL K 54 -53.25 -7.93 51.84
CA VAL K 54 -52.46 -7.17 50.88
C VAL K 54 -52.58 -7.70 49.45
N LEU K 55 -53.17 -8.89 49.26
CA LEU K 55 -53.51 -9.39 47.93
C LEU K 55 -54.89 -8.86 47.55
N GLU K 56 -54.95 -7.77 46.78
CA GLU K 56 -56.23 -7.14 46.48
C GLU K 56 -57.17 -8.08 45.72
N ASP K 57 -56.64 -8.79 44.72
CA ASP K 57 -57.49 -9.58 43.85
C ASP K 57 -58.11 -10.77 44.59
N LYS K 58 -57.27 -11.63 45.17
CA LYS K 58 -57.77 -12.73 45.98
C LYS K 58 -58.71 -12.22 47.05
N LEU K 59 -58.39 -11.06 47.64
CA LEU K 59 -59.25 -10.50 48.66
C LEU K 59 -60.67 -10.26 48.13
N LYS K 60 -60.79 -9.55 47.01
CA LYS K 60 -62.12 -9.29 46.45
C LYS K 60 -62.80 -10.59 46.03
N GLY K 61 -62.02 -11.54 45.53
CA GLY K 61 -62.59 -12.83 45.17
C GLY K 61 -63.23 -13.54 46.35
N GLU K 62 -62.50 -13.58 47.48
CA GLU K 62 -63.08 -14.16 48.68
C GLU K 62 -64.34 -13.40 49.10
N MET K 63 -64.25 -12.08 49.16
CA MET K 63 -65.42 -11.30 49.56
C MET K 63 -66.63 -11.61 48.69
N MET K 64 -66.44 -11.69 47.37
CA MET K 64 -67.55 -11.96 46.47
C MET K 64 -68.12 -13.36 46.66
N ASP K 65 -67.24 -14.39 46.73
CA ASP K 65 -67.72 -15.75 46.96
C ASP K 65 -68.56 -15.82 48.23
N LEU K 66 -68.14 -15.10 49.27
CA LEU K 66 -68.90 -15.11 50.52
C LEU K 66 -70.24 -14.39 50.36
N GLN K 67 -70.22 -13.22 49.72
CA GLN K 67 -71.47 -12.50 49.46
C GLN K 67 -72.47 -13.34 48.68
N HIS K 68 -71.99 -14.11 47.71
CA HIS K 68 -72.92 -14.89 46.90
C HIS K 68 -73.67 -15.91 47.73
N GLY K 69 -73.19 -16.23 48.93
CA GLY K 69 -73.88 -17.20 49.74
C GLY K 69 -74.66 -16.52 50.82
N SER K 70 -74.87 -15.21 50.65
CA SER K 70 -75.63 -14.43 51.63
C SER K 70 -77.03 -15.00 51.88
N LEU K 71 -77.69 -15.54 50.83
CA LEU K 71 -79.04 -16.10 51.04
C LEU K 71 -79.05 -17.17 52.14
N PHE K 72 -77.96 -17.91 52.29
CA PHE K 72 -77.85 -19.01 53.25
C PHE K 72 -77.34 -18.56 54.61
N LEU K 73 -77.04 -17.28 54.77
CA LEU K 73 -76.42 -16.80 55.98
C LEU K 73 -77.31 -15.76 56.65
N GLN K 74 -76.82 -15.24 57.76
CA GLN K 74 -77.47 -14.19 58.53
C GLN K 74 -76.47 -13.07 58.81
N THR K 75 -75.71 -12.68 57.81
CA THR K 75 -74.71 -11.63 58.01
C THR K 75 -74.88 -10.59 56.91
N PRO K 76 -75.70 -9.57 57.16
CA PRO K 76 -76.18 -8.70 56.06
C PRO K 76 -75.10 -7.83 55.42
N LYS K 77 -73.86 -7.82 55.92
CA LYS K 77 -72.85 -6.97 55.32
C LYS K 77 -71.49 -7.67 55.35
N ILE K 78 -70.97 -7.94 54.16
CA ILE K 78 -69.64 -8.49 53.99
C ILE K 78 -68.83 -7.53 53.13
N VAL K 79 -67.64 -7.15 53.62
CA VAL K 79 -66.78 -6.18 52.95
C VAL K 79 -65.33 -6.59 53.05
N ALA K 80 -64.53 -6.12 52.08
CA ALA K 80 -63.09 -6.35 52.06
C ALA K 80 -62.40 -5.13 51.48
N ASP K 81 -61.24 -4.80 52.04
CA ASP K 81 -60.36 -3.75 51.55
C ASP K 81 -58.97 -3.96 52.14
N LYS K 82 -57.95 -3.61 51.36
CA LYS K 82 -56.60 -3.55 51.88
C LYS K 82 -56.40 -2.34 52.79
N ASP K 83 -57.34 -1.40 52.77
CA ASP K 83 -57.28 -0.22 53.63
C ASP K 83 -58.08 -0.48 54.90
N TYR K 84 -57.43 -0.32 56.05
CA TYR K 84 -58.03 -0.70 57.32
C TYR K 84 -59.23 0.17 57.69
N SER K 85 -59.51 1.24 56.95
CA SER K 85 -60.74 1.98 57.19
C SER K 85 -61.98 1.08 57.12
N VAL K 86 -61.87 -0.06 56.44
CA VAL K 86 -62.99 -0.99 56.31
C VAL K 86 -63.28 -1.75 57.61
N THR K 87 -62.36 -1.71 58.57
CA THR K 87 -62.47 -2.45 59.82
C THR K 87 -63.03 -1.60 60.96
N ALA K 88 -63.35 -0.33 60.71
CA ALA K 88 -63.71 0.57 61.79
C ALA K 88 -64.80 -0.03 62.69
N ASN K 89 -64.62 0.14 63.99
CA ASN K 89 -65.64 -0.25 64.97
C ASN K 89 -65.88 -1.76 64.98
N SER K 90 -64.82 -2.54 64.86
CA SER K 90 -64.95 -3.99 64.97
C SER K 90 -64.98 -4.35 66.45
N LYS K 91 -65.89 -5.25 66.81
CA LYS K 91 -65.87 -5.82 68.16
C LYS K 91 -64.69 -6.78 68.30
N ILE K 92 -64.47 -7.62 67.29
CA ILE K 92 -63.38 -8.59 67.37
C ILE K 92 -62.62 -8.58 66.05
N VAL K 93 -61.28 -8.53 66.13
CA VAL K 93 -60.38 -8.62 65.00
C VAL K 93 -59.53 -9.88 65.17
N VAL K 94 -59.54 -10.74 64.15
CA VAL K 94 -58.75 -11.96 64.09
C VAL K 94 -57.60 -11.73 63.12
N VAL K 95 -56.39 -12.09 63.54
CA VAL K 95 -55.20 -11.85 62.73
C VAL K 95 -54.61 -13.19 62.29
N THR K 96 -54.76 -13.50 61.00
CA THR K 96 -54.17 -14.71 60.43
C THR K 96 -53.12 -14.41 59.38
N ALA K 97 -52.69 -13.16 59.29
CA ALA K 97 -51.76 -12.73 58.27
C ALA K 97 -50.34 -13.17 58.60
N GLY K 98 -49.55 -13.37 57.55
CA GLY K 98 -48.13 -13.65 57.68
C GLY K 98 -47.76 -15.00 57.11
N VAL K 99 -46.49 -15.35 57.29
CA VAL K 99 -45.97 -16.63 56.83
C VAL K 99 -46.44 -17.75 57.75
N ARG K 100 -46.38 -18.97 57.23
CA ARG K 100 -46.75 -20.19 57.95
C ARG K 100 -45.63 -21.22 57.79
N GLN K 101 -45.78 -22.33 58.49
CA GLN K 101 -44.70 -23.31 58.54
C GLN K 101 -44.53 -24.01 57.20
N GLN K 102 -43.28 -24.16 56.76
CA GLN K 102 -43.04 -25.17 55.74
C GLN K 102 -42.98 -26.54 56.40
N GLU K 103 -43.02 -27.59 55.59
CA GLU K 103 -43.01 -28.93 56.14
C GLU K 103 -41.81 -29.12 57.06
N GLY K 104 -42.08 -29.39 58.34
CA GLY K 104 -41.04 -29.62 59.33
C GLY K 104 -40.51 -28.37 60.00
N GLU K 105 -40.87 -27.19 59.50
CA GLU K 105 -40.40 -25.94 60.11
C GLU K 105 -41.03 -25.73 61.48
N SER K 106 -40.23 -25.24 62.42
CA SER K 106 -40.75 -24.81 63.71
C SER K 106 -41.51 -23.49 63.60
N ARG K 107 -42.59 -23.36 64.38
CA ARG K 107 -43.34 -22.10 64.39
C ARG K 107 -42.49 -20.94 64.88
N LEU K 108 -41.49 -21.20 65.73
CA LEU K 108 -40.68 -20.12 66.28
C LEU K 108 -39.77 -19.49 65.23
N ASN K 109 -39.37 -20.27 64.23
CA ASN K 109 -38.56 -19.80 63.12
C ASN K 109 -39.28 -18.79 62.22
N LEU K 110 -40.57 -18.56 62.44
CA LEU K 110 -41.30 -17.55 61.70
C LEU K 110 -41.21 -16.20 62.38
N VAL K 111 -40.69 -16.16 63.62
CA VAL K 111 -40.86 -14.96 64.44
C VAL K 111 -40.49 -13.72 63.64
N GLN K 112 -39.20 -13.54 63.34
CA GLN K 112 -38.75 -12.27 62.74
C GLN K 112 -39.67 -11.85 61.59
N ARG K 113 -40.09 -12.79 60.76
CA ARG K 113 -40.87 -12.37 59.59
C ARG K 113 -42.26 -11.88 59.99
N ASN K 114 -42.97 -12.67 60.81
CA ASN K 114 -44.31 -12.24 61.21
C ASN K 114 -44.27 -11.05 62.18
N VAL K 115 -43.23 -10.94 63.01
CA VAL K 115 -43.03 -9.69 63.73
C VAL K 115 -43.01 -8.54 62.74
N ASN K 116 -42.20 -8.67 61.68
CA ASN K 116 -42.24 -7.67 60.63
C ASN K 116 -43.67 -7.41 60.22
N VAL K 117 -44.38 -8.47 59.83
CA VAL K 117 -45.75 -8.33 59.36
C VAL K 117 -46.58 -7.58 60.39
N PHE K 118 -46.45 -7.98 61.66
CA PHE K 118 -47.33 -7.43 62.68
C PHE K 118 -47.03 -5.96 62.94
N LYS K 119 -45.76 -5.57 62.80
CA LYS K 119 -45.45 -4.16 63.00
C LYS K 119 -46.22 -3.30 62.00
N PHE K 120 -46.57 -3.85 60.84
CA PHE K 120 -47.35 -3.05 59.90
C PHE K 120 -48.83 -3.03 60.30
N ILE K 121 -49.37 -4.15 60.76
CA ILE K 121 -50.83 -4.25 60.74
C ILE K 121 -51.47 -3.89 62.09
N ILE K 122 -50.78 -4.19 63.20
CA ILE K 122 -51.36 -3.91 64.51
C ILE K 122 -51.67 -2.43 64.71
N PRO K 123 -50.78 -1.49 64.38
CA PRO K 123 -51.14 -0.08 64.55
C PRO K 123 -52.36 0.30 63.76
N GLN K 124 -52.62 -0.38 62.66
CA GLN K 124 -53.77 -0.02 61.83
C GLN K 124 -55.05 -0.51 62.47
N ILE K 125 -55.04 -1.78 62.92
CA ILE K 125 -56.18 -2.31 63.67
C ILE K 125 -56.61 -1.31 64.73
N VAL K 126 -55.74 -1.04 65.71
CA VAL K 126 -56.11 -0.17 66.82
C VAL K 126 -56.44 1.24 66.35
N LYS K 127 -55.96 1.66 65.17
CA LYS K 127 -56.35 2.97 64.68
C LYS K 127 -57.85 3.04 64.42
N TYR K 128 -58.42 2.02 63.77
CA TYR K 128 -59.82 2.08 63.38
C TYR K 128 -60.76 1.34 64.33
N SER K 129 -60.23 0.45 65.17
CA SER K 129 -61.06 -0.31 66.10
C SER K 129 -60.51 -0.14 67.51
N PRO K 130 -60.48 1.10 68.01
CA PRO K 130 -59.75 1.38 69.25
C PRO K 130 -60.29 0.65 70.47
N ASP K 131 -61.52 0.12 70.42
CA ASP K 131 -62.11 -0.58 71.55
C ASP K 131 -62.24 -2.08 71.31
N CYS K 132 -61.51 -2.62 70.34
CA CYS K 132 -61.75 -3.99 69.91
C CYS K 132 -61.01 -5.01 70.81
N ILE K 133 -61.39 -6.27 70.64
CA ILE K 133 -60.63 -7.41 71.11
C ILE K 133 -59.85 -7.96 69.93
N ILE K 134 -58.57 -8.24 70.14
CA ILE K 134 -57.69 -8.83 69.13
C ILE K 134 -57.45 -10.29 69.48
N ILE K 135 -57.85 -11.18 68.57
CA ILE K 135 -57.50 -12.60 68.60
C ILE K 135 -56.36 -12.82 67.61
N VAL K 136 -55.16 -13.11 68.14
CA VAL K 136 -54.01 -13.45 67.33
C VAL K 136 -54.00 -14.95 67.03
N VAL K 137 -53.85 -15.30 65.75
CA VAL K 137 -53.82 -16.69 65.31
C VAL K 137 -52.49 -17.04 64.65
N SER K 138 -51.87 -16.08 63.97
CA SER K 138 -50.66 -16.35 63.22
C SER K 138 -49.56 -16.87 64.16
N ASN K 139 -48.59 -17.61 63.57
CA ASN K 139 -47.57 -18.27 64.36
C ASN K 139 -46.23 -17.53 64.28
N PRO K 140 -45.40 -17.63 65.34
CA PRO K 140 -45.72 -18.32 66.61
C PRO K 140 -46.69 -17.52 67.48
N VAL K 141 -47.84 -18.13 67.79
CA VAL K 141 -49.00 -17.38 68.26
C VAL K 141 -48.81 -16.79 69.67
N ASP K 142 -48.08 -17.47 70.55
CA ASP K 142 -47.87 -16.88 71.87
C ASP K 142 -46.98 -15.64 71.77
N ILE K 143 -45.89 -15.74 71.01
CA ILE K 143 -44.97 -14.62 70.85
C ILE K 143 -45.64 -13.49 70.11
N LEU K 144 -46.38 -13.81 69.05
CA LEU K 144 -47.09 -12.77 68.31
C LEU K 144 -48.17 -12.12 69.16
N THR K 145 -48.79 -12.86 70.08
CA THR K 145 -49.74 -12.22 71.01
C THR K 145 -49.01 -11.23 71.91
N TYR K 146 -47.87 -11.63 72.44
CA TYR K 146 -47.05 -10.70 73.20
C TYR K 146 -46.73 -9.45 72.38
N VAL K 147 -46.31 -9.67 71.13
CA VAL K 147 -45.92 -8.54 70.28
C VAL K 147 -47.11 -7.63 70.01
N THR K 148 -48.29 -8.21 69.78
CA THR K 148 -49.49 -7.42 69.55
C THR K 148 -49.82 -6.58 70.78
N TRP K 149 -49.79 -7.22 71.95
CA TRP K 149 -50.01 -6.48 73.19
C TRP K 149 -49.11 -5.27 73.27
N LYS K 150 -47.81 -5.46 73.04
CA LYS K 150 -46.87 -4.34 73.14
C LYS K 150 -47.13 -3.28 72.07
N LEU K 151 -47.27 -3.69 70.81
CA LEU K 151 -47.43 -2.71 69.73
C LEU K 151 -48.72 -1.93 69.88
N SER K 152 -49.79 -2.59 70.34
CA SER K 152 -51.13 -2.02 70.30
C SER K 152 -51.44 -1.12 71.49
N GLY K 153 -50.78 -1.33 72.63
CA GLY K 153 -51.11 -0.56 73.82
C GLY K 153 -52.44 -0.92 74.45
N LEU K 154 -53.04 -2.04 74.06
CA LEU K 154 -54.30 -2.47 74.62
C LEU K 154 -54.10 -3.20 75.94
N PRO K 155 -55.11 -3.17 76.80
CA PRO K 155 -55.03 -3.92 78.05
C PRO K 155 -54.97 -5.42 77.80
N LYS K 156 -54.24 -6.11 78.68
CA LYS K 156 -54.08 -7.55 78.58
C LYS K 156 -55.39 -8.29 78.33
N HIS K 157 -56.50 -7.80 78.86
CA HIS K 157 -57.71 -8.58 78.69
C HIS K 157 -58.30 -8.46 77.29
N ARG K 158 -57.79 -7.55 76.46
CA ARG K 158 -58.30 -7.40 75.10
C ARG K 158 -57.36 -7.96 74.05
N VAL K 159 -56.26 -8.60 74.45
CA VAL K 159 -55.25 -9.14 73.53
C VAL K 159 -55.11 -10.61 73.86
N ILE K 160 -55.67 -11.46 73.01
CA ILE K 160 -55.80 -12.89 73.25
C ILE K 160 -55.10 -13.64 72.12
N GLY K 161 -54.39 -14.70 72.47
CA GLY K 161 -53.80 -15.59 71.49
C GLY K 161 -54.58 -16.90 71.48
N SER K 162 -54.90 -17.36 70.26
CA SER K 162 -55.72 -18.56 70.13
C SER K 162 -55.10 -19.76 70.85
N GLY K 163 -53.77 -19.78 71.00
CA GLY K 163 -53.14 -20.65 71.99
C GLY K 163 -53.46 -22.12 71.79
N CYS K 164 -53.73 -22.80 72.91
CA CYS K 164 -53.89 -24.25 72.94
C CYS K 164 -55.34 -24.71 72.86
N ASN K 165 -56.29 -23.78 72.73
CA ASN K 165 -57.67 -24.20 72.45
C ASN K 165 -57.66 -25.36 71.45
N LEU K 166 -56.91 -25.23 70.37
CA LEU K 166 -56.87 -26.29 69.35
C LEU K 166 -56.12 -27.53 69.85
N ASP K 167 -54.95 -27.35 70.47
CA ASP K 167 -54.25 -28.49 71.05
C ASP K 167 -55.17 -29.28 71.97
N SER K 168 -55.91 -28.58 72.84
CA SER K 168 -56.81 -29.26 73.76
C SER K 168 -57.93 -29.96 73.00
N ALA K 169 -58.43 -29.35 71.91
CA ALA K 169 -59.45 -30.05 71.11
C ALA K 169 -58.85 -31.33 70.53
N ARG K 170 -57.60 -31.26 70.07
CA ARG K 170 -56.93 -32.43 69.51
C ARG K 170 -56.73 -33.51 70.58
N PHE K 171 -56.28 -33.10 71.76
CA PHE K 171 -56.13 -33.99 72.91
C PHE K 171 -57.45 -34.70 73.18
N ARG K 172 -58.54 -33.93 73.26
CA ARG K 172 -59.83 -34.47 73.61
C ARG K 172 -60.38 -35.36 72.51
N TYR K 173 -60.02 -35.11 71.25
CA TYR K 173 -60.42 -36.02 70.19
C TYR K 173 -59.68 -37.36 70.30
N LEU K 174 -58.37 -37.31 70.53
CA LEU K 174 -57.63 -38.57 70.70
C LEU K 174 -58.17 -39.34 71.90
N MET K 175 -58.53 -38.62 72.95
CA MET K 175 -59.02 -39.26 74.17
C MET K 175 -60.41 -39.86 73.95
N ALA K 176 -61.32 -39.10 73.35
CA ALA K 176 -62.64 -39.63 73.03
C ALA K 176 -62.53 -40.84 72.10
N GLU K 177 -61.54 -40.84 71.21
CA GLU K 177 -61.35 -41.99 70.33
C GLU K 177 -60.90 -43.22 71.13
N LYS K 178 -59.89 -43.04 71.98
CA LYS K 178 -59.51 -44.12 72.88
C LYS K 178 -60.72 -44.66 73.64
N LEU K 179 -61.53 -43.78 74.22
CA LEU K 179 -62.57 -44.18 75.15
C LEU K 179 -63.90 -44.48 74.48
N GLY K 180 -64.10 -44.06 73.23
CA GLY K 180 -65.33 -44.37 72.53
C GLY K 180 -66.51 -43.51 72.91
N ILE K 181 -66.29 -42.21 73.15
CA ILE K 181 -67.33 -41.28 73.55
C ILE K 181 -67.06 -39.93 72.91
N HIS K 182 -68.01 -39.01 73.03
CA HIS K 182 -67.85 -37.70 72.41
C HIS K 182 -66.75 -36.89 73.10
N PRO K 183 -65.92 -36.16 72.34
CA PRO K 183 -64.84 -35.38 72.97
C PRO K 183 -65.31 -34.35 73.97
N SER K 184 -66.54 -33.83 73.85
CA SER K 184 -66.99 -32.86 74.85
C SER K 184 -67.20 -33.53 76.21
N SER K 185 -67.41 -34.84 76.24
CA SER K 185 -67.49 -35.59 77.48
C SER K 185 -66.12 -36.06 77.97
N CYS K 186 -65.05 -35.68 77.28
CA CYS K 186 -63.67 -36.03 77.64
C CYS K 186 -62.99 -34.72 77.98
N HIS K 187 -62.51 -34.60 79.22
CA HIS K 187 -61.89 -33.35 79.68
C HIS K 187 -60.40 -33.57 79.92
N GLY K 188 -59.58 -32.62 79.48
CA GLY K 188 -58.15 -32.69 79.49
C GLY K 188 -57.60 -31.38 78.93
N TRP K 189 -56.51 -30.89 79.52
CA TRP K 189 -56.00 -29.56 79.22
C TRP K 189 -54.54 -29.64 78.75
N ILE K 190 -54.31 -29.26 77.50
CA ILE K 190 -52.96 -29.01 77.00
C ILE K 190 -52.71 -27.53 77.23
N LEU K 191 -51.54 -27.20 77.79
CA LEU K 191 -51.26 -25.83 78.20
C LEU K 191 -49.85 -25.43 77.80
N GLY K 192 -49.57 -24.14 77.95
CA GLY K 192 -48.27 -23.59 77.59
C GLY K 192 -48.19 -23.06 76.18
N GLU K 193 -47.05 -23.27 75.54
CA GLU K 193 -46.89 -22.84 74.16
C GLU K 193 -47.74 -23.70 73.24
N HIS K 194 -48.37 -23.05 72.26
CA HIS K 194 -48.96 -23.75 71.12
C HIS K 194 -47.82 -24.21 70.23
N GLY K 195 -47.23 -25.34 70.61
CA GLY K 195 -46.03 -25.82 69.95
C GLY K 195 -45.40 -27.01 70.66
N ASP K 196 -44.11 -27.21 70.38
CA ASP K 196 -43.41 -28.42 70.80
C ASP K 196 -43.31 -28.54 72.32
N SER K 197 -43.30 -27.41 73.03
CA SER K 197 -43.08 -27.42 74.47
C SER K 197 -44.37 -27.42 75.28
N SER K 198 -45.51 -27.74 74.65
CA SER K 198 -46.80 -27.76 75.34
C SER K 198 -46.84 -28.83 76.44
N VAL K 199 -47.78 -28.66 77.36
CA VAL K 199 -47.81 -29.38 78.63
C VAL K 199 -49.16 -30.08 78.78
N ALA K 200 -49.14 -31.41 78.85
CA ALA K 200 -50.35 -32.16 79.17
C ALA K 200 -50.57 -32.15 80.68
N VAL K 201 -51.64 -31.51 81.13
CA VAL K 201 -51.98 -31.49 82.55
C VAL K 201 -52.69 -32.80 82.92
N TRP K 202 -51.90 -33.85 83.09
CA TRP K 202 -52.47 -35.16 83.38
C TRP K 202 -53.36 -35.13 84.61
N SER K 203 -52.98 -34.32 85.62
CA SER K 203 -53.73 -34.33 86.87
C SER K 203 -55.13 -33.75 86.73
N GLY K 204 -55.46 -33.19 85.57
CA GLY K 204 -56.79 -32.65 85.36
C GLY K 204 -57.64 -33.45 84.41
N VAL K 205 -57.06 -34.49 83.81
CA VAL K 205 -57.78 -35.29 82.83
C VAL K 205 -58.86 -36.10 83.54
N ASN K 206 -60.06 -36.13 82.95
CA ASN K 206 -61.14 -36.80 83.69
C ASN K 206 -62.34 -37.01 82.79
N VAL K 207 -63.07 -38.09 83.09
CA VAL K 207 -64.35 -38.37 82.48
C VAL K 207 -65.39 -38.41 83.60
N ALA K 208 -66.43 -37.57 83.47
CA ALA K 208 -67.52 -37.49 84.44
C ALA K 208 -67.00 -37.33 85.87
N GLY K 209 -65.88 -36.62 86.03
CA GLY K 209 -65.28 -36.38 87.33
C GLY K 209 -64.29 -37.44 87.76
N VAL K 210 -64.40 -38.66 87.24
CA VAL K 210 -63.38 -39.68 87.49
C VAL K 210 -62.04 -39.17 87.01
N SER K 211 -61.09 -39.05 87.93
CA SER K 211 -59.76 -38.55 87.59
C SER K 211 -58.93 -39.69 87.00
N LEU K 212 -58.49 -39.53 85.75
CA LEU K 212 -57.85 -40.63 85.06
C LEU K 212 -56.50 -40.98 85.67
N GLN K 213 -55.73 -39.97 86.08
CA GLN K 213 -54.41 -40.21 86.66
C GLN K 213 -54.49 -40.89 88.03
N GLU K 214 -55.70 -41.08 88.58
CA GLU K 214 -55.91 -41.92 89.74
C GLU K 214 -56.02 -43.39 89.37
N LEU K 215 -56.83 -43.71 88.33
CA LEU K 215 -56.91 -45.05 87.77
C LEU K 215 -55.65 -45.47 87.05
N ASN K 216 -54.72 -44.53 86.84
CA ASN K 216 -53.41 -44.81 86.27
C ASN K 216 -52.44 -43.78 86.85
N PRO K 217 -51.78 -44.10 87.97
CA PRO K 217 -50.80 -43.18 88.55
C PRO K 217 -49.56 -42.96 87.69
N GLU K 218 -49.38 -43.80 86.66
CA GLU K 218 -48.25 -43.70 85.73
C GLU K 218 -48.61 -42.94 84.46
N MET K 219 -49.83 -42.44 84.36
CA MET K 219 -50.26 -41.67 83.21
C MET K 219 -49.32 -40.49 82.94
N GLY K 220 -48.67 -40.50 81.78
CA GLY K 220 -47.71 -39.47 81.41
C GLY K 220 -46.25 -39.79 81.67
N THR K 221 -45.93 -41.03 82.04
CA THR K 221 -44.54 -41.42 82.31
C THR K 221 -44.17 -42.57 81.37
N ASP K 222 -42.86 -42.85 81.31
CA ASP K 222 -42.32 -43.90 80.45
C ASP K 222 -42.71 -45.32 80.91
N ASN K 223 -43.38 -45.47 82.05
CA ASN K 223 -43.82 -46.78 82.52
C ASN K 223 -45.35 -46.83 82.63
N ASP K 224 -46.04 -46.23 81.68
CA ASP K 224 -47.50 -46.20 81.65
C ASP K 224 -48.03 -47.38 80.85
N SER K 225 -49.00 -48.09 81.42
CA SER K 225 -49.63 -49.22 80.73
C SER K 225 -50.27 -48.74 79.41
N GLU K 226 -51.30 -47.91 79.51
CA GLU K 226 -51.71 -47.12 78.37
C GLU K 226 -50.54 -46.22 77.99
N ASN K 227 -50.50 -45.77 76.75
CA ASN K 227 -49.44 -44.85 76.34
C ASN K 227 -50.06 -43.47 76.23
N TRP K 228 -50.11 -42.78 77.37
CA TRP K 228 -50.63 -41.42 77.42
C TRP K 228 -49.62 -40.42 76.87
N LYS K 229 -48.34 -40.64 77.17
CA LYS K 229 -47.30 -39.83 76.55
C LYS K 229 -47.41 -39.86 75.04
N GLU K 230 -47.76 -41.01 74.47
CA GLU K 230 -47.96 -41.10 73.03
C GLU K 230 -49.08 -40.17 72.58
N VAL K 231 -50.14 -40.02 73.38
CA VAL K 231 -51.24 -39.13 73.02
C VAL K 231 -50.76 -37.68 73.00
N HIS K 232 -50.04 -37.27 74.05
CA HIS K 232 -49.49 -35.91 74.05
C HIS K 232 -48.53 -35.70 72.87
N LYS K 233 -47.75 -36.72 72.55
CA LYS K 233 -46.85 -36.60 71.41
C LYS K 233 -47.62 -36.41 70.11
N MET K 234 -48.70 -37.18 69.92
CA MET K 234 -49.52 -36.98 68.72
C MET K 234 -50.08 -35.55 68.67
N VAL K 235 -50.45 -35.00 69.82
CA VAL K 235 -50.89 -33.60 69.85
C VAL K 235 -49.75 -32.68 69.38
N VAL K 236 -48.52 -32.96 69.82
CA VAL K 236 -47.39 -32.11 69.46
C VAL K 236 -47.10 -32.22 67.96
N GLU K 237 -47.23 -33.42 67.42
CA GLU K 237 -46.92 -33.74 66.02
C GLU K 237 -48.04 -33.36 65.06
N SER K 238 -49.25 -33.18 65.59
CA SER K 238 -50.46 -32.85 64.81
C SER K 238 -50.15 -32.00 63.59
N ALA K 239 -49.78 -30.75 63.87
CA ALA K 239 -49.56 -29.76 62.83
C ALA K 239 -48.62 -30.29 61.76
N TYR K 240 -47.47 -30.85 62.16
CA TYR K 240 -46.51 -31.32 61.16
C TYR K 240 -47.09 -32.44 60.30
N GLU K 241 -47.82 -33.37 60.90
CA GLU K 241 -48.39 -34.45 60.12
C GLU K 241 -49.34 -33.90 59.07
N VAL K 242 -50.25 -33.01 59.50
CA VAL K 242 -51.25 -32.50 58.57
C VAL K 242 -50.60 -31.58 57.54
N ILE K 243 -49.51 -30.89 57.92
CA ILE K 243 -48.78 -30.07 56.95
C ILE K 243 -48.15 -30.95 55.88
N LYS K 244 -47.57 -32.08 56.30
CA LYS K 244 -46.99 -33.01 55.33
C LYS K 244 -48.08 -33.61 54.43
N LEU K 245 -49.29 -33.77 54.96
CA LEU K 245 -50.28 -34.44 54.13
C LEU K 245 -51.02 -33.50 53.19
N LYS K 246 -51.35 -32.28 53.63
CA LYS K 246 -52.11 -31.34 52.81
C LYS K 246 -51.49 -29.95 52.79
N GLY K 247 -50.26 -29.80 53.28
CA GLY K 247 -49.52 -28.56 53.12
C GLY K 247 -49.85 -27.48 54.11
N TYR K 248 -50.89 -27.65 54.93
CA TYR K 248 -51.25 -26.66 55.95
C TYR K 248 -52.37 -27.23 56.80
N THR K 249 -52.83 -26.41 57.74
CA THR K 249 -53.93 -26.69 58.66
C THR K 249 -54.91 -25.53 58.60
N ASN K 250 -56.20 -25.81 58.71
CA ASN K 250 -57.11 -24.67 58.76
C ASN K 250 -58.50 -24.97 59.31
N TRP K 251 -59.07 -26.14 59.00
CA TRP K 251 -60.46 -26.39 59.39
C TRP K 251 -60.61 -26.40 60.91
N ALA K 252 -59.72 -27.12 61.60
CA ALA K 252 -59.83 -27.21 63.06
C ALA K 252 -59.63 -25.85 63.70
N ILE K 253 -58.60 -25.12 63.27
CA ILE K 253 -58.36 -23.83 63.88
C ILE K 253 -59.50 -22.86 63.57
N GLY K 254 -60.12 -22.97 62.39
CA GLY K 254 -61.28 -22.13 62.12
C GLY K 254 -62.40 -22.38 63.11
N LEU K 255 -62.72 -23.66 63.32
CA LEU K 255 -63.72 -23.99 64.33
C LEU K 255 -63.32 -23.49 65.72
N SER K 256 -62.04 -23.58 66.06
CA SER K 256 -61.58 -23.16 67.38
C SER K 256 -61.80 -21.66 67.57
N VAL K 257 -61.34 -20.87 66.59
CA VAL K 257 -61.49 -19.42 66.66
C VAL K 257 -62.97 -19.06 66.82
N ALA K 258 -63.85 -19.73 66.04
CA ALA K 258 -65.28 -19.44 66.18
C ALA K 258 -65.82 -19.84 67.54
N ASP K 259 -65.31 -20.93 68.13
CA ASP K 259 -65.70 -21.29 69.49
C ASP K 259 -65.39 -20.15 70.46
N LEU K 260 -64.16 -19.63 70.40
CA LEU K 260 -63.76 -18.51 71.25
C LEU K 260 -64.63 -17.28 71.01
N ILE K 261 -64.86 -16.94 69.74
CA ILE K 261 -65.70 -15.79 69.42
C ILE K 261 -67.08 -15.98 70.03
N GLU K 262 -67.61 -17.19 69.96
CA GLU K 262 -68.97 -17.41 70.46
C GLU K 262 -69.03 -17.14 71.96
N SER K 263 -68.05 -17.66 72.69
CA SER K 263 -68.03 -17.36 74.12
C SER K 263 -67.95 -15.85 74.37
N MET K 264 -67.18 -15.13 73.56
CA MET K 264 -67.04 -13.69 73.84
C MET K 264 -68.30 -12.90 73.44
N LEU K 265 -68.80 -13.08 72.22
CA LEU K 265 -69.90 -12.23 71.78
C LEU K 265 -71.20 -12.53 72.54
N LYS K 266 -71.41 -13.78 72.96
CA LYS K 266 -72.57 -14.16 73.78
C LYS K 266 -72.29 -14.05 75.28
N ASN K 267 -71.12 -13.56 75.68
CA ASN K 267 -70.88 -13.16 77.07
C ASN K 267 -71.00 -14.33 78.05
N LEU K 268 -70.56 -15.50 77.63
CA LEU K 268 -70.84 -16.73 78.37
C LEU K 268 -70.00 -16.89 79.64
N SER K 269 -68.84 -16.25 79.71
CA SER K 269 -67.82 -16.59 80.73
C SER K 269 -67.54 -18.09 80.70
N ARG K 270 -67.21 -18.58 79.53
CA ARG K 270 -66.78 -19.97 79.39
C ARG K 270 -65.28 -20.03 79.54
N ILE K 271 -64.75 -21.20 79.88
CA ILE K 271 -63.31 -21.30 80.17
C ILE K 271 -62.60 -21.98 79.01
N HIS K 272 -61.57 -21.31 78.49
CA HIS K 272 -60.86 -21.74 77.30
C HIS K 272 -59.35 -21.69 77.55
N PRO K 273 -58.60 -22.66 77.05
CA PRO K 273 -57.13 -22.53 77.14
C PRO K 273 -56.58 -21.61 76.06
N VAL K 274 -56.33 -20.35 76.41
CA VAL K 274 -55.87 -19.37 75.43
C VAL K 274 -54.62 -18.69 75.98
N SER K 275 -53.91 -18.02 75.07
CA SER K 275 -52.61 -17.43 75.38
C SER K 275 -52.79 -16.05 76.01
N THR K 276 -52.21 -15.88 77.21
CA THR K 276 -52.33 -14.67 78.01
C THR K 276 -50.98 -14.40 78.71
N MET K 277 -50.86 -13.20 79.26
CA MET K 277 -49.68 -12.74 80.01
C MET K 277 -49.65 -13.40 81.38
N VAL K 278 -48.65 -14.25 81.62
CA VAL K 278 -48.69 -15.12 82.81
C VAL K 278 -47.61 -14.77 83.81
N LYS K 279 -47.14 -13.52 83.81
CA LYS K 279 -46.21 -13.10 84.86
C LYS K 279 -46.84 -13.25 86.24
N GLY K 280 -46.05 -13.77 87.17
CA GLY K 280 -46.55 -13.96 88.52
C GLY K 280 -47.13 -15.33 88.78
N MET K 281 -47.09 -16.24 87.82
CA MET K 281 -47.78 -17.51 87.93
C MET K 281 -46.81 -18.67 87.76
N TYR K 282 -46.94 -19.68 88.63
CA TYR K 282 -46.14 -20.90 88.53
C TYR K 282 -44.65 -20.59 88.44
N GLY K 283 -44.25 -19.52 89.10
CA GLY K 283 -42.86 -19.17 89.19
C GLY K 283 -42.35 -18.27 88.10
N ILE K 284 -43.16 -18.05 87.05
CA ILE K 284 -42.66 -17.32 85.89
C ILE K 284 -42.52 -15.86 86.23
N GLU K 285 -41.39 -15.28 85.83
CA GLU K 285 -41.00 -13.95 86.27
C GLU K 285 -41.09 -12.88 85.19
N ASN K 286 -41.02 -13.26 83.93
CA ASN K 286 -41.04 -12.31 82.83
C ASN K 286 -42.44 -12.23 82.23
N GLU K 287 -42.60 -11.33 81.26
CA GLU K 287 -43.91 -11.08 80.62
C GLU K 287 -44.10 -12.07 79.46
N VAL K 288 -44.21 -13.33 79.83
CA VAL K 288 -44.40 -14.41 78.88
C VAL K 288 -45.89 -14.54 78.57
N PHE K 289 -46.23 -14.69 77.30
CA PHE K 289 -47.58 -15.10 76.94
C PHE K 289 -47.56 -16.60 76.68
N LEU K 290 -48.49 -17.30 77.32
CA LEU K 290 -48.70 -18.71 77.01
C LEU K 290 -50.11 -19.05 77.46
N SER K 291 -50.55 -20.24 77.07
CA SER K 291 -51.95 -20.61 77.28
C SER K 291 -52.18 -21.08 78.71
N LEU K 292 -53.24 -20.56 79.30
CA LEU K 292 -53.83 -21.15 80.52
C LEU K 292 -55.34 -21.12 80.36
N PRO K 293 -56.09 -21.68 81.32
CA PRO K 293 -57.56 -21.67 81.24
C PRO K 293 -58.12 -20.34 81.69
N CYS K 294 -58.73 -19.60 80.76
CA CYS K 294 -59.17 -18.24 81.03
C CYS K 294 -60.69 -18.15 80.84
N ILE K 295 -61.30 -17.21 81.56
CA ILE K 295 -62.73 -16.94 81.37
C ILE K 295 -62.89 -15.96 80.22
N LEU K 296 -63.74 -16.30 79.26
CA LEU K 296 -63.99 -15.46 78.10
C LEU K 296 -65.44 -15.01 78.10
N ASN K 297 -65.62 -13.70 77.88
CA ASN K 297 -66.92 -13.05 77.81
C ASN K 297 -66.78 -11.79 76.95
N ALA K 298 -67.79 -10.92 77.03
CA ALA K 298 -67.84 -9.78 76.12
C ALA K 298 -66.66 -8.83 76.35
N ARG K 299 -66.12 -8.80 77.56
CA ARG K 299 -64.97 -7.95 77.85
C ARG K 299 -63.68 -8.49 77.30
N GLY K 300 -63.66 -9.77 76.93
CA GLY K 300 -62.45 -10.41 76.47
C GLY K 300 -61.98 -11.45 77.44
N LEU K 301 -60.71 -11.37 77.81
CA LEU K 301 -60.07 -12.34 78.71
C LEU K 301 -60.00 -11.69 80.10
N THR K 302 -60.89 -12.08 81.00
CA THR K 302 -61.08 -11.36 82.24
C THR K 302 -60.56 -12.07 83.49
N SER K 303 -60.45 -13.39 83.50
CA SER K 303 -59.77 -14.07 84.60
C SER K 303 -58.99 -15.27 84.08
N VAL K 304 -58.03 -15.71 84.89
CA VAL K 304 -57.29 -16.96 84.72
C VAL K 304 -57.68 -17.93 85.84
N ILE K 305 -57.62 -19.22 85.54
CA ILE K 305 -57.97 -20.25 86.51
C ILE K 305 -56.71 -20.74 87.19
N ASN K 306 -56.64 -20.59 88.53
CA ASN K 306 -55.53 -21.13 89.30
C ASN K 306 -55.62 -22.64 89.40
N GLN K 307 -54.54 -23.33 89.07
CA GLN K 307 -54.50 -24.78 89.17
C GLN K 307 -53.39 -25.21 90.12
N LYS K 308 -53.55 -26.42 90.67
CA LYS K 308 -52.49 -27.10 91.41
C LYS K 308 -51.81 -28.08 90.47
N LEU K 309 -50.84 -27.56 89.71
CA LEU K 309 -50.05 -28.42 88.83
C LEU K 309 -49.07 -29.22 89.66
N LYS K 310 -48.90 -30.50 89.30
CA LYS K 310 -47.85 -31.32 89.86
C LYS K 310 -46.48 -30.76 89.47
N ASP K 311 -45.45 -31.24 90.17
CA ASP K 311 -44.10 -30.71 89.94
C ASP K 311 -43.67 -30.88 88.49
N ASP K 312 -43.89 -32.07 87.91
CA ASP K 312 -43.50 -32.28 86.53
C ASP K 312 -44.24 -31.30 85.61
N GLU K 313 -45.51 -31.06 85.90
CA GLU K 313 -46.32 -30.17 85.08
C GLU K 313 -45.84 -28.73 85.21
N VAL K 314 -45.56 -28.29 86.44
CA VAL K 314 -44.97 -26.96 86.64
C VAL K 314 -43.63 -26.85 85.94
N ALA K 315 -42.86 -27.94 85.90
CA ALA K 315 -41.52 -27.85 85.34
C ALA K 315 -41.57 -27.75 83.83
N GLN K 316 -42.43 -28.55 83.19
CA GLN K 316 -42.59 -28.42 81.75
C GLN K 316 -43.21 -27.09 81.37
N LEU K 317 -44.10 -26.56 82.20
CA LEU K 317 -44.64 -25.22 81.95
C LEU K 317 -43.54 -24.17 82.03
N LYS K 318 -42.67 -24.28 83.05
CA LYS K 318 -41.57 -23.34 83.17
C LYS K 318 -40.61 -23.46 81.99
N LYS K 319 -40.38 -24.68 81.51
CA LYS K 319 -39.55 -24.87 80.33
C LYS K 319 -40.16 -24.18 79.12
N SER K 320 -41.47 -24.34 78.92
CA SER K 320 -42.16 -23.63 77.86
C SER K 320 -41.96 -22.12 78.01
N ALA K 321 -42.17 -21.62 79.23
CA ALA K 321 -42.14 -20.18 79.45
C ALA K 321 -40.76 -19.62 79.17
N ASP K 322 -39.71 -20.38 79.49
CA ASP K 322 -38.35 -19.92 79.25
C ASP K 322 -37.98 -20.00 77.76
N THR K 323 -38.36 -21.10 77.09
CA THR K 323 -38.19 -21.17 75.64
C THR K 323 -38.78 -19.91 74.98
N LEU K 324 -40.00 -19.55 75.38
CA LEU K 324 -40.63 -18.36 74.79
C LEU K 324 -39.90 -17.07 75.18
N TRP K 325 -39.66 -16.87 76.48
CA TRP K 325 -39.02 -15.63 76.91
C TRP K 325 -37.68 -15.42 76.23
N ASP K 326 -36.98 -16.50 75.88
CA ASP K 326 -35.66 -16.32 75.28
C ASP K 326 -35.75 -15.61 73.94
N ILE K 327 -36.87 -15.75 73.24
CA ILE K 327 -37.09 -14.98 72.02
C ILE K 327 -37.68 -13.62 72.36
N GLN K 328 -38.72 -13.61 73.21
CA GLN K 328 -39.34 -12.34 73.58
C GLN K 328 -38.32 -11.29 74.01
N LYS K 329 -37.35 -11.70 74.85
CA LYS K 329 -36.51 -10.75 75.55
C LYS K 329 -35.67 -9.91 74.60
N ASP K 330 -35.37 -10.46 73.42
CA ASP K 330 -34.49 -9.85 72.44
C ASP K 330 -35.22 -9.16 71.30
N LEU K 331 -36.56 -9.10 71.33
CA LEU K 331 -37.28 -8.46 70.25
C LEU K 331 -37.14 -6.94 70.33
N LYS K 332 -36.88 -6.31 69.18
CA LYS K 332 -36.51 -4.90 69.14
C LYS K 332 -37.72 -3.99 68.87
N ASP K 333 -37.52 -2.72 69.22
CA ASP K 333 -38.48 -1.63 69.09
C ASP K 333 -39.92 -2.11 68.95
N LEU K 334 -40.46 -2.69 70.04
CA LEU K 334 -41.75 -3.38 70.05
C LEU K 334 -42.91 -2.50 70.47
N GLU K 335 -42.70 -1.20 70.69
CA GLU K 335 -43.81 -0.34 71.08
C GLU K 335 -43.98 0.81 70.09
N ALA L 2 89.08 -6.46 -34.21
CA ALA L 2 88.45 -5.96 -35.42
C ALA L 2 87.68 -7.04 -36.15
N THR L 3 86.68 -6.63 -36.94
CA THR L 3 85.92 -7.58 -37.74
C THR L 3 86.81 -8.15 -38.83
N LEU L 4 86.36 -9.26 -39.42
CA LEU L 4 87.11 -9.86 -40.53
C LEU L 4 87.20 -8.89 -41.72
N LYS L 5 86.12 -8.18 -42.04
CA LYS L 5 86.19 -7.15 -43.06
C LYS L 5 87.24 -6.11 -42.71
N GLU L 6 87.37 -5.77 -41.42
CA GLU L 6 88.33 -4.76 -41.00
C GLU L 6 89.76 -5.26 -41.15
N LYS L 7 90.00 -6.55 -40.86
CA LYS L 7 91.33 -7.11 -41.03
C LYS L 7 91.70 -7.25 -42.49
N LEU L 8 90.74 -7.69 -43.33
CA LEU L 8 91.06 -8.00 -44.72
C LEU L 8 91.19 -6.74 -45.58
N ILE L 9 90.36 -5.72 -45.34
CA ILE L 9 90.28 -4.56 -46.23
C ILE L 9 90.82 -3.32 -45.53
N ALA L 10 91.79 -2.68 -46.16
CA ALA L 10 92.35 -1.44 -45.68
C ALA L 10 91.84 -0.31 -46.56
N PRO L 11 91.12 0.67 -46.02
CA PRO L 11 90.53 1.70 -46.86
C PRO L 11 91.59 2.62 -47.46
N VAL L 12 91.35 3.02 -48.70
CA VAL L 12 92.12 4.04 -49.38
C VAL L 12 91.36 5.36 -49.51
N ALA L 13 90.05 5.30 -49.71
CA ALA L 13 89.17 6.45 -49.69
C ALA L 13 88.18 6.31 -48.56
N GLU L 14 87.50 7.40 -48.23
CA GLU L 14 86.45 7.35 -47.21
C GLU L 14 85.23 6.62 -47.76
N GLU L 15 84.41 6.11 -46.84
CA GLU L 15 83.22 5.33 -47.23
C GLU L 15 82.35 6.11 -48.21
N GLU L 16 82.10 7.39 -47.94
CA GLU L 16 81.29 8.22 -48.81
C GLU L 16 79.95 7.55 -49.09
N ALA L 17 79.74 7.20 -50.36
CA ALA L 17 78.48 6.62 -50.80
C ALA L 17 78.64 6.05 -52.20
N THR L 18 77.59 6.18 -53.01
CA THR L 18 77.65 5.88 -54.44
C THR L 18 76.35 6.40 -55.03
N VAL L 19 76.44 7.36 -55.94
CA VAL L 19 75.29 7.79 -56.72
C VAL L 19 75.25 6.92 -57.97
N PRO L 20 74.26 6.03 -58.13
CA PRO L 20 74.26 5.15 -59.30
C PRO L 20 74.32 5.96 -60.58
N ASN L 21 75.00 5.42 -61.58
CA ASN L 21 75.07 6.08 -62.88
C ASN L 21 73.92 5.58 -63.75
N ASN L 22 73.99 4.34 -64.22
CA ASN L 22 72.93 3.78 -65.07
C ASN L 22 71.97 2.95 -64.23
N LYS L 23 71.17 3.64 -63.42
CA LYS L 23 70.15 2.96 -62.63
C LYS L 23 68.88 2.77 -63.47
N ILE L 24 68.43 1.52 -63.53
CA ILE L 24 67.20 1.15 -64.22
C ILE L 24 66.25 0.58 -63.18
N THR L 25 65.00 1.02 -63.22
CA THR L 25 63.94 0.49 -62.38
C THR L 25 62.93 -0.21 -63.27
N VAL L 26 62.42 -1.36 -62.81
CA VAL L 26 61.36 -2.08 -63.49
C VAL L 26 60.17 -2.17 -62.53
N VAL L 27 59.05 -1.56 -62.92
CA VAL L 27 57.84 -1.55 -62.12
C VAL L 27 56.91 -2.63 -62.69
N GLY L 28 56.63 -3.62 -61.87
CA GLY L 28 55.92 -4.79 -62.33
C GLY L 28 56.89 -5.95 -62.48
N VAL L 29 56.76 -6.95 -61.61
CA VAL L 29 57.69 -8.06 -61.56
C VAL L 29 57.05 -9.34 -62.07
N GLY L 30 56.10 -9.21 -63.00
CA GLY L 30 55.46 -10.36 -63.60
C GLY L 30 56.19 -10.88 -64.83
N GLN L 31 55.44 -11.51 -65.72
CA GLN L 31 56.06 -12.14 -66.89
C GLN L 31 56.90 -11.12 -67.67
N VAL L 32 56.32 -9.96 -67.94
CA VAL L 32 57.01 -8.96 -68.74
C VAL L 32 58.09 -8.24 -67.92
N GLY L 33 57.79 -7.89 -66.67
CA GLY L 33 58.79 -7.21 -65.84
C GLY L 33 60.04 -8.03 -65.66
N MET L 34 59.89 -9.31 -65.30
CA MET L 34 61.03 -10.20 -65.16
C MET L 34 61.73 -10.45 -66.50
N ALA L 35 60.97 -10.60 -67.59
CA ALA L 35 61.62 -10.78 -68.88
C ALA L 35 62.50 -9.56 -69.19
N CYS L 36 61.98 -8.36 -68.96
CA CYS L 36 62.78 -7.16 -69.12
C CYS L 36 63.99 -7.17 -68.20
N ALA L 37 63.79 -7.54 -66.92
CA ALA L 37 64.88 -7.57 -65.96
C ALA L 37 66.01 -8.47 -66.43
N ILE L 38 65.69 -9.72 -66.78
CA ILE L 38 66.74 -10.66 -67.14
C ILE L 38 67.37 -10.26 -68.46
N SER L 39 66.62 -9.60 -69.34
CA SER L 39 67.23 -9.11 -70.58
C SER L 39 68.19 -7.95 -70.29
N ILE L 40 67.80 -7.03 -69.40
CA ILE L 40 68.62 -5.88 -69.06
C ILE L 40 69.91 -6.35 -68.39
N LEU L 41 69.77 -7.24 -67.43
CA LEU L 41 70.90 -7.82 -66.74
C LEU L 41 71.81 -8.59 -67.69
N GLY L 42 71.21 -9.38 -68.59
CA GLY L 42 72.00 -10.16 -69.52
C GLY L 42 72.88 -9.30 -70.41
N LYS L 43 72.44 -8.09 -70.71
CA LYS L 43 73.24 -7.18 -71.52
C LYS L 43 74.01 -6.17 -70.70
N SER L 44 74.12 -6.38 -69.37
CA SER L 44 74.88 -5.52 -68.48
C SER L 44 74.56 -4.04 -68.70
N LEU L 45 73.28 -3.72 -68.77
CA LEU L 45 72.87 -2.35 -69.06
C LEU L 45 72.72 -1.49 -67.81
N ALA L 46 72.54 -2.09 -66.63
CA ALA L 46 72.36 -1.36 -65.37
C ALA L 46 73.48 -1.69 -64.38
N ASP L 47 74.03 -0.66 -63.73
CA ASP L 47 74.88 -0.90 -62.57
C ASP L 47 74.07 -1.07 -61.30
N GLU L 48 72.79 -0.68 -61.35
CA GLU L 48 71.83 -0.88 -60.27
C GLU L 48 70.46 -1.09 -60.88
N LEU L 49 69.80 -2.19 -60.54
CA LEU L 49 68.43 -2.49 -60.96
C LEU L 49 67.54 -2.50 -59.74
N ALA L 50 66.40 -1.81 -59.83
CA ALA L 50 65.43 -1.75 -58.74
C ALA L 50 64.11 -2.33 -59.21
N LEU L 51 63.47 -3.07 -58.32
CA LEU L 51 62.21 -3.75 -58.60
C LEU L 51 61.10 -3.18 -57.72
N VAL L 52 59.90 -3.06 -58.29
CA VAL L 52 58.74 -2.49 -57.60
C VAL L 52 57.49 -3.27 -58.01
N ASP L 53 56.70 -3.66 -57.02
CA ASP L 53 55.44 -4.36 -57.23
C ASP L 53 54.56 -4.10 -56.01
N VAL L 54 53.29 -4.52 -56.13
CA VAL L 54 52.37 -4.40 -55.00
C VAL L 54 52.38 -5.67 -54.16
N LEU L 55 52.66 -6.81 -54.77
CA LEU L 55 52.85 -8.04 -54.03
C LEU L 55 54.28 -8.07 -53.49
N GLU L 56 54.42 -8.06 -52.15
CA GLU L 56 55.73 -7.93 -51.53
C GLU L 56 56.48 -9.25 -51.49
N ASP L 57 55.77 -10.35 -51.24
CA ASP L 57 56.44 -11.65 -51.19
C ASP L 57 57.05 -11.99 -52.55
N LYS L 58 56.25 -11.88 -53.61
CA LYS L 58 56.77 -12.14 -54.95
C LYS L 58 57.90 -11.18 -55.29
N LEU L 59 57.74 -9.91 -54.93
CA LEU L 59 58.79 -8.93 -55.17
C LEU L 59 60.10 -9.38 -54.55
N LYS L 60 60.06 -9.74 -53.28
CA LYS L 60 61.28 -10.18 -52.58
C LYS L 60 61.83 -11.44 -53.23
N GLY L 61 60.96 -12.34 -53.68
CA GLY L 61 61.41 -13.56 -54.31
C GLY L 61 62.18 -13.31 -55.60
N GLU L 62 61.62 -12.46 -56.47
CA GLU L 62 62.35 -12.09 -57.69
C GLU L 62 63.68 -11.44 -57.34
N MET L 63 63.68 -10.54 -56.36
CA MET L 63 64.93 -9.90 -55.98
C MET L 63 65.98 -10.94 -55.58
N MET L 64 65.59 -11.91 -54.75
CA MET L 64 66.54 -12.88 -54.26
C MET L 64 67.05 -13.80 -55.36
N ASP L 65 66.15 -14.27 -56.24
CA ASP L 65 66.57 -15.06 -57.40
C ASP L 65 67.61 -14.32 -58.23
N LEU L 66 67.31 -13.05 -58.56
CA LEU L 66 68.27 -12.27 -59.33
C LEU L 66 69.60 -12.16 -58.60
N GLN L 67 69.55 -11.74 -57.33
CA GLN L 67 70.76 -11.61 -56.55
C GLN L 67 71.59 -12.89 -56.57
N HIS L 68 70.93 -14.04 -56.43
CA HIS L 68 71.62 -15.32 -56.46
C HIS L 68 72.29 -15.55 -57.81
N GLY L 69 71.82 -14.88 -58.85
CA GLY L 69 72.57 -14.90 -60.11
C GLY L 69 73.77 -13.97 -60.21
N SER L 70 74.09 -13.21 -59.16
CA SER L 70 75.01 -12.08 -59.30
C SER L 70 76.40 -12.49 -59.80
N LEU L 71 76.87 -13.67 -59.42
CA LEU L 71 78.19 -14.12 -59.86
C LEU L 71 78.34 -14.08 -61.38
N PHE L 72 77.27 -14.38 -62.12
CA PHE L 72 77.32 -14.44 -63.57
C PHE L 72 76.98 -13.13 -64.23
N LEU L 73 76.74 -12.09 -63.43
CA LEU L 73 76.24 -10.82 -63.88
C LEU L 73 77.27 -9.72 -63.65
N GLN L 74 76.89 -8.52 -64.09
CA GLN L 74 77.71 -7.32 -63.96
C GLN L 74 76.87 -6.17 -63.41
N THR L 75 75.95 -6.48 -62.51
CA THR L 75 75.13 -5.44 -61.88
C THR L 75 75.32 -5.56 -60.38
N PRO L 76 76.24 -4.79 -59.79
CA PRO L 76 76.64 -5.06 -58.40
C PRO L 76 75.57 -4.77 -57.39
N LYS L 77 74.41 -4.29 -57.81
CA LYS L 77 73.39 -3.95 -56.83
C LYS L 77 71.99 -4.22 -57.37
N ILE L 78 71.27 -5.10 -56.72
CA ILE L 78 69.90 -5.41 -57.09
C ILE L 78 69.03 -5.24 -55.84
N VAL L 79 68.04 -4.34 -55.92
CA VAL L 79 67.20 -3.99 -54.78
C VAL L 79 65.74 -4.03 -55.21
N ALA L 80 64.85 -4.28 -54.25
CA ALA L 80 63.43 -4.34 -54.54
C ALA L 80 62.62 -3.84 -53.35
N ASP L 81 61.55 -3.09 -53.64
CA ASP L 81 60.68 -2.57 -52.60
C ASP L 81 59.41 -2.01 -53.20
N LYS L 82 58.30 -2.19 -52.47
CA LYS L 82 57.06 -1.51 -52.86
C LYS L 82 57.23 0.00 -52.76
N ASP L 83 57.93 0.47 -51.72
CA ASP L 83 58.16 1.90 -51.51
C ASP L 83 59.07 2.43 -52.60
N TYR L 84 58.59 3.44 -53.33
CA TYR L 84 59.32 3.91 -54.49
C TYR L 84 60.64 4.61 -54.14
N SER L 85 60.99 4.75 -52.86
CA SER L 85 62.28 5.32 -52.52
C SER L 85 63.42 4.53 -53.16
N VAL L 86 63.22 3.22 -53.31
CA VAL L 86 64.24 2.34 -53.87
C VAL L 86 64.54 2.68 -55.31
N THR L 87 63.66 3.43 -55.97
CA THR L 87 63.82 3.74 -57.39
C THR L 87 64.51 5.08 -57.59
N ALA L 88 64.94 5.73 -56.52
CA ALA L 88 65.52 7.06 -56.61
C ALA L 88 66.75 7.08 -57.52
N ASN L 89 66.85 8.11 -58.35
CA ASN L 89 68.00 8.36 -59.22
C ASN L 89 68.07 7.40 -60.41
N SER L 90 66.99 6.69 -60.71
CA SER L 90 66.96 5.86 -61.90
C SER L 90 67.14 6.70 -63.14
N LYS L 91 68.01 6.23 -64.03
CA LYS L 91 68.09 6.84 -65.35
C LYS L 91 66.92 6.40 -66.24
N ILE L 92 66.44 5.17 -66.10
CA ILE L 92 65.31 4.71 -66.88
C ILE L 92 64.36 3.90 -66.01
N VAL L 93 63.05 4.07 -66.24
CA VAL L 93 62.05 3.32 -65.50
C VAL L 93 61.09 2.67 -66.49
N VAL L 94 60.98 1.34 -66.42
CA VAL L 94 60.16 0.53 -67.32
C VAL L 94 58.89 0.14 -66.58
N VAL L 95 57.73 0.57 -67.05
CA VAL L 95 56.47 0.29 -66.37
C VAL L 95 55.76 -0.86 -67.08
N THR L 96 55.69 -2.01 -66.39
CA THR L 96 55.00 -3.20 -66.88
C THR L 96 53.86 -3.62 -65.96
N ALA L 97 53.49 -2.78 -64.99
CA ALA L 97 52.50 -3.18 -64.00
C ALA L 97 51.09 -3.00 -64.54
N GLY L 98 50.15 -3.76 -63.96
CA GLY L 98 48.72 -3.64 -64.22
C GLY L 98 48.14 -4.96 -64.67
N VAL L 99 46.95 -4.88 -65.31
CA VAL L 99 46.22 -6.05 -65.80
C VAL L 99 46.68 -6.36 -67.22
N ARG L 100 46.59 -7.64 -67.59
CA ARG L 100 47.00 -8.08 -68.92
C ARG L 100 45.82 -8.71 -69.67
N GLN L 101 46.02 -8.87 -70.98
CA GLN L 101 44.96 -9.37 -71.87
C GLN L 101 44.51 -10.76 -71.45
N GLN L 102 43.19 -10.96 -71.39
CA GLN L 102 42.68 -12.31 -71.39
C GLN L 102 42.58 -12.82 -72.82
N GLU L 103 42.39 -14.12 -72.97
CA GLU L 103 42.34 -14.72 -74.29
C GLU L 103 41.24 -14.08 -75.12
N GLY L 104 41.60 -13.57 -76.28
CA GLY L 104 40.68 -12.87 -77.16
C GLY L 104 40.50 -11.41 -76.82
N GLU L 105 40.72 -11.05 -75.56
CA GLU L 105 40.46 -9.69 -75.12
C GLU L 105 41.38 -8.70 -75.82
N SER L 106 40.82 -7.60 -76.31
CA SER L 106 41.62 -6.55 -76.90
C SER L 106 42.33 -5.74 -75.81
N ARG L 107 43.37 -5.01 -76.24
CA ARG L 107 44.15 -4.23 -75.29
C ARG L 107 43.37 -3.05 -74.73
N LEU L 108 42.37 -2.55 -75.44
CA LEU L 108 41.69 -1.34 -75.02
C LEU L 108 40.74 -1.59 -73.84
N ASN L 109 40.19 -2.80 -73.72
CA ASN L 109 39.33 -3.06 -72.57
C ASN L 109 40.11 -3.14 -71.25
N LEU L 110 41.44 -3.17 -71.29
CA LEU L 110 42.22 -3.03 -70.08
C LEU L 110 42.38 -1.57 -69.64
N VAL L 111 41.96 -0.59 -70.45
CA VAL L 111 42.33 0.78 -70.21
C VAL L 111 41.95 1.22 -68.78
N GLN L 112 40.66 1.13 -68.43
CA GLN L 112 40.16 1.61 -67.13
C GLN L 112 40.97 1.08 -65.95
N ARG L 113 41.00 -0.21 -65.70
CA ARG L 113 41.76 -0.77 -64.59
C ARG L 113 43.17 -0.20 -64.62
N ASN L 114 43.81 -0.26 -65.79
CA ASN L 114 45.23 0.01 -65.80
C ASN L 114 45.53 1.50 -65.63
N VAL L 115 44.83 2.36 -66.38
CA VAL L 115 44.94 3.79 -66.10
C VAL L 115 44.81 4.03 -64.59
N ASN L 116 43.86 3.35 -63.95
CA ASN L 116 43.69 3.56 -62.51
C ASN L 116 44.98 3.23 -61.77
N VAL L 117 45.52 2.02 -62.02
CA VAL L 117 46.78 1.62 -61.40
C VAL L 117 47.84 2.68 -61.60
N PHE L 118 47.90 3.27 -62.80
CA PHE L 118 48.96 4.23 -63.08
C PHE L 118 48.86 5.46 -62.20
N LYS L 119 47.66 5.92 -61.87
CA LYS L 119 47.46 7.05 -60.97
C LYS L 119 47.99 6.78 -59.58
N PHE L 120 48.63 5.64 -59.38
CA PHE L 120 49.30 5.31 -58.14
C PHE L 120 50.82 5.29 -58.29
N ILE L 121 51.33 5.00 -59.48
CA ILE L 121 52.75 4.71 -59.68
C ILE L 121 53.47 5.86 -60.38
N ILE L 122 52.90 6.39 -61.45
CA ILE L 122 53.56 7.47 -62.18
C ILE L 122 53.90 8.65 -61.29
N PRO L 123 52.98 9.19 -60.49
CA PRO L 123 53.38 10.31 -59.63
C PRO L 123 54.66 9.99 -58.87
N GLN L 124 54.65 8.90 -58.09
CA GLN L 124 55.79 8.53 -57.28
C GLN L 124 57.08 8.46 -58.10
N ILE L 125 57.07 7.84 -59.28
CA ILE L 125 58.28 7.83 -60.10
C ILE L 125 58.87 9.23 -60.19
N VAL L 126 58.10 10.19 -60.73
CA VAL L 126 58.72 11.50 -60.93
C VAL L 126 59.08 12.17 -59.62
N LYS L 127 58.54 11.70 -58.50
CA LYS L 127 58.97 12.21 -57.22
C LYS L 127 60.40 11.75 -56.91
N TYR L 128 60.68 10.45 -57.04
CA TYR L 128 61.98 9.90 -56.64
C TYR L 128 63.00 9.93 -57.77
N SER L 129 62.55 10.07 -59.02
CA SER L 129 63.44 10.14 -60.17
C SER L 129 62.93 11.21 -61.13
N PRO L 130 63.05 12.48 -60.75
CA PRO L 130 62.51 13.56 -61.61
C PRO L 130 63.16 13.62 -62.98
N ASP L 131 64.39 13.15 -63.14
CA ASP L 131 65.15 13.31 -64.38
C ASP L 131 65.07 12.08 -65.28
N CYS L 132 64.21 11.13 -64.96
CA CYS L 132 64.23 9.82 -65.58
C CYS L 132 63.47 9.81 -66.90
N ILE L 133 63.85 8.87 -67.75
CA ILE L 133 63.09 8.52 -68.94
C ILE L 133 62.21 7.34 -68.58
N ILE L 134 60.93 7.41 -68.93
CA ILE L 134 59.96 6.37 -68.61
C ILE L 134 59.59 5.64 -69.89
N ILE L 135 59.76 4.32 -69.90
CA ILE L 135 59.35 3.46 -70.99
C ILE L 135 58.10 2.72 -70.54
N VAL L 136 56.99 2.94 -71.25
CA VAL L 136 55.72 2.33 -70.90
C VAL L 136 55.56 1.04 -71.69
N VAL L 137 55.23 -0.04 -71.01
CA VAL L 137 54.94 -1.32 -71.65
C VAL L 137 53.49 -1.75 -71.44
N SER L 138 52.96 -1.58 -70.23
CA SER L 138 51.59 -1.98 -69.89
C SER L 138 50.62 -1.60 -71.00
N ASN L 139 49.61 -2.42 -71.20
CA ASN L 139 48.65 -2.17 -72.27
C ASN L 139 47.32 -1.66 -71.73
N PRO L 140 46.57 -0.87 -72.53
CA PRO L 140 46.92 -0.45 -73.89
C PRO L 140 48.10 0.54 -73.92
N VAL L 141 49.14 0.22 -74.69
CA VAL L 141 50.44 0.86 -74.49
C VAL L 141 50.42 2.31 -74.97
N ASP L 142 49.88 2.57 -76.16
CA ASP L 142 49.89 3.94 -76.66
C ASP L 142 49.05 4.86 -75.78
N ILE L 143 47.93 4.34 -75.27
CA ILE L 143 47.08 5.12 -74.38
C ILE L 143 47.78 5.37 -73.05
N LEU L 144 48.32 4.31 -72.45
CA LEU L 144 49.00 4.47 -71.16
C LEU L 144 50.23 5.36 -71.30
N THR L 145 50.84 5.42 -72.48
CA THR L 145 51.95 6.34 -72.70
C THR L 145 51.48 7.79 -72.68
N TYR L 146 50.38 8.09 -73.40
CA TYR L 146 49.77 9.41 -73.27
C TYR L 146 49.44 9.73 -71.81
N VAL L 147 48.79 8.79 -71.13
CA VAL L 147 48.38 8.96 -69.74
C VAL L 147 49.59 9.29 -68.86
N THR L 148 50.72 8.59 -69.07
CA THR L 148 51.92 8.86 -68.29
C THR L 148 52.49 10.23 -68.62
N TRP L 149 52.62 10.53 -69.91
CA TRP L 149 53.08 11.85 -70.32
C TRP L 149 52.33 12.95 -69.59
N LYS L 150 51.02 12.77 -69.37
CA LYS L 150 50.23 13.81 -68.71
C LYS L 150 50.39 13.77 -67.19
N LEU L 151 50.19 12.61 -66.58
CA LEU L 151 50.27 12.44 -65.13
C LEU L 151 51.67 12.70 -64.57
N SER L 152 52.68 12.76 -65.42
CA SER L 152 54.06 13.00 -65.01
C SER L 152 54.49 14.46 -65.18
N GLY L 153 53.97 15.16 -66.18
CA GLY L 153 54.48 16.47 -66.52
C GLY L 153 55.90 16.49 -67.06
N LEU L 154 56.40 15.33 -67.54
CA LEU L 154 57.72 15.26 -68.15
C LEU L 154 57.65 15.69 -69.61
N PRO L 155 58.75 16.22 -70.13
CA PRO L 155 58.78 16.57 -71.56
C PRO L 155 58.44 15.36 -72.42
N LYS L 156 57.89 15.64 -73.60
CA LYS L 156 57.56 14.58 -74.55
C LYS L 156 58.74 13.64 -74.76
N HIS L 157 59.94 14.19 -74.97
CA HIS L 157 61.14 13.43 -75.28
C HIS L 157 61.58 12.47 -74.17
N ARG L 158 60.87 12.46 -73.03
CA ARG L 158 61.25 11.60 -71.91
C ARG L 158 60.17 10.59 -71.55
N VAL L 159 59.11 10.46 -72.36
CA VAL L 159 58.06 9.45 -72.15
C VAL L 159 57.91 8.69 -73.46
N ILE L 160 58.29 7.42 -73.45
CA ILE L 160 58.32 6.58 -74.66
C ILE L 160 57.50 5.33 -74.38
N GLY L 161 56.54 5.03 -75.26
CA GLY L 161 55.85 3.77 -75.21
C GLY L 161 56.56 2.78 -76.13
N SER L 162 56.70 1.54 -75.66
CA SER L 162 57.41 0.55 -76.48
C SER L 162 56.74 0.39 -77.84
N GLY L 163 55.47 0.76 -77.96
CA GLY L 163 54.89 0.95 -79.28
C GLY L 163 55.00 -0.29 -80.15
N CYS L 164 55.32 -0.07 -81.43
CA CYS L 164 55.40 -1.15 -82.40
C CYS L 164 56.79 -1.77 -82.52
N ASN L 165 57.69 -1.45 -81.59
CA ASN L 165 58.99 -2.09 -81.62
C ASN L 165 58.85 -3.60 -81.70
N LEU L 166 57.99 -4.16 -80.85
CA LEU L 166 57.69 -5.59 -80.92
C LEU L 166 57.07 -5.97 -82.26
N ASP L 167 56.04 -5.23 -82.70
CA ASP L 167 55.32 -5.60 -83.94
C ASP L 167 56.28 -5.69 -85.12
N SER L 168 57.08 -4.64 -85.32
CA SER L 168 58.07 -4.64 -86.38
C SER L 168 59.06 -5.78 -86.22
N ALA L 169 59.49 -6.05 -84.99
CA ALA L 169 60.35 -7.21 -84.78
C ALA L 169 59.68 -8.46 -85.31
N ARG L 170 58.41 -8.65 -84.92
CA ARG L 170 57.63 -9.74 -85.47
C ARG L 170 57.61 -9.65 -86.99
N PHE L 171 57.21 -8.49 -87.51
CA PHE L 171 57.19 -8.31 -88.96
C PHE L 171 58.49 -8.83 -89.55
N ARG L 172 59.62 -8.41 -88.96
CA ARG L 172 60.87 -8.73 -89.63
C ARG L 172 61.15 -10.22 -89.51
N TYR L 173 60.88 -10.80 -88.34
CA TYR L 173 61.00 -12.24 -88.24
C TYR L 173 60.24 -12.95 -89.36
N LEU L 174 58.96 -12.56 -89.57
CA LEU L 174 58.19 -13.30 -90.56
C LEU L 174 58.78 -13.11 -91.94
N MET L 175 59.18 -11.88 -92.25
CA MET L 175 59.86 -11.62 -93.50
C MET L 175 61.08 -12.53 -93.66
N ALA L 176 61.86 -12.67 -92.58
CA ALA L 176 63.05 -13.50 -92.68
C ALA L 176 62.67 -14.94 -92.93
N GLU L 177 61.63 -15.44 -92.26
CA GLU L 177 61.15 -16.79 -92.51
C GLU L 177 60.75 -16.96 -93.97
N LYS L 178 60.41 -15.88 -94.65
CA LYS L 178 60.02 -16.02 -96.04
C LYS L 178 61.23 -16.06 -96.95
N LEU L 179 62.33 -15.43 -96.54
CA LEU L 179 63.47 -15.24 -97.43
C LEU L 179 64.70 -16.02 -97.04
N GLY L 180 64.70 -16.65 -95.86
CA GLY L 180 65.88 -17.37 -95.43
C GLY L 180 67.07 -16.48 -95.12
N ILE L 181 66.82 -15.27 -94.62
CA ILE L 181 67.89 -14.39 -94.18
C ILE L 181 67.59 -13.96 -92.74
N HIS L 182 68.63 -13.51 -92.06
CA HIS L 182 68.49 -13.05 -90.69
C HIS L 182 67.52 -11.87 -90.63
N PRO L 183 66.70 -11.76 -89.59
CA PRO L 183 65.78 -10.62 -89.46
C PRO L 183 66.47 -9.27 -89.52
N SER L 184 67.71 -9.15 -89.01
CA SER L 184 68.37 -7.85 -89.04
C SER L 184 68.66 -7.38 -90.47
N SER L 185 68.78 -8.29 -91.41
CA SER L 185 69.01 -7.90 -92.80
C SER L 185 67.70 -7.74 -93.57
N CYS L 186 66.56 -8.00 -92.91
CA CYS L 186 65.25 -7.61 -93.37
C CYS L 186 64.90 -6.26 -92.76
N HIS L 187 64.31 -5.38 -93.56
CA HIS L 187 63.89 -4.06 -93.10
C HIS L 187 62.43 -3.84 -93.47
N GLY L 188 61.62 -3.49 -92.48
CA GLY L 188 60.24 -3.15 -92.70
C GLY L 188 59.69 -2.53 -91.43
N TRP L 189 58.72 -1.64 -91.56
CA TRP L 189 58.22 -0.88 -90.42
C TRP L 189 56.72 -1.11 -90.19
N ILE L 190 56.39 -1.46 -88.94
CA ILE L 190 55.02 -1.50 -88.46
C ILE L 190 54.84 -0.27 -87.57
N LEU L 191 53.87 0.58 -87.92
CA LEU L 191 53.63 1.82 -87.17
C LEU L 191 52.18 1.95 -86.70
N GLY L 192 51.85 3.10 -86.10
CA GLY L 192 50.51 3.35 -85.60
C GLY L 192 50.26 2.76 -84.22
N GLU L 193 49.07 2.20 -84.02
CA GLU L 193 48.75 1.56 -82.75
C GLU L 193 49.46 0.22 -82.67
N HIS L 194 50.08 -0.05 -81.52
CA HIS L 194 50.59 -1.38 -81.23
C HIS L 194 49.38 -2.23 -80.89
N GLY L 195 48.75 -2.78 -81.93
CA GLY L 195 47.49 -3.51 -81.76
C GLY L 195 46.80 -3.80 -83.10
N ASP L 196 45.46 -3.80 -83.06
CA ASP L 196 44.68 -4.29 -84.19
C ASP L 196 44.76 -3.38 -85.42
N SER L 197 45.03 -2.10 -85.19
CA SER L 197 45.00 -1.11 -86.26
C SER L 197 46.38 -0.73 -86.75
N SER L 198 47.40 -1.52 -86.45
CA SER L 198 48.76 -1.13 -86.82
C SER L 198 48.87 -1.06 -88.34
N VAL L 199 49.80 -0.21 -88.79
CA VAL L 199 50.00 0.11 -90.20
C VAL L 199 51.32 -0.51 -90.66
N ALA L 200 51.26 -1.30 -91.73
CA ALA L 200 52.45 -1.86 -92.37
C ALA L 200 52.87 -0.96 -93.52
N VAL L 201 54.05 -0.35 -93.42
CA VAL L 201 54.52 0.61 -94.44
C VAL L 201 55.23 -0.21 -95.51
N TRP L 202 54.43 -0.78 -96.42
CA TRP L 202 54.96 -1.63 -97.48
C TRP L 202 56.03 -0.94 -98.31
N SER L 203 55.84 0.37 -98.58
CA SER L 203 56.78 1.07 -99.45
C SER L 203 58.20 1.03 -98.92
N GLY L 204 58.40 0.77 -97.63
CA GLY L 204 59.72 0.77 -97.06
C GLY L 204 60.32 -0.62 -96.90
N VAL L 205 59.53 -1.67 -97.12
CA VAL L 205 60.03 -3.02 -96.94
C VAL L 205 61.12 -3.30 -97.96
N ASN L 206 62.30 -3.72 -97.48
CA ASN L 206 63.44 -3.84 -98.38
C ASN L 206 64.54 -4.70 -97.78
N VAL L 207 65.20 -5.48 -98.64
CA VAL L 207 66.46 -6.15 -98.33
C VAL L 207 67.55 -5.45 -99.13
N ALA L 208 68.68 -5.18 -98.45
CA ALA L 208 69.86 -4.58 -99.09
C ALA L 208 69.50 -3.35 -99.93
N GLY L 209 68.43 -2.66 -99.55
CA GLY L 209 67.98 -1.49 -100.26
C GLY L 209 67.13 -1.79 -101.48
N VAL L 210 66.76 -3.06 -101.69
CA VAL L 210 65.88 -3.46 -102.79
C VAL L 210 64.45 -3.42 -102.29
N SER L 211 63.68 -2.43 -102.76
CA SER L 211 62.26 -2.38 -102.46
C SER L 211 61.58 -3.66 -102.90
N LEU L 212 61.01 -4.40 -101.94
CA LEU L 212 60.30 -5.63 -102.27
C LEU L 212 58.99 -5.34 -103.00
N GLN L 213 58.42 -4.16 -102.76
CA GLN L 213 57.20 -3.74 -103.43
C GLN L 213 57.45 -3.32 -104.88
N GLU L 214 58.70 -3.09 -105.26
CA GLU L 214 59.02 -2.92 -106.67
C GLU L 214 59.02 -4.27 -107.37
N LEU L 215 59.66 -5.28 -106.76
CA LEU L 215 59.67 -6.60 -107.36
C LEU L 215 58.28 -7.20 -107.35
N ASN L 216 57.44 -6.77 -106.42
CA ASN L 216 56.10 -7.31 -106.24
C ASN L 216 55.14 -6.18 -105.96
N PRO L 217 54.74 -5.42 -106.99
CA PRO L 217 53.88 -4.24 -106.77
C PRO L 217 52.52 -4.57 -106.19
N GLU L 218 52.14 -5.85 -106.16
CA GLU L 218 50.89 -6.27 -105.54
C GLU L 218 51.00 -6.35 -104.01
N MET L 219 52.20 -6.12 -103.46
CA MET L 219 52.41 -6.24 -102.02
C MET L 219 51.53 -5.25 -101.27
N GLY L 220 50.82 -5.75 -100.27
CA GLY L 220 49.89 -4.93 -99.51
C GLY L 220 48.51 -4.80 -100.09
N THR L 221 48.18 -5.57 -101.12
CA THR L 221 46.84 -5.60 -101.70
C THR L 221 46.21 -6.97 -101.46
N ASP L 222 44.93 -7.08 -101.81
CA ASP L 222 44.22 -8.35 -101.65
C ASP L 222 44.51 -9.34 -102.77
N ASN L 223 45.01 -8.88 -103.91
CA ASN L 223 45.34 -9.76 -105.03
C ASN L 223 46.85 -9.89 -105.16
N ASP L 224 47.43 -10.64 -104.21
CA ASP L 224 48.88 -10.71 -104.07
C ASP L 224 49.30 -12.18 -104.08
N SER L 225 50.16 -12.54 -105.02
CA SER L 225 50.69 -13.90 -105.07
C SER L 225 51.54 -14.24 -103.85
N GLU L 226 52.02 -13.23 -103.11
CA GLU L 226 52.86 -13.48 -101.95
C GLU L 226 52.14 -13.33 -100.61
N ASN L 227 50.87 -12.90 -100.63
CA ASN L 227 50.05 -12.81 -99.41
C ASN L 227 50.71 -11.97 -98.33
N TRP L 228 51.33 -10.86 -98.73
CA TRP L 228 52.01 -10.02 -97.76
C TRP L 228 51.04 -9.47 -96.72
N LYS L 229 49.81 -9.16 -97.16
CA LYS L 229 48.81 -8.69 -96.22
C LYS L 229 48.58 -9.70 -95.11
N GLU L 230 48.67 -10.99 -95.44
CA GLU L 230 48.50 -12.02 -94.41
C GLU L 230 49.73 -12.09 -93.50
N VAL L 231 50.89 -11.63 -93.97
CA VAL L 231 52.01 -11.42 -93.05
C VAL L 231 51.66 -10.34 -92.04
N HIS L 232 51.10 -9.24 -92.52
CA HIS L 232 50.67 -8.20 -91.59
C HIS L 232 49.61 -8.73 -90.62
N LYS L 233 48.70 -9.56 -91.11
CA LYS L 233 47.69 -10.12 -90.21
C LYS L 233 48.30 -11.10 -89.21
N MET L 234 49.30 -11.86 -89.63
CA MET L 234 50.04 -12.70 -88.69
C MET L 234 50.67 -11.86 -87.59
N VAL L 235 51.23 -10.70 -87.95
CA VAL L 235 51.74 -9.77 -86.96
C VAL L 235 50.63 -9.37 -86.00
N VAL L 236 49.49 -8.92 -86.53
CA VAL L 236 48.41 -8.44 -85.69
C VAL L 236 47.91 -9.54 -84.75
N GLU L 237 47.86 -10.78 -85.23
CA GLU L 237 47.29 -11.89 -84.47
C GLU L 237 48.29 -12.59 -83.54
N SER L 238 49.59 -12.34 -83.71
CA SER L 238 50.61 -13.08 -82.99
C SER L 238 50.36 -13.06 -81.48
N ALA L 239 50.08 -11.88 -80.92
CA ALA L 239 49.87 -11.79 -79.48
C ALA L 239 48.75 -12.74 -79.04
N TYR L 240 47.60 -12.69 -79.72
CA TYR L 240 46.49 -13.58 -79.34
C TYR L 240 46.86 -15.04 -79.49
N GLU L 241 47.56 -15.38 -80.58
CA GLU L 241 47.99 -16.77 -80.77
C GLU L 241 48.83 -17.25 -79.59
N VAL L 242 49.85 -16.47 -79.24
CA VAL L 242 50.72 -16.82 -78.13
C VAL L 242 49.96 -16.81 -76.81
N ILE L 243 48.99 -15.90 -76.67
CA ILE L 243 48.24 -15.80 -75.44
C ILE L 243 47.38 -17.04 -75.24
N LYS L 244 46.72 -17.50 -76.31
CA LYS L 244 45.96 -18.75 -76.23
C LYS L 244 46.87 -19.96 -76.03
N LEU L 245 48.11 -19.90 -76.54
CA LEU L 245 48.99 -21.06 -76.41
C LEU L 245 49.66 -21.15 -75.04
N LYS L 246 50.03 -20.01 -74.44
CA LYS L 246 50.76 -20.04 -73.18
C LYS L 246 50.28 -19.01 -72.15
N GLY L 247 49.30 -18.15 -72.47
CA GLY L 247 48.68 -17.29 -71.48
C GLY L 247 49.16 -15.85 -71.48
N TYR L 248 50.32 -15.58 -72.05
CA TYR L 248 50.93 -14.25 -72.06
C TYR L 248 52.09 -14.33 -73.04
N THR L 249 52.59 -13.19 -73.46
CA THR L 249 53.91 -13.12 -74.09
C THR L 249 54.82 -12.33 -73.18
N ASN L 250 56.13 -12.62 -73.23
CA ASN L 250 57.05 -11.84 -72.40
C ASN L 250 58.48 -11.81 -72.96
N TRP L 251 58.98 -12.92 -73.52
CA TRP L 251 60.38 -12.97 -73.94
C TRP L 251 60.69 -11.95 -75.05
N ALA L 252 59.84 -11.88 -76.08
CA ALA L 252 60.17 -10.97 -77.18
C ALA L 252 60.03 -9.52 -76.75
N ILE L 253 59.03 -9.22 -75.93
CA ILE L 253 58.88 -7.85 -75.45
C ILE L 253 60.05 -7.47 -74.55
N GLY L 254 60.51 -8.40 -73.71
CA GLY L 254 61.66 -8.10 -72.87
C GLY L 254 62.91 -7.82 -73.66
N LEU L 255 63.17 -8.64 -74.69
CA LEU L 255 64.32 -8.37 -75.57
C LEU L 255 64.18 -7.02 -76.25
N SER L 256 62.97 -6.66 -76.67
CA SER L 256 62.73 -5.37 -77.32
C SER L 256 62.98 -4.19 -76.37
N VAL L 257 62.45 -4.29 -75.15
CA VAL L 257 62.67 -3.22 -74.19
C VAL L 257 64.15 -3.04 -73.92
N ALA L 258 64.89 -4.15 -73.83
CA ALA L 258 66.33 -4.03 -73.58
C ALA L 258 67.05 -3.42 -74.78
N ASP L 259 66.58 -3.72 -75.98
CA ASP L 259 67.11 -3.07 -77.18
C ASP L 259 66.91 -1.55 -77.12
N LEU L 260 65.75 -1.11 -76.64
CA LEU L 260 65.52 0.33 -76.52
C LEU L 260 66.44 0.96 -75.47
N ILE L 261 66.51 0.30 -74.29
CA ILE L 261 67.36 0.79 -73.22
C ILE L 261 68.79 0.93 -73.70
N GLU L 262 69.28 -0.06 -74.44
CA GLU L 262 70.66 -0.04 -74.88
C GLU L 262 70.94 1.09 -75.87
N SER L 263 70.00 1.33 -76.80
CA SER L 263 70.13 2.51 -77.64
C SER L 263 70.23 3.78 -76.80
N MET L 264 69.52 3.84 -75.68
CA MET L 264 69.48 5.11 -74.96
C MET L 264 70.71 5.30 -74.05
N LEU L 265 71.10 4.25 -73.34
CA LEU L 265 72.21 4.35 -72.39
C LEU L 265 73.56 4.48 -73.09
N LYS L 266 73.74 3.81 -74.23
CA LYS L 266 74.95 4.00 -75.03
C LYS L 266 74.89 5.23 -75.93
N ASN L 267 73.83 6.02 -75.87
CA ASN L 267 73.74 7.28 -76.58
C ASN L 267 73.91 7.12 -78.10
N LEU L 268 73.36 6.04 -78.64
CA LEU L 268 73.60 5.66 -80.02
C LEU L 268 72.81 6.46 -81.06
N SER L 269 71.72 7.10 -80.67
CA SER L 269 70.81 7.70 -81.65
C SER L 269 70.47 6.68 -82.75
N ARG L 270 69.93 5.56 -82.31
CA ARG L 270 69.39 4.55 -83.20
C ARG L 270 67.90 4.81 -83.43
N ILE L 271 67.39 4.45 -84.59
CA ILE L 271 65.99 4.71 -84.93
C ILE L 271 65.17 3.46 -84.62
N HIS L 272 64.18 3.63 -83.76
CA HIS L 272 63.28 2.55 -83.36
C HIS L 272 61.83 2.95 -83.59
N PRO L 273 60.96 2.00 -83.94
CA PRO L 273 59.53 2.33 -84.09
C PRO L 273 58.85 2.35 -82.74
N VAL L 274 58.77 3.51 -82.10
CA VAL L 274 58.23 3.59 -80.76
C VAL L 274 57.15 4.65 -80.73
N SER L 275 56.36 4.60 -79.66
CA SER L 275 55.16 5.43 -79.54
C SER L 275 55.52 6.80 -78.98
N THR L 276 55.26 7.84 -79.77
CA THR L 276 55.46 9.23 -79.39
C THR L 276 54.20 10.02 -79.69
N MET L 277 54.16 11.27 -79.22
CA MET L 277 53.00 12.14 -79.44
C MET L 277 53.08 12.71 -80.86
N VAL L 278 52.03 12.49 -81.64
CA VAL L 278 52.04 12.77 -83.07
C VAL L 278 51.18 13.98 -83.43
N LYS L 279 50.67 14.74 -82.46
CA LYS L 279 49.82 15.89 -82.80
C LYS L 279 50.57 16.83 -83.73
N GLY L 280 50.17 16.89 -85.01
CA GLY L 280 50.74 17.82 -85.95
C GLY L 280 51.22 17.15 -87.22
N MET L 281 51.10 15.81 -87.24
CA MET L 281 51.72 14.98 -88.26
C MET L 281 50.67 14.15 -88.96
N TYR L 282 50.80 14.08 -90.27
CA TYR L 282 49.86 13.32 -91.08
C TYR L 282 48.42 13.67 -90.73
N GLY L 283 48.21 14.96 -90.48
CA GLY L 283 46.93 15.53 -90.23
C GLY L 283 46.35 15.30 -88.85
N ILE L 284 47.08 14.68 -87.91
CA ILE L 284 46.54 14.50 -86.57
C ILE L 284 46.52 15.83 -85.83
N GLU L 285 45.42 16.10 -85.11
CA GLU L 285 45.23 17.38 -84.46
C GLU L 285 45.10 17.28 -82.96
N ASN L 286 44.99 16.08 -82.42
CA ASN L 286 44.89 15.86 -80.98
C ASN L 286 46.15 15.18 -80.46
N GLU L 287 46.34 15.27 -79.15
CA GLU L 287 47.48 14.67 -78.47
C GLU L 287 47.37 13.15 -78.46
N VAL L 288 47.68 12.52 -79.58
CA VAL L 288 47.64 11.08 -79.69
C VAL L 288 49.07 10.53 -79.62
N PHE L 289 49.20 9.36 -79.01
CA PHE L 289 50.46 8.65 -78.95
C PHE L 289 50.39 7.43 -79.85
N LEU L 290 51.25 7.38 -80.86
CA LEU L 290 51.41 6.16 -81.62
C LEU L 290 52.84 6.09 -82.13
N SER L 291 53.20 4.92 -82.66
CA SER L 291 54.59 4.63 -82.95
C SER L 291 54.97 5.16 -84.32
N LEU L 292 56.09 5.87 -84.36
CA LEU L 292 56.78 6.26 -85.58
C LEU L 292 58.26 5.93 -85.41
N PRO L 293 59.04 6.05 -86.50
CA PRO L 293 60.49 5.86 -86.37
C PRO L 293 61.16 7.04 -85.68
N CYS L 294 61.59 6.83 -84.44
CA CYS L 294 62.14 7.89 -83.59
C CYS L 294 63.61 7.62 -83.25
N ILE L 295 64.40 8.68 -83.25
CA ILE L 295 65.80 8.66 -82.84
C ILE L 295 65.86 8.56 -81.33
N LEU L 296 66.60 7.56 -80.82
CA LEU L 296 66.75 7.32 -79.39
C LEU L 296 68.22 7.43 -79.00
N ASN L 297 68.47 8.11 -77.87
CA ASN L 297 69.80 8.36 -77.34
C ASN L 297 69.67 8.65 -75.84
N ALA L 298 70.72 9.21 -75.24
CA ALA L 298 70.77 9.35 -73.78
C ALA L 298 69.76 10.37 -73.27
N ARG L 299 69.44 11.38 -74.07
CA ARG L 299 68.40 12.32 -73.68
C ARG L 299 67.01 11.69 -73.75
N GLY L 300 66.83 10.61 -74.50
CA GLY L 300 65.53 9.99 -74.68
C GLY L 300 65.13 9.95 -76.15
N LEU L 301 63.87 10.31 -76.41
CA LEU L 301 63.33 10.37 -77.76
C LEU L 301 63.46 11.82 -78.25
N THR L 302 64.40 12.06 -79.18
CA THR L 302 64.79 13.42 -79.54
C THR L 302 64.35 13.86 -80.93
N SER L 303 64.03 12.93 -81.82
CA SER L 303 63.53 13.31 -83.13
C SER L 303 62.62 12.21 -83.67
N VAL L 304 61.77 12.61 -84.62
CA VAL L 304 60.93 11.70 -85.38
C VAL L 304 61.39 11.74 -86.84
N ILE L 305 61.33 10.60 -87.51
CA ILE L 305 61.68 10.51 -88.93
C ILE L 305 60.44 10.82 -89.75
N ASN L 306 60.57 11.79 -90.66
CA ASN L 306 59.47 12.14 -91.56
C ASN L 306 59.49 11.17 -92.73
N GLN L 307 58.37 10.48 -92.95
CA GLN L 307 58.25 9.54 -94.06
C GLN L 307 57.35 10.11 -95.14
N LYS L 308 57.69 9.81 -96.39
CA LYS L 308 56.85 10.05 -97.55
C LYS L 308 55.82 8.92 -97.64
N LEU L 309 54.82 9.01 -96.76
CA LEU L 309 53.90 7.91 -96.58
C LEU L 309 52.99 7.76 -97.80
N LYS L 310 52.15 6.72 -97.76
CA LYS L 310 51.16 6.45 -98.80
C LYS L 310 49.81 6.99 -98.36
N ASP L 311 49.01 7.42 -99.34
CA ASP L 311 47.65 7.88 -99.04
C ASP L 311 46.89 6.83 -98.26
N ASP L 312 46.97 5.57 -98.67
CA ASP L 312 46.39 4.50 -97.87
C ASP L 312 47.03 4.42 -96.49
N GLU L 313 48.36 4.51 -96.44
CA GLU L 313 49.04 4.39 -95.16
C GLU L 313 48.66 5.53 -94.24
N VAL L 314 48.58 6.75 -94.76
CA VAL L 314 48.11 7.89 -93.95
C VAL L 314 46.68 7.66 -93.50
N ALA L 315 45.84 7.07 -94.35
CA ALA L 315 44.47 6.77 -93.96
C ALA L 315 44.45 5.83 -92.77
N GLN L 316 45.20 4.74 -92.85
CA GLN L 316 45.29 3.81 -91.72
C GLN L 316 45.86 4.50 -90.48
N LEU L 317 46.79 5.44 -90.69
CA LEU L 317 47.39 6.18 -89.58
C LEU L 317 46.35 7.04 -88.87
N LYS L 318 45.57 7.80 -89.63
CA LYS L 318 44.50 8.60 -89.04
C LYS L 318 43.44 7.70 -88.40
N LYS L 319 43.21 6.53 -88.98
CA LYS L 319 42.32 5.54 -88.39
C LYS L 319 42.79 5.17 -86.98
N SER L 320 44.05 4.76 -86.86
CA SER L 320 44.62 4.49 -85.54
C SER L 320 44.49 5.71 -84.63
N ALA L 321 44.85 6.88 -85.14
CA ALA L 321 44.88 8.07 -84.31
C ALA L 321 43.50 8.34 -83.70
N ASP L 322 42.46 8.25 -84.52
CA ASP L 322 41.10 8.50 -84.05
C ASP L 322 40.60 7.39 -83.13
N THR L 323 40.86 6.13 -83.50
CA THR L 323 40.56 5.03 -82.60
C THR L 323 41.09 5.33 -81.21
N LEU L 324 42.33 5.82 -81.11
CA LEU L 324 42.92 6.06 -79.80
C LEU L 324 42.34 7.31 -79.15
N TRP L 325 42.18 8.39 -79.91
CA TRP L 325 41.66 9.64 -79.35
C TRP L 325 40.26 9.46 -78.77
N ASP L 326 39.44 8.62 -79.40
CA ASP L 326 38.12 8.33 -78.85
C ASP L 326 38.22 7.98 -77.36
N ILE L 327 39.20 7.15 -77.00
CA ILE L 327 39.42 6.79 -75.60
C ILE L 327 40.13 7.91 -74.86
N GLN L 328 41.16 8.50 -75.48
CA GLN L 328 42.00 9.49 -74.80
C GLN L 328 41.19 10.67 -74.29
N LYS L 329 40.28 11.19 -75.12
CA LYS L 329 39.49 12.37 -74.79
C LYS L 329 38.39 12.12 -73.76
N ASP L 330 38.03 10.85 -73.51
CA ASP L 330 36.99 10.49 -72.56
C ASP L 330 37.57 10.22 -71.17
N LEU L 331 38.83 10.61 -70.94
CA LEU L 331 39.49 10.27 -69.70
C LEU L 331 39.13 11.24 -68.57
N LYS L 332 39.66 10.97 -67.39
CA LYS L 332 39.24 11.64 -66.16
C LYS L 332 40.32 12.63 -65.72
N ASP L 333 40.67 12.70 -64.44
CA ASP L 333 41.56 13.71 -63.93
C ASP L 333 43.03 13.34 -64.13
N LEU L 334 43.80 14.30 -64.59
CA LEU L 334 45.24 14.18 -64.70
C LEU L 334 45.84 15.41 -64.04
N GLU L 335 46.93 15.21 -63.29
CA GLU L 335 47.52 16.26 -62.45
C GLU L 335 47.44 17.65 -63.08
#